data_7PU6
#
_entry.id   7PU6
#
_cell.length_a   149.541
_cell.length_b   149.541
_cell.length_c   321.718
_cell.angle_alpha   90.000
_cell.angle_beta   90.000
_cell.angle_gamma   90.000
#
_symmetry.space_group_name_H-M   'P 43 21 2'
#
loop_
_entity.id
_entity.type
_entity.pdbx_description
1 polymer Esterase
2 non-polymer 'hexyl(octoxy)phosphinic acid'
3 non-polymer GLYCEROL
4 water water
#
_entity_poly.entity_id   1
_entity_poly.type   'polypeptide(L)'
_entity_poly.pdbx_seq_one_letter_code
;MHHHHHHHHHHLEVLFQGPSEFPMAQSNIIAGMDLNRLDRIAEHLDRAYLHPGKLAGTMTLVARRGEVVYCQAQGLRDVE
RQLPVERDTLFRIYSMTKPITSIALMQLYEQGRFLLDEPVHKYIPTWKNLRVYKTGSHPQMLTTAPQRPMTIRDLLTHQS
GLTYGFMNRTNVDAAYRSLKLDGGPGHTLDRLIDELARLPLEFSPGTAWNYSVATDVCGYLVQLLSGMSLDDYFSKHIFQ
PLGMPDTFFTVPAEKLSRFAACYEYQPGDSFSLQDDPQGSAFAKAHGYLSGGGGLVSCVDDYYRFAQALANGGELDGARI
IGRKTLEFMRMNHLPDNKGLPDVAIGSFSETPYDGTGFGLGFSVKLDVAKSQTVGSVGEYGWGGMASTNFFIDPEEDLLM
VFMTQLIPSSTYAVRQELRAIINGALVDA
;
_entity_poly.pdbx_strand_id   A,B,C,D,E,F,G,H
#
loop_
_chem_comp.id
_chem_comp.type
_chem_comp.name
_chem_comp.formula
GOL non-polymer GLYCEROL 'C3 H8 O3'
P8K non-polymer 'hexyl(octoxy)phosphinic acid' 'C14 H31 O3 P'
#
# COMPACT_ATOMS: atom_id res chain seq x y z
N SER A 27 46.50 9.87 36.10
CA SER A 27 46.71 9.70 34.64
C SER A 27 46.89 11.07 33.95
N ASN A 28 47.32 11.02 32.69
CA ASN A 28 47.46 12.20 31.78
C ASN A 28 46.10 12.41 31.13
N ILE A 29 45.44 13.56 31.34
CA ILE A 29 44.20 13.96 30.63
C ILE A 29 44.43 15.32 29.97
N ILE A 30 44.29 15.42 28.66
CA ILE A 30 44.24 16.73 27.94
C ILE A 30 42.88 16.82 27.25
N ALA A 31 42.17 17.93 27.42
CA ALA A 31 40.89 18.22 26.74
C ALA A 31 39.93 17.04 26.93
N GLY A 32 39.83 16.49 28.15
CA GLY A 32 38.86 15.44 28.50
C GLY A 32 39.15 14.11 27.83
N MET A 33 40.39 13.91 27.38
CA MET A 33 40.85 12.66 26.71
C MET A 33 41.96 12.02 27.55
N ASP A 34 41.81 10.76 27.94
CA ASP A 34 42.88 10.00 28.66
C ASP A 34 43.94 9.61 27.63
N LEU A 35 45.15 10.18 27.75
CA LEU A 35 46.29 9.93 26.81
C LEU A 35 46.76 8.47 26.95
N ASN A 36 46.60 7.86 28.12
CA ASN A 36 46.97 6.45 28.37
C ASN A 36 46.08 5.56 27.51
N ARG A 37 44.79 5.91 27.40
CA ARG A 37 43.81 5.17 26.56
C ARG A 37 44.17 5.41 25.08
N LEU A 38 44.54 6.63 24.70
CA LEU A 38 44.95 6.93 23.30
C LEU A 38 46.20 6.13 22.91
N ASP A 39 47.01 5.67 23.87
CA ASP A 39 48.26 4.93 23.57
C ASP A 39 47.91 3.57 22.95
N ARG A 40 46.67 3.11 23.11
CA ARG A 40 46.17 1.83 22.52
C ARG A 40 46.21 1.91 20.99
N ILE A 41 46.17 3.12 20.43
CA ILE A 41 46.28 3.34 18.95
C ILE A 41 47.57 2.69 18.44
N ALA A 42 48.72 3.13 18.96
CA ALA A 42 50.05 2.61 18.56
C ALA A 42 50.12 1.11 18.85
N GLU A 43 49.68 0.70 20.05
CA GLU A 43 49.69 -0.73 20.48
C GLU A 43 48.91 -1.54 19.45
N HIS A 44 47.76 -1.03 19.01
CA HIS A 44 46.82 -1.71 18.09
C HIS A 44 47.43 -1.78 16.68
N LEU A 45 47.87 -0.65 16.11
CA LEU A 45 48.47 -0.61 14.75
C LEU A 45 49.70 -1.53 14.69
N ASP A 46 50.53 -1.55 15.74
CA ASP A 46 51.68 -2.48 15.86
C ASP A 46 51.17 -3.93 15.80
N ARG A 47 50.32 -4.32 16.75
CA ARG A 47 49.90 -5.74 16.98
C ARG A 47 49.13 -6.27 15.76
N ALA A 48 48.28 -5.46 15.13
CA ALA A 48 47.26 -5.89 14.16
C ALA A 48 47.69 -5.69 12.70
N TYR A 49 48.58 -4.73 12.42
CA TYR A 49 48.88 -4.29 11.03
C TYR A 49 50.39 -4.29 10.74
N LEU A 50 51.21 -3.65 11.59
CA LEU A 50 52.65 -3.39 11.28
C LEU A 50 53.49 -4.66 11.52
N HIS A 51 53.48 -5.22 12.74
CA HIS A 51 54.27 -6.43 13.12
C HIS A 51 53.90 -7.59 12.20
N PRO A 52 52.61 -7.83 11.87
CA PRO A 52 52.25 -8.86 10.89
C PRO A 52 52.37 -8.49 9.39
N GLY A 53 52.86 -7.30 9.07
CA GLY A 53 53.21 -6.87 7.69
C GLY A 53 52.01 -6.74 6.77
N LYS A 54 50.90 -6.15 7.25
CA LYS A 54 49.67 -5.82 6.47
C LYS A 54 49.73 -4.38 5.95
N LEU A 55 50.33 -3.49 6.75
CA LEU A 55 50.69 -2.09 6.42
C LEU A 55 52.20 -1.88 6.61
N ALA A 56 52.79 -0.99 5.82
CA ALA A 56 54.21 -0.58 5.90
C ALA A 56 54.41 0.38 7.09
N GLY A 57 53.54 1.38 7.22
CA GLY A 57 53.69 2.44 8.22
C GLY A 57 52.47 3.33 8.31
N THR A 58 52.31 3.97 9.46
CA THR A 58 51.14 4.80 9.82
C THR A 58 51.62 6.13 10.42
N MET A 59 50.87 7.19 10.15
CA MET A 59 50.95 8.48 10.86
C MET A 59 49.54 8.78 11.37
N THR A 60 49.38 8.93 12.67
CA THR A 60 48.05 9.06 13.34
C THR A 60 48.04 10.32 14.22
N LEU A 61 47.13 11.25 13.93
CA LEU A 61 46.95 12.48 14.74
C LEU A 61 45.51 12.54 15.25
N VAL A 62 45.36 12.94 16.52
CA VAL A 62 44.05 13.15 17.18
C VAL A 62 44.13 14.51 17.86
N ALA A 63 43.05 15.29 17.75
CA ALA A 63 42.92 16.64 18.34
C ALA A 63 41.52 16.77 18.94
N ARG A 64 41.39 17.61 19.97
CA ARG A 64 40.09 17.90 20.60
C ARG A 64 40.15 19.29 21.23
N ARG A 65 39.11 20.08 20.99
CA ARG A 65 39.01 21.47 21.51
C ARG A 65 40.29 22.22 21.12
N GLY A 66 40.71 22.09 19.87
CA GLY A 66 41.83 22.85 19.30
C GLY A 66 43.19 22.30 19.70
N GLU A 67 43.26 21.31 20.60
CA GLU A 67 44.54 20.78 21.16
C GLU A 67 44.86 19.40 20.58
N VAL A 68 46.02 19.26 19.92
CA VAL A 68 46.54 17.95 19.45
C VAL A 68 46.91 17.11 20.67
N VAL A 69 46.30 15.93 20.84
CA VAL A 69 46.46 15.08 22.05
C VAL A 69 47.16 13.77 21.67
N TYR A 70 47.35 13.50 20.38
CA TYR A 70 48.03 12.28 19.90
C TYR A 70 48.66 12.57 18.54
N CYS A 71 49.91 12.19 18.38
CA CYS A 71 50.69 12.31 17.13
C CYS A 71 51.76 11.21 17.15
N GLN A 72 51.70 10.25 16.22
CA GLN A 72 52.51 9.01 16.29
C GLN A 72 52.74 8.45 14.88
N ALA A 73 53.96 8.63 14.40
CA ALA A 73 54.56 7.89 13.27
C ALA A 73 54.92 6.50 13.77
N GLN A 74 54.80 5.48 12.91
CA GLN A 74 55.10 4.07 13.22
C GLN A 74 55.51 3.37 11.93
N GLY A 75 56.45 2.42 12.03
CA GLY A 75 56.93 1.62 10.88
C GLY A 75 57.55 2.50 9.81
N LEU A 76 57.45 2.07 8.55
CA LEU A 76 58.31 2.54 7.44
C LEU A 76 57.47 3.23 6.38
N ARG A 77 57.96 4.33 5.83
CA ARG A 77 57.34 5.05 4.67
C ARG A 77 57.78 4.37 3.38
N ASP A 78 58.96 3.74 3.39
CA ASP A 78 59.63 3.05 2.25
C ASP A 78 60.27 1.76 2.77
N VAL A 79 59.67 0.60 2.51
CA VAL A 79 60.19 -0.71 3.01
C VAL A 79 61.52 -0.99 2.30
N GLU A 80 61.53 -0.84 0.97
CA GLU A 80 62.67 -1.19 0.08
C GLU A 80 63.93 -0.44 0.55
N ARG A 81 63.79 0.84 0.93
CA ARG A 81 64.90 1.73 1.35
C ARG A 81 64.98 1.83 2.88
N GLN A 82 64.17 1.03 3.59
CA GLN A 82 64.26 0.90 5.07
C GLN A 82 64.17 2.29 5.73
N LEU A 83 63.36 3.22 5.18
CA LEU A 83 63.17 4.59 5.71
C LEU A 83 61.93 4.65 6.61
N PRO A 84 62.02 5.21 7.84
CA PRO A 84 60.87 5.25 8.74
C PRO A 84 59.85 6.33 8.37
N VAL A 85 58.62 6.18 8.86
CA VAL A 85 57.59 7.25 8.81
C VAL A 85 58.02 8.30 9.83
N GLU A 86 58.10 9.57 9.43
CA GLU A 86 58.29 10.74 10.32
C GLU A 86 57.04 11.61 10.23
N ARG A 87 56.84 12.51 11.19
CA ARG A 87 55.69 13.45 11.23
C ARG A 87 55.59 14.21 9.90
N ASP A 88 56.74 14.55 9.30
CA ASP A 88 56.84 15.40 8.08
C ASP A 88 56.72 14.54 6.82
N THR A 89 56.47 13.23 6.95
CA THR A 89 56.31 12.32 5.79
C THR A 89 55.10 12.76 4.95
N LEU A 90 55.30 12.77 3.62
CA LEU A 90 54.29 13.14 2.60
C LEU A 90 53.57 11.87 2.13
N PHE A 91 52.26 11.97 1.94
CA PHE A 91 51.37 10.84 1.58
C PHE A 91 50.47 11.22 0.40
N ARG A 92 50.14 10.24 -0.44
CA ARG A 92 49.05 10.34 -1.44
C ARG A 92 47.72 10.30 -0.66
N ILE A 93 47.07 11.45 -0.49
CA ILE A 93 45.79 11.51 0.27
C ILE A 93 44.64 11.13 -0.66
N TYR A 94 44.89 11.03 -1.96
CA TYR A 94 43.90 10.61 -2.98
C TYR A 94 42.59 11.35 -2.73
N SER A 95 41.49 10.62 -2.55
CA SER A 95 40.18 11.24 -2.48
C SER A 95 39.90 12.19 -1.30
N MET A 96 40.85 12.36 -0.37
CA MET A 96 40.75 13.40 0.68
C MET A 96 41.01 14.79 0.06
N THR A 97 41.34 14.82 -1.23
CA THR A 97 41.33 16.05 -2.06
C THR A 97 39.90 16.59 -2.17
N LYS A 98 38.89 15.71 -2.17
CA LYS A 98 37.51 16.05 -2.58
C LYS A 98 36.94 17.14 -1.64
N PRO A 99 37.13 17.04 -0.31
CA PRO A 99 36.71 18.10 0.61
C PRO A 99 37.38 19.44 0.32
N ILE A 100 38.66 19.41 -0.08
CA ILE A 100 39.40 20.68 -0.41
C ILE A 100 38.78 21.31 -1.66
N THR A 101 38.53 20.51 -2.69
CA THR A 101 37.91 20.96 -3.97
C THR A 101 36.51 21.50 -3.67
N SER A 102 35.79 20.81 -2.79
CA SER A 102 34.42 21.18 -2.34
C SER A 102 34.45 22.58 -1.73
N ILE A 103 35.40 22.83 -0.81
CA ILE A 103 35.56 24.13 -0.12
C ILE A 103 35.90 25.21 -1.15
N ALA A 104 36.86 24.93 -2.01
CA ALA A 104 37.28 25.85 -3.09
C ALA A 104 36.01 26.33 -3.83
N LEU A 105 35.18 25.41 -4.30
CA LEU A 105 34.01 25.77 -5.12
C LEU A 105 33.03 26.57 -4.25
N MET A 106 32.82 26.15 -3.00
CA MET A 106 31.84 26.80 -2.10
C MET A 106 32.33 28.20 -1.70
N GLN A 107 33.64 28.46 -1.75
CA GLN A 107 34.20 29.83 -1.57
C GLN A 107 33.57 30.75 -2.61
N LEU A 108 33.41 30.22 -3.82
CA LEU A 108 32.85 30.96 -4.98
C LEU A 108 31.33 31.07 -4.86
N TYR A 109 30.66 30.08 -4.26
CA TYR A 109 29.20 30.15 -3.94
C TYR A 109 28.92 31.41 -3.10
N GLU A 110 29.83 31.66 -2.15
CA GLU A 110 29.78 32.75 -1.14
C GLU A 110 30.05 34.12 -1.77
N GLN A 111 30.61 34.15 -2.99
CA GLN A 111 30.82 35.38 -3.80
C GLN A 111 29.70 35.53 -4.85
N GLY A 112 28.71 34.62 -4.84
CA GLY A 112 27.51 34.67 -5.68
C GLY A 112 27.81 34.29 -7.13
N ARG A 113 28.88 33.54 -7.35
CA ARG A 113 29.43 33.22 -8.69
C ARG A 113 28.56 32.15 -9.37
N PHE A 114 27.82 31.38 -8.58
CA PHE A 114 26.80 30.40 -9.05
C PHE A 114 25.86 30.05 -7.90
N LEU A 115 24.83 29.26 -8.25
CA LEU A 115 23.82 28.70 -7.32
C LEU A 115 23.79 27.18 -7.50
N LEU A 116 23.52 26.44 -6.43
CA LEU A 116 23.61 24.97 -6.44
C LEU A 116 22.57 24.35 -7.39
N ASP A 117 21.39 24.97 -7.53
CA ASP A 117 20.26 24.42 -8.32
C ASP A 117 20.40 24.80 -9.79
N GLU A 118 21.46 25.51 -10.18
CA GLU A 118 21.72 25.88 -11.60
C GLU A 118 22.13 24.63 -12.37
N PRO A 119 21.67 24.47 -13.62
CA PRO A 119 22.22 23.45 -14.51
C PRO A 119 23.73 23.63 -14.71
N VAL A 120 24.48 22.52 -14.69
CA VAL A 120 25.93 22.51 -15.02
C VAL A 120 26.12 23.08 -16.44
N HIS A 121 25.19 22.83 -17.36
CA HIS A 121 25.35 23.21 -18.80
C HIS A 121 25.30 24.73 -18.96
N LYS A 122 24.87 25.46 -17.93
CA LYS A 122 25.04 26.93 -17.87
C LYS A 122 26.51 27.30 -17.96
N TYR A 123 27.39 26.57 -17.28
CA TYR A 123 28.86 26.82 -17.20
C TYR A 123 29.63 25.93 -18.19
N ILE A 124 29.01 24.84 -18.65
CA ILE A 124 29.61 23.87 -19.60
C ILE A 124 28.61 23.61 -20.72
N PRO A 125 28.46 24.54 -21.67
CA PRO A 125 27.32 24.51 -22.60
C PRO A 125 27.23 23.21 -23.42
N THR A 126 28.37 22.56 -23.66
CA THR A 126 28.50 21.33 -24.49
C THR A 126 27.83 20.15 -23.76
N TRP A 127 27.44 20.31 -22.49
CA TRP A 127 26.78 19.26 -21.66
C TRP A 127 25.26 19.41 -21.68
N LYS A 128 24.71 20.35 -22.46
CA LYS A 128 23.25 20.61 -22.46
C LYS A 128 22.49 19.31 -22.78
N ASN A 129 23.00 18.49 -23.70
CA ASN A 129 22.26 17.31 -24.26
C ASN A 129 22.84 16.00 -23.73
N LEU A 130 23.40 15.98 -22.52
CA LEU A 130 23.82 14.71 -21.88
C LEU A 130 22.58 13.83 -21.75
N ARG A 131 22.75 12.52 -21.95
CA ARG A 131 21.63 11.56 -21.93
C ARG A 131 22.00 10.37 -21.04
N VAL A 132 21.01 9.54 -20.71
CA VAL A 132 21.14 8.42 -19.75
C VAL A 132 21.35 7.13 -20.52
N TYR A 133 22.33 6.32 -20.10
CA TYR A 133 22.66 5.01 -20.71
C TYR A 133 21.41 4.11 -20.72
N LYS A 134 21.04 3.58 -21.90
CA LYS A 134 20.00 2.52 -22.00
C LYS A 134 20.66 1.15 -22.23
N THR A 135 21.56 1.05 -23.21
CA THR A 135 22.20 -0.23 -23.61
C THR A 135 23.25 0.04 -24.68
N GLY A 136 24.07 -0.96 -25.00
CA GLY A 136 25.11 -0.88 -26.04
C GLY A 136 26.49 -0.80 -25.41
N SER A 137 27.55 -0.94 -26.22
CA SER A 137 28.96 -0.80 -25.80
C SER A 137 29.58 0.43 -26.48
N HIS A 138 30.49 1.12 -25.81
CA HIS A 138 31.28 2.21 -26.44
C HIS A 138 31.83 1.67 -27.77
N PRO A 139 31.78 2.41 -28.90
CA PRO A 139 31.16 3.73 -29.01
C PRO A 139 29.69 3.81 -29.45
N GLN A 140 28.97 2.70 -29.55
CA GLN A 140 27.55 2.71 -30.01
C GLN A 140 26.61 2.45 -28.83
N MET A 141 26.53 3.39 -27.90
CA MET A 141 25.63 3.32 -26.72
C MET A 141 24.34 4.05 -27.06
N LEU A 142 23.19 3.38 -26.90
CA LEU A 142 21.85 4.02 -26.96
C LEU A 142 21.53 4.65 -25.61
N THR A 143 20.74 5.73 -25.61
CA THR A 143 20.49 6.57 -24.41
C THR A 143 19.03 7.01 -24.37
N THR A 144 18.57 7.50 -23.22
CA THR A 144 17.22 8.10 -23.04
C THR A 144 17.37 9.51 -22.45
N ALA A 145 16.36 10.36 -22.67
CA ALA A 145 16.28 11.73 -22.11
C ALA A 145 16.31 11.63 -20.58
N PRO A 146 17.06 12.50 -19.88
CA PRO A 146 16.95 12.64 -18.43
C PRO A 146 15.69 13.42 -18.05
N GLN A 147 15.08 13.15 -16.88
CA GLN A 147 13.93 13.94 -16.33
C GLN A 147 14.31 15.42 -16.23
N ARG A 148 15.56 15.71 -15.87
CA ARG A 148 16.04 17.11 -15.74
C ARG A 148 17.54 17.17 -15.97
N PRO A 149 18.06 18.35 -16.33
CA PRO A 149 19.50 18.53 -16.49
C PRO A 149 20.22 18.40 -15.14
N MET A 150 21.45 17.90 -15.21
CA MET A 150 22.45 17.85 -14.12
C MET A 150 22.67 19.25 -13.52
N THR A 151 22.65 19.36 -12.18
CA THR A 151 22.91 20.62 -11.41
C THR A 151 24.28 20.57 -10.73
N ILE A 152 24.78 21.73 -10.31
CA ILE A 152 26.06 21.85 -9.56
C ILE A 152 25.92 21.01 -8.29
N ARG A 153 24.76 21.06 -7.64
CA ARG A 153 24.57 20.30 -6.38
C ARG A 153 24.76 18.81 -6.66
N ASP A 154 24.29 18.34 -7.81
CA ASP A 154 24.48 16.92 -8.23
C ASP A 154 25.99 16.60 -8.24
N LEU A 155 26.84 17.46 -8.81
CA LEU A 155 28.30 17.23 -8.87
C LEU A 155 28.85 17.15 -7.43
N LEU A 156 28.47 18.08 -6.56
CA LEU A 156 29.08 18.20 -5.21
C LEU A 156 28.66 17.02 -4.32
N THR A 157 27.61 16.28 -4.72
CA THR A 157 27.00 15.19 -3.91
C THR A 157 27.06 13.84 -4.63
N HIS A 158 27.71 13.75 -5.80
CA HIS A 158 27.87 12.50 -6.60
C HIS A 158 26.50 11.92 -7.00
N GLN A 159 25.51 12.78 -7.20
CA GLN A 159 24.17 12.43 -7.76
C GLN A 159 24.09 12.87 -9.24
N SER A 160 25.20 13.35 -9.81
CA SER A 160 25.43 13.66 -11.25
C SER A 160 24.89 12.56 -12.17
N GLY A 161 25.18 11.29 -11.84
CA GLY A 161 25.02 10.17 -12.80
C GLY A 161 26.31 9.92 -13.56
N LEU A 162 27.34 10.73 -13.30
CA LEU A 162 28.72 10.41 -13.70
C LEU A 162 29.18 9.19 -12.88
N THR A 163 30.32 8.61 -13.26
CA THR A 163 30.95 7.44 -12.60
C THR A 163 32.47 7.58 -12.64
N TYR A 164 33.18 6.52 -12.28
CA TYR A 164 34.65 6.42 -12.22
C TYR A 164 35.06 5.20 -13.05
N GLY A 165 36.13 5.32 -13.84
CA GLY A 165 36.70 4.17 -14.56
C GLY A 165 36.80 2.94 -13.67
N PHE A 166 37.35 3.09 -12.46
CA PHE A 166 37.76 1.93 -11.61
C PHE A 166 36.53 1.22 -11.02
N MET A 167 35.31 1.74 -11.18
CA MET A 167 34.08 1.13 -10.60
C MET A 167 33.91 -0.31 -11.09
N ASN A 168 34.25 -0.57 -12.36
CA ASN A 168 34.23 -1.92 -13.01
C ASN A 168 32.88 -2.62 -12.78
N ARG A 169 31.76 -1.95 -13.08
CA ARG A 169 30.42 -2.56 -12.91
C ARG A 169 29.59 -2.49 -14.20
N THR A 170 29.78 -1.45 -15.02
CA THR A 170 28.85 -1.11 -16.14
C THR A 170 29.63 -0.84 -17.43
N ASN A 171 28.93 -0.92 -18.56
CA ASN A 171 29.47 -0.62 -19.90
C ASN A 171 29.96 0.84 -19.91
N VAL A 172 29.40 1.70 -19.06
CA VAL A 172 29.73 3.16 -19.03
C VAL A 172 31.14 3.32 -18.44
N ASP A 173 31.44 2.68 -17.32
CA ASP A 173 32.79 2.78 -16.71
C ASP A 173 33.80 2.04 -17.60
N ALA A 174 33.39 1.04 -18.37
CA ALA A 174 34.27 0.40 -19.40
C ALA A 174 34.71 1.47 -20.40
N ALA A 175 33.80 2.37 -20.80
CA ALA A 175 34.09 3.50 -21.68
C ALA A 175 35.10 4.45 -21.00
N TYR A 176 34.88 4.79 -19.72
CA TYR A 176 35.78 5.67 -18.94
C TYR A 176 37.20 5.07 -18.98
N ARG A 177 37.33 3.75 -18.84
CA ARG A 177 38.65 3.05 -18.80
C ARG A 177 39.30 3.11 -20.18
N SER A 178 38.57 2.80 -21.25
CA SER A 178 39.14 2.80 -22.62
C SER A 178 39.58 4.24 -23.00
N LEU A 179 38.94 5.28 -22.45
CA LEU A 179 39.31 6.71 -22.67
C LEU A 179 40.24 7.23 -21.57
N LYS A 180 40.59 6.41 -20.57
CA LYS A 180 41.53 6.75 -19.46
C LYS A 180 41.10 8.07 -18.82
N LEU A 181 39.85 8.17 -18.35
CA LEU A 181 39.27 9.40 -17.77
C LEU A 181 39.62 9.52 -16.27
N ASP A 182 40.26 8.49 -15.71
CA ASP A 182 40.77 8.48 -14.32
C ASP A 182 42.20 9.03 -14.29
N GLY A 183 42.88 9.07 -15.45
CA GLY A 183 44.28 9.54 -15.57
C GLY A 183 45.02 8.75 -16.63
N GLY A 184 46.19 9.24 -17.06
CA GLY A 184 47.02 8.60 -18.09
C GLY A 184 47.60 9.65 -19.02
N PRO A 185 48.48 9.24 -19.97
CA PRO A 185 49.25 10.21 -20.74
C PRO A 185 48.37 11.28 -21.39
N GLY A 186 48.78 12.55 -21.29
CA GLY A 186 48.17 13.73 -21.96
C GLY A 186 46.74 13.97 -21.47
N HIS A 187 46.40 13.48 -20.29
CA HIS A 187 45.08 13.71 -19.65
C HIS A 187 45.15 15.07 -18.97
N THR A 188 44.16 15.92 -19.28
CA THR A 188 43.93 17.26 -18.66
C THR A 188 42.48 17.29 -18.20
N LEU A 189 42.10 18.25 -17.36
CA LEU A 189 40.66 18.47 -17.04
C LEU A 189 39.93 18.83 -18.34
N ASP A 190 40.55 19.62 -19.23
CA ASP A 190 39.92 20.08 -20.49
C ASP A 190 39.46 18.84 -21.29
N ARG A 191 40.27 17.78 -21.24
CA ARG A 191 40.02 16.51 -21.96
C ARG A 191 38.87 15.75 -21.30
N LEU A 192 38.91 15.60 -19.97
CA LEU A 192 37.81 14.97 -19.18
C LEU A 192 36.47 15.61 -19.58
N ILE A 193 36.38 16.94 -19.55
CA ILE A 193 35.10 17.66 -19.82
C ILE A 193 34.68 17.41 -21.26
N ASP A 194 35.64 17.46 -22.19
CA ASP A 194 35.37 17.28 -23.64
C ASP A 194 34.85 15.86 -23.87
N GLU A 195 35.45 14.85 -23.22
CA GLU A 195 35.11 13.42 -23.45
C GLU A 195 33.75 13.07 -22.81
N LEU A 196 33.47 13.61 -21.62
CA LEU A 196 32.22 13.35 -20.85
C LEU A 196 31.02 13.91 -21.61
N ALA A 197 31.21 14.94 -22.44
CA ALA A 197 30.14 15.58 -23.25
C ALA A 197 29.54 14.54 -24.19
N ARG A 198 30.31 13.53 -24.59
CA ARG A 198 29.94 12.53 -25.62
C ARG A 198 29.60 11.19 -24.96
N LEU A 199 29.55 11.13 -23.62
CA LEU A 199 29.26 9.86 -22.91
C LEU A 199 27.90 9.95 -22.22
N PRO A 200 27.26 8.78 -22.04
CA PRO A 200 26.01 8.70 -21.30
C PRO A 200 26.26 8.67 -19.77
N LEU A 201 25.23 9.08 -19.03
CA LEU A 201 25.16 9.02 -17.55
C LEU A 201 24.58 7.66 -17.13
N GLU A 202 24.91 7.21 -15.93
CA GLU A 202 24.42 5.91 -15.38
C GLU A 202 22.93 6.04 -15.06
N PHE A 203 22.42 7.25 -14.81
CA PHE A 203 21.01 7.45 -14.41
C PHE A 203 20.64 8.93 -14.56
N SER A 204 19.34 9.22 -14.62
CA SER A 204 18.82 10.61 -14.67
C SER A 204 19.36 11.33 -13.44
N PRO A 205 20.03 12.49 -13.61
CA PRO A 205 20.63 13.23 -12.49
C PRO A 205 19.65 13.42 -11.32
N GLY A 206 20.13 13.15 -10.10
CA GLY A 206 19.39 13.35 -8.84
C GLY A 206 18.76 12.08 -8.30
N THR A 207 18.51 11.11 -9.17
CA THR A 207 17.65 9.92 -8.90
C THR A 207 18.44 8.82 -8.19
N ALA A 208 19.75 8.96 -8.06
CA ALA A 208 20.62 7.96 -7.40
C ALA A 208 21.96 8.62 -7.01
N TRP A 209 22.84 7.84 -6.39
CA TRP A 209 24.20 8.26 -5.98
C TRP A 209 25.22 7.28 -6.57
N ASN A 210 26.29 7.80 -7.15
CA ASN A 210 27.40 6.95 -7.66
C ASN A 210 28.68 7.77 -7.62
N TYR A 211 29.65 7.32 -6.83
CA TYR A 211 31.01 7.91 -6.68
C TYR A 211 31.58 8.12 -8.09
N SER A 212 32.18 9.29 -8.35
CA SER A 212 32.38 9.81 -9.72
C SER A 212 33.55 10.77 -9.79
N VAL A 213 33.94 11.04 -11.03
CA VAL A 213 34.85 12.16 -11.44
C VAL A 213 34.19 13.51 -11.20
N ALA A 214 32.94 13.55 -10.72
CA ALA A 214 32.14 14.78 -10.52
C ALA A 214 32.97 15.83 -9.79
N THR A 215 33.84 15.40 -8.86
CA THR A 215 34.64 16.33 -8.03
C THR A 215 35.81 16.86 -8.86
N ASP A 216 36.35 16.05 -9.78
CA ASP A 216 37.38 16.50 -10.76
C ASP A 216 36.78 17.63 -11.64
N VAL A 217 35.49 17.50 -11.98
CA VAL A 217 34.68 18.49 -12.74
C VAL A 217 34.48 19.75 -11.89
N CYS A 218 34.18 19.59 -10.59
CA CYS A 218 34.11 20.74 -9.65
C CYS A 218 35.43 21.53 -9.73
N GLY A 219 36.56 20.81 -9.70
CA GLY A 219 37.91 21.36 -9.97
C GLY A 219 37.92 22.22 -11.22
N TYR A 220 37.39 21.68 -12.33
CA TYR A 220 37.32 22.40 -13.63
C TYR A 220 36.47 23.67 -13.46
N LEU A 221 35.39 23.60 -12.68
CA LEU A 221 34.48 24.76 -12.45
C LEU A 221 35.16 25.81 -11.58
N VAL A 222 36.04 25.40 -10.65
CA VAL A 222 36.85 26.36 -9.86
C VAL A 222 37.69 27.17 -10.86
N GLN A 223 38.40 26.47 -11.75
CA GLN A 223 39.21 27.09 -12.83
C GLN A 223 38.31 28.04 -13.63
N LEU A 224 37.22 27.52 -14.19
CA LEU A 224 36.27 28.27 -15.06
C LEU A 224 35.91 29.60 -14.37
N LEU A 225 35.47 29.56 -13.11
CA LEU A 225 34.89 30.74 -12.42
C LEU A 225 35.98 31.64 -11.84
N SER A 226 37.16 31.12 -11.49
CA SER A 226 38.20 31.88 -10.75
C SER A 226 39.19 32.51 -11.75
N GLY A 227 39.25 31.99 -12.98
CA GLY A 227 40.31 32.36 -13.94
C GLY A 227 41.65 31.70 -13.63
N MET A 228 41.80 31.06 -12.47
CA MET A 228 43.08 30.46 -12.04
C MET A 228 43.11 28.95 -12.34
N SER A 229 44.29 28.41 -12.57
CA SER A 229 44.60 26.96 -12.54
C SER A 229 44.34 26.44 -11.11
N LEU A 230 43.93 25.18 -10.96
CA LEU A 230 43.42 24.66 -9.66
C LEU A 230 44.53 24.70 -8.59
N ASP A 231 45.77 24.39 -8.94
CA ASP A 231 46.94 24.39 -8.01
C ASP A 231 47.15 25.79 -7.44
N ASP A 232 46.96 26.82 -8.27
CA ASP A 232 47.06 28.26 -7.89
C ASP A 232 45.87 28.61 -6.99
N TYR A 233 44.61 28.29 -7.36
CA TYR A 233 43.42 28.62 -6.50
C TYR A 233 43.66 28.02 -5.11
N PHE A 234 44.06 26.75 -5.06
CA PHE A 234 44.25 26.01 -3.79
C PHE A 234 45.31 26.74 -2.96
N SER A 235 46.43 27.03 -3.60
CA SER A 235 47.62 27.61 -2.93
C SER A 235 47.24 28.99 -2.38
N LYS A 236 46.63 29.83 -3.22
CA LYS A 236 46.29 31.22 -2.86
C LYS A 236 45.20 31.24 -1.78
N HIS A 237 44.10 30.50 -1.97
CA HIS A 237 42.83 30.68 -1.23
C HIS A 237 42.63 29.63 -0.13
N ILE A 238 43.51 28.61 -0.02
CA ILE A 238 43.40 27.56 1.04
C ILE A 238 44.76 27.34 1.70
N PHE A 239 45.79 26.92 0.97
CA PHE A 239 47.05 26.38 1.55
C PHE A 239 47.88 27.49 2.22
N GLN A 240 48.05 28.64 1.56
CA GLN A 240 48.85 29.76 2.14
C GLN A 240 48.13 30.31 3.37
N PRO A 241 46.85 30.72 3.29
CA PRO A 241 46.13 31.19 4.46
C PRO A 241 46.24 30.26 5.68
N LEU A 242 46.21 28.94 5.47
CA LEU A 242 46.12 27.96 6.57
C LEU A 242 47.51 27.47 6.98
N GLY A 243 48.57 27.85 6.28
CA GLY A 243 49.94 27.43 6.63
C GLY A 243 50.14 25.96 6.31
N MET A 244 49.82 25.58 5.07
CA MET A 244 49.95 24.21 4.52
C MET A 244 50.97 24.27 3.38
N PRO A 245 52.28 24.36 3.73
CA PRO A 245 53.32 24.52 2.72
C PRO A 245 53.70 23.20 2.03
N ASP A 246 53.22 22.07 2.56
CA ASP A 246 53.59 20.69 2.12
C ASP A 246 52.38 19.98 1.51
N THR A 247 51.55 20.69 0.76
CA THR A 247 50.36 20.15 0.06
C THR A 247 50.40 20.67 -1.38
N PHE A 248 50.37 19.76 -2.35
CA PHE A 248 50.60 20.08 -3.78
C PHE A 248 50.23 18.89 -4.65
N PHE A 249 49.88 19.18 -5.90
CA PHE A 249 49.60 18.16 -6.94
C PHE A 249 50.89 17.50 -7.41
N THR A 250 52.00 18.24 -7.41
CA THR A 250 53.34 17.77 -7.85
C THR A 250 54.32 17.95 -6.69
N VAL A 251 55.05 16.90 -6.31
CA VAL A 251 55.99 16.93 -5.16
C VAL A 251 57.27 17.62 -5.61
N PRO A 252 57.63 18.80 -5.02
CA PRO A 252 58.88 19.46 -5.37
C PRO A 252 60.07 18.52 -5.17
N ALA A 253 61.03 18.58 -6.10
CA ALA A 253 62.27 17.76 -6.11
C ALA A 253 62.91 17.75 -4.71
N GLU A 254 63.04 18.92 -4.05
CA GLU A 254 63.77 19.04 -2.76
C GLU A 254 63.01 18.33 -1.63
N LYS A 255 61.73 17.98 -1.81
CA LYS A 255 60.91 17.33 -0.73
C LYS A 255 60.67 15.84 -1.03
N LEU A 256 61.12 15.37 -2.19
CA LEU A 256 60.85 13.99 -2.68
C LEU A 256 61.48 12.93 -1.76
N SER A 257 62.46 13.31 -0.92
CA SER A 257 63.05 12.38 0.08
C SER A 257 61.99 12.02 1.14
N ARG A 258 61.06 12.93 1.41
CA ARG A 258 60.05 12.76 2.50
C ARG A 258 58.85 11.96 1.98
N PHE A 259 58.73 11.76 0.67
CA PHE A 259 57.55 11.12 0.01
C PHE A 259 57.56 9.62 0.29
N ALA A 260 56.46 9.10 0.85
CA ALA A 260 56.28 7.67 1.18
C ALA A 260 56.08 6.89 -0.10
N ALA A 261 56.46 5.61 -0.09
CA ALA A 261 56.05 4.62 -1.11
C ALA A 261 54.58 4.28 -0.87
N CYS A 262 53.86 3.99 -1.95
CA CYS A 262 52.49 3.43 -1.93
C CYS A 262 52.56 1.92 -2.15
N TYR A 263 51.77 1.17 -1.37
CA TYR A 263 51.68 -0.31 -1.43
C TYR A 263 50.23 -0.71 -1.76
N GLU A 264 50.06 -1.85 -2.42
CA GLU A 264 48.73 -2.45 -2.71
C GLU A 264 48.64 -3.80 -2.01
N TYR A 265 47.41 -4.23 -1.73
CA TYR A 265 47.10 -5.50 -1.02
C TYR A 265 47.57 -6.69 -1.86
N GLN A 266 48.13 -7.71 -1.20
CA GLN A 266 48.41 -9.05 -1.75
C GLN A 266 47.76 -10.10 -0.85
N PRO A 267 47.19 -11.19 -1.43
CA PRO A 267 46.54 -12.22 -0.63
C PRO A 267 47.48 -12.76 0.46
N GLY A 268 46.90 -13.32 1.53
CA GLY A 268 47.62 -13.70 2.77
C GLY A 268 47.84 -12.51 3.69
N ASP A 269 47.09 -11.42 3.49
CA ASP A 269 47.17 -10.17 4.29
C ASP A 269 48.61 -9.66 4.25
N SER A 270 49.11 -9.47 3.03
CA SER A 270 50.45 -8.93 2.73
C SER A 270 50.30 -7.75 1.77
N PHE A 271 51.40 -7.14 1.33
CA PHE A 271 51.38 -6.01 0.38
C PHE A 271 52.63 -6.02 -0.51
N SER A 272 52.52 -5.41 -1.69
CA SER A 272 53.60 -5.25 -2.70
C SER A 272 53.78 -3.77 -3.04
N LEU A 273 54.94 -3.38 -3.57
CA LEU A 273 55.24 -2.01 -4.04
C LEU A 273 54.25 -1.67 -5.18
N GLN A 274 53.62 -0.49 -5.12
CA GLN A 274 52.62 0.00 -6.10
C GLN A 274 53.15 1.27 -6.78
N ASP A 275 53.80 2.15 -6.01
CA ASP A 275 54.40 3.41 -6.52
C ASP A 275 55.71 3.65 -5.78
N ASP A 276 56.81 3.66 -6.53
CA ASP A 276 58.14 4.08 -6.02
C ASP A 276 58.15 5.60 -5.96
N PRO A 277 58.44 6.23 -4.79
CA PRO A 277 58.46 7.70 -4.67
C PRO A 277 59.47 8.37 -5.62
N GLN A 278 60.61 7.73 -5.87
CA GLN A 278 61.53 8.11 -6.96
C GLN A 278 60.90 7.59 -8.26
N GLY A 279 60.77 8.41 -9.29
CA GLY A 279 60.06 8.05 -10.53
C GLY A 279 58.59 7.75 -10.28
N SER A 280 57.90 8.64 -9.56
CA SER A 280 56.44 8.60 -9.34
C SER A 280 55.81 9.68 -10.22
N ALA A 281 54.67 9.39 -10.85
CA ALA A 281 53.94 10.39 -11.65
C ALA A 281 53.59 11.62 -10.77
N PHE A 282 53.52 11.45 -9.44
CA PHE A 282 53.24 12.55 -8.48
C PHE A 282 54.44 13.51 -8.39
N ALA A 283 55.62 13.07 -8.86
CA ALA A 283 56.89 13.84 -8.88
C ALA A 283 57.00 14.66 -10.17
N LYS A 284 56.25 14.30 -11.23
CA LYS A 284 56.22 15.04 -12.52
C LYS A 284 55.00 15.96 -12.54
N ALA A 285 55.09 17.06 -13.28
CA ALA A 285 53.95 17.94 -13.61
C ALA A 285 53.43 17.56 -15.01
N HIS A 286 52.83 16.38 -15.16
CA HIS A 286 51.85 16.06 -16.24
C HIS A 286 50.71 17.09 -16.14
N GLY A 287 49.84 17.19 -17.14
CA GLY A 287 48.90 18.32 -17.22
C GLY A 287 47.57 18.09 -16.50
N TYR A 288 47.48 17.13 -15.58
CA TYR A 288 46.20 16.69 -14.94
C TYR A 288 46.13 17.10 -13.47
N LEU A 289 45.38 18.16 -13.19
CA LEU A 289 45.09 18.58 -11.80
C LEU A 289 43.78 17.94 -11.34
N SER A 290 43.89 16.83 -10.61
CA SER A 290 42.74 15.98 -10.19
C SER A 290 42.10 16.54 -8.91
N GLY A 291 41.02 17.33 -9.06
CA GLY A 291 40.16 17.73 -7.91
C GLY A 291 39.68 16.53 -7.11
N GLY A 292 39.69 15.33 -7.70
CA GLY A 292 39.18 14.08 -7.11
C GLY A 292 40.23 13.32 -6.33
N GLY A 293 41.51 13.26 -6.76
CA GLY A 293 42.52 12.40 -6.09
C GLY A 293 43.96 12.85 -6.21
N GLY A 294 44.20 14.09 -6.65
CA GLY A 294 45.51 14.53 -7.16
C GLY A 294 46.51 14.84 -6.05
N LEU A 295 46.06 15.21 -4.85
CA LEU A 295 46.90 15.90 -3.85
C LEU A 295 47.80 14.92 -3.11
N VAL A 296 48.99 15.42 -2.80
CA VAL A 296 49.94 14.89 -1.78
C VAL A 296 49.98 15.91 -0.67
N SER A 297 50.00 15.42 0.58
CA SER A 297 49.97 16.26 1.81
C SER A 297 50.68 15.48 2.91
N CYS A 298 50.82 16.09 4.08
CA CYS A 298 51.36 15.45 5.30
C CYS A 298 50.29 15.56 6.39
N VAL A 299 50.51 14.91 7.52
CA VAL A 299 49.50 14.88 8.61
C VAL A 299 49.28 16.32 9.10
N ASP A 300 50.35 17.09 9.27
CA ASP A 300 50.27 18.45 9.86
C ASP A 300 49.39 19.36 8.99
N ASP A 301 49.62 19.35 7.68
CA ASP A 301 48.86 20.19 6.71
C ASP A 301 47.37 19.80 6.77
N TYR A 302 47.06 18.50 6.72
CA TYR A 302 45.64 18.05 6.68
C TYR A 302 44.98 18.34 8.02
N TYR A 303 45.74 18.24 9.12
CA TYR A 303 45.26 18.64 10.47
C TYR A 303 44.82 20.11 10.44
N ARG A 304 45.62 20.99 9.84
CA ARG A 304 45.32 22.44 9.82
C ARG A 304 44.02 22.65 9.03
N PHE A 305 43.87 21.97 7.89
CA PHE A 305 42.63 22.01 7.09
C PHE A 305 41.44 21.49 7.92
N ALA A 306 41.60 20.34 8.58
CA ALA A 306 40.54 19.72 9.41
C ALA A 306 40.18 20.65 10.56
N GLN A 307 41.18 21.15 11.29
CA GLN A 307 41.01 22.01 12.48
C GLN A 307 40.29 23.30 12.08
N ALA A 308 40.61 23.85 10.90
CA ALA A 308 39.93 25.03 10.33
C ALA A 308 38.43 24.74 10.23
N LEU A 309 38.07 23.59 9.67
CA LEU A 309 36.66 23.15 9.50
C LEU A 309 36.03 22.97 10.90
N ALA A 310 36.73 22.31 11.81
CA ALA A 310 36.27 22.07 13.19
C ALA A 310 35.98 23.40 13.88
N ASN A 311 36.68 24.48 13.49
CA ASN A 311 36.53 25.83 14.10
C ASN A 311 35.47 26.65 13.36
N GLY A 312 34.80 26.09 12.36
CA GLY A 312 33.77 26.81 11.58
C GLY A 312 34.38 27.60 10.44
N GLY A 313 35.58 27.23 9.99
CA GLY A 313 36.18 27.73 8.74
C GLY A 313 37.36 28.66 8.93
N GLU A 314 37.76 28.90 10.19
CA GLU A 314 38.80 29.88 10.58
C GLU A 314 39.88 29.13 11.36
N LEU A 315 41.16 29.42 11.10
CA LEU A 315 42.29 28.95 11.94
C LEU A 315 43.36 30.05 12.06
N ASP A 316 43.72 30.40 13.30
CA ASP A 316 44.76 31.41 13.62
C ASP A 316 44.51 32.67 12.78
N GLY A 317 43.25 33.14 12.73
CA GLY A 317 42.86 34.41 12.08
C GLY A 317 42.75 34.31 10.56
N ALA A 318 43.01 33.17 9.94
CA ALA A 318 42.73 32.93 8.50
C ALA A 318 41.38 32.21 8.34
N ARG A 319 40.53 32.68 7.43
CA ARG A 319 39.22 32.06 7.14
C ARG A 319 39.20 31.54 5.70
N ILE A 320 38.88 30.28 5.48
CA ILE A 320 38.78 29.67 4.12
C ILE A 320 37.31 29.52 3.70
N ILE A 321 36.37 29.58 4.63
CA ILE A 321 34.90 29.41 4.35
C ILE A 321 34.11 30.02 5.51
N GLY A 322 32.94 30.60 5.21
CA GLY A 322 31.96 31.05 6.21
C GLY A 322 31.46 29.92 7.08
N ARG A 323 31.25 30.21 8.37
CA ARG A 323 30.77 29.23 9.38
C ARG A 323 29.46 28.61 8.89
N LYS A 324 28.58 29.42 8.32
CA LYS A 324 27.21 29.00 7.91
C LYS A 324 27.30 28.16 6.64
N THR A 325 28.11 28.61 5.68
CA THR A 325 28.34 27.91 4.41
C THR A 325 28.83 26.49 4.75
N LEU A 326 29.73 26.34 5.71
CA LEU A 326 30.30 25.02 6.09
C LEU A 326 29.20 24.16 6.73
N GLU A 327 28.36 24.74 7.57
CA GLU A 327 27.27 24.03 8.28
C GLU A 327 26.32 23.46 7.22
N PHE A 328 26.15 24.17 6.10
CA PHE A 328 25.34 23.78 4.92
C PHE A 328 25.98 22.57 4.21
N MET A 329 27.30 22.56 4.06
CA MET A 329 28.05 21.47 3.40
C MET A 329 28.01 20.20 4.24
N ARG A 330 27.87 20.30 5.57
CA ARG A 330 27.91 19.14 6.50
C ARG A 330 26.53 18.53 6.67
N MET A 331 25.48 19.19 6.16
CA MET A 331 24.12 18.64 6.16
C MET A 331 24.09 17.44 5.22
N ASN A 332 23.19 16.49 5.49
CA ASN A 332 22.83 15.42 4.53
C ASN A 332 22.08 16.07 3.37
N HIS A 333 22.58 15.94 2.15
CA HIS A 333 21.98 16.53 0.91
C HIS A 333 21.32 15.41 0.09
N LEU A 334 21.16 14.24 0.68
CA LEU A 334 20.46 13.14 -0.02
C LEU A 334 18.97 13.30 0.18
N PRO A 335 18.17 12.85 -0.81
CA PRO A 335 16.73 13.02 -0.77
C PRO A 335 16.17 12.41 0.53
N ASP A 336 15.23 13.09 1.18
CA ASP A 336 14.39 12.54 2.30
C ASP A 336 15.30 12.06 3.44
N ASN A 337 16.36 12.81 3.74
CA ASN A 337 17.39 12.47 4.77
C ASN A 337 17.70 10.96 4.73
N LYS A 338 17.85 10.40 3.53
CA LYS A 338 18.24 8.97 3.34
C LYS A 338 19.75 8.81 3.53
N GLY A 339 20.17 7.58 3.86
CA GLY A 339 21.59 7.18 3.91
C GLY A 339 22.10 6.76 2.55
N LEU A 340 23.41 6.62 2.42
CA LEU A 340 24.05 6.24 1.13
C LEU A 340 23.45 4.94 0.60
N PRO A 341 23.28 3.85 1.39
CA PRO A 341 22.71 2.61 0.86
C PRO A 341 21.29 2.70 0.32
N ASP A 342 20.54 3.71 0.73
CA ASP A 342 19.16 3.92 0.22
C ASP A 342 19.22 4.47 -1.22
N VAL A 343 20.35 4.97 -1.70
CA VAL A 343 20.41 5.65 -3.03
C VAL A 343 21.63 5.21 -3.84
N ALA A 344 22.66 4.67 -3.20
CA ALA A 344 23.92 4.29 -3.86
C ALA A 344 23.67 3.07 -4.73
N ILE A 345 24.28 3.02 -5.91
CA ILE A 345 24.21 1.84 -6.83
C ILE A 345 25.49 1.00 -6.65
N GLY A 346 26.53 1.56 -5.99
CA GLY A 346 27.92 1.04 -5.99
C GLY A 346 28.22 0.13 -4.80
N SER A 347 29.48 0.10 -4.34
CA SER A 347 29.94 -0.68 -3.15
C SER A 347 29.75 0.16 -1.88
N PHE A 348 29.25 1.40 -2.05
CA PHE A 348 28.78 2.33 -0.99
C PHE A 348 27.34 1.96 -0.59
N SER A 349 26.76 0.93 -1.22
CA SER A 349 25.47 0.26 -0.88
C SER A 349 25.64 -0.54 0.41
N GLU A 350 26.86 -0.98 0.71
CA GLU A 350 27.17 -2.12 1.62
C GLU A 350 27.05 -1.63 3.07
N THR A 351 27.06 -2.57 4.02
CA THR A 351 26.70 -2.41 5.45
C THR A 351 27.54 -1.33 6.13
N PRO A 352 28.86 -1.16 5.85
CA PRO A 352 29.64 -0.13 6.53
C PRO A 352 29.12 1.30 6.40
N TYR A 353 28.33 1.62 5.36
CA TYR A 353 27.83 3.00 5.08
C TYR A 353 26.38 3.16 5.56
N ASP A 354 25.82 2.16 6.24
CA ASP A 354 24.49 2.25 6.89
C ASP A 354 24.53 3.39 7.91
N GLY A 355 23.46 4.19 7.93
CA GLY A 355 23.32 5.34 8.84
C GLY A 355 24.31 6.47 8.53
N THR A 356 24.88 6.48 7.33
CA THR A 356 25.75 7.59 6.86
C THR A 356 25.13 8.21 5.60
N GLY A 357 24.99 9.53 5.58
CA GLY A 357 24.50 10.30 4.43
C GLY A 357 25.66 10.99 3.73
N PHE A 358 25.38 12.07 3.00
CA PHE A 358 26.41 12.75 2.19
C PHE A 358 25.96 14.18 1.94
N GLY A 359 26.87 15.12 2.21
CA GLY A 359 26.67 16.56 1.97
C GLY A 359 27.45 17.02 0.75
N LEU A 360 27.98 18.23 0.79
CA LEU A 360 28.73 18.81 -0.33
C LEU A 360 30.20 18.46 -0.12
N GLY A 361 30.55 17.17 -0.24
CA GLY A 361 31.96 16.72 -0.27
C GLY A 361 32.38 16.00 1.00
N PHE A 362 31.49 15.88 1.98
CA PHE A 362 31.69 15.06 3.20
C PHE A 362 30.57 14.03 3.33
N SER A 363 30.92 12.88 3.91
CA SER A 363 29.94 11.93 4.51
C SER A 363 29.47 12.53 5.84
N VAL A 364 28.29 12.14 6.29
CA VAL A 364 27.62 12.69 7.50
C VAL A 364 26.99 11.52 8.24
N LYS A 365 27.35 11.29 9.50
CA LYS A 365 26.72 10.19 10.28
C LYS A 365 25.31 10.64 10.68
N LEU A 366 24.30 9.84 10.32
CA LEU A 366 22.87 10.11 10.60
C LEU A 366 22.40 9.33 11.83
N ASP A 367 22.72 8.04 11.89
CA ASP A 367 22.26 7.08 12.94
C ASP A 367 23.45 6.27 13.45
N VAL A 368 23.89 6.54 14.68
CA VAL A 368 25.13 5.92 15.25
C VAL A 368 24.92 4.41 15.36
N ALA A 369 23.84 3.99 16.03
CA ALA A 369 23.51 2.57 16.26
C ALA A 369 23.48 1.81 14.93
N LYS A 370 22.90 2.40 13.88
CA LYS A 370 22.72 1.76 12.55
C LYS A 370 24.08 1.49 11.92
N SER A 371 25.04 2.41 12.13
CA SER A 371 26.42 2.33 11.58
C SER A 371 27.22 1.24 12.30
N GLN A 372 26.75 0.75 13.45
CA GLN A 372 27.43 -0.31 14.26
C GLN A 372 28.82 0.18 14.72
N THR A 373 29.12 1.47 14.57
CA THR A 373 30.41 2.08 15.01
C THR A 373 30.12 3.25 15.97
N VAL A 374 30.81 3.26 17.12
CA VAL A 374 30.80 4.41 18.07
C VAL A 374 31.20 5.70 17.34
N GLY A 375 30.61 6.79 17.78
CA GLY A 375 30.72 8.11 17.14
C GLY A 375 29.49 8.95 17.47
N SER A 376 29.36 10.10 16.81
CA SER A 376 28.27 11.06 17.08
C SER A 376 27.51 11.35 15.80
N VAL A 377 26.23 11.67 15.92
CA VAL A 377 25.43 12.20 14.78
C VAL A 377 26.15 13.48 14.34
N GLY A 378 26.35 13.65 13.03
CA GLY A 378 27.00 14.83 12.45
C GLY A 378 28.47 14.59 12.11
N GLU A 379 29.08 13.55 12.68
CA GLU A 379 30.47 13.12 12.34
C GLU A 379 30.62 13.20 10.82
N TYR A 380 31.55 14.04 10.35
CA TYR A 380 31.77 14.23 8.89
C TYR A 380 33.24 14.02 8.54
N GLY A 381 33.48 13.71 7.27
CA GLY A 381 34.84 13.47 6.75
C GLY A 381 34.79 12.68 5.45
N TRP A 382 35.94 12.11 5.10
CA TRP A 382 36.09 11.28 3.87
C TRP A 382 37.46 10.59 3.95
N GLY A 383 37.76 9.76 2.96
CA GLY A 383 39.00 8.96 2.93
C GLY A 383 39.58 8.98 1.55
N GLY A 384 40.77 8.38 1.42
CA GLY A 384 41.44 8.18 0.13
C GLY A 384 41.59 6.71 -0.13
N MET A 385 41.66 6.33 -1.41
CA MET A 385 41.68 4.91 -1.84
C MET A 385 42.94 4.22 -1.29
N ALA A 386 43.92 4.97 -0.77
CA ALA A 386 45.17 4.40 -0.21
C ALA A 386 45.07 4.21 1.30
N SER A 387 43.86 4.27 1.87
CA SER A 387 43.53 3.93 3.28
C SER A 387 43.77 5.11 4.22
N THR A 388 44.13 6.28 3.67
CA THR A 388 44.05 7.62 4.31
C THR A 388 42.60 7.85 4.76
N ASN A 389 42.42 8.48 5.92
CA ASN A 389 41.09 8.76 6.50
C ASN A 389 41.16 9.98 7.43
N PHE A 390 40.08 10.77 7.49
CA PHE A 390 39.92 11.82 8.52
C PHE A 390 38.43 11.96 8.86
N PHE A 391 38.17 12.42 10.08
CA PHE A 391 36.80 12.72 10.57
C PHE A 391 36.85 13.88 11.55
N ILE A 392 35.73 14.57 11.66
CA ILE A 392 35.46 15.70 12.60
C ILE A 392 34.12 15.42 13.26
N ASP A 393 34.14 15.12 14.54
CA ASP A 393 32.94 14.85 15.38
C ASP A 393 32.53 16.19 15.96
N PRO A 394 31.56 16.92 15.38
CA PRO A 394 31.29 18.28 15.80
C PRO A 394 30.58 18.32 17.16
N GLU A 395 29.97 17.20 17.59
CA GLU A 395 29.32 17.08 18.91
C GLU A 395 30.38 17.04 20.01
N GLU A 396 31.54 16.43 19.75
CA GLU A 396 32.62 16.23 20.77
C GLU A 396 33.82 17.17 20.53
N ASP A 397 33.80 18.03 19.51
CA ASP A 397 34.92 18.92 19.08
C ASP A 397 36.20 18.10 18.94
N LEU A 398 36.08 16.93 18.34
CA LEU A 398 37.13 15.89 18.29
C LEU A 398 37.43 15.62 16.81
N LEU A 399 38.67 15.36 16.44
CA LEU A 399 38.99 15.01 15.03
C LEU A 399 40.19 14.08 14.99
N MET A 400 40.28 13.30 13.91
CA MET A 400 41.40 12.35 13.66
C MET A 400 41.89 12.55 12.24
N VAL A 401 43.21 12.48 12.04
CA VAL A 401 43.83 12.32 10.70
C VAL A 401 44.69 11.04 10.74
N PHE A 402 44.42 10.12 9.83
CA PHE A 402 45.12 8.83 9.70
C PHE A 402 45.71 8.73 8.29
N MET A 403 47.03 8.56 8.23
CA MET A 403 47.80 8.40 6.98
C MET A 403 48.44 7.00 6.98
N THR A 404 48.31 6.29 5.86
CA THR A 404 49.04 5.05 5.51
C THR A 404 48.98 4.96 3.99
N GLN A 405 49.67 4.02 3.36
CA GLN A 405 49.60 3.91 1.88
C GLN A 405 49.40 2.44 1.50
N LEU A 406 48.13 2.01 1.56
CA LEU A 406 47.68 0.64 1.22
C LEU A 406 46.42 0.76 0.36
N ILE A 407 46.53 0.44 -0.93
CA ILE A 407 45.38 0.40 -1.87
C ILE A 407 44.84 -1.03 -1.88
N PRO A 408 43.50 -1.26 -1.88
CA PRO A 408 42.48 -0.23 -1.64
C PRO A 408 42.03 -0.03 -0.18
N SER A 409 41.40 1.12 0.11
CA SER A 409 40.88 1.52 1.45
C SER A 409 39.88 0.50 1.98
N SER A 410 39.16 -0.19 1.08
CA SER A 410 38.17 -1.23 1.42
C SER A 410 38.83 -2.43 2.12
N THR A 411 40.15 -2.59 2.01
CA THR A 411 40.86 -3.82 2.46
C THR A 411 40.62 -4.08 3.95
N TYR A 412 40.98 -3.14 4.84
CA TYR A 412 40.93 -3.34 6.32
C TYR A 412 40.00 -2.31 6.96
N ALA A 413 39.44 -2.69 8.11
CA ALA A 413 38.48 -1.88 8.88
C ALA A 413 39.22 -0.99 9.90
N VAL A 414 40.43 -0.52 9.58
CA VAL A 414 41.31 0.16 10.57
C VAL A 414 40.66 1.49 11.01
N ARG A 415 40.04 2.23 10.09
CA ARG A 415 39.39 3.53 10.40
C ARG A 415 38.31 3.33 11.49
N GLN A 416 37.71 2.14 11.58
CA GLN A 416 36.61 1.83 12.53
C GLN A 416 37.22 1.48 13.90
N GLU A 417 38.30 0.69 13.90
CA GLU A 417 39.05 0.33 15.13
C GLU A 417 39.57 1.62 15.80
N LEU A 418 40.14 2.54 15.03
CA LEU A 418 40.67 3.83 15.54
C LEU A 418 39.53 4.61 16.20
N ARG A 419 38.35 4.65 15.56
CA ARG A 419 37.15 5.34 16.12
C ARG A 419 36.79 4.74 17.48
N ALA A 420 36.82 3.41 17.58
CA ALA A 420 36.43 2.65 18.78
C ALA A 420 37.31 3.11 19.96
N ILE A 421 38.62 3.21 19.70
CA ILE A 421 39.70 3.46 20.69
C ILE A 421 39.63 4.92 21.15
N ILE A 422 39.55 5.81 20.16
CA ILE A 422 39.53 7.29 20.33
C ILE A 422 38.28 7.68 21.11
N ASN A 423 37.08 7.28 20.67
CA ASN A 423 35.81 7.56 21.39
C ASN A 423 35.92 6.87 22.77
N GLY A 424 36.67 5.77 22.84
CA GLY A 424 36.94 5.04 24.10
C GLY A 424 37.69 5.90 25.11
N ALA A 425 38.50 6.85 24.63
CA ALA A 425 39.42 7.66 25.45
C ALA A 425 38.75 8.94 25.96
N LEU A 426 37.50 9.19 25.60
CA LEU A 426 36.70 10.30 26.19
C LEU A 426 36.37 9.94 27.64
N VAL A 427 36.69 10.83 28.59
CA VAL A 427 36.57 10.57 30.06
C VAL A 427 35.95 11.76 30.81
N ASP A 428 35.23 12.68 30.17
CA ASP A 428 34.41 13.71 30.86
C ASP A 428 32.93 13.30 30.79
N SER B 27 39.91 43.25 9.01
CA SER B 27 38.61 42.49 9.21
C SER B 27 37.70 43.27 10.17
N ASN B 28 36.87 44.18 9.63
CA ASN B 28 35.82 44.90 10.40
C ASN B 28 34.60 43.99 10.52
N ILE B 29 34.18 43.73 11.76
CA ILE B 29 33.09 42.80 12.14
C ILE B 29 32.07 43.55 12.99
N ILE B 30 30.82 43.60 12.56
CA ILE B 30 29.69 44.11 13.39
C ILE B 30 28.70 42.96 13.53
N ALA B 31 28.27 42.68 14.76
CA ALA B 31 27.23 41.68 15.06
C ALA B 31 27.59 40.35 14.41
N GLY B 32 28.86 39.94 14.48
CA GLY B 32 29.33 38.62 14.00
C GLY B 32 29.29 38.48 12.49
N MET B 33 29.26 39.61 11.78
CA MET B 33 29.22 39.68 10.30
C MET B 33 30.49 40.38 9.80
N ASP B 34 31.26 39.77 8.91
CA ASP B 34 32.42 40.43 8.26
C ASP B 34 31.90 41.39 7.20
N LEU B 35 32.06 42.71 7.39
CA LEU B 35 31.60 43.77 6.46
C LEU B 35 32.35 43.70 5.13
N ASN B 36 33.59 43.20 5.15
CA ASN B 36 34.42 43.02 3.93
C ASN B 36 33.76 41.97 3.05
N ARG B 37 33.23 40.90 3.67
CA ARG B 37 32.49 39.82 2.97
C ARG B 37 31.17 40.38 2.44
N LEU B 38 30.47 41.20 3.22
CA LEU B 38 29.21 41.84 2.78
C LEU B 38 29.45 42.74 1.56
N ASP B 39 30.66 43.23 1.35
CA ASP B 39 30.96 44.16 0.23
C ASP B 39 30.81 43.41 -1.11
N ARG B 40 30.83 42.08 -1.08
CA ARG B 40 30.64 41.21 -2.28
C ARG B 40 29.24 41.42 -2.88
N ILE B 41 28.29 41.89 -2.06
CA ILE B 41 26.91 42.22 -2.52
C ILE B 41 27.00 43.23 -3.66
N ALA B 42 27.58 44.41 -3.40
CA ALA B 42 27.72 45.51 -4.40
C ALA B 42 28.55 44.99 -5.58
N GLU B 43 29.67 44.30 -5.29
CA GLU B 43 30.58 43.75 -6.34
C GLU B 43 29.75 42.85 -7.26
N HIS B 44 28.89 42.02 -6.67
CA HIS B 44 28.07 41.01 -7.38
C HIS B 44 26.99 41.70 -8.21
N LEU B 45 26.17 42.57 -7.61
CA LEU B 45 25.08 43.30 -8.32
C LEU B 45 25.66 44.11 -9.48
N ASP B 46 26.81 44.76 -9.29
CA ASP B 46 27.54 45.49 -10.38
C ASP B 46 27.88 44.51 -11.50
N ARG B 47 28.66 43.46 -11.19
CA ARG B 47 29.27 42.54 -12.20
C ARG B 47 28.19 41.77 -12.96
N ALA B 48 27.13 41.34 -12.27
CA ALA B 48 26.16 40.34 -12.77
C ALA B 48 24.87 40.97 -13.32
N TYR B 49 24.49 42.16 -12.86
CA TYR B 49 23.15 42.76 -13.14
C TYR B 49 23.25 44.19 -13.69
N LEU B 50 23.99 45.10 -13.02
CA LEU B 50 23.98 46.56 -13.34
C LEU B 50 24.83 46.87 -14.57
N HIS B 51 26.13 46.54 -14.54
CA HIS B 51 27.10 46.79 -15.65
C HIS B 51 26.59 46.12 -16.93
N PRO B 52 26.07 44.88 -16.90
CA PRO B 52 25.47 44.27 -18.09
C PRO B 52 24.02 44.68 -18.44
N GLY B 53 23.42 45.60 -17.68
CA GLY B 53 22.11 46.22 -18.00
C GLY B 53 20.94 45.25 -17.92
N LYS B 54 20.90 44.38 -16.89
CA LYS B 54 19.79 43.43 -16.60
C LYS B 54 18.81 44.05 -15.60
N LEU B 55 19.35 44.83 -14.67
CA LEU B 55 18.64 45.70 -13.69
C LEU B 55 19.10 47.15 -13.86
N ALA B 56 18.20 48.09 -13.60
CA ALA B 56 18.46 49.56 -13.63
C ALA B 56 19.22 49.97 -12.37
N GLY B 57 18.77 49.51 -11.21
CA GLY B 57 19.31 49.93 -9.91
C GLY B 57 18.80 49.08 -8.77
N THR B 58 19.56 49.03 -7.69
CA THR B 58 19.31 48.20 -6.49
C THR B 58 19.49 49.05 -5.23
N MET B 59 18.68 48.77 -4.23
CA MET B 59 18.86 49.23 -2.84
C MET B 59 18.87 47.97 -1.97
N THR B 60 19.95 47.74 -1.23
CA THR B 60 20.19 46.47 -0.50
C THR B 60 20.52 46.80 0.96
N LEU B 61 19.71 46.31 1.90
CA LEU B 61 19.94 46.51 3.36
C LEU B 61 20.05 45.15 4.04
N VAL B 62 21.01 45.01 4.94
CA VAL B 62 21.22 43.81 5.79
C VAL B 62 21.35 44.29 7.23
N ALA B 63 20.72 43.58 8.15
CA ALA B 63 20.73 43.88 9.60
C ALA B 63 20.90 42.56 10.36
N ARG B 64 21.46 42.64 11.55
CA ARG B 64 21.61 41.47 12.44
C ARG B 64 21.66 41.96 13.88
N ARG B 65 20.92 41.30 14.77
CA ARG B 65 20.87 41.65 16.21
C ARG B 65 20.55 43.15 16.33
N GLY B 66 19.56 43.62 15.57
CA GLY B 66 19.06 45.00 15.67
C GLY B 66 19.94 46.03 14.98
N GLU B 67 21.12 45.65 14.48
CA GLU B 67 22.11 46.59 13.89
C GLU B 67 22.17 46.46 12.36
N VAL B 68 21.90 47.54 11.64
CA VAL B 68 22.10 47.61 10.16
C VAL B 68 23.59 47.53 9.86
N VAL B 69 24.03 46.51 9.11
CA VAL B 69 25.47 46.25 8.83
C VAL B 69 25.77 46.46 7.35
N TYR B 70 24.75 46.67 6.52
CA TYR B 70 24.93 46.91 5.06
C TYR B 70 23.74 47.73 4.57
N CYS B 71 24.06 48.77 3.81
CA CYS B 71 23.08 49.67 3.16
C CYS B 71 23.76 50.24 1.91
N GLN B 72 23.25 49.96 0.72
CA GLN B 72 23.95 50.27 -0.56
C GLN B 72 22.93 50.47 -1.68
N ALA B 73 22.73 51.74 -2.06
CA ALA B 73 22.13 52.13 -3.35
C ALA B 73 23.17 51.91 -4.44
N GLN B 74 22.73 51.52 -5.64
CA GLN B 74 23.59 51.26 -6.83
C GLN B 74 22.76 51.54 -8.08
N GLY B 75 23.41 52.04 -9.12
CA GLY B 75 22.77 52.34 -10.41
C GLY B 75 21.64 53.36 -10.29
N LEU B 76 20.64 53.25 -11.17
CA LEU B 76 19.67 54.33 -11.48
C LEU B 76 18.26 53.89 -11.10
N ARG B 77 17.48 54.80 -10.53
CA ARG B 77 16.04 54.60 -10.23
C ARG B 77 15.22 54.92 -11.48
N ASP B 78 15.75 55.79 -12.33
CA ASP B 78 15.14 56.28 -13.60
C ASP B 78 16.23 56.37 -14.67
N VAL B 79 16.28 55.42 -15.60
CA VAL B 79 17.33 55.38 -16.67
C VAL B 79 17.10 56.57 -17.59
N GLU B 80 15.85 56.75 -18.04
CA GLU B 80 15.45 57.80 -19.04
C GLU B 80 15.88 59.18 -18.55
N ARG B 81 15.72 59.47 -17.27
CA ARG B 81 16.03 60.79 -16.64
C ARG B 81 17.38 60.72 -15.91
N GLN B 82 18.14 59.64 -16.08
CA GLN B 82 19.54 59.53 -15.60
C GLN B 82 19.62 59.86 -14.09
N LEU B 83 18.61 59.50 -13.29
CA LEU B 83 18.53 59.75 -11.82
C LEU B 83 19.03 58.52 -11.06
N PRO B 84 19.94 58.67 -10.07
CA PRO B 84 20.46 57.52 -9.31
C PRO B 84 19.48 56.99 -8.25
N VAL B 85 19.70 55.75 -7.84
CA VAL B 85 19.02 55.17 -6.65
C VAL B 85 19.68 55.82 -5.43
N GLU B 86 18.88 56.40 -4.54
CA GLU B 86 19.32 56.91 -3.21
C GLU B 86 18.62 56.06 -2.13
N ARG B 87 19.12 56.11 -0.90
CA ARG B 87 18.54 55.38 0.26
C ARG B 87 17.04 55.68 0.38
N ASP B 88 16.64 56.93 0.11
CA ASP B 88 15.26 57.43 0.29
C ASP B 88 14.40 57.14 -0.96
N THR B 89 14.94 56.42 -1.95
CA THR B 89 14.18 56.09 -3.19
C THR B 89 12.98 55.21 -2.83
N LEU B 90 11.83 55.54 -3.44
CA LEU B 90 10.53 54.83 -3.28
C LEU B 90 10.40 53.77 -4.37
N PHE B 91 9.87 52.59 -4.00
CA PHE B 91 9.74 51.40 -4.87
C PHE B 91 8.33 50.81 -4.77
N ARG B 92 7.84 50.25 -5.88
CA ARG B 92 6.65 49.37 -5.90
C ARG B 92 7.05 48.05 -5.24
N ILE B 93 6.62 47.81 -4.00
CA ILE B 93 6.99 46.57 -3.27
C ILE B 93 6.02 45.45 -3.66
N TYR B 94 4.93 45.79 -4.36
CA TYR B 94 3.93 44.83 -4.88
C TYR B 94 3.59 43.84 -3.76
N SER B 95 3.75 42.54 -4.01
CA SER B 95 3.29 41.53 -3.07
C SER B 95 3.94 41.49 -1.68
N MET B 96 4.94 42.33 -1.42
CA MET B 96 5.49 42.51 -0.04
C MET B 96 4.49 43.31 0.81
N THR B 97 3.39 43.77 0.21
CA THR B 97 2.20 44.28 0.91
C THR B 97 1.55 43.15 1.73
N LYS B 98 1.62 41.90 1.26
CA LYS B 98 0.80 40.78 1.79
C LYS B 98 1.11 40.54 3.27
N PRO B 99 2.39 40.53 3.69
CA PRO B 99 2.74 40.43 5.11
C PRO B 99 2.14 41.57 5.95
N ILE B 100 2.10 42.78 5.40
CA ILE B 100 1.54 43.96 6.15
C ILE B 100 0.03 43.73 6.34
N THR B 101 -0.67 43.32 5.27
CA THR B 101 -2.14 43.06 5.32
C THR B 101 -2.41 41.92 6.30
N SER B 102 -1.54 40.91 6.28
CA SER B 102 -1.60 39.72 7.17
C SER B 102 -1.54 40.19 8.62
N ILE B 103 -0.58 41.06 8.95
CA ILE B 103 -0.37 41.60 10.33
C ILE B 103 -1.60 42.41 10.73
N ALA B 104 -2.06 43.30 9.85
CA ALA B 104 -3.27 44.11 10.07
C ALA B 104 -4.41 43.19 10.54
N LEU B 105 -4.68 42.13 9.78
CA LEU B 105 -5.84 41.25 10.09
C LEU B 105 -5.58 40.53 11.42
N MET B 106 -4.35 40.07 11.64
CA MET B 106 -3.99 39.30 12.86
C MET B 106 -4.03 40.21 14.09
N GLN B 107 -3.85 41.54 13.92
CA GLN B 107 -4.05 42.53 15.02
C GLN B 107 -5.47 42.37 15.54
N LEU B 108 -6.42 42.14 14.63
CA LEU B 108 -7.86 42.03 14.95
C LEU B 108 -8.15 40.63 15.52
N TYR B 109 -7.40 39.59 15.11
CA TYR B 109 -7.48 38.24 15.72
C TYR B 109 -7.25 38.36 17.24
N GLU B 110 -6.26 39.19 17.61
CA GLU B 110 -5.77 39.45 18.98
C GLU B 110 -6.77 40.25 19.82
N GLN B 111 -7.75 40.88 19.18
CA GLN B 111 -8.89 41.59 19.84
C GLN B 111 -10.14 40.70 19.85
N GLY B 112 -10.03 39.46 19.36
CA GLY B 112 -11.09 38.43 19.40
C GLY B 112 -12.19 38.71 18.37
N ARG B 113 -11.87 39.46 17.32
CA ARG B 113 -12.83 39.99 16.33
C ARG B 113 -13.27 38.87 15.37
N PHE B 114 -12.45 37.82 15.25
CA PHE B 114 -12.74 36.57 14.52
C PHE B 114 -11.80 35.45 14.97
N LEU B 115 -12.09 34.25 14.43
CA LEU B 115 -11.28 33.03 14.61
C LEU B 115 -10.90 32.50 13.24
N LEU B 116 -9.73 31.87 13.11
CA LEU B 116 -9.19 31.45 11.81
C LEU B 116 -10.06 30.35 11.18
N ASP B 117 -10.69 29.49 11.98
CA ASP B 117 -11.46 28.33 11.47
C ASP B 117 -12.92 28.75 11.17
N GLU B 118 -13.27 30.02 11.33
CA GLU B 118 -14.61 30.53 10.97
C GLU B 118 -14.78 30.57 9.45
N PRO B 119 -15.96 30.20 8.92
CA PRO B 119 -16.27 30.43 7.52
C PRO B 119 -16.17 31.92 7.15
N VAL B 120 -15.58 32.22 5.99
CA VAL B 120 -15.53 33.59 5.42
C VAL B 120 -16.96 34.12 5.28
N HIS B 121 -17.93 33.26 4.94
CA HIS B 121 -19.32 33.68 4.63
C HIS B 121 -20.03 34.21 5.89
N LYS B 122 -19.45 33.98 7.07
CA LYS B 122 -19.89 34.63 8.33
C LYS B 122 -19.74 36.15 8.19
N TYR B 123 -18.64 36.63 7.59
CA TYR B 123 -18.31 38.08 7.44
C TYR B 123 -18.72 38.57 6.03
N ILE B 124 -18.88 37.66 5.07
CA ILE B 124 -19.25 37.99 3.66
C ILE B 124 -20.41 37.07 3.26
N PRO B 125 -21.64 37.36 3.72
CA PRO B 125 -22.73 36.39 3.60
C PRO B 125 -23.02 35.94 2.15
N THR B 126 -22.74 36.80 1.18
CA THR B 126 -23.00 36.56 -0.27
C THR B 126 -22.09 35.45 -0.79
N TRP B 127 -21.11 35.00 -0.01
CA TRP B 127 -20.14 33.94 -0.39
C TRP B 127 -20.57 32.57 0.18
N LYS B 128 -21.75 32.48 0.80
CA LYS B 128 -22.20 31.22 1.45
C LYS B 128 -22.17 30.08 0.42
N ASN B 129 -22.58 30.34 -0.81
CA ASN B 129 -22.85 29.29 -1.83
C ASN B 129 -21.77 29.28 -2.91
N LEU B 130 -20.53 29.68 -2.59
CA LEU B 130 -19.41 29.55 -3.54
C LEU B 130 -19.27 28.07 -3.86
N ARG B 131 -18.93 27.76 -5.11
CA ARG B 131 -18.83 26.38 -5.61
C ARG B 131 -17.51 26.21 -6.36
N VAL B 132 -17.15 24.96 -6.66
CA VAL B 132 -15.84 24.60 -7.27
C VAL B 132 -16.03 24.41 -8.77
N TYR B 133 -15.14 24.99 -9.58
CA TYR B 133 -15.17 24.90 -11.05
C TYR B 133 -15.16 23.43 -11.49
N LYS B 134 -16.12 23.00 -12.32
CA LYS B 134 -16.08 21.67 -12.99
C LYS B 134 -15.67 21.84 -14.46
N THR B 135 -16.33 22.73 -15.19
CA THR B 135 -16.11 22.93 -16.64
C THR B 135 -16.94 24.12 -17.15
N GLY B 136 -16.70 24.56 -18.37
CA GLY B 136 -17.41 25.68 -19.01
C GLY B 136 -16.53 26.91 -19.09
N SER B 137 -16.97 27.92 -19.86
CA SER B 137 -16.30 29.24 -19.97
C SER B 137 -17.22 30.31 -19.36
N HIS B 138 -16.64 31.33 -18.73
CA HIS B 138 -17.41 32.51 -18.27
C HIS B 138 -18.26 32.99 -19.43
N PRO B 139 -19.56 33.32 -19.28
CA PRO B 139 -20.29 33.24 -18.02
C PRO B 139 -21.07 31.96 -17.69
N GLN B 140 -20.94 30.89 -18.48
CA GLN B 140 -21.68 29.63 -18.23
C GLN B 140 -20.74 28.55 -17.70
N MET B 141 -20.26 28.73 -16.47
CA MET B 141 -19.37 27.73 -15.80
C MET B 141 -20.22 26.79 -14.94
N LEU B 142 -20.11 25.49 -15.14
CA LEU B 142 -20.69 24.46 -14.23
C LEU B 142 -19.74 24.23 -13.05
N THR B 143 -20.29 23.88 -11.89
CA THR B 143 -19.56 23.81 -10.61
C THR B 143 -20.02 22.61 -9.79
N THR B 144 -19.27 22.24 -8.75
CA THR B 144 -19.64 21.17 -7.79
C THR B 144 -19.59 21.75 -6.37
N ALA B 145 -20.32 21.13 -5.45
CA ALA B 145 -20.33 21.50 -4.01
C ALA B 145 -18.91 21.34 -3.45
N PRO B 146 -18.42 22.28 -2.62
CA PRO B 146 -17.16 22.09 -1.90
C PRO B 146 -17.37 21.17 -0.69
N GLN B 147 -16.37 20.38 -0.28
CA GLN B 147 -16.44 19.53 0.95
C GLN B 147 -16.77 20.40 2.16
N ARG B 148 -16.25 21.63 2.21
CA ARG B 148 -16.54 22.56 3.33
C ARG B 148 -16.41 24.01 2.84
N PRO B 149 -17.07 24.95 3.54
CA PRO B 149 -16.92 26.37 3.20
C PRO B 149 -15.50 26.87 3.47
N MET B 150 -15.08 27.83 2.67
CA MET B 150 -13.84 28.62 2.80
C MET B 150 -13.74 29.27 4.19
N THR B 151 -12.58 29.15 4.86
CA THR B 151 -12.29 29.76 6.19
C THR B 151 -11.32 30.95 6.04
N ILE B 152 -11.24 31.78 7.08
CA ILE B 152 -10.31 32.94 7.12
C ILE B 152 -8.89 32.38 6.98
N ARG B 153 -8.59 31.25 7.62
CA ARG B 153 -7.23 30.68 7.56
C ARG B 153 -6.90 30.34 6.10
N ASP B 154 -7.88 29.85 5.34
CA ASP B 154 -7.71 29.58 3.89
C ASP B 154 -7.24 30.85 3.18
N LEU B 155 -7.87 32.00 3.44
CA LEU B 155 -7.47 33.29 2.80
C LEU B 155 -6.03 33.62 3.17
N LEU B 156 -5.67 33.50 4.44
CA LEU B 156 -4.35 33.98 4.94
C LEU B 156 -3.22 33.08 4.41
N THR B 157 -3.55 31.90 3.90
CA THR B 157 -2.58 30.85 3.48
C THR B 157 -2.73 30.49 2.00
N HIS B 158 -3.61 31.18 1.25
CA HIS B 158 -3.83 30.98 -0.21
C HIS B 158 -4.32 29.54 -0.48
N GLN B 159 -5.04 28.94 0.46
CA GLN B 159 -5.74 27.63 0.30
C GLN B 159 -7.25 27.87 0.10
N SER B 160 -7.68 29.13 -0.04
CA SER B 160 -9.04 29.60 -0.43
C SER B 160 -9.60 28.80 -1.60
N GLY B 161 -8.79 28.57 -2.64
CA GLY B 161 -9.29 28.12 -3.95
C GLY B 161 -9.58 29.31 -4.85
N LEU B 162 -9.40 30.53 -4.36
CA LEU B 162 -9.31 31.73 -5.20
C LEU B 162 -8.04 31.64 -6.04
N THR B 163 -7.90 32.52 -7.03
CA THR B 163 -6.73 32.61 -7.95
C THR B 163 -6.46 34.08 -8.28
N TYR B 164 -5.57 34.31 -9.24
CA TYR B 164 -5.12 35.64 -9.73
C TYR B 164 -5.37 35.66 -11.24
N GLY B 165 -5.86 36.78 -11.77
CA GLY B 165 -5.98 36.97 -13.23
C GLY B 165 -4.71 36.53 -13.96
N PHE B 166 -3.54 36.95 -13.49
CA PHE B 166 -2.27 36.82 -14.25
C PHE B 166 -1.79 35.36 -14.27
N MET B 167 -2.43 34.43 -13.55
CA MET B 167 -1.98 33.01 -13.48
C MET B 167 -1.96 32.38 -14.88
N ASN B 168 -2.92 32.75 -15.73
CA ASN B 168 -3.04 32.33 -17.16
C ASN B 168 -2.92 30.81 -17.29
N ARG B 169 -3.70 30.04 -16.53
CA ARG B 169 -3.65 28.55 -16.55
C ARG B 169 -5.04 27.94 -16.79
N THR B 170 -6.11 28.59 -16.31
CA THR B 170 -7.46 27.97 -16.22
C THR B 170 -8.54 28.94 -16.74
N ASN B 171 -9.70 28.37 -17.08
CA ASN B 171 -10.89 29.14 -17.52
C ASN B 171 -11.28 30.13 -16.40
N VAL B 172 -10.96 29.82 -15.15
CA VAL B 172 -11.36 30.65 -13.98
C VAL B 172 -10.54 31.94 -13.99
N ASP B 173 -9.22 31.87 -14.17
CA ASP B 173 -8.39 33.09 -14.21
C ASP B 173 -8.68 33.87 -15.50
N ALA B 174 -9.12 33.20 -16.58
CA ALA B 174 -9.62 33.89 -17.80
C ALA B 174 -10.80 34.80 -17.42
N ALA B 175 -11.68 34.31 -16.54
CA ALA B 175 -12.81 35.10 -16.00
C ALA B 175 -12.28 36.29 -15.19
N TYR B 176 -11.31 36.07 -14.31
CA TYR B 176 -10.68 37.15 -13.50
C TYR B 176 -10.16 38.25 -14.43
N ARG B 177 -9.54 37.87 -15.55
CA ARG B 177 -8.95 38.84 -16.52
C ARG B 177 -10.06 39.61 -17.22
N SER B 178 -11.12 38.94 -17.71
CA SER B 178 -12.20 39.62 -18.45
C SER B 178 -12.93 40.59 -17.49
N LEU B 179 -12.95 40.31 -16.18
CA LEU B 179 -13.58 41.18 -15.15
C LEU B 179 -12.54 42.12 -14.50
N LYS B 180 -11.27 42.04 -14.90
CA LYS B 180 -10.15 42.91 -14.42
C LYS B 180 -10.14 42.92 -12.89
N LEU B 181 -10.05 41.75 -12.25
CA LEU B 181 -10.11 41.59 -10.78
C LEU B 181 -8.71 41.79 -10.15
N ASP B 182 -7.69 41.94 -11.00
CA ASP B 182 -6.31 42.28 -10.56
C ASP B 182 -6.12 43.80 -10.49
N GLY B 183 -7.02 44.56 -11.14
CA GLY B 183 -6.97 46.05 -11.19
C GLY B 183 -7.46 46.55 -12.53
N GLY B 184 -7.76 47.85 -12.65
CA GLY B 184 -8.30 48.47 -13.87
C GLY B 184 -9.38 49.49 -13.54
N PRO B 185 -9.86 50.25 -14.54
CA PRO B 185 -10.71 51.42 -14.25
C PRO B 185 -11.89 51.06 -13.33
N GLY B 186 -12.14 51.89 -12.30
CA GLY B 186 -13.29 51.82 -11.38
C GLY B 186 -13.29 50.54 -10.57
N HIS B 187 -12.13 49.91 -10.41
CA HIS B 187 -11.96 48.71 -9.55
C HIS B 187 -11.83 49.18 -8.10
N THR B 188 -12.65 48.63 -7.23
CA THR B 188 -12.65 48.83 -5.76
C THR B 188 -12.58 47.44 -5.10
N LEU B 189 -12.27 47.35 -3.81
CA LEU B 189 -12.42 46.08 -3.06
C LEU B 189 -13.90 45.66 -3.09
N ASP B 190 -14.82 46.61 -2.97
CA ASP B 190 -16.29 46.31 -2.94
C ASP B 190 -16.65 45.52 -4.20
N ARG B 191 -16.02 45.88 -5.32
CA ARG B 191 -16.28 45.27 -6.65
C ARG B 191 -15.67 43.85 -6.69
N LEU B 192 -14.42 43.70 -6.26
CA LEU B 192 -13.75 42.39 -6.15
C LEU B 192 -14.65 41.42 -5.39
N ILE B 193 -15.14 41.81 -4.21
CA ILE B 193 -15.95 40.92 -3.32
C ILE B 193 -17.26 40.58 -4.04
N ASP B 194 -17.88 41.57 -4.67
CA ASP B 194 -19.19 41.41 -5.36
C ASP B 194 -19.00 40.44 -6.53
N GLU B 195 -17.90 40.55 -7.29
CA GLU B 195 -17.68 39.74 -8.52
C GLU B 195 -17.31 38.30 -8.17
N LEU B 196 -16.48 38.11 -7.13
CA LEU B 196 -16.00 36.78 -6.67
C LEU B 196 -17.17 35.94 -6.15
N ALA B 197 -18.24 36.57 -5.66
CA ALA B 197 -19.45 35.90 -5.13
C ALA B 197 -20.09 35.06 -6.23
N ARG B 198 -19.90 35.46 -7.49
CA ARG B 198 -20.58 34.84 -8.67
C ARG B 198 -19.57 33.97 -9.44
N LEU B 199 -18.36 33.78 -8.94
CA LEU B 199 -17.32 32.98 -9.65
C LEU B 199 -17.05 31.69 -8.90
N PRO B 200 -16.63 30.66 -9.65
CA PRO B 200 -16.22 29.40 -9.04
C PRO B 200 -14.78 29.45 -8.52
N LEU B 201 -14.48 28.55 -7.58
CA LEU B 201 -13.13 28.33 -7.00
C LEU B 201 -12.41 27.28 -7.84
N GLU B 202 -11.07 27.31 -7.81
CA GLU B 202 -10.22 26.33 -8.55
C GLU B 202 -10.32 24.96 -7.87
N PHE B 203 -10.65 24.90 -6.58
CA PHE B 203 -10.69 23.61 -5.84
C PHE B 203 -11.45 23.79 -4.53
N SER B 204 -11.90 22.68 -3.93
CA SER B 204 -12.56 22.70 -2.61
C SER B 204 -11.59 23.35 -1.63
N PRO B 205 -12.02 24.40 -0.90
CA PRO B 205 -11.13 25.10 0.05
C PRO B 205 -10.38 24.14 0.98
N GLY B 206 -9.08 24.37 1.12
CA GLY B 206 -8.18 23.65 2.04
C GLY B 206 -7.38 22.57 1.34
N THR B 207 -7.87 22.07 0.20
CA THR B 207 -7.39 20.81 -0.45
C THR B 207 -6.15 21.08 -1.31
N ALA B 208 -5.78 22.33 -1.52
CA ALA B 208 -4.63 22.72 -2.37
C ALA B 208 -4.20 24.15 -2.02
N TRP B 209 -3.14 24.62 -2.67
CA TRP B 209 -2.61 26.01 -2.54
C TRP B 209 -2.55 26.65 -3.93
N ASN B 210 -3.00 27.89 -4.03
CA ASN B 210 -2.90 28.67 -5.29
C ASN B 210 -2.87 30.15 -4.92
N TYR B 211 -1.76 30.81 -5.25
CA TYR B 211 -1.53 32.27 -5.06
C TYR B 211 -2.74 33.01 -5.64
N SER B 212 -3.25 34.00 -4.92
CA SER B 212 -4.63 34.51 -5.12
C SER B 212 -4.76 35.95 -4.66
N VAL B 213 -5.89 36.54 -5.05
CA VAL B 213 -6.44 37.82 -4.53
C VAL B 213 -6.87 37.67 -3.07
N ALA B 214 -6.75 36.48 -2.48
CA ALA B 214 -7.20 36.16 -1.10
C ALA B 214 -6.71 37.23 -0.13
N THR B 215 -5.52 37.79 -0.37
CA THR B 215 -4.91 38.78 0.54
C THR B 215 -5.58 40.14 0.33
N ASP B 216 -5.99 40.44 -0.90
CA ASP B 216 -6.80 41.65 -1.22
C ASP B 216 -8.13 41.59 -0.45
N VAL B 217 -8.69 40.38 -0.34
CA VAL B 217 -9.93 40.05 0.44
C VAL B 217 -9.65 40.23 1.94
N CYS B 218 -8.50 39.77 2.43
CA CYS B 218 -8.08 40.02 3.84
C CYS B 218 -8.12 41.53 4.10
N GLY B 219 -7.57 42.33 3.17
CA GLY B 219 -7.70 43.80 3.14
C GLY B 219 -9.13 44.23 3.36
N TYR B 220 -10.06 43.67 2.60
CA TYR B 220 -11.51 43.97 2.69
C TYR B 220 -12.02 43.62 4.09
N LEU B 221 -11.54 42.53 4.67
CA LEU B 221 -11.97 42.06 6.03
C LEU B 221 -11.40 42.99 7.12
N VAL B 222 -10.22 43.57 6.89
CA VAL B 222 -9.65 44.58 7.82
C VAL B 222 -10.64 45.76 7.86
N GLN B 223 -11.03 46.25 6.69
CA GLN B 223 -12.03 47.34 6.52
C GLN B 223 -13.31 46.93 7.24
N LEU B 224 -13.89 45.78 6.88
CA LEU B 224 -15.18 45.26 7.43
C LEU B 224 -15.13 45.33 8.97
N LEU B 225 -14.09 44.77 9.58
CA LEU B 225 -14.02 44.59 11.06
C LEU B 225 -13.57 45.86 11.76
N SER B 226 -12.79 46.73 11.13
CA SER B 226 -12.16 47.90 11.80
C SER B 226 -13.05 49.14 11.65
N GLY B 227 -13.94 49.14 10.66
CA GLY B 227 -14.70 50.34 10.25
C GLY B 227 -13.85 51.32 9.45
N MET B 228 -12.53 51.12 9.35
CA MET B 228 -11.62 52.06 8.65
C MET B 228 -11.33 51.58 7.24
N SER B 229 -11.04 52.51 6.33
CA SER B 229 -10.45 52.26 5.00
C SER B 229 -9.04 51.70 5.21
N LEU B 230 -8.54 50.84 4.31
CA LEU B 230 -7.31 50.06 4.55
C LEU B 230 -6.09 50.97 4.73
N ASP B 231 -6.00 52.06 3.95
CA ASP B 231 -4.88 53.05 4.00
C ASP B 231 -4.81 53.68 5.39
N ASP B 232 -5.98 53.96 5.98
CA ASP B 232 -6.13 54.54 7.34
C ASP B 232 -5.73 53.47 8.38
N TYR B 233 -6.24 52.22 8.31
CA TYR B 233 -5.88 51.16 9.29
C TYR B 233 -4.36 51.02 9.30
N PHE B 234 -3.75 50.93 8.11
CA PHE B 234 -2.29 50.73 7.95
C PHE B 234 -1.56 51.89 8.62
N SER B 235 -1.98 53.09 8.28
CA SER B 235 -1.31 54.34 8.72
C SER B 235 -1.42 54.42 10.26
N LYS B 236 -2.61 54.23 10.81
CA LYS B 236 -2.88 54.36 12.25
C LYS B 236 -2.15 53.26 13.03
N HIS B 237 -2.33 52.00 12.62
CA HIS B 237 -2.02 50.79 13.45
C HIS B 237 -0.69 50.14 13.06
N ILE B 238 -0.02 50.57 11.98
CA ILE B 238 1.29 49.99 11.56
C ILE B 238 2.30 51.11 11.25
N PHE B 239 2.03 51.99 10.29
CA PHE B 239 3.05 52.92 9.72
C PHE B 239 3.43 54.02 10.72
N GLN B 240 2.46 54.64 11.40
CA GLN B 240 2.75 55.72 12.38
C GLN B 240 3.50 55.13 13.56
N PRO B 241 2.98 54.08 14.24
CA PRO B 241 3.70 53.44 15.35
C PRO B 241 5.16 53.10 15.03
N LEU B 242 5.44 52.63 13.81
CA LEU B 242 6.77 52.09 13.44
C LEU B 242 7.65 53.18 12.82
N GLY B 243 7.12 54.37 12.55
CA GLY B 243 7.91 55.46 11.95
C GLY B 243 8.22 55.15 10.50
N MET B 244 7.16 54.85 9.73
CA MET B 244 7.19 54.55 8.28
C MET B 244 6.41 55.64 7.57
N PRO B 245 7.00 56.84 7.43
CA PRO B 245 6.29 57.98 6.83
C PRO B 245 6.24 57.92 5.30
N ASP B 246 7.01 57.03 4.69
CA ASP B 246 7.21 56.92 3.22
C ASP B 246 6.63 55.59 2.68
N THR B 247 5.49 55.15 3.22
CA THR B 247 4.77 53.93 2.79
C THR B 247 3.31 54.29 2.63
N PHE B 248 2.75 54.04 1.45
CA PHE B 248 1.39 54.51 1.06
C PHE B 248 0.95 53.82 -0.23
N PHE B 249 -0.36 53.73 -0.43
CA PHE B 249 -1.00 53.20 -1.66
C PHE B 249 -0.86 54.21 -2.80
N THR B 250 -0.87 55.52 -2.48
CA THR B 250 -0.77 56.63 -3.45
C THR B 250 0.44 57.50 -3.07
N VAL B 251 1.33 57.76 -4.02
CA VAL B 251 2.59 58.53 -3.77
C VAL B 251 2.22 60.02 -3.73
N PRO B 252 2.39 60.71 -2.59
CA PRO B 252 2.11 62.15 -2.52
C PRO B 252 2.92 62.90 -3.59
N ALA B 253 2.30 63.91 -4.20
CA ALA B 253 2.88 64.77 -5.25
C ALA B 253 4.30 65.22 -4.85
N GLU B 254 4.51 65.69 -3.61
CA GLU B 254 5.81 66.28 -3.18
C GLU B 254 6.90 65.20 -3.11
N LYS B 255 6.56 63.90 -3.10
CA LYS B 255 7.55 62.81 -2.96
C LYS B 255 7.77 62.07 -4.30
N LEU B 256 7.01 62.43 -5.33
CA LEU B 256 7.01 61.75 -6.65
C LEU B 256 8.38 61.87 -7.32
N SER B 257 9.23 62.83 -6.93
CA SER B 257 10.60 62.96 -7.47
C SER B 257 11.43 61.74 -7.03
N ARG B 258 11.13 61.17 -5.87
CA ARG B 258 11.92 60.05 -5.28
C ARG B 258 11.47 58.69 -5.84
N PHE B 259 10.34 58.66 -6.54
CA PHE B 259 9.69 57.41 -7.03
C PHE B 259 10.48 56.84 -8.20
N ALA B 260 10.91 55.59 -8.10
CA ALA B 260 11.68 54.88 -9.14
C ALA B 260 10.75 54.55 -10.30
N ALA B 261 11.33 54.44 -11.49
CA ALA B 261 10.67 53.81 -12.66
C ALA B 261 10.66 52.31 -12.43
N CYS B 262 9.63 51.65 -12.93
CA CYS B 262 9.52 50.18 -13.03
C CYS B 262 9.91 49.73 -14.43
N TYR B 263 10.69 48.66 -14.53
CA TYR B 263 11.17 48.05 -15.79
C TYR B 263 10.67 46.61 -15.88
N GLU B 264 10.47 46.11 -17.10
CA GLU B 264 10.10 44.70 -17.37
C GLU B 264 11.20 44.06 -18.21
N TYR B 265 11.31 42.73 -18.12
CA TYR B 265 12.35 41.93 -18.81
C TYR B 265 12.15 42.04 -20.33
N GLN B 266 13.25 42.15 -21.08
CA GLN B 266 13.32 42.01 -22.55
C GLN B 266 14.36 40.96 -22.90
N PRO B 267 14.12 40.13 -23.95
CA PRO B 267 15.06 39.09 -24.34
C PRO B 267 16.47 39.67 -24.55
N GLY B 268 17.49 38.81 -24.41
CA GLY B 268 18.91 39.19 -24.41
C GLY B 268 19.35 39.72 -23.06
N ASP B 269 18.60 39.41 -22.00
CA ASP B 269 18.86 39.83 -20.59
C ASP B 269 18.97 41.35 -20.55
N SER B 270 17.94 42.01 -21.02
CA SER B 270 17.80 43.48 -21.06
C SER B 270 16.45 43.85 -20.43
N PHE B 271 16.10 45.13 -20.40
CA PHE B 271 14.82 45.62 -19.84
C PHE B 271 14.32 46.85 -20.59
N SER B 272 13.01 47.10 -20.54
CA SER B 272 12.32 48.26 -21.14
C SER B 272 11.50 48.98 -20.04
N LEU B 273 11.16 50.25 -20.26
CA LEU B 273 10.28 51.06 -19.37
C LEU B 273 8.92 50.35 -19.29
N GLN B 274 8.39 50.17 -18.06
CA GLN B 274 7.09 49.52 -17.78
C GLN B 274 6.14 50.52 -17.13
N ASP B 275 6.64 51.36 -16.23
CA ASP B 275 5.86 52.41 -15.53
C ASP B 275 6.73 53.65 -15.38
N ASP B 276 6.31 54.74 -16.00
CA ASP B 276 6.94 56.08 -15.81
C ASP B 276 6.43 56.61 -14.46
N PRO B 277 7.34 56.99 -13.51
CA PRO B 277 6.92 57.51 -12.22
C PRO B 277 6.05 58.78 -12.31
N GLN B 278 6.34 59.64 -13.28
CA GLN B 278 5.42 60.75 -13.67
C GLN B 278 4.30 60.11 -14.50
N GLY B 279 3.04 60.38 -14.17
CA GLY B 279 1.88 59.72 -14.81
C GLY B 279 1.88 58.22 -14.55
N SER B 280 2.04 57.83 -13.29
CA SER B 280 1.91 56.42 -12.83
C SER B 280 0.57 56.29 -12.10
N ALA B 281 -0.16 55.19 -12.28
CA ALA B 281 -1.42 54.95 -11.54
C ALA B 281 -1.14 54.97 -10.03
N PHE B 282 0.08 54.72 -9.59
CA PHE B 282 0.50 54.76 -8.16
C PHE B 282 0.54 56.21 -7.64
N ALA B 283 0.55 57.19 -8.56
CA ALA B 283 0.55 58.63 -8.25
C ALA B 283 -0.89 59.16 -8.13
N LYS B 284 -1.88 58.46 -8.67
CA LYS B 284 -3.32 58.81 -8.58
C LYS B 284 -3.97 58.01 -7.45
N ALA B 285 -5.01 58.56 -6.84
CA ALA B 285 -5.90 57.85 -5.89
C ALA B 285 -7.14 57.38 -6.66
N HIS B 286 -6.99 56.41 -7.57
CA HIS B 286 -8.09 55.50 -8.01
C HIS B 286 -8.63 54.79 -6.76
N GLY B 287 -9.78 54.13 -6.83
CA GLY B 287 -10.48 53.67 -5.62
C GLY B 287 -10.09 52.27 -5.17
N TYR B 288 -8.93 51.74 -5.58
CA TYR B 288 -8.51 50.33 -5.34
C TYR B 288 -7.34 50.27 -4.34
N LEU B 289 -7.65 49.92 -3.11
CA LEU B 289 -6.65 49.64 -2.06
C LEU B 289 -6.33 48.15 -2.05
N SER B 290 -5.22 47.79 -2.72
CA SER B 290 -4.80 46.38 -2.96
C SER B 290 -4.01 45.85 -1.75
N GLY B 291 -4.68 45.16 -0.83
CA GLY B 291 -4.01 44.38 0.24
C GLY B 291 -2.93 43.43 -0.33
N GLY B 292 -3.04 43.08 -1.61
CA GLY B 292 -2.17 42.09 -2.28
C GLY B 292 -0.94 42.72 -2.92
N GLY B 293 -1.01 43.93 -3.50
CA GLY B 293 0.15 44.49 -4.25
C GLY B 293 0.23 46.00 -4.30
N GLY B 294 -0.57 46.72 -3.50
CA GLY B 294 -0.87 48.14 -3.71
C GLY B 294 0.26 49.08 -3.27
N LEU B 295 1.09 48.66 -2.31
CA LEU B 295 1.94 49.59 -1.54
C LEU B 295 3.19 50.01 -2.32
N VAL B 296 3.57 51.25 -2.10
CA VAL B 296 4.91 51.84 -2.40
C VAL B 296 5.55 52.13 -1.06
N SER B 297 6.86 51.87 -0.96
CA SER B 297 7.66 52.00 0.28
C SER B 297 9.10 52.28 -0.11
N CYS B 298 9.97 52.49 0.86
CA CYS B 298 11.42 52.64 0.68
C CYS B 298 12.11 51.58 1.53
N VAL B 299 13.42 51.43 1.38
CA VAL B 299 14.17 50.36 2.10
C VAL B 299 14.05 50.62 3.60
N ASP B 300 14.17 51.88 4.04
CA ASP B 300 14.19 52.23 5.50
C ASP B 300 12.87 51.83 6.14
N ASP B 301 11.74 52.18 5.52
CA ASP B 301 10.39 51.86 6.04
C ASP B 301 10.23 50.33 6.15
N TYR B 302 10.58 49.58 5.11
CA TYR B 302 10.36 48.12 5.09
C TYR B 302 11.31 47.47 6.11
N TYR B 303 12.51 48.02 6.28
CA TYR B 303 13.47 47.59 7.32
C TYR B 303 12.81 47.69 8.70
N ARG B 304 12.14 48.80 8.97
CA ARG B 304 11.51 49.05 10.30
C ARG B 304 10.43 47.99 10.51
N PHE B 305 9.62 47.73 9.49
CA PHE B 305 8.58 46.66 9.52
C PHE B 305 9.25 45.29 9.76
N ALA B 306 10.30 44.97 9.01
CA ALA B 306 11.03 43.69 9.13
C ALA B 306 11.63 43.56 10.52
N GLN B 307 12.34 44.60 10.96
CA GLN B 307 13.07 44.62 12.27
C GLN B 307 12.06 44.45 13.41
N ALA B 308 10.88 45.06 13.29
CA ALA B 308 9.78 44.92 14.26
C ALA B 308 9.43 43.43 14.39
N LEU B 309 9.26 42.74 13.26
CA LEU B 309 8.94 41.29 13.22
C LEU B 309 10.10 40.49 13.83
N ALA B 310 11.34 40.82 13.45
CA ALA B 310 12.56 40.15 13.96
C ALA B 310 12.63 40.31 15.48
N ASN B 311 12.05 41.37 16.05
CA ASN B 311 12.09 41.65 17.51
C ASN B 311 10.87 41.04 18.20
N GLY B 312 10.00 40.31 17.50
CA GLY B 312 8.80 39.72 18.08
C GLY B 312 7.62 40.70 18.12
N GLY B 313 7.63 41.71 17.26
CA GLY B 313 6.46 42.57 16.98
C GLY B 313 6.59 43.99 17.52
N GLU B 314 7.73 44.31 18.15
CA GLU B 314 7.97 45.58 18.89
C GLU B 314 9.20 46.24 18.26
N LEU B 315 9.16 47.55 18.04
CA LEU B 315 10.35 48.35 17.66
C LEU B 315 10.31 49.71 18.35
N ASP B 316 11.39 50.04 19.07
CA ASP B 316 11.56 51.35 19.75
C ASP B 316 10.28 51.65 20.55
N GLY B 317 9.76 50.67 21.30
CA GLY B 317 8.63 50.83 22.22
C GLY B 317 7.27 50.87 21.55
N ALA B 318 7.18 50.75 20.22
CA ALA B 318 5.90 50.53 19.49
C ALA B 318 5.71 49.04 19.22
N ARG B 319 4.51 48.52 19.47
CA ARG B 319 4.17 47.10 19.18
C ARG B 319 3.06 47.05 18.13
N ILE B 320 3.25 46.32 17.03
CA ILE B 320 2.23 46.14 15.96
C ILE B 320 1.55 44.77 16.06
N ILE B 321 2.16 43.82 16.78
CA ILE B 321 1.61 42.43 16.92
C ILE B 321 2.25 41.79 18.16
N GLY B 322 1.49 40.96 18.87
CA GLY B 322 1.97 40.11 19.98
C GLY B 322 3.06 39.16 19.51
N ARG B 323 4.06 38.93 20.36
CA ARG B 323 5.21 38.04 20.08
C ARG B 323 4.69 36.66 19.69
N LYS B 324 3.67 36.17 20.40
CA LYS B 324 3.14 34.81 20.27
C LYS B 324 2.32 34.73 18.97
N THR B 325 1.47 35.73 18.74
CA THR B 325 0.63 35.82 17.53
C THR B 325 1.55 35.74 16.30
N LEU B 326 2.70 36.43 16.33
CA LEU B 326 3.65 36.43 15.19
C LEU B 326 4.28 35.04 15.03
N GLU B 327 4.63 34.40 16.14
CA GLU B 327 5.29 33.06 16.15
C GLU B 327 4.31 32.07 15.47
N PHE B 328 3.01 32.29 15.65
CA PHE B 328 1.90 31.51 15.05
C PHE B 328 1.85 31.72 13.54
N MET B 329 2.04 32.96 13.08
CA MET B 329 1.99 33.34 11.65
C MET B 329 3.21 32.75 10.91
N ARG B 330 4.33 32.53 11.60
CA ARG B 330 5.61 32.06 10.99
C ARG B 330 5.66 30.53 10.93
N MET B 331 4.71 29.86 11.58
CA MET B 331 4.60 28.38 11.49
C MET B 331 4.17 28.03 10.07
N ASN B 332 4.54 26.84 9.61
CA ASN B 332 3.99 26.21 8.39
C ASN B 332 2.52 25.85 8.68
N HIS B 333 1.58 26.41 7.91
CA HIS B 333 0.11 26.19 8.06
C HIS B 333 -0.38 25.27 6.94
N LEU B 334 0.52 24.63 6.23
CA LEU B 334 0.13 23.66 5.19
C LEU B 334 -0.12 22.32 5.85
N PRO B 335 -1.03 21.52 5.28
CA PRO B 335 -1.41 20.23 5.85
C PRO B 335 -0.15 19.36 6.03
N ASP B 336 -0.03 18.68 7.16
CA ASP B 336 0.97 17.59 7.40
C ASP B 336 2.39 18.14 7.20
N ASN B 337 2.65 19.36 7.66
CA ASN B 337 3.95 20.07 7.51
C ASN B 337 4.54 19.81 6.10
N LYS B 338 3.70 19.88 5.07
CA LYS B 338 4.13 19.74 3.65
C LYS B 338 4.73 21.06 3.17
N GLY B 339 5.57 20.98 2.13
CA GLY B 339 6.11 22.13 1.41
C GLY B 339 5.14 22.61 0.34
N LEU B 340 5.38 23.80 -0.20
CA LEU B 340 4.51 24.39 -1.25
C LEU B 340 4.36 23.41 -2.42
N PRO B 341 5.43 22.79 -2.97
CA PRO B 341 5.27 21.88 -4.11
C PRO B 341 4.41 20.65 -3.87
N ASP B 342 4.23 20.27 -2.61
CA ASP B 342 3.36 19.12 -2.25
C ASP B 342 1.88 19.51 -2.40
N VAL B 343 1.53 20.79 -2.50
CA VAL B 343 0.09 21.22 -2.49
C VAL B 343 -0.19 22.30 -3.54
N ALA B 344 0.84 22.98 -4.05
CA ALA B 344 0.66 24.10 -4.98
C ALA B 344 0.26 23.54 -6.34
N ILE B 345 -0.65 24.20 -7.04
CA ILE B 345 -1.07 23.83 -8.42
C ILE B 345 -0.31 24.71 -9.44
N GLY B 346 0.33 25.80 -8.98
CA GLY B 346 0.86 26.91 -9.80
C GLY B 346 2.32 26.73 -10.18
N SER B 347 3.05 27.84 -10.37
CA SER B 347 4.51 27.87 -10.67
C SER B 347 5.32 27.84 -9.36
N PHE B 348 4.60 27.83 -8.22
CA PHE B 348 5.11 27.61 -6.85
C PHE B 348 5.25 26.11 -6.59
N SER B 349 4.92 25.27 -7.59
CA SER B 349 5.16 23.80 -7.66
C SER B 349 6.67 23.53 -7.84
N GLU B 350 7.39 24.49 -8.44
CA GLU B 350 8.70 24.27 -9.11
C GLU B 350 9.80 24.18 -8.05
N THR B 351 10.99 23.76 -8.48
CA THR B 351 12.15 23.35 -7.62
C THR B 351 12.57 24.45 -6.65
N PRO B 352 12.55 25.76 -7.00
CA PRO B 352 12.97 26.80 -6.06
C PRO B 352 12.21 26.83 -4.72
N TYR B 353 10.98 26.30 -4.66
CA TYR B 353 10.12 26.36 -3.46
C TYR B 353 10.16 25.02 -2.69
N ASP B 354 11.02 24.08 -3.12
CA ASP B 354 11.29 22.81 -2.39
C ASP B 354 11.81 23.16 -1.00
N GLY B 355 11.31 22.45 0.01
CA GLY B 355 11.69 22.63 1.42
C GLY B 355 11.20 23.97 1.99
N THR B 356 10.24 24.62 1.34
CA THR B 356 9.61 25.87 1.84
C THR B 356 8.11 25.63 2.01
N GLY B 357 7.57 25.99 3.18
CA GLY B 357 6.14 25.94 3.50
C GLY B 357 5.54 27.34 3.45
N PHE B 358 4.43 27.54 4.13
CA PHE B 358 3.69 28.82 4.09
C PHE B 358 2.83 28.94 5.35
N GLY B 359 2.95 30.08 6.02
CA GLY B 359 2.16 30.44 7.21
C GLY B 359 1.09 31.46 6.86
N LEU B 360 0.80 32.37 7.79
CA LEU B 360 -0.26 33.38 7.59
C LEU B 360 0.40 34.61 6.95
N GLY B 361 0.82 34.49 5.69
CA GLY B 361 1.31 35.63 4.90
C GLY B 361 2.82 35.63 4.70
N PHE B 362 3.52 34.65 5.25
CA PHE B 362 4.98 34.42 5.00
C PHE B 362 5.22 33.01 4.49
N SER B 363 6.25 32.86 3.65
CA SER B 363 6.91 31.57 3.37
C SER B 363 7.77 31.21 4.58
N VAL B 364 8.05 29.92 4.76
CA VAL B 364 8.78 29.38 5.93
C VAL B 364 9.73 28.30 5.42
N LYS B 365 11.03 28.42 5.66
CA LYS B 365 11.98 27.37 5.24
C LYS B 365 11.83 26.17 6.19
N LEU B 366 11.58 24.99 5.64
CA LEU B 366 11.38 23.72 6.38
C LEU B 366 12.68 22.90 6.39
N ASP B 367 13.30 22.72 5.22
CA ASP B 367 14.47 21.83 4.99
C ASP B 367 15.51 22.58 4.15
N VAL B 368 16.63 22.96 4.78
CA VAL B 368 17.65 23.83 4.14
C VAL B 368 18.25 23.09 2.94
N ALA B 369 18.74 21.86 3.16
CA ALA B 369 19.39 21.05 2.11
C ALA B 369 18.46 20.89 0.91
N LYS B 370 17.16 20.65 1.15
CA LYS B 370 16.16 20.38 0.09
C LYS B 370 15.99 21.63 -0.77
N SER B 371 16.07 22.82 -0.17
CA SER B 371 15.91 24.12 -0.85
C SER B 371 17.13 24.43 -1.73
N GLN B 372 18.24 23.71 -1.55
CA GLN B 372 19.49 23.90 -2.33
C GLN B 372 20.06 25.31 -2.12
N THR B 373 19.54 26.07 -1.16
CA THR B 373 20.01 27.43 -0.80
C THR B 373 20.40 27.48 0.68
N VAL B 374 21.59 27.98 0.98
CA VAL B 374 22.05 28.26 2.37
C VAL B 374 21.04 29.17 3.07
N GLY B 375 20.89 28.98 4.36
CA GLY B 375 19.84 29.59 5.18
C GLY B 375 19.55 28.75 6.40
N SER B 376 18.51 29.10 7.15
CA SER B 376 18.16 28.41 8.42
C SER B 376 16.71 27.93 8.33
N VAL B 377 16.40 26.85 9.02
CA VAL B 377 14.99 26.42 9.24
C VAL B 377 14.29 27.59 9.94
N GLY B 378 13.11 27.97 9.47
CA GLY B 378 12.30 29.06 10.04
C GLY B 378 12.42 30.35 9.27
N GLU B 379 13.45 30.50 8.43
CA GLU B 379 13.65 31.68 7.54
C GLU B 379 12.28 32.02 6.93
N TYR B 380 11.77 33.21 7.18
CA TYR B 380 10.44 33.64 6.69
C TYR B 380 10.53 34.97 5.94
N GLY B 381 9.55 35.23 5.08
CA GLY B 381 9.49 36.45 4.27
C GLY B 381 8.62 36.25 3.05
N TRP B 382 8.76 37.16 2.09
CA TRP B 382 8.03 37.12 0.80
C TRP B 382 8.68 38.12 -0.16
N GLY B 383 8.16 38.21 -1.37
CA GLY B 383 8.72 39.08 -2.42
C GLY B 383 7.60 39.77 -3.16
N GLY B 384 7.98 40.67 -4.06
CA GLY B 384 7.04 41.35 -4.97
C GLY B 384 7.37 41.00 -6.40
N MET B 385 6.38 41.07 -7.28
CA MET B 385 6.50 40.63 -8.70
C MET B 385 7.55 41.51 -9.41
N ALA B 386 7.98 42.64 -8.82
CA ALA B 386 8.98 43.54 -9.43
C ALA B 386 10.39 43.21 -8.92
N SER B 387 10.59 42.05 -8.28
CA SER B 387 11.91 41.47 -7.88
C SER B 387 12.40 42.02 -6.54
N THR B 388 11.57 42.82 -5.87
CA THR B 388 11.65 43.17 -4.43
C THR B 388 11.61 41.86 -3.62
N ASN B 389 12.39 41.80 -2.54
CA ASN B 389 12.50 40.60 -1.67
C ASN B 389 12.90 41.01 -0.26
N PHE B 390 12.42 40.28 0.76
CA PHE B 390 12.91 40.39 2.15
C PHE B 390 12.83 39.03 2.83
N PHE B 391 13.68 38.82 3.82
CA PHE B 391 13.68 37.60 4.67
C PHE B 391 14.17 37.95 6.07
N ILE B 392 13.75 37.15 7.03
CA ILE B 392 14.11 37.20 8.47
C ILE B 392 14.49 35.78 8.88
N ASP B 393 15.76 35.55 9.16
CA ASP B 393 16.33 34.26 9.61
C ASP B 393 16.28 34.29 11.13
N PRO B 394 15.25 33.70 11.79
CA PRO B 394 15.08 33.89 13.22
C PRO B 394 16.12 33.11 14.03
N GLU B 395 16.77 32.11 13.43
CA GLU B 395 17.85 31.33 14.08
C GLU B 395 19.11 32.19 14.19
N GLU B 396 19.37 33.09 13.23
CA GLU B 396 20.61 33.92 13.18
C GLU B 396 20.34 35.39 13.55
N ASP B 397 19.08 35.77 13.86
CA ASP B 397 18.64 37.18 14.13
C ASP B 397 19.11 38.09 13.00
N LEU B 398 18.97 37.62 11.78
CA LEU B 398 19.55 38.23 10.56
C LEU B 398 18.40 38.56 9.62
N LEU B 399 18.46 39.68 8.90
CA LEU B 399 17.40 39.98 7.91
C LEU B 399 17.99 40.79 6.76
N MET B 400 17.32 40.73 5.61
CA MET B 400 17.70 41.44 4.37
C MET B 400 16.45 42.12 3.82
N VAL B 401 16.61 43.34 3.29
CA VAL B 401 15.61 43.99 2.40
C VAL B 401 16.31 44.33 1.09
N PHE B 402 15.76 43.85 -0.02
CA PHE B 402 16.28 44.05 -1.39
C PHE B 402 15.19 44.71 -2.23
N MET B 403 15.53 45.88 -2.79
CA MET B 403 14.64 46.68 -3.67
C MET B 403 15.30 46.76 -5.06
N THR B 404 14.50 46.53 -6.09
CA THR B 404 14.82 46.79 -7.51
C THR B 404 13.45 46.87 -8.22
N GLN B 405 13.40 47.23 -9.49
CA GLN B 405 12.10 47.27 -10.20
C GLN B 405 12.26 46.60 -11.56
N LEU B 406 12.18 45.26 -11.56
CA LEU B 406 12.25 44.39 -12.75
C LEU B 406 11.13 43.34 -12.66
N ILE B 407 10.11 43.48 -13.51
CA ILE B 407 9.01 42.48 -13.63
C ILE B 407 9.40 41.48 -14.72
N PRO B 408 9.18 40.15 -14.54
CA PRO B 408 8.75 39.54 -13.27
C PRO B 408 9.87 39.03 -12.35
N SER B 409 9.57 38.83 -11.06
CA SER B 409 10.51 38.37 -9.99
C SER B 409 11.12 37.00 -10.37
N SER B 410 10.39 36.19 -11.14
CA SER B 410 10.84 34.86 -11.61
C SER B 410 12.08 34.99 -12.53
N THR B 411 12.36 36.16 -13.10
CA THR B 411 13.38 36.32 -14.16
C THR B 411 14.76 35.86 -13.68
N TYR B 412 15.28 36.45 -12.60
CA TYR B 412 16.66 36.19 -12.11
C TYR B 412 16.62 35.62 -10.69
N ALA B 413 17.64 34.84 -10.36
CA ALA B 413 17.80 34.17 -9.04
C ALA B 413 18.61 35.06 -8.08
N VAL B 414 18.44 36.39 -8.17
CA VAL B 414 19.31 37.35 -7.42
C VAL B 414 19.08 37.17 -5.91
N ARG B 415 17.83 36.98 -5.47
CA ARG B 415 17.49 36.80 -4.04
C ARG B 415 18.27 35.61 -3.45
N GLN B 416 18.64 34.62 -4.26
CA GLN B 416 19.34 33.38 -3.82
C GLN B 416 20.84 33.68 -3.72
N GLU B 417 21.39 34.40 -4.70
CA GLU B 417 22.81 34.83 -4.72
C GLU B 417 23.07 35.69 -3.48
N LEU B 418 22.18 36.64 -3.18
CA LEU B 418 22.30 37.52 -1.99
C LEU B 418 22.34 36.66 -0.73
N ARG B 419 21.48 35.67 -0.62
CA ARG B 419 21.44 34.73 0.54
C ARG B 419 22.79 34.04 0.69
N ALA B 420 23.37 33.59 -0.42
CA ALA B 420 24.64 32.85 -0.47
C ALA B 420 25.74 33.69 0.19
N ILE B 421 25.79 34.97 -0.21
CA ILE B 421 26.83 35.98 0.14
C ILE B 421 26.70 36.37 1.61
N ILE B 422 25.47 36.72 1.97
CA ILE B 422 25.05 37.18 3.32
C ILE B 422 25.33 36.08 4.35
N ASN B 423 24.80 34.87 4.15
CA ASN B 423 25.05 33.72 5.05
C ASN B 423 26.58 33.45 5.01
N GLY B 424 27.22 33.75 3.89
CA GLY B 424 28.68 33.62 3.72
C GLY B 424 29.44 34.51 4.67
N ALA B 425 28.86 35.65 5.06
CA ALA B 425 29.52 36.73 5.84
C ALA B 425 29.36 36.50 7.34
N LEU B 426 28.64 35.46 7.76
CA LEU B 426 28.58 35.05 9.19
C LEU B 426 29.92 34.44 9.57
N VAL B 427 30.54 34.94 10.65
CA VAL B 427 31.93 34.57 11.08
C VAL B 427 32.03 34.34 12.60
N ASP B 428 30.94 34.05 13.31
CA ASP B 428 31.01 33.59 14.73
C ASP B 428 30.75 32.09 14.77
N SER C 27 9.01 16.74 56.17
CA SER C 27 9.39 16.40 54.76
C SER C 27 10.88 16.66 54.56
N ASN C 28 11.73 15.64 54.81
CA ASN C 28 13.13 15.57 54.36
C ASN C 28 13.20 15.35 52.85
N ILE C 29 13.99 16.19 52.20
CA ILE C 29 14.30 16.13 50.74
C ILE C 29 15.82 15.99 50.56
N ILE C 30 16.25 14.91 49.92
CA ILE C 30 17.68 14.75 49.48
C ILE C 30 17.66 14.63 47.95
N ALA C 31 18.50 15.41 47.27
CA ALA C 31 18.68 15.35 45.81
C ALA C 31 17.31 15.43 45.12
N GLY C 32 16.44 16.33 45.57
CA GLY C 32 15.15 16.60 44.90
C GLY C 32 14.15 15.46 45.03
N MET C 33 14.37 14.56 46.01
CA MET C 33 13.52 13.39 46.29
C MET C 33 12.93 13.52 47.70
N ASP C 34 11.60 13.48 47.84
CA ASP C 34 10.92 13.47 49.17
C ASP C 34 11.09 12.07 49.77
N LEU C 35 11.85 11.94 50.86
CA LEU C 35 12.13 10.64 51.54
C LEU C 35 10.84 10.09 52.17
N ASN C 36 9.90 10.95 52.54
CA ASN C 36 8.60 10.55 53.11
C ASN C 36 7.81 9.79 52.03
N ARG C 37 7.89 10.28 50.78
CA ARG C 37 7.24 9.62 49.62
C ARG C 37 7.95 8.30 49.33
N LEU C 38 9.28 8.26 49.41
CA LEU C 38 10.06 7.01 49.19
C LEU C 38 9.70 5.95 50.23
N ASP C 39 9.18 6.35 51.40
CA ASP C 39 8.85 5.39 52.49
C ASP C 39 7.69 4.49 52.04
N ARG C 40 6.95 4.90 51.01
CA ARG C 40 5.81 4.13 50.44
C ARG C 40 6.33 2.81 49.84
N ILE C 41 7.61 2.76 49.47
CA ILE C 41 8.26 1.51 48.95
C ILE C 41 8.08 0.40 49.98
N ALA C 42 8.59 0.59 51.20
CA ALA C 42 8.51 -0.40 52.31
C ALA C 42 7.04 -0.68 52.62
N GLU C 43 6.21 0.37 52.72
CA GLU C 43 4.76 0.24 53.02
C GLU C 43 4.13 -0.66 51.96
N HIS C 44 4.50 -0.45 50.70
CA HIS C 44 3.94 -1.19 49.54
C HIS C 44 4.40 -2.65 49.53
N LEU C 45 5.70 -2.90 49.62
CA LEU C 45 6.26 -4.29 49.62
C LEU C 45 5.68 -5.09 50.79
N ASP C 46 5.54 -4.46 51.98
CA ASP C 46 4.88 -5.08 53.16
C ASP C 46 3.44 -5.45 52.79
N ARG C 47 2.61 -4.46 52.43
CA ARG C 47 1.13 -4.59 52.25
C ARG C 47 0.82 -5.60 51.11
N ALA C 48 1.58 -5.57 50.03
CA ALA C 48 1.23 -6.21 48.74
C ALA C 48 1.94 -7.56 48.54
N TYR C 49 3.10 -7.78 49.14
CA TYR C 49 3.97 -8.95 48.84
C TYR C 49 4.39 -9.71 50.10
N LEU C 50 4.91 -9.05 51.14
CA LEU C 50 5.53 -9.70 52.32
C LEU C 50 4.45 -10.24 53.28
N HIS C 51 3.57 -9.37 53.80
CA HIS C 51 2.48 -9.71 54.75
C HIS C 51 1.59 -10.79 54.15
N PRO C 52 1.20 -10.72 52.85
CA PRO C 52 0.44 -11.80 52.22
C PRO C 52 1.25 -13.02 51.72
N GLY C 53 2.56 -13.06 51.95
CA GLY C 53 3.41 -14.25 51.70
C GLY C 53 3.60 -14.59 50.23
N LYS C 54 3.77 -13.59 49.37
CA LYS C 54 4.03 -13.73 47.90
C LYS C 54 5.54 -13.70 47.62
N LEU C 55 6.27 -12.90 48.40
CA LEU C 55 7.75 -12.83 48.46
C LEU C 55 8.23 -13.12 49.89
N ALA C 56 9.43 -13.70 50.01
CA ALA C 56 10.10 -13.96 51.31
C ALA C 56 10.70 -12.67 51.89
N GLY C 57 11.38 -11.89 51.05
CA GLY C 57 12.11 -10.70 51.51
C GLY C 57 12.64 -9.88 50.34
N THR C 58 12.88 -8.60 50.59
CA THR C 58 13.31 -7.60 49.58
C THR C 58 14.46 -6.78 50.15
N MET C 59 15.37 -6.38 49.27
CA MET C 59 16.39 -5.34 49.51
C MET C 59 16.22 -4.31 48.40
N THR C 60 15.96 -3.05 48.75
CA THR C 60 15.58 -1.99 47.79
C THR C 60 16.50 -0.78 48.01
N LEU C 61 17.26 -0.38 46.99
CA LEU C 61 18.14 0.82 47.04
C LEU C 61 17.74 1.79 45.93
N VAL C 62 17.70 3.07 46.27
CA VAL C 62 17.43 4.19 45.31
C VAL C 62 18.52 5.24 45.52
N ALA C 63 19.05 5.77 44.42
CA ALA C 63 20.10 6.81 44.43
C ALA C 63 19.74 7.85 43.38
N ARG C 64 20.19 9.08 43.59
CA ARG C 64 19.99 10.18 42.62
C ARG C 64 21.12 11.19 42.80
N ARG C 65 21.71 11.66 41.69
CA ARG C 65 22.81 12.64 41.70
C ARG C 65 23.91 12.13 42.64
N GLY C 66 24.25 10.85 42.53
CA GLY C 66 25.38 10.25 43.26
C GLY C 66 25.05 9.93 44.71
N GLU C 67 23.88 10.31 45.24
CA GLU C 67 23.49 10.16 46.67
C GLU C 67 22.45 9.04 46.84
N VAL C 68 22.77 8.02 47.64
CA VAL C 68 21.79 6.96 48.06
C VAL C 68 20.74 7.61 48.97
N VAL C 69 19.47 7.57 48.58
CA VAL C 69 18.35 8.26 49.29
C VAL C 69 17.39 7.24 49.89
N TYR C 70 17.55 5.96 49.57
CA TYR C 70 16.70 4.87 50.10
C TYR C 70 17.48 3.57 50.10
N CYS C 71 17.43 2.87 51.23
CA CYS C 71 18.07 1.55 51.43
C CYS C 71 17.25 0.83 52.51
N GLN C 72 16.63 -0.30 52.16
CA GLN C 72 15.63 -0.97 53.04
C GLN C 72 15.59 -2.47 52.75
N ALA C 73 16.16 -3.24 53.66
CA ALA C 73 15.93 -4.69 53.82
C ALA C 73 14.56 -4.87 54.48
N GLN C 74 13.85 -5.94 54.11
CA GLN C 74 12.50 -6.27 54.63
C GLN C 74 12.31 -7.79 54.54
N GLY C 75 11.60 -8.36 55.51
CA GLY C 75 11.32 -9.80 55.57
C GLY C 75 12.59 -10.64 55.64
N LEU C 76 12.52 -11.86 55.10
CA LEU C 76 13.48 -12.95 55.40
C LEU C 76 14.24 -13.32 54.13
N ARG C 77 15.54 -13.59 54.26
CA ARG C 77 16.40 -14.11 53.17
C ARG C 77 16.25 -15.63 53.10
N ASP C 78 15.93 -16.24 54.25
CA ASP C 78 15.76 -17.71 54.46
C ASP C 78 14.56 -17.92 55.37
N VAL C 79 13.42 -18.36 54.82
CA VAL C 79 12.17 -18.58 55.61
C VAL C 79 12.41 -19.74 56.56
N GLU C 80 12.93 -20.85 56.04
CA GLU C 80 13.11 -22.15 56.76
C GLU C 80 13.95 -21.91 58.02
N ARG C 81 15.00 -21.10 57.93
CA ARG C 81 15.96 -20.81 59.03
C ARG C 81 15.63 -19.46 59.69
N GLN C 82 14.51 -18.84 59.32
CA GLN C 82 13.96 -17.66 60.01
C GLN C 82 15.03 -16.54 60.06
N LEU C 83 15.88 -16.41 59.03
CA LEU C 83 16.97 -15.39 58.94
C LEU C 83 16.49 -14.18 58.16
N PRO C 84 16.68 -12.93 58.67
CA PRO C 84 16.20 -11.74 57.98
C PRO C 84 17.08 -11.32 56.79
N VAL C 85 16.52 -10.53 55.89
CA VAL C 85 17.30 -9.83 54.84
C VAL C 85 18.07 -8.72 55.54
N GLU C 86 19.39 -8.65 55.34
CA GLU C 86 20.25 -7.52 55.77
C GLU C 86 20.84 -6.86 54.51
N ARG C 87 21.36 -5.64 54.64
CA ARG C 87 21.97 -4.87 53.53
C ARG C 87 23.04 -5.74 52.82
N ASP C 88 23.78 -6.53 53.60
CA ASP C 88 24.93 -7.33 53.12
C ASP C 88 24.47 -8.69 52.60
N THR C 89 23.16 -8.95 52.52
CA THR C 89 22.61 -10.22 52.00
C THR C 89 22.99 -10.38 50.52
N LEU C 90 23.43 -11.59 50.17
CA LEU C 90 23.85 -12.00 48.80
C LEU C 90 22.63 -12.62 48.09
N PHE C 91 22.48 -12.30 46.80
CA PHE C 91 21.34 -12.71 45.95
C PHE C 91 21.85 -13.28 44.62
N ARG C 92 21.10 -14.25 44.07
CA ARG C 92 21.26 -14.70 42.66
C ARG C 92 20.69 -13.58 41.78
N ILE C 93 21.58 -12.80 41.14
CA ILE C 93 21.13 -11.67 40.28
C ILE C 93 20.79 -12.21 38.89
N TYR C 94 21.14 -13.47 38.61
CA TYR C 94 20.82 -14.16 37.34
C TYR C 94 21.13 -13.20 36.18
N SER C 95 20.15 -12.92 35.32
CA SER C 95 20.42 -12.19 34.09
C SER C 95 20.91 -10.72 34.23
N MET C 96 20.99 -10.20 35.46
CA MET C 96 21.65 -8.89 35.69
C MET C 96 23.17 -9.04 35.56
N THR C 97 23.65 -10.25 35.35
CA THR C 97 25.03 -10.56 34.88
C THR C 97 25.26 -9.96 33.48
N LYS C 98 24.22 -9.91 32.65
CA LYS C 98 24.34 -9.65 31.18
C LYS C 98 24.96 -8.27 30.94
N PRO C 99 24.52 -7.22 31.66
CA PRO C 99 25.15 -5.90 31.54
C PRO C 99 26.64 -5.92 31.92
N ILE C 100 27.02 -6.71 32.92
CA ILE C 100 28.44 -6.82 33.35
C ILE C 100 29.25 -7.47 32.21
N THR C 101 28.75 -8.56 31.63
CA THR C 101 29.41 -9.29 30.53
C THR C 101 29.51 -8.36 29.32
N SER C 102 28.45 -7.58 29.08
CA SER C 102 28.37 -6.60 27.97
C SER C 102 29.50 -5.57 28.12
N ILE C 103 29.68 -5.03 29.32
CA ILE C 103 30.72 -4.02 29.64
C ILE C 103 32.10 -4.65 29.43
N ALA C 104 32.31 -5.85 29.98
CA ALA C 104 33.57 -6.60 29.83
C ALA C 104 33.94 -6.63 28.34
N LEU C 105 33.02 -7.06 27.48
CA LEU C 105 33.34 -7.23 26.04
C LEU C 105 33.61 -5.86 25.42
N MET C 106 32.83 -4.85 25.78
CA MET C 106 32.95 -3.49 25.20
C MET C 106 34.25 -2.83 25.67
N GLN C 107 34.80 -3.24 26.83
CA GLN C 107 36.15 -2.80 27.27
C GLN C 107 37.17 -3.17 26.19
N LEU C 108 36.98 -4.35 25.59
CA LEU C 108 37.89 -4.89 24.55
C LEU C 108 37.60 -4.21 23.21
N TYR C 109 36.36 -3.80 22.94
CA TYR C 109 36.02 -2.98 21.73
C TYR C 109 36.88 -1.72 21.71
N GLU C 110 37.06 -1.12 22.89
CA GLU C 110 37.79 0.14 23.17
C GLU C 110 39.30 -0.02 23.01
N GLN C 111 39.80 -1.26 23.02
CA GLN C 111 41.23 -1.61 22.76
C GLN C 111 41.39 -2.08 21.31
N GLY C 112 40.32 -2.04 20.51
CA GLY C 112 40.34 -2.33 19.05
C GLY C 112 40.46 -3.81 18.76
N ARG C 113 40.06 -4.65 19.72
CA ARG C 113 40.27 -6.12 19.70
C ARG C 113 39.27 -6.77 18.74
N PHE C 114 38.17 -6.09 18.44
CA PHE C 114 37.16 -6.48 17.44
C PHE C 114 36.28 -5.27 17.07
N LEU C 115 35.43 -5.51 16.07
CA LEU C 115 34.39 -4.55 15.58
C LEU C 115 33.04 -5.24 15.65
N LEU C 116 31.98 -4.48 15.89
CA LEU C 116 30.63 -5.05 16.12
C LEU C 116 30.10 -5.72 14.85
N ASP C 117 30.44 -5.22 13.67
CA ASP C 117 29.88 -5.71 12.38
C ASP C 117 30.73 -6.89 11.85
N GLU C 118 31.75 -7.33 12.60
CA GLU C 118 32.55 -8.53 12.23
C GLU C 118 31.71 -9.79 12.41
N PRO C 119 31.81 -10.78 11.50
CA PRO C 119 31.24 -12.11 11.74
C PRO C 119 31.81 -12.74 13.01
N VAL C 120 30.94 -13.38 13.80
CA VAL C 120 31.35 -14.18 14.99
C VAL C 120 32.33 -15.27 14.54
N HIS C 121 32.16 -15.83 13.34
CA HIS C 121 32.94 -17.01 12.89
C HIS C 121 34.41 -16.61 12.63
N LYS C 122 34.69 -15.30 12.58
CA LYS C 122 36.09 -14.78 12.61
C LYS C 122 36.78 -15.25 13.89
N TYR C 123 36.09 -15.22 15.03
CA TYR C 123 36.65 -15.57 16.37
C TYR C 123 36.28 -17.01 16.75
N ILE C 124 35.25 -17.57 16.12
CA ILE C 124 34.75 -18.95 16.39
C ILE C 124 34.59 -19.68 15.05
N PRO C 125 35.70 -20.13 14.43
CA PRO C 125 35.68 -20.56 13.04
C PRO C 125 34.68 -21.71 12.76
N THR C 126 34.41 -22.54 13.78
CA THR C 126 33.51 -23.72 13.66
C THR C 126 32.07 -23.28 13.45
N TRP C 127 31.76 -21.98 13.59
CA TRP C 127 30.41 -21.40 13.42
C TRP C 127 30.22 -20.84 12.01
N LYS C 128 31.19 -21.00 11.10
CA LYS C 128 31.12 -20.39 9.75
C LYS C 128 29.82 -20.85 9.06
N ASN C 129 29.42 -22.11 9.21
CA ASN C 129 28.33 -22.73 8.41
C ASN C 129 27.08 -22.95 9.26
N LEU C 130 26.84 -22.10 10.28
CA LEU C 130 25.57 -22.17 11.05
C LEU C 130 24.42 -21.96 10.06
N ARG C 131 23.31 -22.66 10.27
CA ARG C 131 22.14 -22.59 9.35
C ARG C 131 20.86 -22.33 10.16
N VAL C 132 19.78 -21.99 9.47
CA VAL C 132 18.49 -21.57 10.11
C VAL C 132 17.54 -22.76 10.11
N TYR C 133 16.88 -23.01 11.25
CA TYR C 133 15.91 -24.11 11.43
C TYR C 133 14.80 -24.01 10.39
N LYS C 134 14.54 -25.09 9.63
CA LYS C 134 13.34 -25.19 8.75
C LYS C 134 12.30 -26.10 9.40
N THR C 135 12.68 -27.30 9.83
CA THR C 135 11.75 -28.32 10.39
C THR C 135 12.54 -29.52 10.89
N GLY C 136 11.88 -30.43 11.62
CA GLY C 136 12.50 -31.67 12.14
C GLY C 136 12.72 -31.57 13.63
N SER C 137 13.07 -32.70 14.28
CA SER C 137 13.41 -32.79 15.72
C SER C 137 14.89 -33.17 15.86
N HIS C 138 15.55 -32.65 16.89
CA HIS C 138 16.93 -33.07 17.23
C HIS C 138 16.95 -34.60 17.27
N PRO C 139 17.95 -35.30 16.68
CA PRO C 139 19.07 -34.71 15.95
C PRO C 139 18.94 -34.55 14.43
N GLN C 140 17.76 -34.79 13.83
CA GLN C 140 17.57 -34.69 12.37
C GLN C 140 16.75 -33.44 12.02
N MET C 141 17.34 -32.27 12.23
CA MET C 141 16.73 -30.97 11.91
C MET C 141 17.20 -30.55 10.51
N LEU C 142 16.26 -30.25 9.61
CA LEU C 142 16.56 -29.62 8.30
C LEU C 142 16.70 -28.11 8.48
N THR C 143 17.52 -27.47 7.66
CA THR C 143 17.91 -26.05 7.83
C THR C 143 17.97 -25.35 6.47
N THR C 144 18.03 -24.02 6.46
CA THR C 144 18.20 -23.18 5.24
C THR C 144 19.39 -22.25 5.47
N ALA C 145 20.01 -21.77 4.39
CA ALA C 145 21.10 -20.77 4.41
C ALA C 145 20.60 -19.48 5.06
N PRO C 146 21.39 -18.84 5.94
CA PRO C 146 21.07 -17.49 6.41
C PRO C 146 21.42 -16.44 5.35
N GLN C 147 20.70 -15.31 5.29
CA GLN C 147 21.03 -14.16 4.40
C GLN C 147 22.47 -13.69 4.65
N ARG C 148 22.94 -13.72 5.89
CA ARG C 148 24.31 -13.28 6.24
C ARG C 148 24.78 -13.98 7.50
N PRO C 149 26.11 -14.07 7.72
CA PRO C 149 26.62 -14.66 8.95
C PRO C 149 26.29 -13.77 10.16
N MET C 150 26.12 -14.42 11.29
CA MET C 150 25.97 -13.82 12.65
C MET C 150 27.15 -12.89 12.96
N THR C 151 26.86 -11.68 13.46
CA THR C 151 27.87 -10.66 13.89
C THR C 151 27.94 -10.56 15.42
N ILE C 152 29.01 -9.96 15.93
CA ILE C 152 29.20 -9.72 17.39
C ILE C 152 28.02 -8.86 17.85
N ARG C 153 27.62 -7.87 17.05
CA ARG C 153 26.51 -6.98 17.45
C ARG C 153 25.24 -7.81 17.66
N ASP C 154 25.02 -8.80 16.81
CA ASP C 154 23.87 -9.75 16.95
C ASP C 154 23.91 -10.39 18.35
N LEU C 155 25.06 -10.87 18.81
CA LEU C 155 25.19 -11.50 20.16
C LEU C 155 24.83 -10.48 21.24
N LEU C 156 25.35 -9.27 21.13
CA LEU C 156 25.22 -8.25 22.23
C LEU C 156 23.77 -7.76 22.32
N THR C 157 22.96 -8.01 21.28
CA THR C 157 21.58 -7.47 21.13
C THR C 157 20.55 -8.59 21.04
N HIS C 158 20.95 -9.86 21.17
CA HIS C 158 20.04 -11.05 21.12
C HIS C 158 19.32 -11.13 19.76
N GLN C 159 19.95 -10.66 18.69
CA GLN C 159 19.49 -10.80 17.29
C GLN C 159 20.30 -11.90 16.57
N SER C 160 21.16 -12.62 17.31
CA SER C 160 21.92 -13.84 16.90
C SER C 160 21.03 -14.83 16.15
N GLY C 161 19.83 -15.09 16.65
CA GLY C 161 19.02 -16.26 16.23
C GLY C 161 19.31 -17.46 17.12
N LEU C 162 20.22 -17.31 18.08
CA LEU C 162 20.34 -18.25 19.22
C LEU C 162 19.07 -18.12 20.08
N THR C 163 18.90 -19.06 21.02
CA THR C 163 17.75 -19.10 21.96
C THR C 163 18.23 -19.61 23.33
N TYR C 164 17.29 -19.91 24.21
CA TYR C 164 17.51 -20.39 25.59
C TYR C 164 16.71 -21.69 25.75
N GLY C 165 17.29 -22.69 26.41
CA GLY C 165 16.55 -23.92 26.76
C GLY C 165 15.18 -23.61 27.33
N PHE C 166 15.08 -22.68 28.29
CA PHE C 166 13.86 -22.49 29.12
C PHE C 166 12.76 -21.80 28.31
N MET C 167 13.02 -21.33 27.07
CA MET C 167 12.02 -20.60 26.25
C MET C 167 10.76 -21.48 26.04
N ASN C 168 10.95 -22.80 25.87
CA ASN C 168 9.87 -23.83 25.73
C ASN C 168 8.87 -23.40 24.65
N ARG C 169 9.32 -23.05 23.44
CA ARG C 169 8.42 -22.64 22.34
C ARG C 169 8.68 -23.47 21.07
N THR C 170 9.91 -23.89 20.82
CA THR C 170 10.35 -24.43 19.50
C THR C 170 11.13 -25.72 19.66
N ASN C 171 11.23 -26.49 18.57
CA ASN C 171 12.01 -27.75 18.51
C ASN C 171 13.48 -27.42 18.83
N VAL C 172 13.91 -26.18 18.56
CA VAL C 172 15.34 -25.75 18.73
C VAL C 172 15.64 -25.66 20.23
N ASP C 173 14.78 -25.01 21.02
CA ASP C 173 15.01 -24.92 22.48
C ASP C 173 14.80 -26.31 23.12
N ALA C 174 13.98 -27.18 22.54
CA ALA C 174 13.88 -28.60 22.98
C ALA C 174 15.27 -29.26 22.88
N ALA C 175 16.00 -28.96 21.81
CA ALA C 175 17.40 -29.43 21.60
C ALA C 175 18.29 -28.87 22.70
N TYR C 176 18.20 -27.56 22.99
CA TYR C 176 19.00 -26.89 24.05
C TYR C 176 18.77 -27.63 25.37
N ARG C 177 17.53 -28.01 25.66
CA ARG C 177 17.17 -28.68 26.95
C ARG C 177 17.77 -30.09 26.98
N SER C 178 17.62 -30.88 25.90
CA SER C 178 18.13 -32.27 25.88
C SER C 178 19.68 -32.25 25.98
N LEU C 179 20.34 -31.18 25.52
CA LEU C 179 21.82 -31.02 25.61
C LEU C 179 22.23 -30.21 26.86
N LYS C 180 21.26 -29.75 27.66
CA LYS C 180 21.48 -29.00 28.93
C LYS C 180 22.43 -27.82 28.68
N LEU C 181 22.11 -26.95 27.71
CA LEU C 181 22.96 -25.81 27.30
C LEU C 181 22.69 -24.59 28.20
N ASP C 182 21.70 -24.69 29.09
CA ASP C 182 21.42 -23.66 30.12
C ASP C 182 22.24 -23.92 31.38
N GLY C 183 22.76 -25.15 31.55
CA GLY C 183 23.53 -25.58 32.74
C GLY C 183 23.22 -27.02 33.07
N GLY C 184 24.04 -27.64 33.93
CA GLY C 184 23.92 -29.05 34.33
C GLY C 184 25.29 -29.71 34.35
N PRO C 185 25.37 -30.99 34.82
CA PRO C 185 26.68 -31.57 35.15
C PRO C 185 27.68 -31.46 33.99
N GLY C 186 28.93 -31.06 34.31
CA GLY C 186 30.08 -31.00 33.40
C GLY C 186 29.87 -30.03 32.25
N HIS C 187 28.98 -29.06 32.44
CA HIS C 187 28.75 -27.96 31.46
C HIS C 187 29.84 -26.92 31.64
N THR C 188 30.51 -26.57 30.54
CA THR C 188 31.53 -25.49 30.45
C THR C 188 31.10 -24.57 29.30
N LEU C 189 31.67 -23.36 29.20
CA LEU C 189 31.47 -22.50 28.01
C LEU C 189 32.01 -23.24 26.79
N ASP C 190 33.14 -23.96 26.93
CA ASP C 190 33.78 -24.68 25.79
C ASP C 190 32.76 -25.63 25.17
N ARG C 191 31.94 -26.23 26.02
CA ARG C 191 30.90 -27.23 25.62
C ARG C 191 29.74 -26.52 24.91
N LEU C 192 29.24 -25.42 25.49
CA LEU C 192 28.18 -24.58 24.87
C LEU C 192 28.59 -24.23 23.43
N ILE C 193 29.82 -23.72 23.24
CA ILE C 193 30.28 -23.24 21.91
C ILE C 193 30.37 -24.44 20.97
N ASP C 194 30.90 -25.56 21.45
CA ASP C 194 31.08 -26.80 20.64
C ASP C 194 29.69 -27.30 20.21
N GLU C 195 28.70 -27.30 21.09
CA GLU C 195 27.35 -27.88 20.83
C GLU C 195 26.56 -26.97 19.89
N LEU C 196 26.65 -25.65 20.05
CA LEU C 196 25.90 -24.64 19.25
C LEU C 196 26.37 -24.69 17.80
N ALA C 197 27.61 -25.11 17.55
CA ALA C 197 28.21 -25.21 16.20
C ALA C 197 27.39 -26.19 15.36
N ARG C 198 26.72 -27.16 16.00
CA ARG C 198 26.01 -28.27 15.33
C ARG C 198 24.49 -28.05 15.40
N LEU C 199 24.05 -26.90 15.90
CA LEU C 199 22.58 -26.61 16.05
C LEU C 199 22.16 -25.52 15.08
N PRO C 200 20.87 -25.56 14.69
CA PRO C 200 20.30 -24.51 13.88
C PRO C 200 19.90 -23.28 14.71
N LEU C 201 19.83 -22.13 14.03
CA LEU C 201 19.33 -20.84 14.57
C LEU C 201 17.82 -20.76 14.36
N GLU C 202 17.13 -19.98 15.19
CA GLU C 202 15.66 -19.78 15.09
C GLU C 202 15.37 -18.92 13.85
N PHE C 203 16.31 -18.11 13.38
CA PHE C 203 16.06 -17.20 12.23
C PHE C 203 17.38 -16.68 11.68
N SER C 204 17.37 -16.18 10.44
CA SER C 204 18.56 -15.55 9.82
C SER C 204 19.01 -14.43 10.73
N PRO C 205 20.29 -14.40 11.16
CA PRO C 205 20.80 -13.38 12.07
C PRO C 205 20.44 -11.96 11.64
N GLY C 206 19.95 -11.15 12.59
CA GLY C 206 19.61 -9.73 12.42
C GLY C 206 18.13 -9.50 12.22
N THR C 207 17.41 -10.51 11.71
CA THR C 207 16.04 -10.37 11.14
C THR C 207 14.98 -10.40 12.25
N ALA C 208 15.35 -10.72 13.48
CA ALA C 208 14.42 -10.81 14.63
C ALA C 208 15.22 -10.71 15.94
N TRP C 209 14.51 -10.76 17.07
CA TRP C 209 15.09 -10.73 18.43
C TRP C 209 14.56 -11.93 19.22
N ASN C 210 15.46 -12.63 19.92
CA ASN C 210 15.07 -13.75 20.79
C ASN C 210 16.12 -13.87 21.88
N TYR C 211 15.70 -13.68 23.13
CA TYR C 211 16.52 -13.81 24.36
C TYR C 211 17.25 -15.16 24.29
N SER C 212 18.54 -15.18 24.61
CA SER C 212 19.45 -16.26 24.19
C SER C 212 20.65 -16.40 25.15
N VAL C 213 21.34 -17.52 24.98
CA VAL C 213 22.68 -17.81 25.54
C VAL C 213 23.74 -16.89 24.91
N ALA C 214 23.35 -16.02 23.96
CA ALA C 214 24.26 -15.13 23.22
C ALA C 214 25.21 -14.42 24.18
N THR C 215 24.73 -14.07 25.37
CA THR C 215 25.53 -13.30 26.36
C THR C 215 26.53 -14.24 27.03
N ASP C 216 26.17 -15.51 27.23
CA ASP C 216 27.11 -16.56 27.72
C ASP C 216 28.27 -16.71 26.72
N VAL C 217 27.96 -16.61 25.42
CA VAL C 217 28.90 -16.62 24.27
C VAL C 217 29.79 -15.37 24.32
N CYS C 218 29.21 -14.20 24.59
CA CYS C 218 29.98 -12.94 24.81
C CYS C 218 31.04 -13.20 25.90
N GLY C 219 30.62 -13.83 27.00
CA GLY C 219 31.51 -14.34 28.06
C GLY C 219 32.67 -15.14 27.48
N TYR C 220 32.37 -16.10 26.61
CA TYR C 220 33.38 -16.96 25.94
C TYR C 220 34.33 -16.07 25.12
N LEU C 221 33.80 -15.04 24.45
CA LEU C 221 34.61 -14.11 23.61
C LEU C 221 35.50 -13.22 24.48
N VAL C 222 35.05 -12.87 25.68
CA VAL C 222 35.90 -12.12 26.65
C VAL C 222 37.12 -13.00 26.95
N GLN C 223 36.89 -14.26 27.30
CA GLN C 223 37.96 -15.27 27.56
C GLN C 223 38.87 -15.34 26.33
N LEU C 224 38.29 -15.62 25.15
CA LEU C 224 39.04 -15.80 23.87
C LEU C 224 40.00 -14.62 23.68
N LEU C 225 39.51 -13.39 23.77
CA LEU C 225 40.27 -12.17 23.40
C LEU C 225 41.18 -11.73 24.55
N SER C 226 40.86 -11.99 25.82
CA SER C 226 41.60 -11.45 26.98
C SER C 226 42.69 -12.43 27.42
N GLY C 227 42.57 -13.70 27.05
CA GLY C 227 43.41 -14.79 27.59
C GLY C 227 43.02 -15.19 29.00
N MET C 228 42.12 -14.45 29.67
CA MET C 228 41.73 -14.74 31.08
C MET C 228 40.42 -15.53 31.11
N SER C 229 40.24 -16.33 32.15
CA SER C 229 38.96 -16.95 32.58
C SER C 229 38.00 -15.81 32.97
N LEU C 230 36.70 -15.98 32.77
CA LEU C 230 35.73 -14.85 32.87
C LEU C 230 35.70 -14.28 34.31
N ASP C 231 35.78 -15.14 35.33
CA ASP C 231 35.77 -14.73 36.77
C ASP C 231 36.97 -13.81 37.06
N ASP C 232 38.12 -14.11 36.45
CA ASP C 232 39.37 -13.32 36.57
C ASP C 232 39.19 -12.00 35.82
N TYR C 233 38.72 -11.98 34.56
CA TYR C 233 38.52 -10.72 33.79
C TYR C 233 37.60 -9.80 34.61
N PHE C 234 36.49 -10.35 35.11
CA PHE C 234 35.48 -9.58 35.88
C PHE C 234 36.15 -8.97 37.11
N SER C 235 36.85 -9.81 37.84
CA SER C 235 37.46 -9.45 39.13
C SER C 235 38.51 -8.35 38.89
N LYS C 236 39.39 -8.56 37.91
CA LYS C 236 40.51 -7.63 37.61
C LYS C 236 39.97 -6.32 37.06
N HIS C 237 39.10 -6.36 36.05
CA HIS C 237 38.76 -5.21 35.17
C HIS C 237 37.42 -4.56 35.54
N ILE C 238 36.63 -5.13 36.47
CA ILE C 238 35.33 -4.54 36.91
C ILE C 238 35.23 -4.51 38.45
N PHE C 239 35.29 -5.67 39.12
CA PHE C 239 34.91 -5.79 40.55
C PHE C 239 35.93 -5.12 41.47
N GLN C 240 37.24 -5.33 41.24
CA GLN C 240 38.29 -4.71 42.09
C GLN C 240 38.28 -3.21 41.88
N PRO C 241 38.40 -2.69 40.65
CA PRO C 241 38.32 -1.24 40.43
C PRO C 241 37.14 -0.55 41.11
N LEU C 242 35.97 -1.20 41.12
CA LEU C 242 34.71 -0.56 41.59
C LEU C 242 34.46 -0.85 43.08
N GLY C 243 35.27 -1.70 43.71
CA GLY C 243 35.08 -2.04 45.14
C GLY C 243 33.85 -2.89 45.34
N MET C 244 33.78 -3.99 44.58
CA MET C 244 32.67 -4.98 44.61
C MET C 244 33.27 -6.30 45.08
N PRO C 245 33.54 -6.43 46.40
CA PRO C 245 34.19 -7.61 46.94
C PRO C 245 33.25 -8.80 47.13
N ASP C 246 31.94 -8.56 47.00
CA ASP C 246 30.86 -9.56 47.28
C ASP C 246 30.10 -9.92 46.00
N THR C 247 30.81 -10.03 44.88
CA THR C 247 30.24 -10.41 43.56
C THR C 247 31.16 -11.49 42.97
N PHE C 248 30.58 -12.63 42.64
CA PHE C 248 31.35 -13.85 42.25
C PHE C 248 30.39 -14.89 41.67
N PHE C 249 30.94 -15.77 40.83
CA PHE C 249 30.23 -16.92 40.25
C PHE C 249 30.02 -18.02 41.31
N THR C 250 30.97 -18.14 42.25
CA THR C 250 30.96 -19.15 43.33
C THR C 250 31.02 -18.42 44.67
N VAL C 251 30.10 -18.72 45.59
CA VAL C 251 30.00 -18.03 46.92
C VAL C 251 31.06 -18.62 47.83
N PRO C 252 32.06 -17.84 48.30
CA PRO C 252 33.06 -18.36 49.23
C PRO C 252 32.37 -18.91 50.48
N ALA C 253 32.89 -20.04 51.00
CA ALA C 253 32.40 -20.73 52.21
C ALA C 253 32.14 -19.72 53.34
N GLU C 254 33.08 -18.79 53.60
CA GLU C 254 32.99 -17.85 54.76
C GLU C 254 31.84 -16.85 54.56
N LYS C 255 31.28 -16.69 53.36
CA LYS C 255 30.19 -15.71 53.08
C LYS C 255 28.84 -16.40 52.89
N LEU C 256 28.81 -17.73 52.89
CA LEU C 256 27.62 -18.55 52.58
C LEU C 256 26.52 -18.33 53.63
N SER C 257 26.84 -17.79 54.82
CA SER C 257 25.82 -17.47 55.84
C SER C 257 24.94 -16.32 55.33
N ARG C 258 25.50 -15.44 54.51
CA ARG C 258 24.80 -14.22 54.02
C ARG C 258 23.93 -14.53 52.79
N PHE C 259 24.09 -15.71 52.19
CA PHE C 259 23.42 -16.11 50.92
C PHE C 259 21.94 -16.38 51.18
N ALA C 260 21.07 -15.70 50.45
CA ALA C 260 19.60 -15.85 50.53
C ALA C 260 19.20 -17.19 49.91
N ALA C 261 18.08 -17.74 50.37
CA ALA C 261 17.38 -18.84 49.70
C ALA C 261 16.66 -18.25 48.48
N CYS C 262 16.55 -19.04 47.43
CA CYS C 262 15.71 -18.76 46.23
C CYS C 262 14.38 -19.51 46.34
N TYR C 263 13.28 -18.83 46.01
CA TYR C 263 11.89 -19.35 46.04
C TYR C 263 11.32 -19.28 44.62
N GLU C 264 10.38 -20.19 44.32
CA GLU C 264 9.63 -20.20 43.04
C GLU C 264 8.14 -20.02 43.36
N TYR C 265 7.39 -19.50 42.39
CA TYR C 265 5.94 -19.22 42.50
C TYR C 265 5.18 -20.53 42.70
N GLN C 266 4.17 -20.51 43.57
CA GLN C 266 3.13 -21.58 43.73
C GLN C 266 1.75 -20.94 43.59
N PRO C 267 0.78 -21.63 42.95
CA PRO C 267 -0.56 -21.07 42.78
C PRO C 267 -1.17 -20.64 44.12
N GLY C 268 -2.11 -19.70 44.08
CA GLY C 268 -2.67 -19.02 45.27
C GLY C 268 -1.79 -17.88 45.74
N ASP C 269 -0.89 -17.39 44.87
CA ASP C 269 0.07 -16.29 45.14
C ASP C 269 0.87 -16.65 46.39
N SER C 270 1.51 -17.80 46.34
CA SER C 270 2.40 -18.34 47.40
C SER C 270 3.73 -18.72 46.75
N PHE C 271 4.68 -19.26 47.53
CA PHE C 271 6.00 -19.68 47.03
C PHE C 271 6.51 -20.89 47.80
N SER C 272 7.41 -21.66 47.18
CA SER C 272 8.09 -22.86 47.75
C SER C 272 9.60 -22.69 47.66
N LEU C 273 10.37 -23.42 48.47
CA LEU C 273 11.86 -23.45 48.43
C LEU C 273 12.27 -23.98 47.06
N GLN C 274 13.21 -23.29 46.38
CA GLN C 274 13.74 -23.66 45.04
C GLN C 274 15.23 -23.96 45.12
N ASP C 275 15.97 -23.21 45.93
CA ASP C 275 17.43 -23.41 46.15
C ASP C 275 17.74 -23.13 47.62
N ASP C 276 18.21 -24.15 48.33
CA ASP C 276 18.74 -24.01 49.71
C ASP C 276 20.15 -23.42 49.58
N PRO C 277 20.46 -22.30 50.26
CA PRO C 277 21.79 -21.68 50.18
C PRO C 277 22.92 -22.62 50.65
N GLN C 278 22.65 -23.46 51.66
CA GLN C 278 23.52 -24.59 52.03
C GLN C 278 23.25 -25.69 51.00
N GLY C 279 24.28 -26.26 50.39
CA GLY C 279 24.14 -27.23 49.27
C GLY C 279 23.47 -26.59 48.06
N SER C 280 23.95 -25.42 47.65
CA SER C 280 23.54 -24.74 46.40
C SER C 280 24.66 -24.91 45.38
N ALA C 281 24.34 -25.17 44.12
CA ALA C 281 25.35 -25.26 43.04
C ALA C 281 26.14 -23.94 42.95
N PHE C 282 25.59 -22.82 43.43
CA PHE C 282 26.26 -21.50 43.47
C PHE C 282 27.40 -21.49 44.50
N ALA C 283 27.39 -22.47 45.42
CA ALA C 283 28.40 -22.65 46.50
C ALA C 283 29.56 -23.53 46.00
N LYS C 284 29.35 -24.31 44.93
CA LYS C 284 30.40 -25.16 44.30
C LYS C 284 31.00 -24.42 43.10
N ALA C 285 32.27 -24.72 42.79
CA ALA C 285 32.93 -24.31 41.54
C ALA C 285 32.89 -25.47 40.56
N HIS C 286 31.69 -25.83 40.05
CA HIS C 286 31.49 -26.53 38.75
C HIS C 286 32.17 -25.68 37.65
N GLY C 287 32.34 -26.19 36.45
CA GLY C 287 33.21 -25.54 35.44
C GLY C 287 32.49 -24.53 34.55
N TYR C 288 31.32 -24.02 34.95
CA TYR C 288 30.44 -23.18 34.08
C TYR C 288 30.38 -21.74 34.57
N LEU C 289 31.12 -20.87 33.89
CA LEU C 289 31.07 -19.41 34.12
C LEU C 289 30.04 -18.79 33.18
N SER C 290 28.82 -18.57 33.69
CA SER C 290 27.65 -18.11 32.90
C SER C 290 27.66 -16.58 32.77
N GLY C 291 28.20 -16.05 31.66
CA GLY C 291 28.05 -14.63 31.29
C GLY C 291 26.57 -14.19 31.29
N GLY C 292 25.64 -15.12 31.19
CA GLY C 292 24.19 -14.87 31.07
C GLY C 292 23.48 -14.83 32.40
N GLY C 293 23.84 -15.67 33.40
CA GLY C 293 23.07 -15.74 34.65
C GLY C 293 23.85 -16.18 35.88
N GLY C 294 25.17 -16.21 35.81
CA GLY C 294 26.02 -16.95 36.77
C GLY C 294 26.21 -16.26 38.10
N LEU C 295 26.12 -14.92 38.12
CA LEU C 295 26.66 -14.10 39.24
C LEU C 295 25.72 -14.13 40.45
N VAL C 296 26.36 -14.10 41.62
CA VAL C 296 25.78 -13.72 42.93
C VAL C 296 26.42 -12.40 43.32
N SER C 297 25.61 -11.49 43.87
CA SER C 297 26.03 -10.12 44.26
C SER C 297 25.14 -9.68 45.43
N CYS C 298 25.42 -8.50 45.96
CA CYS C 298 24.59 -7.85 47.01
C CYS C 298 24.14 -6.49 46.46
N VAL C 299 23.25 -5.81 47.15
CA VAL C 299 22.68 -4.53 46.68
C VAL C 299 23.82 -3.51 46.57
N ASP C 300 24.74 -3.47 47.54
CA ASP C 300 25.80 -2.43 47.58
C ASP C 300 26.72 -2.58 46.34
N ASP C 301 27.15 -3.80 46.03
CA ASP C 301 28.04 -4.08 44.87
C ASP C 301 27.33 -3.65 43.57
N TYR C 302 26.07 -4.04 43.38
CA TYR C 302 25.35 -3.75 42.11
C TYR C 302 25.09 -2.25 42.03
N TYR C 303 24.85 -1.59 43.17
CA TYR C 303 24.73 -0.11 43.24
C TYR C 303 26.00 0.54 42.69
N ARG C 304 27.17 0.04 43.11
CA ARG C 304 28.47 0.64 42.69
C ARG C 304 28.59 0.48 41.17
N PHE C 305 28.26 -0.68 40.63
CA PHE C 305 28.24 -0.95 39.17
C PHE C 305 27.26 0.01 38.48
N ALA C 306 26.03 0.11 38.99
CA ALA C 306 24.99 0.98 38.42
C ALA C 306 25.44 2.45 38.45
N GLN C 307 25.93 2.90 39.62
CA GLN C 307 26.34 4.30 39.87
C GLN C 307 27.50 4.66 38.93
N ALA C 308 28.41 3.72 38.70
CA ALA C 308 29.54 3.86 37.75
C ALA C 308 28.97 4.19 36.37
N LEU C 309 27.98 3.42 35.91
CA LEU C 309 27.31 3.63 34.60
C LEU C 309 26.60 4.98 34.60
N ALA C 310 25.88 5.31 35.66
CA ALA C 310 25.15 6.59 35.82
C ALA C 310 26.14 7.75 35.73
N ASN C 311 27.41 7.55 36.11
CA ASN C 311 28.46 8.62 36.11
C ASN C 311 29.21 8.62 34.77
N GLY C 312 28.83 7.79 33.80
CA GLY C 312 29.52 7.74 32.50
C GLY C 312 30.72 6.80 32.53
N GLY C 313 30.76 5.85 33.47
CA GLY C 313 31.69 4.71 33.46
C GLY C 313 32.76 4.79 34.54
N GLU C 314 32.73 5.82 35.38
CA GLU C 314 33.76 6.14 36.40
C GLU C 314 33.06 6.18 37.77
N LEU C 315 33.69 5.62 38.80
CA LEU C 315 33.25 5.78 40.22
C LEU C 315 34.47 5.91 41.13
N ASP C 316 34.53 6.99 41.92
CA ASP C 316 35.63 7.24 42.90
C ASP C 316 36.97 7.06 42.20
N GLY C 317 37.12 7.63 41.00
CA GLY C 317 38.38 7.66 40.23
C GLY C 317 38.73 6.35 39.52
N ALA C 318 37.90 5.30 39.63
CA ALA C 318 38.06 4.05 38.84
C ALA C 318 37.13 4.09 37.63
N ARG C 319 37.64 3.77 36.45
CA ARG C 319 36.85 3.76 35.18
C ARG C 319 36.79 2.34 34.63
N ILE C 320 35.59 1.82 34.37
CA ILE C 320 35.39 0.46 33.79
C ILE C 320 35.04 0.56 32.29
N ILE C 321 34.61 1.73 31.80
CA ILE C 321 34.22 1.93 30.38
C ILE C 321 34.27 3.43 30.07
N GLY C 322 34.66 3.78 28.85
CA GLY C 322 34.57 5.16 28.31
C GLY C 322 33.15 5.68 28.30
N ARG C 323 33.00 6.97 28.60
CA ARG C 323 31.70 7.68 28.67
C ARG C 323 30.96 7.48 27.35
N LYS C 324 31.68 7.59 26.23
CA LYS C 324 31.10 7.58 24.87
C LYS C 324 30.70 6.15 24.51
N THR C 325 31.58 5.19 24.80
CA THR C 325 31.34 3.75 24.57
C THR C 325 30.04 3.37 25.28
N LEU C 326 29.83 3.83 26.50
CA LEU C 326 28.61 3.50 27.29
C LEU C 326 27.38 4.13 26.62
N GLU C 327 27.50 5.37 26.15
CA GLU C 327 26.38 6.12 25.53
C GLU C 327 25.95 5.34 24.28
N PHE C 328 26.88 4.68 23.62
CA PHE C 328 26.69 3.80 22.43
C PHE C 328 25.90 2.54 22.82
N MET C 329 26.23 1.94 23.96
CA MET C 329 25.58 0.71 24.49
C MET C 329 24.12 1.01 24.90
N ARG C 330 23.81 2.26 25.29
CA ARG C 330 22.48 2.64 25.81
C ARG C 330 21.55 3.08 24.67
N MET C 331 22.08 3.21 23.46
CA MET C 331 21.26 3.50 22.26
C MET C 331 20.40 2.28 21.97
N ASN C 332 19.23 2.48 21.35
CA ASN C 332 18.43 1.39 20.75
C ASN C 332 19.20 0.88 19.53
N HIS C 333 19.55 -0.40 19.50
CA HIS C 333 20.31 -1.05 18.41
C HIS C 333 19.37 -1.93 17.57
N LEU C 334 18.07 -1.79 17.77
CA LEU C 334 17.10 -2.56 16.98
C LEU C 334 16.85 -1.81 15.68
N PRO C 335 16.54 -2.56 14.60
CA PRO C 335 16.35 -1.98 13.28
C PRO C 335 15.30 -0.87 13.35
N ASP C 336 15.54 0.27 12.68
CA ASP C 336 14.54 1.35 12.41
C ASP C 336 13.95 1.85 13.74
N ASN C 337 14.79 2.01 14.77
CA ASN C 337 14.40 2.44 16.14
C ASN C 337 13.08 1.77 16.55
N LYS C 338 12.92 0.47 16.26
CA LYS C 338 11.74 -0.33 16.66
C LYS C 338 11.87 -0.74 18.14
N GLY C 339 10.73 -1.02 18.76
CA GLY C 339 10.65 -1.60 20.12
C GLY C 339 10.77 -3.10 20.07
N LEU C 340 10.96 -3.73 21.23
CA LEU C 340 11.12 -5.20 21.32
C LEU C 340 9.93 -5.91 20.68
N PRO C 341 8.65 -5.54 20.95
CA PRO C 341 7.51 -6.26 20.34
C PRO C 341 7.43 -6.20 18.82
N ASP C 342 8.10 -5.23 18.20
CA ASP C 342 8.14 -5.12 16.73
C ASP C 342 9.06 -6.19 16.14
N VAL C 343 9.92 -6.83 16.93
CA VAL C 343 10.96 -7.77 16.38
C VAL C 343 11.07 -9.05 17.22
N ALA C 344 10.60 -9.04 18.46
CA ALA C 344 10.73 -10.18 19.40
C ALA C 344 9.77 -11.27 18.94
N ILE C 345 10.20 -12.53 19.03
CA ILE C 345 9.36 -13.71 18.70
C ILE C 345 8.82 -14.30 20.02
N GLY C 346 9.36 -13.90 21.18
CA GLY C 346 9.18 -14.57 22.49
C GLY C 346 8.05 -13.96 23.32
N SER C 347 8.17 -14.02 24.65
CA SER C 347 7.21 -13.41 25.62
C SER C 347 7.61 -11.95 25.89
N PHE C 348 8.70 -11.51 25.25
CA PHE C 348 9.16 -10.09 25.15
C PHE C 348 8.38 -9.36 24.04
N SER C 349 7.46 -10.07 23.36
CA SER C 349 6.44 -9.56 22.40
C SER C 349 5.37 -8.77 23.16
N GLU C 350 5.17 -9.09 24.44
CA GLU C 350 3.92 -8.80 25.21
C GLU C 350 3.93 -7.32 25.62
N THR C 351 2.78 -6.82 26.07
CA THR C 351 2.45 -5.39 26.29
C THR C 351 3.45 -4.69 27.23
N PRO C 352 3.97 -5.33 28.31
CA PRO C 352 4.94 -4.66 29.19
C PRO C 352 6.20 -4.10 28.51
N TYR C 353 6.60 -4.63 27.36
CA TYR C 353 7.84 -4.22 26.65
C TYR C 353 7.53 -3.24 25.51
N ASP C 354 6.27 -2.81 25.36
CA ASP C 354 5.86 -1.73 24.42
C ASP C 354 6.64 -0.46 24.77
N GLY C 355 7.15 0.21 23.73
CA GLY C 355 7.92 1.46 23.85
C GLY C 355 9.28 1.24 24.50
N THR C 356 9.77 0.00 24.55
CA THR C 356 11.13 -0.33 25.04
C THR C 356 11.93 -1.00 23.92
N GLY C 357 13.13 -0.51 23.67
CA GLY C 357 14.08 -1.08 22.69
C GLY C 357 15.16 -1.86 23.39
N PHE C 358 16.32 -2.00 22.76
CA PHE C 358 17.42 -2.82 23.31
C PHE C 358 18.73 -2.37 22.66
N GLY C 359 19.73 -2.13 23.51
CA GLY C 359 21.10 -1.75 23.09
C GLY C 359 22.04 -2.93 23.27
N LEU C 360 23.28 -2.66 23.65
CA LEU C 360 24.32 -3.69 23.83
C LEU C 360 24.27 -4.15 25.28
N GLY C 361 23.19 -4.83 25.67
CA GLY C 361 23.09 -5.51 26.98
C GLY C 361 22.14 -4.82 27.93
N PHE C 362 21.54 -3.70 27.53
CA PHE C 362 20.47 -3.00 28.28
C PHE C 362 19.22 -2.85 27.42
N SER C 363 18.06 -2.87 28.06
CA SER C 363 16.79 -2.34 27.51
C SER C 363 16.86 -0.81 27.56
N VAL C 364 16.10 -0.15 26.70
CA VAL C 364 16.11 1.34 26.54
C VAL C 364 14.67 1.79 26.37
N LYS C 365 14.15 2.66 27.23
CA LYS C 365 12.78 3.19 27.08
C LYS C 365 12.77 4.19 25.91
N LEU C 366 11.91 3.97 24.91
CA LEU C 366 11.77 4.79 23.70
C LEU C 366 10.60 5.76 23.83
N ASP C 367 9.43 5.27 24.28
CA ASP C 367 8.14 6.01 24.33
C ASP C 367 7.51 5.76 25.70
N VAL C 368 7.48 6.78 26.57
CA VAL C 368 7.02 6.63 27.97
C VAL C 368 5.53 6.27 27.96
N ALA C 369 4.71 7.07 27.29
CA ALA C 369 3.25 6.89 27.20
C ALA C 369 2.92 5.48 26.71
N LYS C 370 3.65 4.98 25.72
CA LYS C 370 3.39 3.66 25.07
C LYS C 370 3.62 2.54 26.08
N SER C 371 4.63 2.70 26.96
CA SER C 371 5.00 1.71 27.99
C SER C 371 3.96 1.68 29.12
N GLN C 372 3.08 2.67 29.20
CA GLN C 372 2.02 2.79 30.24
C GLN C 372 2.64 2.85 31.65
N THR C 373 3.96 3.04 31.76
CA THR C 373 4.69 3.20 33.05
C THR C 373 5.44 4.52 33.07
N VAL C 374 5.28 5.31 34.14
CA VAL C 374 6.06 6.55 34.40
C VAL C 374 7.57 6.21 34.36
N GLY C 375 8.34 7.18 33.90
CA GLY C 375 9.78 7.06 33.64
C GLY C 375 10.19 8.06 32.59
N SER C 376 11.42 7.93 32.10
CA SER C 376 12.01 8.88 31.13
C SER C 376 12.47 8.13 29.89
N VAL C 377 12.44 8.79 28.74
CA VAL C 377 13.09 8.26 27.51
C VAL C 377 14.57 8.08 27.86
N GLY C 378 15.14 6.93 27.50
CA GLY C 378 16.55 6.58 27.73
C GLY C 378 16.73 5.68 28.94
N GLU C 379 15.73 5.59 29.82
CA GLU C 379 15.75 4.68 31.01
C GLU C 379 16.31 3.35 30.54
N TYR C 380 17.43 2.90 31.12
CA TYR C 380 18.10 1.64 30.71
C TYR C 380 18.33 0.76 31.93
N GLY C 381 18.46 -0.55 31.67
CA GLY C 381 18.72 -1.56 32.71
C GLY C 381 18.32 -2.94 32.23
N TRP C 382 18.16 -3.85 33.18
CA TRP C 382 17.75 -5.25 32.92
C TRP C 382 17.38 -5.90 34.24
N GLY C 383 16.94 -7.15 34.20
CA GLY C 383 16.49 -7.88 35.39
C GLY C 383 17.02 -9.29 35.38
N GLY C 384 16.76 -10.02 36.45
CA GLY C 384 17.10 -11.45 36.56
C GLY C 384 15.83 -12.26 36.74
N MET C 385 15.87 -13.53 36.34
CA MET C 385 14.67 -14.40 36.30
C MET C 385 14.16 -14.60 37.73
N ALA C 386 14.91 -14.23 38.76
CA ALA C 386 14.49 -14.39 40.17
C ALA C 386 13.86 -13.10 40.71
N SER C 387 13.49 -12.16 39.83
CA SER C 387 12.69 -10.94 40.11
C SER C 387 13.57 -9.78 40.60
N THR C 388 14.89 -9.99 40.60
CA THR C 388 15.94 -8.93 40.66
C THR C 388 15.71 -7.96 39.50
N ASN C 389 15.93 -6.66 39.74
CA ASN C 389 15.73 -5.59 38.74
C ASN C 389 16.61 -4.39 39.06
N PHE C 390 17.10 -3.69 38.04
CA PHE C 390 17.76 -2.36 38.19
C PHE C 390 17.46 -1.50 36.97
N PHE C 391 17.49 -0.19 37.17
CA PHE C 391 17.33 0.81 36.08
C PHE C 391 18.12 2.06 36.43
N ILE C 392 18.49 2.80 35.39
CA ILE C 392 19.22 4.10 35.41
C ILE C 392 18.45 5.04 34.48
N ASP C 393 17.81 6.04 35.05
CA ASP C 393 17.05 7.09 34.33
C ASP C 393 18.04 8.21 34.05
N PRO C 394 18.65 8.30 32.85
CA PRO C 394 19.74 9.24 32.64
C PRO C 394 19.22 10.68 32.54
N GLU C 395 17.92 10.87 32.28
CA GLU C 395 17.29 12.22 32.21
C GLU C 395 17.16 12.78 33.64
N GLU C 396 16.95 11.94 34.66
CA GLU C 396 16.72 12.38 36.06
C GLU C 396 17.94 12.09 36.96
N ASP C 397 19.03 11.50 36.44
CA ASP C 397 20.24 11.06 37.21
C ASP C 397 19.81 10.20 38.39
N LEU C 398 18.86 9.30 38.16
CA LEU C 398 18.15 8.53 39.20
C LEU C 398 18.40 7.05 38.90
N LEU C 399 18.53 6.20 39.91
CA LEU C 399 18.67 4.74 39.66
C LEU C 399 18.09 3.95 40.84
N MET C 400 17.70 2.70 40.56
CA MET C 400 17.13 1.77 41.56
C MET C 400 17.84 0.43 41.43
N VAL C 401 18.12 -0.23 42.54
CA VAL C 401 18.48 -1.68 42.59
C VAL C 401 17.47 -2.38 43.50
N PHE C 402 16.81 -3.39 42.97
CA PHE C 402 15.78 -4.21 43.68
C PHE C 402 16.21 -5.67 43.66
N MET C 403 16.36 -6.24 44.87
CA MET C 403 16.74 -7.66 45.08
C MET C 403 15.57 -8.37 45.79
N THR C 404 15.23 -9.55 45.30
CA THR C 404 14.31 -10.53 45.94
C THR C 404 14.66 -11.86 45.27
N GLN C 405 14.12 -12.98 45.75
CA GLN C 405 14.42 -14.29 45.09
C GLN C 405 13.11 -15.04 44.89
N LEU C 406 12.40 -14.71 43.80
CA LEU C 406 11.13 -15.34 43.37
C LEU C 406 11.21 -15.60 41.87
N ILE C 407 11.33 -16.87 41.48
CA ILE C 407 11.30 -17.31 40.06
C ILE C 407 9.85 -17.64 39.68
N PRO C 408 9.33 -17.25 38.49
CA PRO C 408 10.00 -16.33 37.56
C PRO C 408 9.66 -14.83 37.72
N SER C 409 10.51 -13.95 37.15
CA SER C 409 10.39 -12.47 37.19
C SER C 409 9.06 -12.01 36.58
N SER C 410 8.52 -12.78 35.64
CA SER C 410 7.22 -12.50 34.96
C SER C 410 6.06 -12.55 35.96
N THR C 411 6.22 -13.16 37.13
CA THR C 411 5.10 -13.46 38.06
C THR C 411 4.38 -12.17 38.47
N TYR C 412 5.07 -11.20 39.07
CA TYR C 412 4.47 -9.97 39.63
C TYR C 412 5.07 -8.73 38.94
N ALA C 413 4.30 -7.66 38.90
CA ALA C 413 4.66 -6.38 38.24
C ALA C 413 5.31 -5.44 39.27
N VAL C 414 6.09 -5.97 40.21
CA VAL C 414 6.62 -5.18 41.35
C VAL C 414 7.59 -4.10 40.83
N ARG C 415 8.41 -4.42 39.82
CA ARG C 415 9.39 -3.47 39.23
C ARG C 415 8.66 -2.22 38.70
N GLN C 416 7.40 -2.35 38.30
CA GLN C 416 6.59 -1.25 37.70
C GLN C 416 6.01 -0.40 38.83
N GLU C 417 5.51 -1.05 39.89
CA GLU C 417 4.99 -0.37 41.11
C GLU C 417 6.11 0.48 41.73
N LEU C 418 7.31 -0.07 41.85
CA LEU C 418 8.48 0.65 42.41
C LEU C 418 8.75 1.90 41.58
N ARG C 419 8.72 1.77 40.25
CA ARG C 419 8.94 2.91 39.32
C ARG C 419 7.90 4.00 39.59
N ALA C 420 6.64 3.61 39.77
CA ALA C 420 5.50 4.52 40.00
C ALA C 420 5.78 5.39 41.22
N ILE C 421 6.24 4.74 42.31
CA ILE C 421 6.44 5.31 43.66
C ILE C 421 7.64 6.25 43.64
N ILE C 422 8.75 5.74 43.10
CA ILE C 422 10.06 6.42 43.01
C ILE C 422 9.92 7.69 42.16
N ASN C 423 9.40 7.57 40.92
CA ASN C 423 9.17 8.75 40.04
C ASN C 423 8.17 9.65 40.77
N GLY C 424 7.29 9.07 41.58
CA GLY C 424 6.31 9.80 42.40
C GLY C 424 6.98 10.72 43.41
N ALA C 425 8.18 10.37 43.86
CA ALA C 425 8.91 11.04 44.96
C ALA C 425 9.80 12.16 44.43
N LEU C 426 9.86 12.37 43.12
CA LEU C 426 10.54 13.55 42.54
C LEU C 426 9.70 14.80 42.83
N VAL C 427 10.33 15.83 43.43
CA VAL C 427 9.64 17.05 43.93
C VAL C 427 10.41 18.33 43.56
N ASP C 428 11.27 18.36 42.54
CA ASP C 428 11.82 19.60 41.94
C ASP C 428 11.07 19.86 40.62
N SER D 27 2.08 51.65 29.12
CA SER D 27 2.09 50.17 29.02
C SER D 27 2.38 49.55 30.39
N ASN D 28 1.34 49.13 31.12
CA ASN D 28 1.41 48.35 32.38
C ASN D 28 1.65 46.88 32.05
N ILE D 29 2.77 46.32 32.52
CA ILE D 29 3.23 44.94 32.20
C ILE D 29 3.49 44.19 33.51
N ILE D 30 2.81 43.06 33.74
CA ILE D 30 3.18 42.11 34.82
C ILE D 30 3.51 40.76 34.16
N ALA D 31 4.63 40.17 34.54
CA ALA D 31 5.06 38.82 34.11
C ALA D 31 5.02 38.75 32.58
N GLY D 32 5.51 39.79 31.89
CA GLY D 32 5.65 39.79 30.41
C GLY D 32 4.31 39.83 29.70
N MET D 33 3.25 40.25 30.40
CA MET D 33 1.87 40.34 29.86
C MET D 33 1.41 41.81 29.89
N ASP D 34 0.99 42.38 28.76
CA ASP D 34 0.44 43.76 28.72
C ASP D 34 -0.99 43.69 29.25
N LEU D 35 -1.24 44.31 30.41
CA LEU D 35 -2.57 44.33 31.09
C LEU D 35 -3.58 45.12 30.25
N ASN D 36 -3.11 46.10 29.48
CA ASN D 36 -3.98 46.91 28.58
C ASN D 36 -4.54 45.99 27.49
N ARG D 37 -3.71 45.08 26.98
CA ARG D 37 -4.12 44.07 25.97
C ARG D 37 -5.09 43.09 26.62
N LEU D 38 -4.83 42.65 27.86
CA LEU D 38 -5.75 41.73 28.59
C LEU D 38 -7.12 42.38 28.81
N ASP D 39 -7.21 43.71 28.79
CA ASP D 39 -8.51 44.41 29.06
C ASP D 39 -9.47 44.13 27.91
N ARG D 40 -8.97 43.67 26.75
CA ARG D 40 -9.80 43.32 25.56
C ARG D 40 -10.71 42.14 25.90
N ILE D 41 -10.33 41.32 26.90
CA ILE D 41 -11.18 40.18 27.39
C ILE D 41 -12.56 40.72 27.77
N ALA D 42 -12.62 41.64 28.74
CA ALA D 42 -13.88 42.24 29.23
C ALA D 42 -14.59 42.95 28.08
N GLU D 43 -13.86 43.73 27.27
CA GLU D 43 -14.41 44.49 26.12
C GLU D 43 -15.09 43.48 25.18
N HIS D 44 -14.44 42.34 24.95
CA HIS D 44 -14.90 41.28 24.01
C HIS D 44 -16.14 40.58 24.58
N LEU D 45 -16.08 40.07 25.81
CA LEU D 45 -17.21 39.36 26.46
C LEU D 45 -18.44 40.26 26.53
N ASP D 46 -18.26 41.55 26.84
CA ASP D 46 -19.35 42.57 26.83
C ASP D 46 -19.95 42.65 25.42
N ARG D 47 -19.13 43.00 24.42
CA ARG D 47 -19.58 43.34 23.03
C ARG D 47 -20.23 42.12 22.36
N ALA D 48 -19.69 40.92 22.57
CA ALA D 48 -19.98 39.71 21.77
C ALA D 48 -20.99 38.78 22.45
N TYR D 49 -21.08 38.79 23.78
CA TYR D 49 -21.84 37.77 24.55
C TYR D 49 -22.83 38.41 25.55
N LEU D 50 -22.38 39.34 26.40
CA LEU D 50 -23.19 39.86 27.54
C LEU D 50 -24.24 40.87 27.05
N HIS D 51 -23.82 41.97 26.42
CA HIS D 51 -24.71 43.06 25.91
C HIS D 51 -25.74 42.45 24.96
N PRO D 52 -25.39 41.54 24.04
CA PRO D 52 -26.37 40.87 23.18
C PRO D 52 -27.15 39.68 23.81
N GLY D 53 -26.94 39.37 25.08
CA GLY D 53 -27.73 38.38 25.85
C GLY D 53 -27.55 36.94 25.38
N LYS D 54 -26.32 36.53 25.06
CA LYS D 54 -25.94 35.14 24.68
C LYS D 54 -25.46 34.36 25.91
N LEU D 55 -24.77 35.06 26.82
CA LEU D 55 -24.36 34.60 28.17
C LEU D 55 -24.93 35.54 29.24
N ALA D 56 -25.23 35.01 30.42
CA ALA D 56 -25.71 35.78 31.60
C ALA D 56 -24.55 36.52 32.25
N GLY D 57 -23.42 35.84 32.45
CA GLY D 57 -22.28 36.39 33.20
C GLY D 57 -21.05 35.51 33.08
N THR D 58 -19.89 36.12 33.27
CA THR D 58 -18.55 35.50 33.11
C THR D 58 -17.69 35.85 34.31
N MET D 59 -16.83 34.92 34.71
CA MET D 59 -15.69 35.12 35.63
C MET D 59 -14.46 34.62 34.89
N THR D 60 -13.47 35.49 34.68
CA THR D 60 -12.29 35.21 33.84
C THR D 60 -11.02 35.51 34.62
N LEU D 61 -10.17 34.51 34.84
CA LEU D 61 -8.87 34.67 35.52
C LEU D 61 -7.73 34.24 34.59
N VAL D 62 -6.65 35.01 34.58
CA VAL D 62 -5.41 34.72 33.83
C VAL D 62 -4.25 34.88 34.79
N ALA D 63 -3.29 33.96 34.74
CA ALA D 63 -2.08 33.96 35.57
C ALA D 63 -0.89 33.60 34.69
N ARG D 64 0.30 34.06 35.07
CA ARG D 64 1.55 33.70 34.39
C ARG D 64 2.70 33.81 35.39
N ARG D 65 3.58 32.80 35.40
CA ARG D 65 4.76 32.74 36.31
C ARG D 65 4.27 32.99 37.73
N GLY D 66 3.21 32.31 38.13
CA GLY D 66 2.69 32.33 39.51
C GLY D 66 1.89 33.58 39.83
N GLU D 67 1.83 34.58 38.96
CA GLU D 67 1.17 35.90 39.23
C GLU D 67 -0.16 36.02 38.48
N VAL D 68 -1.26 36.20 39.20
CA VAL D 68 -2.61 36.50 38.63
C VAL D 68 -2.54 37.91 38.01
N VAL D 69 -2.79 38.02 36.71
CA VAL D 69 -2.62 39.29 35.94
C VAL D 69 -3.98 39.77 35.42
N TYR D 70 -5.02 38.95 35.56
CA TYR D 70 -6.40 39.31 35.13
C TYR D 70 -7.39 38.53 35.99
N CYS D 71 -8.38 39.23 36.51
CA CYS D 71 -9.50 38.67 37.31
C CYS D 71 -10.68 39.63 37.12
N GLN D 72 -11.78 39.15 36.52
CA GLN D 72 -12.89 40.03 36.07
C GLN D 72 -14.20 39.23 36.03
N ALA D 73 -15.04 39.51 37.02
CA ALA D 73 -16.49 39.20 37.01
C ALA D 73 -17.18 40.20 36.07
N GLN D 74 -18.23 39.76 35.38
CA GLN D 74 -19.02 40.59 34.43
C GLN D 74 -20.42 40.02 34.36
N GLY D 75 -21.42 40.90 34.19
CA GLY D 75 -22.83 40.50 34.09
C GLY D 75 -23.33 39.80 35.34
N LEU D 76 -24.31 38.90 35.18
CA LEU D 76 -25.18 38.41 36.27
C LEU D 76 -24.98 36.91 36.45
N ARG D 77 -24.95 36.46 37.70
CA ARG D 77 -24.92 35.02 38.08
C ARG D 77 -26.34 34.46 38.06
N ASP D 78 -27.33 35.33 38.31
CA ASP D 78 -28.79 35.04 38.40
C ASP D 78 -29.56 36.18 37.72
N VAL D 79 -30.06 35.97 36.50
CA VAL D 79 -30.79 37.01 35.73
C VAL D 79 -32.11 37.31 36.45
N GLU D 80 -32.85 36.26 36.82
CA GLU D 80 -34.21 36.36 37.40
C GLU D 80 -34.15 37.20 38.67
N ARG D 81 -33.11 37.05 39.51
CA ARG D 81 -32.94 37.75 40.80
C ARG D 81 -31.97 38.93 40.65
N GLN D 82 -31.57 39.25 39.42
CA GLN D 82 -30.78 40.48 39.12
C GLN D 82 -29.51 40.53 40.01
N LEU D 83 -28.89 39.38 40.32
CA LEU D 83 -27.66 39.27 41.15
C LEU D 83 -26.42 39.24 40.27
N PRO D 84 -25.38 40.06 40.53
CA PRO D 84 -24.18 40.09 39.68
C PRO D 84 -23.24 38.90 39.95
N VAL D 85 -22.37 38.62 38.99
CA VAL D 85 -21.22 37.69 39.17
C VAL D 85 -20.22 38.43 40.06
N GLU D 86 -19.79 37.80 41.15
CA GLU D 86 -18.66 38.27 42.00
C GLU D 86 -17.53 37.23 41.91
N ARG D 87 -16.31 37.61 42.30
CA ARG D 87 -15.13 36.71 42.31
C ARG D 87 -15.45 35.41 43.07
N ASP D 88 -16.24 35.51 44.14
CA ASP D 88 -16.56 34.39 45.06
C ASP D 88 -17.76 33.60 44.54
N THR D 89 -18.29 33.91 43.36
CA THR D 89 -19.46 33.19 42.78
C THR D 89 -19.07 31.74 42.50
N LEU D 90 -19.97 30.84 42.87
CA LEU D 90 -19.85 29.37 42.71
C LEU D 90 -20.48 28.96 41.38
N PHE D 91 -19.84 28.03 40.66
CA PHE D 91 -20.24 27.56 39.32
C PHE D 91 -20.26 26.04 39.26
N ARG D 92 -21.17 25.49 38.44
CA ARG D 92 -21.14 24.07 38.02
C ARG D 92 -19.97 23.94 37.02
N ILE D 93 -18.86 23.35 37.46
CA ILE D 93 -17.67 23.19 36.57
C ILE D 93 -17.83 21.93 35.73
N TYR D 94 -18.83 21.10 36.05
CA TYR D 94 -19.17 19.87 35.30
C TYR D 94 -17.87 19.11 35.00
N SER D 95 -17.60 18.83 33.73
CA SER D 95 -16.49 17.96 33.38
C SER D 95 -15.06 18.43 33.72
N MET D 96 -14.91 19.64 34.27
CA MET D 96 -13.62 20.10 34.84
C MET D 96 -13.34 19.38 36.16
N THR D 97 -14.29 18.57 36.62
CA THR D 97 -14.09 17.55 37.69
C THR D 97 -13.08 16.50 37.24
N LYS D 98 -13.04 16.18 35.95
CA LYS D 98 -12.34 14.97 35.41
C LYS D 98 -10.85 15.05 35.73
N PRO D 99 -10.18 16.22 35.54
CA PRO D 99 -8.77 16.38 35.93
C PRO D 99 -8.55 16.14 37.43
N ILE D 100 -9.49 16.57 38.27
CA ILE D 100 -9.36 16.39 39.75
C ILE D 100 -9.44 14.89 40.06
N THR D 101 -10.41 14.18 39.47
CA THR D 101 -10.60 12.72 39.67
C THR D 101 -9.36 11.99 39.16
N SER D 102 -8.82 12.45 38.03
CA SER D 102 -7.61 11.90 37.38
C SER D 102 -6.44 11.99 38.37
N ILE D 103 -6.25 13.15 38.99
CA ILE D 103 -5.15 13.43 39.97
C ILE D 103 -5.34 12.52 41.19
N ALA D 104 -6.55 12.47 41.71
CA ALA D 104 -6.91 11.62 42.86
C ALA D 104 -6.41 10.20 42.58
N LEU D 105 -6.78 9.63 41.43
CA LEU D 105 -6.44 8.23 41.11
C LEU D 105 -4.92 8.10 40.96
N MET D 106 -4.29 9.07 40.31
CA MET D 106 -2.83 9.02 40.03
C MET D 106 -2.04 9.20 41.34
N GLN D 107 -2.61 9.83 42.36
CA GLN D 107 -2.02 9.89 43.73
C GLN D 107 -1.80 8.46 44.22
N LEU D 108 -2.76 7.59 43.92
CA LEU D 108 -2.75 6.17 44.35
C LEU D 108 -1.81 5.36 43.45
N TYR D 109 -1.64 5.73 42.18
CA TYR D 109 -0.62 5.12 41.27
C TYR D 109 0.77 5.25 41.92
N GLU D 110 1.02 6.43 42.51
CA GLU D 110 2.29 6.86 43.16
C GLU D 110 2.52 6.12 44.48
N GLN D 111 1.50 5.49 45.05
CA GLN D 111 1.59 4.63 46.26
C GLN D 111 1.62 3.14 45.84
N GLY D 112 1.64 2.86 44.53
CA GLY D 112 1.79 1.51 43.96
C GLY D 112 0.54 0.67 44.12
N ARG D 113 -0.61 1.33 44.23
CA ARG D 113 -1.93 0.71 44.56
C ARG D 113 -2.50 0.03 43.32
N PHE D 114 -2.03 0.42 42.12
CA PHE D 114 -2.32 -0.24 40.83
C PHE D 114 -1.31 0.21 39.78
N LEU D 115 -1.42 -0.43 38.60
CA LEU D 115 -0.63 -0.11 37.38
C LEU D 115 -1.59 0.17 36.23
N LEU D 116 -1.21 1.03 35.31
CA LEU D 116 -2.12 1.51 34.24
C LEU D 116 -2.49 0.37 33.29
N ASP D 117 -1.59 -0.59 33.07
CA ASP D 117 -1.79 -1.68 32.07
C ASP D 117 -2.53 -2.86 32.71
N GLU D 118 -2.93 -2.75 33.98
CA GLU D 118 -3.73 -3.81 34.66
C GLU D 118 -5.15 -3.81 34.10
N PRO D 119 -5.75 -5.01 33.90
CA PRO D 119 -7.18 -5.08 33.59
C PRO D 119 -8.02 -4.45 34.70
N VAL D 120 -9.05 -3.69 34.32
CA VAL D 120 -10.04 -3.12 35.27
C VAL D 120 -10.67 -4.27 36.07
N HIS D 121 -10.87 -5.43 35.47
CA HIS D 121 -11.61 -6.56 36.08
C HIS D 121 -10.81 -7.17 37.24
N LYS D 122 -9.52 -6.83 37.36
CA LYS D 122 -8.72 -7.11 38.58
C LYS D 122 -9.37 -6.44 39.79
N TYR D 123 -9.85 -5.20 39.66
CA TYR D 123 -10.45 -4.38 40.76
C TYR D 123 -11.98 -4.48 40.74
N ILE D 124 -12.56 -4.86 39.59
CA ILE D 124 -14.03 -4.96 39.39
C ILE D 124 -14.32 -6.31 38.74
N PRO D 125 -14.27 -7.43 39.50
CA PRO D 125 -14.25 -8.77 38.90
C PRO D 125 -15.45 -9.07 37.99
N THR D 126 -16.60 -8.44 38.25
CA THR D 126 -17.87 -8.65 37.51
C THR D 126 -17.75 -8.09 36.08
N TRP D 127 -16.67 -7.38 35.75
CA TRP D 127 -16.43 -6.78 34.42
C TRP D 127 -15.52 -7.70 33.58
N LYS D 128 -15.16 -8.89 34.08
CA LYS D 128 -14.22 -9.80 33.36
C LYS D 128 -14.76 -10.07 31.95
N ASN D 129 -16.07 -10.25 31.79
CA ASN D 129 -16.69 -10.77 30.54
C ASN D 129 -17.42 -9.64 29.81
N LEU D 130 -16.99 -8.39 29.94
CA LEU D 130 -17.56 -7.28 29.14
C LEU D 130 -17.32 -7.61 27.67
N ARG D 131 -18.30 -7.29 26.82
CA ARG D 131 -18.28 -7.64 25.39
C ARG D 131 -18.62 -6.40 24.58
N VAL D 132 -18.38 -6.47 23.27
CA VAL D 132 -18.52 -5.31 22.34
C VAL D 132 -19.86 -5.41 21.62
N TYR D 133 -20.60 -4.30 21.57
CA TYR D 133 -21.93 -4.23 20.92
C TYR D 133 -21.82 -4.66 19.46
N LYS D 134 -22.64 -5.62 19.02
CA LYS D 134 -22.77 -5.97 17.58
C LYS D 134 -24.07 -5.38 17.03
N THR D 135 -25.19 -5.62 17.68
CA THR D 135 -26.54 -5.21 17.20
C THR D 135 -27.59 -5.54 18.25
N GLY D 136 -28.82 -5.05 18.07
CA GLY D 136 -29.94 -5.28 18.99
C GLY D 136 -30.25 -4.06 19.80
N SER D 137 -31.40 -4.05 20.50
CA SER D 137 -31.83 -2.97 21.43
C SER D 137 -31.84 -3.50 22.85
N HIS D 138 -31.50 -2.65 23.83
CA HIS D 138 -31.63 -3.03 25.26
C HIS D 138 -33.05 -3.57 25.45
N PRO D 139 -33.29 -4.69 26.17
CA PRO D 139 -32.26 -5.51 26.79
C PRO D 139 -31.69 -6.71 26.01
N GLN D 140 -32.01 -6.87 24.74
CA GLN D 140 -31.53 -8.02 23.92
C GLN D 140 -30.47 -7.56 22.93
N MET D 141 -29.30 -7.15 23.43
CA MET D 141 -28.16 -6.71 22.61
C MET D 141 -27.22 -7.91 22.40
N LEU D 142 -26.91 -8.22 21.15
CA LEU D 142 -25.88 -9.23 20.78
C LEU D 142 -24.51 -8.54 20.79
N THR D 143 -23.45 -9.29 21.10
CA THR D 143 -22.09 -8.74 21.35
C THR D 143 -21.03 -9.66 20.76
N THR D 144 -19.80 -9.18 20.63
CA THR D 144 -18.62 -9.96 20.20
C THR D 144 -17.51 -9.83 21.26
N ALA D 145 -16.60 -10.80 21.29
CA ALA D 145 -15.42 -10.81 22.17
C ALA D 145 -14.55 -9.59 21.88
N PRO D 146 -14.02 -8.89 22.90
CA PRO D 146 -12.99 -7.88 22.68
C PRO D 146 -11.62 -8.53 22.44
N GLN D 147 -10.73 -7.91 21.65
CA GLN D 147 -9.32 -8.37 21.44
C GLN D 147 -8.61 -8.51 22.80
N ARG D 148 -8.89 -7.62 23.75
CA ARG D 148 -8.26 -7.67 25.09
C ARG D 148 -9.18 -7.02 26.12
N PRO D 149 -9.02 -7.36 27.41
CA PRO D 149 -9.79 -6.71 28.46
C PRO D 149 -9.42 -5.22 28.59
N MET D 150 -10.41 -4.44 29.00
CA MET D 150 -10.29 -3.02 29.39
C MET D 150 -9.24 -2.84 30.49
N THR D 151 -8.34 -1.85 30.34
CA THR D 151 -7.30 -1.47 31.35
C THR D 151 -7.64 -0.16 32.05
N ILE D 152 -6.99 0.11 33.17
CA ILE D 152 -7.16 1.38 33.94
C ILE D 152 -6.78 2.53 32.99
N ARG D 153 -5.73 2.35 32.20
CA ARG D 153 -5.28 3.44 31.29
C ARG D 153 -6.41 3.76 30.31
N ASP D 154 -7.14 2.75 29.84
CA ASP D 154 -8.31 2.93 28.96
C ASP D 154 -9.30 3.89 29.64
N LEU D 155 -9.63 3.67 30.93
CA LEU D 155 -10.59 4.55 31.67
C LEU D 155 -10.05 5.98 31.71
N LEU D 156 -8.77 6.16 32.02
CA LEU D 156 -8.20 7.50 32.27
C LEU D 156 -8.12 8.31 30.97
N THR D 157 -8.21 7.62 29.82
CA THR D 157 -8.01 8.21 28.47
C THR D 157 -9.26 8.08 27.59
N HIS D 158 -10.37 7.58 28.13
CA HIS D 158 -11.68 7.42 27.42
C HIS D 158 -11.53 6.50 26.20
N GLN D 159 -10.61 5.52 26.26
CA GLN D 159 -10.44 4.44 25.26
C GLN D 159 -11.05 3.13 25.81
N SER D 160 -11.73 3.18 26.95
CA SER D 160 -12.56 2.11 27.58
C SER D 160 -13.46 1.42 26.55
N GLY D 161 -14.14 2.20 25.72
CA GLY D 161 -15.28 1.72 24.93
C GLY D 161 -16.59 1.92 25.68
N LEU D 162 -16.53 2.45 26.90
CA LEU D 162 -17.70 3.03 27.58
C LEU D 162 -18.15 4.27 26.81
N THR D 163 -19.33 4.79 27.13
CA THR D 163 -19.94 5.98 26.51
C THR D 163 -20.71 6.79 27.57
N TYR D 164 -21.48 7.77 27.13
CA TYR D 164 -22.29 8.68 27.98
C TYR D 164 -23.73 8.62 27.46
N GLY D 165 -24.71 8.59 28.36
CA GLY D 165 -26.13 8.69 27.98
C GLY D 165 -26.37 9.78 26.95
N PHE D 166 -25.84 10.98 27.19
CA PHE D 166 -26.21 12.19 26.41
C PHE D 166 -25.61 12.15 24.99
N MET D 167 -24.76 11.19 24.65
CA MET D 167 -24.08 11.12 23.32
C MET D 167 -25.15 11.04 22.20
N ASN D 168 -26.27 10.33 22.45
CA ASN D 168 -27.43 10.20 21.54
C ASN D 168 -26.98 9.80 20.13
N ARG D 169 -26.17 8.75 19.99
CA ARG D 169 -25.69 8.28 18.66
C ARG D 169 -26.01 6.79 18.43
N THR D 170 -26.01 5.97 19.49
CA THR D 170 -25.99 4.49 19.37
C THR D 170 -27.02 3.84 20.29
N ASN D 171 -27.39 2.59 19.99
CA ASN D 171 -28.32 1.79 20.83
C ASN D 171 -27.73 1.66 22.23
N VAL D 172 -26.41 1.74 22.37
CA VAL D 172 -25.71 1.56 23.68
C VAL D 172 -26.01 2.76 24.58
N ASP D 173 -25.87 3.98 24.07
CA ASP D 173 -26.16 5.19 24.88
C ASP D 173 -27.68 5.28 25.12
N ALA D 174 -28.52 4.75 24.23
CA ALA D 174 -29.98 4.62 24.47
C ALA D 174 -30.21 3.80 25.74
N ALA D 175 -29.44 2.73 25.92
CA ALA D 175 -29.46 1.87 27.14
C ALA D 175 -29.04 2.71 28.36
N TYR D 176 -27.95 3.47 28.25
CA TYR D 176 -27.45 4.36 29.34
C TYR D 176 -28.58 5.28 29.78
N ARG D 177 -29.35 5.84 28.83
CA ARG D 177 -30.43 6.81 29.13
C ARG D 177 -31.58 6.08 29.82
N SER D 178 -32.01 4.93 29.32
CA SER D 178 -33.16 4.20 29.92
C SER D 178 -32.80 3.74 31.34
N LEU D 179 -31.51 3.51 31.63
CA LEU D 179 -31.01 3.12 32.99
C LEU D 179 -30.53 4.36 33.78
N LYS D 180 -30.60 5.56 33.20
CA LYS D 180 -30.24 6.85 33.86
C LYS D 180 -28.84 6.75 34.47
N LEU D 181 -27.83 6.37 33.68
CA LEU D 181 -26.42 6.15 34.13
C LEU D 181 -25.64 7.47 34.15
N ASP D 182 -26.23 8.55 33.66
CA ASP D 182 -25.64 9.91 33.76
C ASP D 182 -26.09 10.60 35.05
N GLY D 183 -27.15 10.10 35.69
CA GLY D 183 -27.73 10.66 36.93
C GLY D 183 -29.24 10.49 36.95
N GLY D 184 -29.87 10.62 38.11
CA GLY D 184 -31.32 10.41 38.28
C GLY D 184 -31.59 9.77 39.64
N PRO D 185 -32.87 9.68 40.05
CA PRO D 185 -33.19 9.30 41.44
C PRO D 185 -32.48 8.00 41.85
N GLY D 186 -31.88 7.99 43.05
CA GLY D 186 -31.25 6.81 43.71
C GLY D 186 -30.08 6.26 42.90
N HIS D 187 -29.46 7.10 42.07
CA HIS D 187 -28.23 6.77 41.33
C HIS D 187 -27.05 6.95 42.29
N THR D 188 -26.23 5.91 42.39
CA THR D 188 -24.96 5.87 43.17
C THR D 188 -23.88 5.39 42.22
N LEU D 189 -22.60 5.55 42.57
CA LEU D 189 -21.49 4.92 41.80
C LEU D 189 -21.68 3.41 41.83
N ASP D 190 -22.10 2.85 42.98
CA ASP D 190 -22.25 1.37 43.15
C ASP D 190 -23.20 0.86 42.07
N ARG D 191 -24.23 1.65 41.75
CA ARG D 191 -25.26 1.30 40.75
C ARG D 191 -24.69 1.39 39.33
N LEU D 192 -23.98 2.47 39.01
CA LEU D 192 -23.27 2.64 37.72
C LEU D 192 -22.42 1.39 37.44
N ILE D 193 -21.59 0.98 38.40
CA ILE D 193 -20.64 -0.16 38.20
C ILE D 193 -21.45 -1.45 38.00
N ASP D 194 -22.50 -1.63 38.79
CA ASP D 194 -23.34 -2.85 38.75
C ASP D 194 -24.04 -2.91 37.37
N GLU D 195 -24.53 -1.78 36.86
CA GLU D 195 -25.32 -1.74 35.60
C GLU D 195 -24.40 -1.93 34.38
N LEU D 196 -23.23 -1.32 34.39
CA LEU D 196 -22.24 -1.36 33.27
C LEU D 196 -21.72 -2.79 33.08
N ALA D 197 -21.73 -3.62 34.14
CA ALA D 197 -21.28 -5.03 34.09
C ALA D 197 -22.12 -5.80 33.08
N ARG D 198 -23.36 -5.38 32.87
CA ARG D 198 -24.38 -6.10 32.06
C ARG D 198 -24.56 -5.40 30.71
N LEU D 199 -23.76 -4.38 30.40
CA LEU D 199 -23.91 -3.62 29.13
C LEU D 199 -22.72 -3.86 28.21
N PRO D 200 -22.96 -3.74 26.90
CA PRO D 200 -21.89 -3.83 25.92
C PRO D 200 -21.11 -2.52 25.77
N LEU D 201 -19.88 -2.65 25.28
CA LEU D 201 -18.98 -1.53 24.94
C LEU D 201 -19.21 -1.13 23.47
N GLU D 202 -18.87 0.11 23.12
CA GLU D 202 -19.00 0.62 21.75
C GLU D 202 -17.92 -0.01 20.87
N PHE D 203 -16.81 -0.46 21.44
CA PHE D 203 -15.68 -1.02 20.64
C PHE D 203 -14.71 -1.76 21.56
N SER D 204 -13.88 -2.63 20.96
CA SER D 204 -12.82 -3.36 21.71
C SER D 204 -11.95 -2.32 22.38
N PRO D 205 -11.75 -2.42 23.72
CA PRO D 205 -10.95 -1.44 24.47
C PRO D 205 -9.59 -1.16 23.82
N GLY D 206 -9.26 0.13 23.70
CA GLY D 206 -7.96 0.64 23.20
C GLY D 206 -8.02 1.06 21.74
N THR D 207 -8.98 0.53 20.99
CA THR D 207 -9.01 0.60 19.49
C THR D 207 -9.61 1.94 19.04
N ALA D 208 -10.20 2.73 19.93
CA ALA D 208 -10.85 4.00 19.59
C ALA D 208 -10.97 4.87 20.85
N TRP D 209 -11.53 6.07 20.70
CA TRP D 209 -11.77 7.03 21.80
C TRP D 209 -13.25 7.44 21.78
N ASN D 210 -13.89 7.46 22.94
CA ASN D 210 -15.28 7.93 23.09
C ASN D 210 -15.47 8.45 24.51
N TYR D 211 -15.77 9.74 24.62
CA TYR D 211 -16.08 10.45 25.89
C TYR D 211 -17.13 9.63 26.65
N SER D 212 -16.92 9.43 27.95
CA SER D 212 -17.57 8.34 28.71
C SER D 212 -17.70 8.67 30.20
N VAL D 213 -18.51 7.86 30.86
CA VAL D 213 -18.61 7.74 32.34
C VAL D 213 -17.32 7.16 32.92
N ALA D 214 -16.34 6.80 32.10
CA ALA D 214 -15.08 6.16 32.50
C ALA D 214 -14.47 6.90 33.70
N THR D 215 -14.60 8.22 33.74
CA THR D 215 -14.00 9.06 34.80
C THR D 215 -14.83 8.92 36.08
N ASP D 216 -16.14 8.76 35.96
CA ASP D 216 -17.04 8.45 37.11
C ASP D 216 -16.61 7.12 37.75
N VAL D 217 -16.21 6.16 36.91
CA VAL D 217 -15.65 4.83 37.28
C VAL D 217 -14.30 5.01 37.98
N CYS D 218 -13.43 5.89 37.46
CA CYS D 218 -12.16 6.25 38.12
C CYS D 218 -12.46 6.72 39.56
N GLY D 219 -13.47 7.58 39.71
CA GLY D 219 -14.04 7.98 41.01
C GLY D 219 -14.32 6.77 41.89
N TYR D 220 -15.02 5.78 41.36
CA TYR D 220 -15.36 4.52 42.07
C TYR D 220 -14.07 3.81 42.50
N LEU D 221 -13.05 3.82 41.63
CA LEU D 221 -11.75 3.14 41.91
C LEU D 221 -10.97 3.90 42.98
N VAL D 222 -11.11 5.22 43.07
CA VAL D 222 -10.51 6.02 44.17
C VAL D 222 -11.11 5.50 45.48
N GLN D 223 -12.44 5.42 45.54
CA GLN D 223 -13.19 4.87 46.71
C GLN D 223 -12.67 3.47 47.01
N LEU D 224 -12.71 2.56 46.03
CA LEU D 224 -12.32 1.13 46.15
C LEU D 224 -10.94 1.06 46.83
N LEU D 225 -9.95 1.78 46.31
CA LEU D 225 -8.54 1.66 46.72
C LEU D 225 -8.25 2.46 48.00
N SER D 226 -8.95 3.55 48.27
CA SER D 226 -8.62 4.49 49.38
C SER D 226 -9.39 4.11 50.64
N GLY D 227 -10.49 3.37 50.49
CA GLY D 227 -11.45 3.12 51.59
C GLY D 227 -12.33 4.32 51.89
N MET D 228 -12.07 5.48 51.29
CA MET D 228 -12.84 6.72 51.57
C MET D 228 -13.90 6.94 50.49
N SER D 229 -14.99 7.60 50.84
CA SER D 229 -15.98 8.20 49.91
C SER D 229 -15.28 9.30 49.10
N LEU D 230 -15.68 9.54 47.85
CA LEU D 230 -14.91 10.40 46.91
C LEU D 230 -14.82 11.84 47.43
N ASP D 231 -15.89 12.37 48.03
CA ASP D 231 -15.95 13.76 48.58
C ASP D 231 -14.90 13.92 49.69
N ASP D 232 -14.72 12.89 50.51
CA ASP D 232 -13.71 12.83 51.61
C ASP D 232 -12.32 12.73 50.98
N TYR D 233 -12.05 11.81 50.02
CA TYR D 233 -10.70 11.70 49.39
C TYR D 233 -10.31 13.08 48.84
N PHE D 234 -11.22 13.71 48.10
CA PHE D 234 -10.97 15.01 47.44
C PHE D 234 -10.61 16.05 48.51
N SER D 235 -11.44 16.11 49.54
CA SER D 235 -11.33 17.13 50.60
C SER D 235 -9.99 16.94 51.32
N LYS D 236 -9.70 15.71 51.73
CA LYS D 236 -8.48 15.38 52.53
C LYS D 236 -7.22 15.59 51.66
N HIS D 237 -7.19 15.02 50.46
CA HIS D 237 -5.94 14.82 49.66
C HIS D 237 -5.77 15.86 48.55
N ILE D 238 -6.75 16.73 48.30
CA ILE D 238 -6.65 17.79 47.24
C ILE D 238 -7.10 19.15 47.79
N PHE D 239 -8.35 19.30 48.24
CA PHE D 239 -8.97 20.62 48.52
C PHE D 239 -8.36 21.26 49.77
N GLN D 240 -8.18 20.53 50.86
CA GLN D 240 -7.62 21.10 52.10
C GLN D 240 -6.16 21.49 51.86
N PRO D 241 -5.29 20.57 51.38
CA PRO D 241 -3.90 20.92 51.08
C PRO D 241 -3.75 22.19 50.23
N LEU D 242 -4.64 22.39 49.25
CA LEU D 242 -4.49 23.49 48.25
C LEU D 242 -5.25 24.74 48.67
N GLY D 243 -6.03 24.69 49.76
CA GLY D 243 -6.78 25.86 50.23
C GLY D 243 -7.94 26.15 49.29
N MET D 244 -8.75 25.13 49.02
CA MET D 244 -9.95 25.18 48.15
C MET D 244 -11.15 24.89 49.03
N PRO D 245 -11.59 25.88 49.83
CA PRO D 245 -12.68 25.68 50.78
C PRO D 245 -14.07 25.74 50.12
N ASP D 246 -14.14 26.19 48.86
CA ASP D 246 -15.40 26.46 48.13
C ASP D 246 -15.53 25.50 46.93
N THR D 247 -15.13 24.24 47.09
CA THR D 247 -15.23 23.18 46.06
C THR D 247 -15.82 21.94 46.73
N PHE D 248 -16.94 21.44 46.19
CA PHE D 248 -17.75 20.38 46.83
C PHE D 248 -18.76 19.83 45.84
N PHE D 249 -19.20 18.59 46.05
CA PHE D 249 -20.28 17.92 45.27
C PHE D 249 -21.64 18.52 45.64
N THR D 250 -21.80 18.93 46.90
CA THR D 250 -23.06 19.49 47.46
C THR D 250 -22.75 20.89 48.01
N VAL D 251 -23.52 21.89 47.60
CA VAL D 251 -23.30 23.31 48.02
C VAL D 251 -23.86 23.47 49.43
N PRO D 252 -23.04 23.79 50.44
CA PRO D 252 -23.53 24.04 51.79
C PRO D 252 -24.62 25.11 51.78
N ALA D 253 -25.67 24.93 52.59
CA ALA D 253 -26.80 25.86 52.74
C ALA D 253 -26.31 27.31 52.87
N GLU D 254 -25.31 27.56 53.73
CA GLU D 254 -24.83 28.93 54.05
C GLU D 254 -24.13 29.57 52.84
N LYS D 255 -23.74 28.80 51.80
CA LYS D 255 -23.01 29.34 50.62
C LYS D 255 -23.93 29.41 49.38
N LEU D 256 -25.16 28.91 49.49
CA LEU D 256 -26.12 28.78 48.37
C LEU D 256 -26.49 30.15 47.79
N SER D 257 -26.28 31.24 48.53
CA SER D 257 -26.53 32.62 48.04
C SER D 257 -25.52 32.93 46.92
N ARG D 258 -24.33 32.36 46.98
CA ARG D 258 -23.22 32.65 46.03
C ARG D 258 -23.35 31.81 44.76
N PHE D 259 -24.21 30.80 44.75
CA PHE D 259 -24.37 29.82 43.65
C PHE D 259 -25.06 30.46 42.45
N ALA D 260 -24.42 30.41 41.30
CA ALA D 260 -24.95 30.96 40.03
C ALA D 260 -26.11 30.10 39.53
N ALA D 261 -27.03 30.69 38.78
CA ALA D 261 -28.01 29.96 37.96
C ALA D 261 -27.26 29.40 36.73
N CYS D 262 -27.72 28.25 36.26
CA CYS D 262 -27.29 27.64 34.97
C CYS D 262 -28.34 27.94 33.90
N TYR D 263 -27.87 28.30 32.70
CA TYR D 263 -28.71 28.62 31.52
C TYR D 263 -28.36 27.66 30.38
N GLU D 264 -29.33 27.38 29.51
CA GLU D 264 -29.15 26.56 28.29
C GLU D 264 -29.45 27.42 27.06
N TYR D 265 -28.87 27.05 25.92
CA TYR D 265 -28.97 27.78 24.63
C TYR D 265 -30.41 27.75 24.15
N GLN D 266 -30.90 28.88 23.62
CA GLN D 266 -32.18 28.99 22.86
C GLN D 266 -31.87 29.62 21.51
N PRO D 267 -32.55 29.16 20.42
CA PRO D 267 -32.30 29.71 19.08
C PRO D 267 -32.44 31.25 19.07
N GLY D 268 -31.79 31.90 18.10
CA GLY D 268 -31.65 33.37 18.05
C GLY D 268 -30.53 33.88 18.93
N ASP D 269 -29.60 32.98 19.33
CA ASP D 269 -28.43 33.27 20.19
C ASP D 269 -28.93 33.92 21.48
N SER D 270 -29.83 33.20 22.15
CA SER D 270 -30.43 33.59 23.45
C SER D 270 -30.27 32.41 24.41
N PHE D 271 -30.79 32.54 25.64
CA PHE D 271 -30.71 31.47 26.66
C PHE D 271 -31.95 31.49 27.57
N SER D 272 -32.26 30.35 28.20
CA SER D 272 -33.36 30.15 29.15
C SER D 272 -32.82 29.56 30.47
N LEU D 273 -33.56 29.73 31.57
CA LEU D 273 -33.22 29.15 32.91
C LEU D 273 -33.18 27.62 32.76
N GLN D 274 -32.12 26.97 33.25
CA GLN D 274 -31.90 25.50 33.19
C GLN D 274 -31.85 24.92 34.60
N ASP D 275 -31.24 25.63 35.55
CA ASP D 275 -31.14 25.23 36.97
C ASP D 275 -31.26 26.49 37.84
N ASP D 276 -32.30 26.55 38.67
CA ASP D 276 -32.46 27.57 39.73
C ASP D 276 -31.54 27.16 40.88
N PRO D 277 -30.61 28.04 41.34
CA PRO D 277 -29.72 27.72 42.45
C PRO D 277 -30.45 27.37 43.75
N GLN D 278 -31.58 28.02 44.02
CA GLN D 278 -32.54 27.57 45.07
C GLN D 278 -33.30 26.38 44.50
N GLY D 279 -33.37 25.27 45.24
CA GLY D 279 -33.94 24.01 44.73
C GLY D 279 -33.16 23.45 43.55
N SER D 280 -31.84 23.37 43.68
CA SER D 280 -30.94 22.72 42.70
C SER D 280 -30.52 21.36 43.25
N ALA D 281 -30.45 20.32 42.43
CA ALA D 281 -29.95 19.00 42.87
C ALA D 281 -28.52 19.13 43.44
N PHE D 282 -27.78 20.16 43.04
CA PHE D 282 -26.40 20.45 43.55
C PHE D 282 -26.44 20.93 45.00
N ALA D 283 -27.61 21.36 45.48
CA ALA D 283 -27.87 21.84 46.86
C ALA D 283 -28.23 20.67 47.78
N LYS D 284 -28.68 19.54 47.23
CA LYS D 284 -29.02 18.30 47.99
C LYS D 284 -27.84 17.34 47.95
N ALA D 285 -27.71 16.50 48.98
CA ALA D 285 -26.78 15.36 49.00
C ALA D 285 -27.57 14.10 48.65
N HIS D 286 -28.02 13.98 47.39
CA HIS D 286 -28.34 12.68 46.73
C HIS D 286 -27.07 11.82 46.78
N GLY D 287 -27.17 10.53 46.50
CA GLY D 287 -26.06 9.60 46.80
C GLY D 287 -25.09 9.42 45.66
N TYR D 288 -25.02 10.35 44.70
CA TYR D 288 -24.21 10.23 43.45
C TYR D 288 -23.03 11.20 43.47
N LEU D 289 -21.85 10.68 43.76
CA LEU D 289 -20.58 11.44 43.66
C LEU D 289 -19.98 11.22 42.27
N SER D 290 -20.23 12.17 41.37
CA SER D 290 -19.86 12.11 39.93
C SER D 290 -18.40 12.56 39.75
N GLY D 291 -17.46 11.61 39.71
CA GLY D 291 -16.07 11.89 39.28
C GLY D 291 -16.01 12.59 37.91
N GLY D 292 -17.07 12.48 37.12
CA GLY D 292 -17.15 13.02 35.75
C GLY D 292 -17.68 14.43 35.68
N GLY D 293 -18.66 14.83 36.49
CA GLY D 293 -19.29 16.18 36.34
C GLY D 293 -19.87 16.77 37.61
N GLY D 294 -19.56 16.21 38.78
CA GLY D 294 -20.32 16.46 40.01
C GLY D 294 -20.01 17.79 40.68
N LEU D 295 -18.81 18.35 40.47
CA LEU D 295 -18.26 19.40 41.35
C LEU D 295 -18.86 20.77 41.03
N VAL D 296 -19.02 21.54 42.11
CA VAL D 296 -19.20 23.01 42.13
C VAL D 296 -17.93 23.60 42.72
N SER D 297 -17.46 24.69 42.15
CA SER D 297 -16.21 25.39 42.54
C SER D 297 -16.37 26.87 42.19
N CYS D 298 -15.36 27.66 42.53
CA CYS D 298 -15.28 29.09 42.17
C CYS D 298 -13.98 29.28 41.40
N VAL D 299 -13.78 30.46 40.82
CA VAL D 299 -12.58 30.73 39.98
C VAL D 299 -11.33 30.60 40.86
N ASP D 300 -11.36 31.10 42.09
CA ASP D 300 -10.16 31.13 42.98
C ASP D 300 -9.71 29.71 43.28
N ASP D 301 -10.64 28.82 43.64
CA ASP D 301 -10.33 27.42 43.98
C ASP D 301 -9.73 26.72 42.75
N TYR D 302 -10.34 26.88 41.57
CA TYR D 302 -9.88 26.16 40.36
C TYR D 302 -8.52 26.73 39.94
N TYR D 303 -8.31 28.03 40.14
CA TYR D 303 -7.00 28.68 39.91
C TYR D 303 -5.93 27.98 40.76
N ARG D 304 -6.22 27.73 42.04
CA ARG D 304 -5.24 27.12 42.97
C ARG D 304 -4.90 25.72 42.46
N PHE D 305 -5.92 24.95 42.05
CA PHE D 305 -5.73 23.62 41.45
C PHE D 305 -4.86 23.72 40.18
N ALA D 306 -5.21 24.65 39.28
CA ALA D 306 -4.49 24.86 38.01
C ALA D 306 -3.04 25.27 38.28
N GLN D 307 -2.85 26.25 39.16
CA GLN D 307 -1.53 26.85 39.51
C GLN D 307 -0.64 25.76 40.13
N ALA D 308 -1.22 24.87 40.94
CA ALA D 308 -0.53 23.71 41.54
C ALA D 308 0.04 22.86 40.40
N LEU D 309 -0.77 22.55 39.39
CA LEU D 309 -0.37 21.73 38.21
C LEU D 309 0.72 22.49 37.44
N ALA D 310 0.53 23.79 37.21
CA ALA D 310 1.49 24.65 36.49
C ALA D 310 2.84 24.64 37.22
N ASN D 311 2.85 24.44 38.53
CA ASN D 311 4.09 24.43 39.36
C ASN D 311 4.67 23.03 39.47
N GLY D 312 4.10 22.02 38.80
CA GLY D 312 4.58 20.64 38.86
C GLY D 312 4.02 19.88 40.07
N GLY D 313 2.88 20.34 40.60
CA GLY D 313 2.06 19.56 41.56
C GLY D 313 2.07 20.12 42.97
N GLU D 314 2.77 21.23 43.20
CA GLU D 314 3.01 21.86 44.51
C GLU D 314 2.47 23.29 44.47
N LEU D 315 1.78 23.73 45.52
CA LEU D 315 1.41 25.15 45.73
C LEU D 315 1.53 25.52 47.21
N ASP D 316 2.29 26.58 47.50
CA ASP D 316 2.49 27.13 48.87
C ASP D 316 2.83 25.96 49.81
N GLY D 317 3.76 25.09 49.41
CA GLY D 317 4.30 24.01 50.23
C GLY D 317 3.39 22.80 50.38
N ALA D 318 2.22 22.78 49.75
CA ALA D 318 1.35 21.58 49.65
C ALA D 318 1.59 20.91 48.29
N ARG D 319 1.75 19.59 48.28
CA ARG D 319 1.92 18.80 47.03
C ARG D 319 0.73 17.85 46.87
N ILE D 320 0.05 17.87 45.74
CA ILE D 320 -1.09 16.95 45.44
C ILE D 320 -0.64 15.83 44.48
N ILE D 321 0.49 16.00 43.78
CA ILE D 321 0.99 14.98 42.80
C ILE D 321 2.48 15.24 42.57
N GLY D 322 3.25 14.17 42.35
CA GLY D 322 4.67 14.25 41.93
C GLY D 322 4.81 14.97 40.59
N ARG D 323 5.89 15.74 40.47
CA ARG D 323 6.23 16.53 39.25
C ARG D 323 6.26 15.57 38.05
N LYS D 324 6.85 14.39 38.22
CA LYS D 324 7.09 13.42 37.13
C LYS D 324 5.78 12.76 36.76
N THR D 325 5.01 12.34 37.75
CA THR D 325 3.69 11.71 37.59
C THR D 325 2.82 12.65 36.75
N LEU D 326 2.85 13.95 37.04
CA LEU D 326 2.03 14.95 36.30
C LEU D 326 2.52 15.06 34.85
N GLU D 327 3.83 15.05 34.64
CA GLU D 327 4.44 15.20 33.30
C GLU D 327 3.98 14.00 32.45
N PHE D 328 3.77 12.84 33.09
CA PHE D 328 3.25 11.59 32.49
C PHE D 328 1.78 11.74 32.07
N MET D 329 0.98 12.40 32.92
CA MET D 329 -0.47 12.63 32.67
C MET D 329 -0.65 13.62 31.51
N ARG D 330 0.30 14.52 31.26
CA ARG D 330 0.19 15.59 30.23
C ARG D 330 0.69 15.11 28.89
N MET D 331 1.30 13.93 28.83
CA MET D 331 1.72 13.31 27.56
C MET D 331 0.45 12.91 26.79
N ASN D 332 0.55 12.86 25.47
CA ASN D 332 -0.46 12.23 24.59
C ASN D 332 -0.40 10.71 24.82
N HIS D 333 -1.49 10.10 25.26
CA HIS D 333 -1.59 8.64 25.55
C HIS D 333 -2.39 7.95 24.44
N LEU D 334 -2.63 8.64 23.34
CA LEU D 334 -3.33 8.02 22.19
C LEU D 334 -2.29 7.29 21.35
N PRO D 335 -2.70 6.19 20.68
CA PRO D 335 -1.79 5.34 19.93
C PRO D 335 -1.05 6.20 18.88
N ASP D 336 0.26 5.98 18.71
CA ASP D 336 1.09 6.51 17.60
C ASP D 336 0.99 8.04 17.56
N ASN D 337 1.02 8.68 18.72
CA ASN D 337 0.91 10.15 18.89
C ASN D 337 -0.17 10.72 17.95
N LYS D 338 -1.30 10.05 17.83
CA LYS D 338 -2.46 10.51 17.03
C LYS D 338 -3.24 11.58 17.80
N GLY D 339 -3.96 12.43 17.07
CA GLY D 339 -4.91 13.40 17.63
C GLY D 339 -6.28 12.79 17.86
N LEU D 340 -7.15 13.48 18.60
CA LEU D 340 -8.50 12.98 18.92
C LEU D 340 -9.26 12.61 17.64
N PRO D 341 -9.30 13.44 16.57
CA PRO D 341 -10.04 13.08 15.36
C PRO D 341 -9.55 11.82 14.62
N ASP D 342 -8.32 11.40 14.86
CA ASP D 342 -7.78 10.16 14.27
C ASP D 342 -8.38 8.94 14.97
N VAL D 343 -9.01 9.07 16.14
CA VAL D 343 -9.45 7.88 16.94
C VAL D 343 -10.86 8.09 17.51
N ALA D 344 -11.33 9.32 17.61
CA ALA D 344 -12.63 9.64 18.24
C ALA D 344 -13.73 9.19 17.30
N ILE D 345 -14.82 8.64 17.84
CA ILE D 345 -16.02 8.22 17.06
C ILE D 345 -17.10 9.32 17.19
N GLY D 346 -16.94 10.26 18.15
CA GLY D 346 -17.99 11.21 18.60
C GLY D 346 -17.93 12.55 17.88
N SER D 347 -18.35 13.64 18.55
CA SER D 347 -18.30 15.04 18.04
C SER D 347 -16.93 15.67 18.35
N PHE D 348 -16.06 14.88 19.02
CA PHE D 348 -14.63 15.18 19.26
C PHE D 348 -13.81 14.77 18.02
N SER D 349 -14.49 14.25 16.97
CA SER D 349 -13.97 13.99 15.59
C SER D 349 -13.72 15.31 14.86
N GLU D 350 -14.45 16.36 15.25
CA GLU D 350 -14.69 17.58 14.42
C GLU D 350 -13.45 18.48 14.49
N THR D 351 -13.42 19.49 13.60
CA THR D 351 -12.23 20.34 13.26
C THR D 351 -11.64 21.02 14.49
N PRO D 352 -12.42 21.51 15.48
CA PRO D 352 -11.84 22.16 16.66
C PRO D 352 -10.80 21.34 17.44
N TYR D 353 -10.84 20.00 17.35
CA TYR D 353 -9.95 19.09 18.15
C TYR D 353 -8.78 18.60 17.28
N ASP D 354 -8.65 19.10 16.05
CA ASP D 354 -7.48 18.83 15.17
C ASP D 354 -6.21 19.29 15.88
N GLY D 355 -5.17 18.46 15.83
CA GLY D 355 -3.86 18.75 16.45
C GLY D 355 -3.91 18.72 17.98
N THR D 356 -4.95 18.12 18.56
CA THR D 356 -5.08 17.93 20.02
C THR D 356 -5.17 16.44 20.32
N GLY D 357 -4.36 15.96 21.25
CA GLY D 357 -4.35 14.57 21.75
C GLY D 357 -5.02 14.51 23.11
N PHE D 358 -4.70 13.48 23.88
CA PHE D 358 -5.36 13.25 25.19
C PHE D 358 -4.44 12.38 26.05
N GLY D 359 -4.21 12.85 27.28
CA GLY D 359 -3.42 12.14 28.30
C GLY D 359 -4.34 11.53 29.34
N LEU D 360 -3.89 11.51 30.60
CA LEU D 360 -4.65 10.90 31.70
C LEU D 360 -5.53 12.00 32.32
N GLY D 361 -6.54 12.46 31.57
CA GLY D 361 -7.59 13.36 32.09
C GLY D 361 -7.46 14.79 31.58
N PHE D 362 -6.46 15.06 30.75
CA PHE D 362 -6.27 16.35 30.04
C PHE D 362 -6.19 16.11 28.53
N SER D 363 -6.68 17.09 27.76
CA SER D 363 -6.33 17.29 26.34
C SER D 363 -4.91 17.85 26.28
N VAL D 364 -4.22 17.65 25.16
CA VAL D 364 -2.80 18.04 24.97
C VAL D 364 -2.67 18.59 23.55
N LYS D 365 -2.22 19.83 23.37
CA LYS D 365 -2.02 20.37 22.01
C LYS D 365 -0.75 19.74 21.42
N LEU D 366 -0.88 19.12 20.25
CA LEU D 366 0.22 18.43 19.52
C LEU D 366 0.78 19.32 18.42
N ASP D 367 -0.08 19.94 17.62
CA ASP D 367 0.28 20.76 16.42
C ASP D 367 -0.51 22.08 16.45
N VAL D 368 0.16 23.20 16.70
CA VAL D 368 -0.51 24.51 16.89
C VAL D 368 -1.19 24.91 15.59
N ALA D 369 -0.45 24.92 14.48
CA ALA D 369 -0.95 25.33 13.15
C ALA D 369 -2.20 24.50 12.79
N LYS D 370 -2.18 23.20 13.08
CA LYS D 370 -3.27 22.26 12.70
C LYS D 370 -4.55 22.63 13.45
N SER D 371 -4.41 23.07 14.70
CA SER D 371 -5.54 23.47 15.58
C SER D 371 -6.17 24.79 15.13
N GLN D 372 -5.49 25.55 14.26
CA GLN D 372 -5.97 26.87 13.73
C GLN D 372 -6.15 27.87 14.88
N THR D 373 -5.67 27.56 16.10
CA THR D 373 -5.76 28.44 17.27
C THR D 373 -4.35 28.68 17.83
N VAL D 374 -3.99 29.95 18.06
CA VAL D 374 -2.75 30.36 18.77
C VAL D 374 -2.67 29.66 20.13
N GLY D 375 -1.45 29.34 20.53
CA GLY D 375 -1.15 28.52 21.71
C GLY D 375 0.20 27.89 21.57
N SER D 376 0.53 26.96 22.47
CA SER D 376 1.84 26.27 22.49
C SER D 376 1.62 24.77 22.45
N VAL D 377 2.58 24.04 21.86
CA VAL D 377 2.60 22.55 21.96
C VAL D 377 2.68 22.25 23.46
N GLY D 378 1.87 21.31 23.94
CA GLY D 378 1.83 20.88 25.35
C GLY D 378 0.69 21.51 26.13
N GLU D 379 0.10 22.60 25.61
CA GLU D 379 -1.10 23.25 26.22
C GLU D 379 -2.06 22.14 26.65
N TYR D 380 -2.37 22.05 27.94
CA TYR D 380 -3.26 21.01 28.50
C TYR D 380 -4.39 21.64 29.31
N GLY D 381 -5.48 20.89 29.44
CA GLY D 381 -6.68 21.34 30.17
C GLY D 381 -7.90 20.54 29.77
N TRP D 382 -9.08 21.08 30.11
CA TRP D 382 -10.39 20.49 29.77
C TRP D 382 -11.48 21.51 30.06
N GLY D 383 -12.72 21.16 29.77
CA GLY D 383 -13.86 22.08 29.94
C GLY D 383 -15.02 21.36 30.57
N GLY D 384 -16.07 22.10 30.88
CA GLY D 384 -17.34 21.56 31.37
C GLY D 384 -18.45 21.86 30.38
N MET D 385 -19.49 21.04 30.38
CA MET D 385 -20.57 21.12 29.36
C MET D 385 -21.32 22.46 29.52
N ALA D 386 -21.09 23.21 30.60
CA ALA D 386 -21.75 24.52 30.84
C ALA D 386 -20.88 25.68 30.38
N SER D 387 -19.84 25.40 29.57
CA SER D 387 -18.98 26.39 28.85
C SER D 387 -17.84 26.91 29.75
N THR D 388 -17.71 26.36 30.95
CA THR D 388 -16.50 26.41 31.81
C THR D 388 -15.32 25.87 31.01
N ASN D 389 -14.15 26.47 31.18
CA ASN D 389 -12.90 26.08 30.47
C ASN D 389 -11.67 26.48 31.28
N PHE D 390 -10.61 25.69 31.20
CA PHE D 390 -9.28 26.07 31.72
C PHE D 390 -8.18 25.45 30.85
N PHE D 391 -7.03 26.10 30.81
CA PHE D 391 -5.82 25.61 30.12
C PHE D 391 -4.57 26.07 30.87
N ILE D 392 -3.50 25.31 30.70
CA ILE D 392 -2.14 25.54 31.25
C ILE D 392 -1.17 25.35 30.08
N ASP D 393 -0.56 26.45 29.63
CA ASP D 393 0.45 26.48 28.54
C ASP D 393 1.79 26.30 29.23
N PRO D 394 2.39 25.09 29.28
CA PRO D 394 3.58 24.87 30.09
C PRO D 394 4.82 25.50 29.44
N GLU D 395 4.77 25.81 28.14
CA GLU D 395 5.88 26.48 27.42
C GLU D 395 5.93 27.96 27.86
N GLU D 396 4.81 28.59 28.17
CA GLU D 396 4.73 30.03 28.51
C GLU D 396 4.47 30.26 30.01
N ASP D 397 4.33 29.20 30.83
CA ASP D 397 3.96 29.26 32.28
C ASP D 397 2.71 30.13 32.45
N LEU D 398 1.74 29.96 31.57
CA LEU D 398 0.56 30.83 31.43
C LEU D 398 -0.68 29.94 31.65
N LEU D 399 -1.72 30.45 32.30
CA LEU D 399 -2.95 29.65 32.48
C LEU D 399 -4.16 30.57 32.54
N MET D 400 -5.32 30.02 32.19
CA MET D 400 -6.62 30.75 32.17
C MET D 400 -7.65 29.86 32.88
N VAL D 401 -8.52 30.48 33.68
CA VAL D 401 -9.78 29.85 34.16
C VAL D 401 -10.93 30.73 33.72
N PHE D 402 -11.88 30.15 32.99
CA PHE D 402 -13.09 30.82 32.46
C PHE D 402 -14.33 30.11 32.99
N MET D 403 -15.17 30.85 33.68
CA MET D 403 -16.44 30.38 34.28
C MET D 403 -17.59 31.14 33.60
N THR D 404 -18.62 30.42 33.20
CA THR D 404 -19.94 30.91 32.75
C THR D 404 -20.90 29.73 32.91
N GLN D 405 -22.19 29.92 32.74
CA GLN D 405 -23.13 28.79 32.87
C GLN D 405 -24.10 28.80 31.69
N LEU D 406 -23.63 28.26 30.55
CA LEU D 406 -24.39 28.13 29.28
C LEU D 406 -24.17 26.72 28.74
N ILE D 407 -25.20 25.87 28.82
CA ILE D 407 -25.18 24.51 28.23
C ILE D 407 -25.72 24.59 26.79
N PRO D 408 -25.14 23.91 25.78
CA PRO D 408 -23.85 23.20 25.90
C PRO D 408 -22.59 24.00 25.50
N SER D 409 -21.41 23.54 25.93
CA SER D 409 -20.07 24.16 25.69
C SER D 409 -19.79 24.29 24.21
N SER D 410 -20.35 23.40 23.39
CA SER D 410 -20.20 23.39 21.91
C SER D 410 -20.82 24.65 21.29
N THR D 411 -21.69 25.38 22.00
CA THR D 411 -22.51 26.47 21.41
C THR D 411 -21.62 27.56 20.81
N TYR D 412 -20.73 28.17 21.61
CA TYR D 412 -19.90 29.33 21.16
C TYR D 412 -18.41 29.00 21.27
N ALA D 413 -17.61 29.64 20.44
CA ALA D 413 -16.15 29.43 20.36
C ALA D 413 -15.43 30.43 21.28
N VAL D 414 -16.02 30.77 22.43
CA VAL D 414 -15.49 31.84 23.33
C VAL D 414 -14.10 31.40 23.87
N ARG D 415 -13.91 30.14 24.23
CA ARG D 415 -12.62 29.62 24.76
C ARG D 415 -11.48 29.89 23.75
N GLN D 416 -11.79 29.96 22.46
CA GLN D 416 -10.78 30.15 21.38
C GLN D 416 -10.48 31.64 21.25
N GLU D 417 -11.51 32.50 21.30
CA GLU D 417 -11.37 33.98 21.27
C GLU D 417 -10.50 34.41 22.46
N LEU D 418 -10.76 33.88 23.66
CA LEU D 418 -9.97 34.20 24.88
C LEU D 418 -8.50 33.83 24.65
N ARG D 419 -8.24 32.67 24.07
CA ARG D 419 -6.86 32.21 23.76
C ARG D 419 -6.17 33.22 22.84
N ALA D 420 -6.89 33.69 21.82
CA ALA D 420 -6.37 34.62 20.79
C ALA D 420 -5.87 35.90 21.49
N ILE D 421 -6.68 36.42 22.41
CA ILE D 421 -6.51 37.71 23.12
C ILE D 421 -5.35 37.61 24.11
N ILE D 422 -5.40 36.55 24.92
CA ILE D 422 -4.44 36.23 26.00
C ILE D 422 -3.05 36.00 25.40
N ASN D 423 -2.90 35.09 24.43
CA ASN D 423 -1.61 34.84 23.73
C ASN D 423 -1.22 36.16 23.04
N GLY D 424 -2.21 36.97 22.64
CA GLY D 424 -2.00 38.30 22.06
C GLY D 424 -1.28 39.24 23.00
N ALA D 425 -1.47 39.06 24.30
CA ALA D 425 -1.00 39.99 25.36
C ALA D 425 0.41 39.60 25.85
N LEU D 426 1.01 38.53 25.33
CA LEU D 426 2.44 38.23 25.57
C LEU D 426 3.31 39.25 24.83
N VAL D 427 4.22 39.93 25.54
CA VAL D 427 5.03 41.07 25.01
C VAL D 427 6.50 40.98 25.44
N ASP D 428 7.04 39.81 25.80
CA ASP D 428 8.50 39.60 25.98
C ASP D 428 9.05 38.85 24.75
N SER E 27 0.62 -49.11 -33.94
CA SER E 27 -0.36 -48.09 -33.46
C SER E 27 -1.47 -48.80 -32.65
N ASN E 28 -1.19 -49.22 -31.42
CA ASN E 28 -2.25 -49.60 -30.44
C ASN E 28 -2.72 -48.32 -29.75
N ILE E 29 -3.95 -47.90 -29.98
CA ILE E 29 -4.59 -46.72 -29.34
C ILE E 29 -5.91 -47.19 -28.71
N ILE E 30 -6.08 -47.02 -27.40
CA ILE E 30 -7.40 -47.20 -26.73
C ILE E 30 -7.76 -45.86 -26.09
N ALA E 31 -8.99 -45.39 -26.33
CA ALA E 31 -9.53 -44.16 -25.70
C ALA E 31 -8.54 -42.99 -25.88
N GLY E 32 -7.99 -42.84 -27.09
CA GLY E 32 -7.13 -41.70 -27.44
C GLY E 32 -5.78 -41.71 -26.73
N MET E 33 -5.36 -42.89 -26.23
CA MET E 33 -4.07 -43.08 -25.51
C MET E 33 -3.21 -44.07 -26.30
N ASP E 34 -1.99 -43.70 -26.67
CA ASP E 34 -1.02 -44.61 -27.34
C ASP E 34 -0.45 -45.56 -26.28
N LEU E 35 -0.78 -46.85 -26.36
CA LEU E 35 -0.35 -47.90 -25.39
C LEU E 35 1.18 -48.10 -25.47
N ASN E 36 1.78 -47.84 -26.63
CA ASN E 36 3.24 -47.95 -26.85
C ASN E 36 3.93 -46.88 -25.99
N ARG E 37 3.34 -45.69 -25.94
CA ARG E 37 3.84 -44.55 -25.11
C ARG E 37 3.66 -44.91 -23.64
N LEU E 38 2.52 -45.49 -23.26
CA LEU E 38 2.26 -45.90 -21.86
C LEU E 38 3.28 -46.95 -21.41
N ASP E 39 3.90 -47.70 -22.33
CA ASP E 39 4.85 -48.79 -21.97
C ASP E 39 6.11 -48.17 -21.34
N ARG E 40 6.33 -46.86 -21.53
CA ARG E 40 7.48 -46.11 -20.95
C ARG E 40 7.37 -46.10 -19.42
N ILE E 41 6.15 -46.28 -18.88
CA ILE E 41 5.92 -46.38 -17.41
C ILE E 41 6.79 -47.49 -16.84
N ALA E 42 6.60 -48.73 -17.31
CA ALA E 42 7.35 -49.92 -16.86
C ALA E 42 8.84 -49.71 -17.12
N GLU E 43 9.20 -49.24 -18.32
CA GLU E 43 10.61 -48.99 -18.73
C GLU E 43 11.24 -48.03 -17.72
N HIS E 44 10.50 -46.99 -17.35
CA HIS E 44 10.96 -45.91 -16.43
C HIS E 44 11.11 -46.45 -15.00
N LEU E 45 10.08 -47.08 -14.44
CA LEU E 45 10.12 -47.63 -13.06
C LEU E 45 11.24 -48.66 -12.93
N ASP E 46 11.46 -49.50 -13.96
CA ASP E 46 12.60 -50.46 -14.01
C ASP E 46 13.91 -49.68 -13.93
N ARG E 47 14.16 -48.79 -14.91
CA ARG E 47 15.47 -48.12 -15.13
C ARG E 47 15.84 -47.23 -13.92
N ALA E 48 14.84 -46.54 -13.34
CA ALA E 48 15.05 -45.41 -12.40
C ALA E 48 14.88 -45.82 -10.93
N TYR E 49 14.11 -46.87 -10.64
CA TYR E 49 13.70 -47.22 -9.25
C TYR E 49 13.98 -48.69 -8.91
N LEU E 50 13.53 -49.65 -9.73
CA LEU E 50 13.55 -51.10 -9.39
C LEU E 50 14.97 -51.67 -9.57
N HIS E 51 15.55 -51.60 -10.77
CA HIS E 51 16.90 -52.14 -11.10
C HIS E 51 17.94 -51.53 -10.16
N PRO E 52 17.91 -50.20 -9.87
CA PRO E 52 18.83 -49.61 -8.89
C PRO E 52 18.46 -49.77 -7.40
N GLY E 53 17.36 -50.48 -7.08
CA GLY E 53 16.99 -50.86 -5.70
C GLY E 53 16.60 -49.68 -4.82
N LYS E 54 15.82 -48.73 -5.36
CA LYS E 54 15.25 -47.56 -4.64
C LYS E 54 13.83 -47.87 -4.15
N LEU E 55 13.09 -48.66 -4.94
CA LEU E 55 11.77 -49.27 -4.62
C LEU E 55 11.87 -50.80 -4.75
N ALA E 56 11.09 -51.53 -3.95
CA ALA E 56 10.94 -52.99 -4.00
C ALA E 56 10.06 -53.40 -5.18
N GLY E 57 8.92 -52.73 -5.37
CA GLY E 57 7.92 -53.13 -6.38
C GLY E 57 6.82 -52.09 -6.54
N THR E 58 6.19 -52.10 -7.70
CA THR E 58 5.16 -51.11 -8.12
C THR E 58 3.97 -51.85 -8.74
N MET E 59 2.79 -51.31 -8.51
CA MET E 59 1.54 -51.67 -9.24
C MET E 59 1.00 -50.35 -9.80
N THR E 60 0.85 -50.27 -11.11
CA THR E 60 0.50 -49.01 -11.83
C THR E 60 -0.71 -49.27 -12.72
N LEU E 61 -1.81 -48.55 -12.48
CA LEU E 61 -3.03 -48.63 -13.33
C LEU E 61 -3.36 -47.25 -13.91
N VAL E 62 -3.74 -47.21 -15.18
CA VAL E 62 -4.19 -45.99 -15.90
C VAL E 62 -5.50 -46.33 -16.61
N ALA E 63 -6.46 -45.44 -16.57
CA ALA E 63 -7.80 -45.59 -17.19
C ALA E 63 -8.16 -44.26 -17.84
N ARG E 64 -9.00 -44.31 -18.88
CA ARG E 64 -9.53 -43.11 -19.56
C ARG E 64 -10.87 -43.45 -20.21
N ARG E 65 -11.86 -42.58 -20.02
CA ARG E 65 -13.23 -42.76 -20.57
C ARG E 65 -13.73 -44.15 -20.17
N GLY E 66 -13.56 -44.51 -18.89
CA GLY E 66 -14.11 -45.75 -18.32
C GLY E 66 -13.28 -46.98 -18.64
N GLU E 67 -12.26 -46.88 -19.52
CA GLU E 67 -11.48 -48.05 -20.02
C GLU E 67 -10.08 -48.08 -19.40
N VAL E 68 -9.75 -49.17 -18.72
CA VAL E 68 -8.36 -49.43 -18.19
C VAL E 68 -7.44 -49.66 -19.38
N VAL E 69 -6.40 -48.83 -19.54
CA VAL E 69 -5.48 -48.86 -20.72
C VAL E 69 -4.08 -49.27 -20.29
N TYR E 70 -3.82 -49.37 -18.98
CA TYR E 70 -2.51 -49.80 -18.44
C TYR E 70 -2.73 -50.43 -17.06
N CYS E 71 -2.11 -51.60 -16.85
CA CYS E 71 -2.12 -52.35 -15.58
C CYS E 71 -0.83 -53.17 -15.54
N GLN E 72 0.07 -52.91 -14.60
CA GLN E 72 1.45 -53.47 -14.61
C GLN E 72 2.02 -53.55 -13.19
N ALA E 73 2.05 -54.78 -12.67
CA ALA E 73 2.87 -55.19 -11.51
C ALA E 73 4.33 -55.28 -11.98
N GLN E 74 5.27 -54.95 -11.09
CA GLN E 74 6.72 -54.97 -11.36
C GLN E 74 7.45 -55.20 -10.04
N GLY E 75 8.56 -55.93 -10.08
CA GLY E 75 9.40 -56.22 -8.91
C GLY E 75 8.63 -56.97 -7.82
N LEU E 76 9.01 -56.76 -6.57
CA LEU E 76 8.68 -57.66 -5.44
C LEU E 76 7.80 -56.91 -4.42
N ARG E 77 6.80 -57.58 -3.87
CA ARG E 77 5.95 -57.08 -2.75
C ARG E 77 6.68 -57.34 -1.42
N ASP E 78 7.51 -58.38 -1.39
CA ASP E 78 8.31 -58.85 -0.22
C ASP E 78 9.70 -59.26 -0.69
N VAL E 79 10.72 -58.44 -0.43
CA VAL E 79 12.12 -58.71 -0.87
C VAL E 79 12.63 -59.94 -0.11
N GLU E 80 12.45 -59.94 1.22
CA GLU E 80 12.99 -60.98 2.14
C GLU E 80 12.51 -62.35 1.70
N ARG E 81 11.23 -62.47 1.30
CA ARG E 81 10.57 -63.75 0.91
C ARG E 81 10.52 -63.88 -0.62
N GLN E 82 11.17 -62.97 -1.35
CA GLN E 82 11.36 -63.07 -2.82
C GLN E 82 10.00 -63.27 -3.51
N LEU E 83 8.92 -62.64 -3.00
CA LEU E 83 7.53 -62.73 -3.57
C LEU E 83 7.28 -61.57 -4.51
N PRO E 84 6.76 -61.79 -5.73
CA PRO E 84 6.52 -60.71 -6.68
C PRO E 84 5.26 -59.90 -6.37
N VAL E 85 5.19 -58.69 -6.90
CA VAL E 85 3.93 -57.88 -6.92
C VAL E 85 3.01 -58.53 -7.95
N GLU E 86 1.78 -58.85 -7.57
CA GLU E 86 0.68 -59.29 -8.48
C GLU E 86 -0.42 -58.22 -8.44
N ARG E 87 -1.33 -58.24 -9.42
CA ARG E 87 -2.47 -57.29 -9.50
C ARG E 87 -3.27 -57.31 -8.19
N ASP E 88 -3.40 -58.47 -7.56
CA ASP E 88 -4.23 -58.69 -6.34
C ASP E 88 -3.42 -58.38 -5.08
N THR E 89 -2.19 -57.88 -5.20
CA THR E 89 -1.34 -57.52 -4.02
C THR E 89 -2.01 -56.39 -3.24
N LEU E 90 -2.02 -56.55 -1.91
CA LEU E 90 -2.59 -55.58 -0.94
C LEU E 90 -1.50 -54.63 -0.47
N PHE E 91 -1.84 -53.35 -0.33
CA PHE E 91 -0.92 -52.24 0.01
C PHE E 91 -1.50 -51.40 1.15
N ARG E 92 -0.61 -50.86 1.99
CA ARG E 92 -0.94 -49.76 2.93
C ARG E 92 -1.14 -48.49 2.10
N ILE E 93 -2.38 -48.06 1.89
CA ILE E 93 -2.66 -46.85 1.06
C ILE E 93 -2.52 -45.61 1.96
N TYR E 94 -2.42 -45.80 3.27
CA TYR E 94 -2.22 -44.72 4.27
C TYR E 94 -3.19 -43.57 3.94
N SER E 95 -2.66 -42.36 3.72
CA SER E 95 -3.53 -41.20 3.60
C SER E 95 -4.48 -41.14 2.40
N MET E 96 -4.44 -42.13 1.50
CA MET E 96 -5.45 -42.28 0.42
C MET E 96 -6.77 -42.78 1.03
N THR E 97 -6.79 -43.07 2.32
CA THR E 97 -8.02 -43.25 3.13
C THR E 97 -8.81 -41.95 3.18
N LYS E 98 -8.15 -40.79 3.16
CA LYS E 98 -8.75 -39.48 3.50
C LYS E 98 -9.89 -39.15 2.53
N PRO E 99 -9.71 -39.36 1.21
CA PRO E 99 -10.80 -39.18 0.25
C PRO E 99 -12.01 -40.08 0.55
N ILE E 100 -11.76 -41.32 0.99
CA ILE E 100 -12.87 -42.27 1.31
C ILE E 100 -13.64 -41.72 2.53
N THR E 101 -12.92 -41.30 3.58
CA THR E 101 -13.53 -40.75 4.82
C THR E 101 -14.29 -39.47 4.46
N SER E 102 -13.74 -38.67 3.56
CA SER E 102 -14.34 -37.41 3.06
C SER E 102 -15.69 -37.73 2.42
N ILE E 103 -15.74 -38.73 1.54
CA ILE E 103 -16.97 -39.16 0.82
C ILE E 103 -17.98 -39.66 1.83
N ALA E 104 -17.55 -40.52 2.75
CA ALA E 104 -18.40 -41.05 3.84
C ALA E 104 -19.13 -39.89 4.51
N LEU E 105 -18.40 -38.88 4.97
CA LEU E 105 -19.00 -37.77 5.73
C LEU E 105 -19.95 -36.99 4.81
N MET E 106 -19.54 -36.75 3.56
CA MET E 106 -20.33 -35.95 2.60
C MET E 106 -21.60 -36.70 2.19
N GLN E 107 -21.62 -38.04 2.29
CA GLN E 107 -22.85 -38.85 2.10
C GLN E 107 -23.90 -38.37 3.11
N LEU E 108 -23.45 -38.06 4.32
CA LEU E 108 -24.32 -37.62 5.44
C LEU E 108 -24.69 -36.13 5.25
N TYR E 109 -23.83 -35.32 4.63
CA TYR E 109 -24.15 -33.92 4.25
C TYR E 109 -25.42 -33.91 3.38
N GLU E 110 -25.47 -34.89 2.46
CA GLU E 110 -26.53 -35.09 1.43
C GLU E 110 -27.84 -35.58 2.05
N GLN E 111 -27.80 -36.09 3.30
CA GLN E 111 -28.98 -36.50 4.10
C GLN E 111 -29.36 -35.37 5.08
N GLY E 112 -28.65 -34.24 5.04
CA GLY E 112 -28.95 -33.03 5.83
C GLY E 112 -28.57 -33.19 7.30
N ARG E 113 -27.63 -34.09 7.58
CA ARG E 113 -27.26 -34.52 8.96
C ARG E 113 -26.38 -33.43 9.61
N PHE E 114 -25.76 -32.58 8.79
CA PHE E 114 -24.99 -31.39 9.23
C PHE E 114 -24.78 -30.43 8.05
N LEU E 115 -24.22 -29.27 8.38
CA LEU E 115 -23.81 -28.20 7.43
C LEU E 115 -22.34 -27.89 7.63
N LEU E 116 -21.65 -27.49 6.57
CA LEU E 116 -20.17 -27.30 6.61
C LEU E 116 -19.78 -26.14 7.53
N ASP E 117 -20.61 -25.10 7.64
CA ASP E 117 -20.28 -23.87 8.40
C ASP E 117 -20.67 -24.04 9.89
N GLU E 118 -21.18 -25.22 10.28
CA GLU E 118 -21.54 -25.50 11.69
C GLU E 118 -20.27 -25.64 12.52
N PRO E 119 -20.24 -25.11 13.77
CA PRO E 119 -19.16 -25.43 14.70
C PRO E 119 -19.07 -26.94 14.96
N VAL E 120 -17.84 -27.46 14.98
CA VAL E 120 -17.56 -28.87 15.38
C VAL E 120 -18.13 -29.12 16.78
N HIS E 121 -18.09 -28.12 17.67
CA HIS E 121 -18.45 -28.32 19.11
C HIS E 121 -19.97 -28.54 19.24
N LYS E 122 -20.74 -28.29 18.18
CA LYS E 122 -22.16 -28.72 18.09
C LYS E 122 -22.25 -30.25 18.22
N TYR E 123 -21.33 -31.00 17.59
CA TYR E 123 -21.32 -32.49 17.56
C TYR E 123 -20.34 -33.04 18.60
N ILE E 124 -19.38 -32.21 19.05
CA ILE E 124 -18.34 -32.60 20.05
C ILE E 124 -18.31 -31.54 21.13
N PRO E 125 -19.28 -31.53 22.06
CA PRO E 125 -19.46 -30.38 22.96
C PRO E 125 -18.22 -30.04 23.81
N THR E 126 -17.39 -31.04 24.09
CA THR E 126 -16.17 -30.92 24.94
C THR E 126 -15.11 -30.05 24.22
N TRP E 127 -15.32 -29.74 22.95
CA TRP E 127 -14.39 -28.92 22.12
C TRP E 127 -14.82 -27.45 22.09
N LYS E 128 -15.88 -27.06 22.83
CA LYS E 128 -16.40 -25.67 22.77
C LYS E 128 -15.28 -24.69 23.10
N ASN E 129 -14.39 -25.01 24.05
CA ASN E 129 -13.40 -24.04 24.60
C ASN E 129 -11.98 -24.36 24.11
N LEU E 130 -11.83 -24.93 22.91
CA LEU E 130 -10.49 -25.12 22.32
C LEU E 130 -9.85 -23.75 22.16
N ARG E 131 -8.55 -23.66 22.37
CA ARG E 131 -7.81 -22.38 22.32
C ARG E 131 -6.56 -22.55 21.45
N VAL E 132 -5.90 -21.46 21.13
CA VAL E 132 -4.73 -21.42 20.18
C VAL E 132 -3.44 -21.37 20.99
N TYR E 133 -2.47 -22.19 20.63
CA TYR E 133 -1.14 -22.27 21.28
C TYR E 133 -0.48 -20.89 21.27
N LYS E 134 -0.04 -20.38 22.42
CA LYS E 134 0.80 -19.16 22.51
C LYS E 134 2.25 -19.57 22.78
N THR E 135 2.49 -20.40 23.80
CA THR E 135 3.86 -20.78 24.24
C THR E 135 3.76 -21.83 25.35
N GLY E 136 4.91 -22.43 25.71
CA GLY E 136 4.99 -23.45 26.78
C GLY E 136 5.14 -24.85 26.20
N SER E 137 5.44 -25.83 27.04
CA SER E 137 5.56 -27.27 26.68
C SER E 137 4.45 -28.06 27.37
N HIS E 138 3.93 -29.10 26.72
CA HIS E 138 2.96 -30.02 27.36
C HIS E 138 3.56 -30.46 28.69
N PRO E 139 2.83 -30.50 29.82
CA PRO E 139 1.42 -30.11 29.91
C PRO E 139 1.09 -28.67 30.32
N GLN E 140 2.08 -27.75 30.41
CA GLN E 140 1.79 -26.33 30.79
C GLN E 140 1.90 -25.42 29.56
N MET E 141 0.96 -25.55 28.63
CA MET E 141 0.89 -24.69 27.43
C MET E 141 -0.06 -23.52 27.69
N LEU E 142 0.41 -22.29 27.50
CA LEU E 142 -0.46 -21.09 27.50
C LEU E 142 -1.11 -20.93 26.12
N THR E 143 -2.32 -20.35 26.08
CA THR E 143 -3.15 -20.29 24.85
C THR E 143 -3.85 -18.93 24.74
N THR E 144 -4.39 -18.61 23.56
CA THR E 144 -5.21 -17.40 23.32
C THR E 144 -6.56 -17.83 22.73
N ALA E 145 -7.59 -16.99 22.88
CA ALA E 145 -8.94 -17.18 22.30
C ALA E 145 -8.81 -17.23 20.78
N PRO E 146 -9.51 -18.17 20.10
CA PRO E 146 -9.61 -18.13 18.64
C PRO E 146 -10.62 -17.05 18.19
N GLN E 147 -10.43 -16.43 17.02
CA GLN E 147 -11.41 -15.48 16.41
C GLN E 147 -12.79 -16.13 16.30
N ARG E 148 -12.83 -17.42 15.97
CA ARG E 148 -14.12 -18.16 15.83
C ARG E 148 -13.90 -19.63 16.11
N PRO E 149 -14.98 -20.35 16.48
CA PRO E 149 -14.88 -21.79 16.69
C PRO E 149 -14.59 -22.52 15.37
N MET E 150 -13.87 -23.63 15.49
CA MET E 150 -13.60 -24.62 14.42
C MET E 150 -14.92 -25.12 13.80
N THR E 151 -15.00 -25.17 12.47
CA THR E 151 -16.16 -25.69 11.68
C THR E 151 -15.86 -27.04 11.05
N ILE E 152 -16.89 -27.75 10.63
CA ILE E 152 -16.76 -29.06 9.93
C ILE E 152 -15.92 -28.81 8.67
N ARG E 153 -16.16 -27.71 7.97
CA ARG E 153 -15.42 -27.43 6.71
C ARG E 153 -13.93 -27.32 7.03
N ASP E 154 -13.59 -26.71 8.17
CA ASP E 154 -12.17 -26.64 8.63
C ASP E 154 -11.58 -28.06 8.70
N LEU E 155 -12.28 -29.02 9.30
CA LEU E 155 -11.77 -30.43 9.42
C LEU E 155 -11.56 -31.00 8.01
N LEU E 156 -12.52 -30.83 7.11
CA LEU E 156 -12.50 -31.50 5.78
C LEU E 156 -11.40 -30.92 4.90
N THR E 157 -10.87 -29.74 5.26
CA THR E 157 -9.90 -28.95 4.45
C THR E 157 -8.57 -28.74 5.19
N HIS E 158 -8.39 -29.31 6.39
CA HIS E 158 -7.17 -29.21 7.22
C HIS E 158 -6.86 -27.75 7.59
N GLN E 159 -7.89 -26.92 7.72
CA GLN E 159 -7.82 -25.53 8.25
C GLN E 159 -8.30 -25.48 9.71
N SER E 160 -8.58 -26.63 10.32
CA SER E 160 -8.89 -26.88 11.76
C SER E 160 -7.93 -26.11 12.68
N GLY E 161 -6.63 -26.15 12.39
CA GLY E 161 -5.58 -25.76 13.35
C GLY E 161 -5.13 -26.95 14.17
N LEU E 162 -5.72 -28.12 13.95
CA LEU E 162 -5.14 -29.41 14.40
C LEU E 162 -3.84 -29.65 13.62
N THR E 163 -3.07 -30.65 14.05
CA THR E 163 -1.79 -31.06 13.44
C THR E 163 -1.64 -32.59 13.52
N TYR E 164 -0.45 -33.10 13.22
CA TYR E 164 -0.09 -34.54 13.21
C TYR E 164 1.16 -34.70 14.07
N GLY E 165 1.22 -35.75 14.88
CA GLY E 165 2.44 -36.09 15.64
C GLY E 165 3.69 -35.99 14.80
N PHE E 166 3.69 -36.58 13.60
CA PHE E 166 4.91 -36.80 12.78
C PHE E 166 5.40 -35.48 12.15
N MET E 167 4.65 -34.37 12.27
CA MET E 167 5.03 -33.07 11.63
C MET E 167 6.40 -32.61 12.17
N ASN E 168 6.70 -32.86 13.45
CA ASN E 168 7.99 -32.58 14.13
C ASN E 168 8.43 -31.13 13.87
N ARG E 169 7.56 -30.14 14.12
CA ARG E 169 7.91 -28.71 13.91
C ARG E 169 7.65 -27.89 15.18
N THR E 170 6.65 -28.23 15.98
CA THR E 170 6.11 -27.36 17.06
C THR E 170 5.95 -28.13 18.37
N ASN E 171 5.87 -27.39 19.48
CA ASN E 171 5.63 -27.95 20.83
C ASN E 171 4.29 -28.69 20.82
N VAL E 172 3.36 -28.31 19.93
CA VAL E 172 1.99 -28.92 19.87
C VAL E 172 2.11 -30.35 19.33
N ASP E 173 2.83 -30.55 18.23
CA ASP E 173 3.00 -31.93 17.68
C ASP E 173 3.88 -32.76 18.63
N ALA E 174 4.79 -32.13 19.39
CA ALA E 174 5.54 -32.83 20.47
C ALA E 174 4.54 -33.45 21.47
N ALA E 175 3.48 -32.71 21.80
CA ALA E 175 2.38 -33.18 22.67
C ALA E 175 1.67 -34.36 22.01
N TYR E 176 1.34 -34.26 20.72
CA TYR E 176 0.67 -35.35 19.94
C TYR E 176 1.52 -36.61 20.05
N ARG E 177 2.85 -36.50 19.95
CA ARG E 177 3.78 -37.66 19.98
C ARG E 177 3.80 -38.26 21.40
N SER E 178 3.93 -37.44 22.44
CA SER E 178 3.99 -37.97 23.83
C SER E 178 2.67 -38.65 24.19
N LEU E 179 1.54 -38.24 23.59
CA LEU E 179 0.20 -38.86 23.80
C LEU E 179 -0.12 -39.91 22.72
N LYS E 180 0.79 -40.13 21.75
CA LYS E 180 0.66 -41.16 20.67
C LYS E 180 -0.70 -41.00 19.98
N LEU E 181 -1.02 -39.81 19.48
CA LEU E 181 -2.33 -39.47 18.85
C LEU E 181 -2.34 -39.88 17.38
N ASP E 182 -1.20 -40.32 16.85
CA ASP E 182 -1.07 -40.86 15.47
C ASP E 182 -1.35 -42.36 15.46
N GLY E 183 -1.29 -43.02 16.63
CA GLY E 183 -1.46 -44.47 16.82
C GLY E 183 -0.52 -44.99 17.89
N GLY E 184 -0.80 -46.17 18.44
CA GLY E 184 -0.04 -46.75 19.56
C GLY E 184 -0.97 -47.55 20.45
N PRO E 185 -0.45 -48.36 21.39
CA PRO E 185 -1.28 -49.31 22.13
C PRO E 185 -2.52 -48.64 22.74
N GLY E 186 -3.69 -49.29 22.59
CA GLY E 186 -4.97 -48.90 23.22
C GLY E 186 -5.47 -47.55 22.74
N HIS E 187 -5.01 -47.13 21.55
CA HIS E 187 -5.50 -45.91 20.88
C HIS E 187 -6.82 -46.25 20.18
N THR E 188 -7.83 -45.45 20.45
CA THR E 188 -9.16 -45.48 19.80
C THR E 188 -9.45 -44.07 19.29
N LEU E 189 -10.44 -43.89 18.41
CA LEU E 189 -10.92 -42.53 18.04
C LEU E 189 -11.46 -41.86 19.30
N ASP E 190 -12.13 -42.58 20.19
CA ASP E 190 -12.74 -42.00 21.43
C ASP E 190 -11.64 -41.31 22.22
N ARG E 191 -10.44 -41.91 22.22
CA ARG E 191 -9.25 -41.39 22.96
C ARG E 191 -8.70 -40.14 22.26
N LEU E 192 -8.52 -40.19 20.94
CA LEU E 192 -8.09 -39.02 20.12
C LEU E 192 -8.99 -37.81 20.45
N ILE E 193 -10.32 -37.98 20.42
CA ILE E 193 -11.28 -36.87 20.61
C ILE E 193 -11.14 -36.35 22.04
N ASP E 194 -11.04 -37.26 23.00
CA ASP E 194 -10.94 -36.92 24.44
C ASP E 194 -9.65 -36.12 24.68
N GLU E 195 -8.53 -36.53 24.06
CA GLU E 195 -7.20 -35.92 24.31
C GLU E 195 -7.10 -34.55 23.63
N LEU E 196 -7.64 -34.41 22.42
CA LEU E 196 -7.59 -33.16 21.62
C LEU E 196 -8.39 -32.06 22.30
N ALA E 197 -9.40 -32.42 23.11
CA ALA E 197 -10.24 -31.45 23.86
C ALA E 197 -9.36 -30.63 24.81
N ARG E 198 -8.23 -31.18 25.25
CA ARG E 198 -7.35 -30.59 26.28
C ARG E 198 -6.08 -30.04 25.63
N LEU E 199 -5.99 -30.03 24.30
CA LEU E 199 -4.79 -29.54 23.59
C LEU E 199 -5.10 -28.24 22.86
N PRO E 200 -4.07 -27.39 22.70
CA PRO E 200 -4.20 -26.20 21.90
C PRO E 200 -4.07 -26.46 20.39
N LEU E 201 -4.62 -25.56 19.61
CA LEU E 201 -4.53 -25.52 18.12
C LEU E 201 -3.29 -24.73 17.71
N GLU E 202 -2.75 -25.01 16.53
CA GLU E 202 -1.57 -24.31 15.98
C GLU E 202 -1.96 -22.88 15.58
N PHE E 203 -3.24 -22.62 15.30
CA PHE E 203 -3.68 -21.28 14.85
C PHE E 203 -5.20 -21.17 14.95
N SER E 204 -5.73 -19.94 14.96
CA SER E 204 -7.19 -19.70 14.96
C SER E 204 -7.77 -20.41 13.74
N PRO E 205 -8.78 -21.29 13.92
CA PRO E 205 -9.37 -22.03 12.81
C PRO E 205 -9.72 -21.14 11.60
N GLY E 206 -9.33 -21.60 10.40
CA GLY E 206 -9.65 -20.98 9.11
C GLY E 206 -8.50 -20.13 8.56
N THR E 207 -7.62 -19.66 9.45
CA THR E 207 -6.62 -18.60 9.16
C THR E 207 -5.38 -19.20 8.49
N ALA E 208 -5.25 -20.52 8.43
CA ALA E 208 -4.10 -21.21 7.82
C ALA E 208 -4.49 -22.66 7.48
N TRP E 209 -3.54 -23.41 6.92
CA TRP E 209 -3.69 -24.84 6.55
C TRP E 209 -2.54 -25.62 7.19
N ASN E 210 -2.86 -26.76 7.80
CA ASN E 210 -1.84 -27.67 8.37
C ASN E 210 -2.42 -29.08 8.37
N TYR E 211 -1.77 -29.97 7.62
CA TYR E 211 -2.09 -31.42 7.52
C TYR E 211 -2.23 -31.97 8.94
N SER E 212 -3.27 -32.76 9.20
CA SER E 212 -3.77 -33.01 10.57
C SER E 212 -4.51 -34.35 10.67
N VAL E 213 -4.74 -34.73 11.92
CA VAL E 213 -5.66 -35.83 12.34
C VAL E 213 -7.12 -35.44 12.04
N ALA E 214 -7.38 -34.23 11.53
CA ALA E 214 -8.73 -33.70 11.27
C ALA E 214 -9.59 -34.74 10.54
N THR E 215 -8.97 -35.53 9.66
CA THR E 215 -9.70 -36.52 8.84
C THR E 215 -10.04 -37.74 9.70
N ASP E 216 -9.17 -38.09 10.65
CA ASP E 216 -9.45 -39.14 11.67
C ASP E 216 -10.69 -38.75 12.48
N VAL E 217 -10.80 -37.45 12.79
CA VAL E 217 -11.96 -36.81 13.49
C VAL E 217 -13.20 -36.87 12.60
N CYS E 218 -13.07 -36.60 11.31
CA CYS E 218 -14.18 -36.78 10.33
C CYS E 218 -14.71 -38.21 10.45
N GLY E 219 -13.80 -39.19 10.48
CA GLY E 219 -14.10 -40.60 10.79
C GLY E 219 -14.96 -40.73 12.02
N TYR E 220 -14.57 -40.08 13.12
CA TYR E 220 -15.32 -40.09 14.40
C TYR E 220 -16.71 -39.51 14.18
N LEU E 221 -16.84 -38.47 13.36
CA LEU E 221 -18.13 -37.79 13.08
C LEU E 221 -19.02 -38.69 12.21
N VAL E 222 -18.43 -39.51 11.34
CA VAL E 222 -19.20 -40.51 10.55
C VAL E 222 -19.87 -41.44 11.56
N GLN E 223 -19.07 -41.99 12.49
CA GLN E 223 -19.55 -42.87 13.59
C GLN E 223 -20.66 -42.13 14.35
N LEU E 224 -20.38 -40.96 14.87
CA LEU E 224 -21.31 -40.13 15.70
C LEU E 224 -22.67 -40.04 14.98
N LEU E 225 -22.68 -39.63 13.72
CA LEU E 225 -23.92 -39.30 12.97
C LEU E 225 -24.59 -40.56 12.42
N SER E 226 -23.86 -41.63 12.11
CA SER E 226 -24.41 -42.81 11.41
C SER E 226 -24.87 -43.86 12.43
N GLY E 227 -24.37 -43.81 13.66
CA GLY E 227 -24.55 -44.87 14.66
C GLY E 227 -23.65 -46.07 14.40
N MET E 228 -22.97 -46.14 13.25
CA MET E 228 -22.13 -47.31 12.88
C MET E 228 -20.66 -47.05 13.20
N SER E 229 -19.91 -48.10 13.49
CA SER E 229 -18.43 -48.12 13.52
C SER E 229 -17.91 -47.83 12.10
N LEU E 230 -16.75 -47.19 11.96
CA LEU E 230 -16.30 -46.64 10.65
C LEU E 230 -16.10 -47.77 9.63
N ASP E 231 -15.57 -48.93 10.03
CA ASP E 231 -15.32 -50.10 9.15
C ASP E 231 -16.65 -50.59 8.56
N ASP E 232 -17.72 -50.57 9.36
CA ASP E 232 -19.09 -50.95 8.95
C ASP E 232 -19.64 -49.88 7.99
N TYR E 233 -19.58 -48.57 8.32
CA TYR E 233 -20.09 -47.50 7.41
C TYR E 233 -19.42 -47.66 6.05
N PHE E 234 -18.09 -47.82 6.04
CA PHE E 234 -17.28 -47.93 4.81
C PHE E 234 -17.78 -49.13 3.99
N SER E 235 -17.88 -50.27 4.68
CA SER E 235 -18.21 -51.56 4.04
C SER E 235 -19.62 -51.45 3.46
N LYS E 236 -20.59 -50.97 4.24
CA LYS E 236 -22.01 -50.90 3.85
C LYS E 236 -22.19 -49.87 2.72
N HIS E 237 -21.67 -48.66 2.88
CA HIS E 237 -22.05 -47.46 2.09
C HIS E 237 -21.02 -47.13 1.00
N ILE E 238 -19.87 -47.81 0.95
CA ILE E 238 -18.83 -47.55 -0.09
C ILE E 238 -18.33 -48.87 -0.70
N PHE E 239 -17.75 -49.78 0.10
CA PHE E 239 -16.98 -50.94 -0.43
C PHE E 239 -17.89 -51.98 -1.07
N GLN E 240 -19.01 -52.33 -0.44
CA GLN E 240 -19.95 -53.34 -1.00
C GLN E 240 -20.57 -52.79 -2.26
N PRO E 241 -21.21 -51.60 -2.24
CA PRO E 241 -21.78 -51.02 -3.46
C PRO E 241 -20.82 -51.01 -4.66
N LEU E 242 -19.53 -50.73 -4.42
CA LEU E 242 -18.54 -50.51 -5.50
C LEU E 242 -17.79 -51.80 -5.84
N GLY E 243 -18.01 -52.89 -5.09
CA GLY E 243 -17.32 -54.17 -5.37
C GLY E 243 -15.85 -54.08 -5.04
N MET E 244 -15.57 -53.64 -3.80
CA MET E 244 -14.21 -53.49 -3.22
C MET E 244 -14.10 -54.47 -2.06
N PRO E 245 -13.93 -55.77 -2.35
CA PRO E 245 -13.91 -56.80 -1.32
C PRO E 245 -12.57 -56.89 -0.58
N ASP E 246 -11.53 -56.23 -1.11
CA ASP E 246 -10.13 -56.31 -0.63
C ASP E 246 -9.67 -54.97 -0.05
N THR E 247 -10.56 -54.27 0.65
CA THR E 247 -10.28 -52.97 1.32
C THR E 247 -10.84 -53.05 2.74
N PHE E 248 -9.98 -52.82 3.73
CA PHE E 248 -10.29 -53.05 5.16
C PHE E 248 -9.21 -52.42 6.04
N PHE E 249 -9.58 -52.08 7.28
CA PHE E 249 -8.66 -51.57 8.32
C PHE E 249 -7.76 -52.69 8.85
N THR E 250 -8.29 -53.92 8.90
CA THR E 250 -7.56 -55.13 9.39
C THR E 250 -7.53 -56.15 8.26
N VAL E 251 -6.35 -56.67 7.92
CA VAL E 251 -6.17 -57.66 6.82
C VAL E 251 -6.62 -59.02 7.33
N PRO E 252 -7.70 -59.63 6.76
CA PRO E 252 -8.13 -60.96 7.18
C PRO E 252 -6.96 -61.96 7.06
N ALA E 253 -6.84 -62.87 8.03
CA ALA E 253 -5.79 -63.90 8.10
C ALA E 253 -5.62 -64.60 6.73
N GLU E 254 -6.73 -64.98 6.09
CA GLU E 254 -6.80 -65.72 4.80
C GLU E 254 -6.14 -64.92 3.66
N LYS E 255 -6.02 -63.59 3.77
CA LYS E 255 -5.54 -62.71 2.67
C LYS E 255 -4.12 -62.20 2.95
N LEU E 256 -3.58 -62.50 4.13
CA LEU E 256 -2.29 -61.96 4.63
C LEU E 256 -1.12 -62.42 3.75
N SER E 257 -1.29 -63.48 2.96
CA SER E 257 -0.25 -63.94 1.98
C SER E 257 -0.08 -62.87 0.89
N ARG E 258 -1.14 -62.13 0.56
CA ARG E 258 -1.14 -61.16 -0.56
C ARG E 258 -0.59 -59.80 -0.10
N PHE E 259 -0.41 -59.61 1.21
CA PHE E 259 -0.04 -58.30 1.84
C PHE E 259 1.44 -58.03 1.57
N ALA E 260 1.73 -56.87 0.97
CA ALA E 260 3.11 -56.41 0.66
C ALA E 260 3.81 -56.03 1.96
N ALA E 261 5.14 -56.14 1.97
CA ALA E 261 6.00 -55.52 2.99
C ALA E 261 6.07 -54.03 2.70
N CYS E 262 6.19 -53.24 3.76
CA CYS E 262 6.48 -51.79 3.70
C CYS E 262 7.97 -51.56 3.95
N TYR E 263 8.58 -50.68 3.15
CA TYR E 263 10.01 -50.29 3.23
C TYR E 263 10.11 -48.79 3.52
N GLU E 264 11.19 -48.37 4.18
CA GLU E 264 11.51 -46.94 4.43
C GLU E 264 12.84 -46.61 3.74
N TYR E 265 13.04 -45.34 3.42
CA TYR E 265 14.24 -44.81 2.73
C TYR E 265 15.48 -45.01 3.60
N GLN E 266 16.61 -45.39 3.00
CA GLN E 266 17.97 -45.38 3.60
C GLN E 266 18.90 -44.58 2.69
N PRO E 267 19.84 -43.80 3.26
CA PRO E 267 20.76 -42.99 2.45
C PRO E 267 21.48 -43.86 1.41
N GLY E 268 21.95 -43.24 0.32
CA GLY E 268 22.51 -43.92 -0.87
C GLY E 268 21.41 -44.40 -1.80
N ASP E 269 20.20 -43.85 -1.67
CA ASP E 269 19.00 -44.19 -2.48
C ASP E 269 18.76 -45.70 -2.39
N SER E 270 18.64 -46.19 -1.15
CA SER E 270 18.35 -47.59 -0.81
C SER E 270 17.14 -47.63 0.13
N PHE E 271 16.74 -48.81 0.60
CA PHE E 271 15.60 -48.97 1.52
C PHE E 271 15.83 -50.16 2.47
N SER E 272 15.18 -50.14 3.62
CA SER E 272 15.21 -51.18 4.68
C SER E 272 13.77 -51.62 4.99
N LEU E 273 13.60 -52.83 5.56
CA LEU E 273 12.29 -53.37 6.01
C LEU E 273 11.75 -52.42 7.09
N GLN E 274 10.47 -52.02 6.99
CA GLN E 274 9.77 -51.12 7.93
C GLN E 274 8.61 -51.84 8.60
N ASP E 275 7.90 -52.68 7.85
CA ASP E 275 6.76 -53.49 8.36
C ASP E 275 6.79 -54.86 7.66
N ASP E 276 6.98 -55.92 8.44
CA ASP E 276 6.83 -57.32 7.98
C ASP E 276 5.35 -57.63 7.90
N PRO E 277 4.81 -58.06 6.74
CA PRO E 277 3.38 -58.37 6.59
C PRO E 277 2.88 -59.45 7.57
N GLN E 278 3.73 -60.44 7.87
CA GLN E 278 3.50 -61.39 8.99
C GLN E 278 3.88 -60.63 10.27
N GLY E 279 3.02 -60.63 11.28
CA GLY E 279 3.21 -59.81 12.50
C GLY E 279 3.21 -58.32 12.19
N SER E 280 2.23 -57.84 11.44
CA SER E 280 1.99 -56.40 11.16
C SER E 280 0.80 -55.95 12.00
N ALA E 281 0.84 -54.76 12.58
CA ALA E 281 -0.30 -54.18 13.32
C ALA E 281 -1.54 -54.11 12.42
N PHE E 282 -1.37 -54.07 11.09
CA PHE E 282 -2.47 -54.04 10.10
C PHE E 282 -3.17 -55.40 10.05
N ALA E 283 -2.53 -56.45 10.58
CA ALA E 283 -3.06 -57.83 10.63
C ALA E 283 -3.88 -58.04 11.91
N LYS E 284 -3.68 -57.21 12.94
CA LYS E 284 -4.45 -57.27 14.22
C LYS E 284 -5.59 -56.25 14.17
N ALA E 285 -6.68 -56.55 14.90
CA ALA E 285 -7.78 -55.60 15.15
C ALA E 285 -7.56 -54.97 16.53
N HIS E 286 -6.52 -54.14 16.69
CA HIS E 286 -6.45 -53.05 17.71
C HIS E 286 -7.68 -52.16 17.53
N GLY E 287 -7.99 -51.28 18.48
CA GLY E 287 -9.30 -50.59 18.48
C GLY E 287 -9.29 -49.27 17.73
N TYR E 288 -8.34 -49.03 16.80
CA TYR E 288 -8.13 -47.70 16.16
C TYR E 288 -8.49 -47.77 14.67
N LEU E 289 -9.66 -47.24 14.35
CA LEU E 289 -10.11 -47.07 12.95
C LEU E 289 -9.71 -45.67 12.46
N SER E 290 -8.57 -45.59 11.77
CA SER E 290 -7.93 -44.34 11.31
C SER E 290 -8.57 -43.84 10.00
N GLY E 291 -9.55 -42.94 10.08
CA GLY E 291 -10.06 -42.20 8.91
C GLY E 291 -8.94 -41.53 8.10
N GLY E 292 -7.78 -41.31 8.72
CA GLY E 292 -6.64 -40.60 8.12
C GLY E 292 -5.67 -41.51 7.41
N GLY E 293 -5.39 -42.72 7.89
CA GLY E 293 -4.32 -43.58 7.28
C GLY E 293 -4.51 -45.07 7.45
N GLY E 294 -5.68 -45.52 7.86
CA GLY E 294 -5.87 -46.88 8.41
C GLY E 294 -5.95 -47.97 7.35
N LEU E 295 -6.38 -47.64 6.14
CA LEU E 295 -6.88 -48.64 5.15
C LEU E 295 -5.71 -49.37 4.47
N VAL E 296 -5.98 -50.65 4.21
CA VAL E 296 -5.24 -51.52 3.25
C VAL E 296 -6.21 -51.80 2.11
N SER E 297 -5.69 -51.75 0.88
CA SER E 297 -6.48 -51.92 -0.37
C SER E 297 -5.56 -52.50 -1.44
N CYS E 298 -6.11 -52.78 -2.61
CA CYS E 298 -5.34 -53.23 -3.80
C CYS E 298 -5.63 -52.23 -4.92
N VAL E 299 -4.91 -52.35 -6.04
CA VAL E 299 -5.06 -51.39 -7.17
C VAL E 299 -6.49 -51.48 -7.70
N ASP E 300 -7.05 -52.70 -7.84
CA ASP E 300 -8.39 -52.90 -8.45
C ASP E 300 -9.45 -52.18 -7.63
N ASP E 301 -9.43 -52.34 -6.30
CA ASP E 301 -10.42 -51.72 -5.39
C ASP E 301 -10.32 -50.19 -5.51
N TYR E 302 -9.10 -49.63 -5.45
CA TYR E 302 -8.93 -48.15 -5.45
C TYR E 302 -9.32 -47.62 -6.83
N TYR E 303 -9.06 -48.38 -7.90
CA TYR E 303 -9.49 -48.04 -9.27
C TYR E 303 -11.02 -47.88 -9.29
N ARG E 304 -11.75 -48.82 -8.68
CA ARG E 304 -13.24 -48.79 -8.70
C ARG E 304 -13.70 -47.52 -7.97
N PHE E 305 -13.09 -47.21 -6.83
CA PHE E 305 -13.38 -45.96 -6.07
C PHE E 305 -13.07 -44.74 -6.94
N ALA E 306 -11.90 -44.69 -7.57
CA ALA E 306 -11.46 -43.57 -8.43
C ALA E 306 -12.43 -43.43 -9.61
N GLN E 307 -12.70 -44.53 -10.30
CA GLN E 307 -13.55 -44.57 -11.53
C GLN E 307 -14.96 -44.10 -11.18
N ALA E 308 -15.47 -44.48 -10.01
CA ALA E 308 -16.78 -44.02 -9.49
C ALA E 308 -16.79 -42.49 -9.44
N LEU E 309 -15.73 -41.89 -8.86
CA LEU E 309 -15.58 -40.41 -8.75
C LEU E 309 -15.48 -39.81 -10.15
N ALA E 310 -14.67 -40.40 -11.02
CA ALA E 310 -14.47 -39.94 -12.42
C ALA E 310 -15.82 -39.96 -13.16
N ASN E 311 -16.75 -40.83 -12.77
CA ASN E 311 -18.09 -40.95 -13.42
C ASN E 311 -19.11 -40.04 -12.74
N GLY E 312 -18.72 -39.23 -11.76
CA GLY E 312 -19.64 -38.35 -11.03
C GLY E 312 -20.35 -39.06 -9.89
N GLY E 313 -19.76 -40.15 -9.37
CA GLY E 313 -20.16 -40.78 -8.10
C GLY E 313 -20.83 -42.14 -8.26
N GLU E 314 -20.98 -42.62 -9.50
CA GLU E 314 -21.73 -43.85 -9.87
C GLU E 314 -20.77 -44.79 -10.61
N LEU E 315 -20.81 -46.09 -10.31
CA LEU E 315 -20.13 -47.15 -11.09
C LEU E 315 -21.01 -48.40 -11.18
N ASP E 316 -21.26 -48.88 -12.40
CA ASP E 316 -22.07 -50.09 -12.68
C ASP E 316 -23.36 -50.03 -11.87
N GLY E 317 -24.05 -48.88 -11.88
CA GLY E 317 -25.38 -48.67 -11.26
C GLY E 317 -25.34 -48.50 -9.75
N ALA E 318 -24.17 -48.54 -9.10
CA ALA E 318 -24.01 -48.20 -7.66
C ALA E 318 -23.55 -46.73 -7.54
N ARG E 319 -24.18 -45.95 -6.66
CA ARG E 319 -23.83 -44.53 -6.42
C ARG E 319 -23.36 -44.37 -4.98
N ILE E 320 -22.18 -43.79 -4.76
CA ILE E 320 -21.64 -43.52 -3.40
C ILE E 320 -21.79 -42.04 -3.04
N ILE E 321 -22.01 -41.15 -4.02
CA ILE E 321 -22.12 -39.69 -3.79
C ILE E 321 -22.84 -39.06 -4.99
N GLY E 322 -23.64 -38.02 -4.74
CA GLY E 322 -24.25 -37.19 -5.79
C GLY E 322 -23.21 -36.52 -6.67
N ARG E 323 -23.51 -36.40 -7.95
CA ARG E 323 -22.61 -35.78 -8.97
C ARG E 323 -22.26 -34.36 -8.52
N LYS E 324 -23.25 -33.63 -8.00
CA LYS E 324 -23.11 -32.19 -7.64
C LYS E 324 -22.30 -32.08 -6.35
N THR E 325 -22.61 -32.91 -5.37
CA THR E 325 -21.91 -32.96 -4.07
C THR E 325 -20.42 -33.18 -4.35
N LEU E 326 -20.07 -34.08 -5.28
CA LEU E 326 -18.65 -34.39 -5.61
C LEU E 326 -18.00 -33.16 -6.27
N GLU E 327 -18.73 -32.48 -7.16
CA GLU E 327 -18.22 -31.31 -7.91
C GLU E 327 -17.86 -30.22 -6.87
N PHE E 328 -18.61 -30.16 -5.77
CA PHE E 328 -18.41 -29.25 -4.62
C PHE E 328 -17.13 -29.60 -3.86
N MET E 329 -16.87 -30.89 -3.67
CA MET E 329 -15.68 -31.41 -2.95
C MET E 329 -14.41 -31.15 -3.76
N ARG E 330 -14.51 -31.06 -5.09
CA ARG E 330 -13.33 -30.92 -5.99
C ARG E 330 -12.99 -29.45 -6.22
N MET E 331 -13.84 -28.54 -5.76
CA MET E 331 -13.56 -27.09 -5.80
C MET E 331 -12.41 -26.80 -4.83
N ASN E 332 -11.65 -25.75 -5.11
CA ASN E 332 -10.70 -25.16 -4.14
C ASN E 332 -11.50 -24.50 -3.02
N HIS E 333 -11.32 -24.95 -1.77
CA HIS E 333 -12.05 -24.44 -0.56
C HIS E 333 -11.10 -23.57 0.26
N LEU E 334 -9.95 -23.18 -0.31
CA LEU E 334 -9.03 -22.28 0.39
C LEU E 334 -9.48 -20.86 0.12
N PRO E 335 -9.22 -19.95 1.09
CA PRO E 335 -9.67 -18.56 1.01
C PRO E 335 -9.13 -17.95 -0.29
N ASP E 336 -9.96 -17.17 -1.00
CA ASP E 336 -9.55 -16.27 -2.13
C ASP E 336 -8.85 -17.10 -3.22
N ASN E 337 -9.37 -18.30 -3.50
CA ASN E 337 -8.81 -19.26 -4.49
C ASN E 337 -7.27 -19.27 -4.41
N LYS E 338 -6.72 -19.29 -3.18
CA LYS E 338 -5.27 -19.40 -2.94
C LYS E 338 -4.82 -20.86 -3.09
N GLY E 339 -3.54 -21.05 -3.38
CA GLY E 339 -2.87 -22.36 -3.38
C GLY E 339 -2.39 -22.74 -2.01
N LEU E 340 -2.00 -23.99 -1.82
CA LEU E 340 -1.54 -24.51 -0.51
C LEU E 340 -0.39 -23.66 0.02
N PRO E 341 0.66 -23.31 -0.76
CA PRO E 341 1.77 -22.51 -0.23
C PRO E 341 1.40 -21.11 0.26
N ASP E 342 0.28 -20.57 -0.20
CA ASP E 342 -0.21 -19.26 0.26
C ASP E 342 -0.78 -19.37 1.69
N VAL E 343 -1.06 -20.56 2.21
CA VAL E 343 -1.76 -20.71 3.53
C VAL E 343 -1.11 -21.81 4.38
N ALA E 344 -0.36 -22.73 3.79
CA ALA E 344 0.22 -23.89 4.51
C ALA E 344 1.35 -23.38 5.37
N ILE E 345 1.49 -23.92 6.58
CA ILE E 345 2.60 -23.61 7.52
C ILE E 345 3.67 -24.73 7.41
N GLY E 346 3.34 -25.86 6.76
CA GLY E 346 4.12 -27.13 6.81
C GLY E 346 5.11 -27.28 5.66
N SER E 347 5.39 -28.52 5.25
CA SER E 347 6.27 -28.86 4.09
C SER E 347 5.43 -28.88 2.80
N PHE E 348 4.12 -28.63 2.93
CA PHE E 348 3.14 -28.38 1.84
C PHE E 348 3.23 -26.91 1.40
N SER E 349 4.13 -26.12 2.04
CA SER E 349 4.55 -24.75 1.65
C SER E 349 5.40 -24.80 0.38
N GLU E 350 6.07 -25.93 0.14
CA GLU E 350 7.25 -26.05 -0.75
C GLU E 350 6.78 -26.08 -2.21
N THR E 351 7.74 -25.95 -3.13
CA THR E 351 7.55 -25.67 -4.59
C THR E 351 6.65 -26.71 -5.26
N PRO E 352 6.71 -28.03 -4.92
CA PRO E 352 5.85 -29.01 -5.59
C PRO E 352 4.34 -28.74 -5.51
N TYR E 353 3.87 -27.99 -4.51
CA TYR E 353 2.43 -27.75 -4.26
C TYR E 353 2.01 -26.37 -4.80
N ASP E 354 2.93 -25.66 -5.48
CA ASP E 354 2.61 -24.38 -6.19
C ASP E 354 1.52 -24.68 -7.23
N GLY E 355 0.54 -23.79 -7.31
CA GLY E 355 -0.60 -23.88 -8.23
C GLY E 355 -1.54 -25.02 -7.89
N THR E 356 -1.48 -25.56 -6.67
CA THR E 356 -2.42 -26.60 -6.19
C THR E 356 -3.16 -26.09 -4.97
N GLY E 357 -4.49 -26.20 -4.99
CA GLY E 357 -5.38 -25.84 -3.86
C GLY E 357 -5.84 -27.08 -3.13
N PHE E 358 -6.97 -27.00 -2.46
CA PHE E 358 -7.47 -28.10 -1.62
C PHE E 358 -8.97 -27.92 -1.41
N GLY E 359 -9.72 -29.00 -1.67
CA GLY E 359 -11.17 -29.07 -1.46
C GLY E 359 -11.50 -29.89 -0.23
N LEU E 360 -12.59 -30.64 -0.28
CA LEU E 360 -13.05 -31.45 0.87
C LEU E 360 -12.43 -32.84 0.73
N GLY E 361 -11.11 -32.93 0.90
CA GLY E 361 -10.39 -34.22 1.00
C GLY E 361 -9.56 -34.54 -0.24
N PHE E 362 -9.58 -33.67 -1.24
CA PHE E 362 -8.71 -33.76 -2.44
C PHE E 362 -7.90 -32.47 -2.60
N SER E 363 -6.69 -32.60 -3.14
CA SER E 363 -5.92 -31.50 -3.77
C SER E 363 -6.57 -31.19 -5.11
N VAL E 364 -6.40 -29.98 -5.60
CA VAL E 364 -7.03 -29.47 -6.86
C VAL E 364 -5.98 -28.65 -7.59
N LYS E 365 -5.65 -29.01 -8.83
CA LYS E 365 -4.68 -28.20 -9.61
C LYS E 365 -5.38 -26.91 -10.07
N LEU E 366 -4.80 -25.75 -9.74
CA LEU E 366 -5.35 -24.41 -10.07
C LEU E 366 -4.65 -23.84 -11.31
N ASP E 367 -3.31 -23.90 -11.34
CA ASP E 367 -2.43 -23.30 -12.37
C ASP E 367 -1.40 -24.34 -12.83
N VAL E 368 -1.54 -24.85 -14.06
CA VAL E 368 -0.69 -25.97 -14.56
C VAL E 368 0.76 -25.47 -14.66
N ALA E 369 0.97 -24.35 -15.35
CA ALA E 369 2.31 -23.76 -15.58
C ALA E 369 3.02 -23.56 -14.23
N LYS E 370 2.30 -23.07 -13.22
CA LYS E 370 2.87 -22.73 -11.89
C LYS E 370 3.38 -24.01 -11.20
N SER E 371 2.67 -25.12 -11.39
CA SER E 371 3.01 -26.45 -10.80
C SER E 371 4.24 -27.06 -11.48
N GLN E 372 4.66 -26.53 -12.64
CA GLN E 372 5.85 -27.02 -13.41
C GLN E 372 5.64 -28.50 -13.83
N THR E 373 4.44 -29.03 -13.69
CA THR E 373 4.09 -30.42 -14.09
C THR E 373 2.91 -30.41 -15.06
N VAL E 374 3.05 -31.11 -16.20
CA VAL E 374 1.95 -31.32 -17.18
C VAL E 374 0.74 -31.93 -16.48
N GLY E 375 -0.45 -31.59 -16.95
CA GLY E 375 -1.73 -31.92 -16.32
C GLY E 375 -2.78 -30.90 -16.69
N SER E 376 -3.95 -30.97 -16.05
CA SER E 376 -5.11 -30.11 -16.38
C SER E 376 -5.56 -29.38 -15.12
N VAL E 377 -6.12 -28.18 -15.29
CA VAL E 377 -6.81 -27.46 -14.19
C VAL E 377 -7.93 -28.39 -13.73
N GLY E 378 -8.08 -28.58 -12.42
CA GLY E 378 -9.14 -29.43 -11.83
C GLY E 378 -8.63 -30.79 -11.42
N GLU E 379 -7.47 -31.22 -11.95
CA GLU E 379 -6.80 -32.50 -11.58
C GLU E 379 -6.90 -32.62 -10.05
N TYR E 380 -7.54 -33.67 -9.56
CA TYR E 380 -7.75 -33.88 -8.11
C TYR E 380 -7.28 -35.28 -7.70
N GLY E 381 -6.96 -35.41 -6.41
CA GLY E 381 -6.49 -36.68 -5.83
C GLY E 381 -5.74 -36.43 -4.53
N TRP E 382 -5.01 -37.45 -4.10
CA TRP E 382 -4.16 -37.39 -2.89
C TRP E 382 -3.22 -38.60 -2.89
N GLY E 383 -2.38 -38.70 -1.88
CA GLY E 383 -1.36 -39.76 -1.80
C GLY E 383 -1.31 -40.31 -0.39
N GLY E 384 -0.50 -41.34 -0.20
CA GLY E 384 -0.21 -41.92 1.11
C GLY E 384 1.27 -41.78 1.40
N MET E 385 1.61 -41.75 2.69
CA MET E 385 3.00 -41.47 3.14
C MET E 385 3.92 -42.60 2.65
N ALA E 386 3.39 -43.72 2.16
CA ALA E 386 4.20 -44.85 1.66
C ALA E 386 4.41 -44.77 0.14
N SER E 387 4.14 -43.61 -0.47
CA SER E 387 4.45 -43.25 -1.88
C SER E 387 3.35 -43.74 -2.84
N THR E 388 2.26 -44.30 -2.29
CA THR E 388 0.95 -44.50 -2.96
C THR E 388 0.47 -43.15 -3.46
N ASN E 389 -0.15 -43.13 -4.65
CA ASN E 389 -0.68 -41.88 -5.29
C ASN E 389 -1.84 -42.22 -6.22
N PHE E 390 -2.80 -41.33 -6.35
CA PHE E 390 -3.86 -41.38 -7.39
C PHE E 390 -4.27 -39.97 -7.79
N PHE E 391 -4.73 -39.83 -9.02
CA PHE E 391 -5.27 -38.56 -9.57
C PHE E 391 -6.37 -38.88 -10.57
N ILE E 392 -7.27 -37.90 -10.73
CA ILE E 392 -8.41 -37.91 -11.68
C ILE E 392 -8.37 -36.55 -12.39
N ASP E 393 -8.04 -36.54 -13.67
CA ASP E 393 -7.98 -35.36 -14.56
C ASP E 393 -9.37 -35.22 -15.16
N PRO E 394 -10.28 -34.37 -14.62
CA PRO E 394 -11.67 -34.36 -15.08
C PRO E 394 -11.80 -33.73 -16.46
N GLU E 395 -10.81 -32.94 -16.89
CA GLU E 395 -10.78 -32.32 -18.24
C GLU E 395 -10.51 -33.41 -19.29
N GLU E 396 -9.71 -34.43 -18.98
CA GLU E 396 -9.28 -35.49 -19.93
C GLU E 396 -10.00 -36.83 -19.68
N ASP E 397 -10.87 -36.93 -18.66
CA ASP E 397 -11.54 -38.19 -18.21
C ASP E 397 -10.50 -39.29 -18.01
N LEU E 398 -9.37 -38.92 -17.40
CA LEU E 398 -8.16 -39.76 -17.30
C LEU E 398 -7.88 -39.96 -15.81
N LEU E 399 -7.40 -41.13 -15.39
CA LEU E 399 -7.02 -41.33 -13.97
C LEU E 399 -5.89 -42.35 -13.87
N MET E 400 -5.14 -42.27 -12.78
CA MET E 400 -3.97 -43.13 -12.47
C MET E 400 -4.12 -43.61 -11.03
N VAL E 401 -3.80 -44.88 -10.77
CA VAL E 401 -3.56 -45.41 -9.39
C VAL E 401 -2.16 -46.01 -9.40
N PHE E 402 -1.32 -45.54 -8.48
CA PHE E 402 0.08 -45.97 -8.31
C PHE E 402 0.26 -46.48 -6.87
N MET E 403 0.69 -47.73 -6.76
CA MET E 403 0.96 -48.42 -5.48
C MET E 403 2.45 -48.76 -5.43
N THR E 404 3.09 -48.44 -4.31
CA THR E 404 4.43 -48.93 -3.91
C THR E 404 4.45 -48.83 -2.38
N GLN E 405 5.49 -49.31 -1.71
CA GLN E 405 5.56 -49.18 -0.24
C GLN E 405 6.96 -48.68 0.15
N LEU E 406 7.15 -47.37 0.04
CA LEU E 406 8.40 -46.65 0.40
C LEU E 406 8.03 -45.40 1.20
N ILE E 407 8.32 -45.41 2.49
CA ILE E 407 8.13 -44.24 3.40
C ILE E 407 9.42 -43.43 3.42
N PRO E 408 9.41 -42.07 3.36
CA PRO E 408 8.21 -41.27 3.08
C PRO E 408 7.96 -40.91 1.60
N SER E 409 6.72 -40.53 1.26
CA SER E 409 6.25 -40.15 -0.10
C SER E 409 7.08 -38.98 -0.66
N SER E 410 7.59 -38.13 0.21
CA SER E 410 8.45 -36.95 -0.14
C SER E 410 9.77 -37.41 -0.78
N THR E 411 10.18 -38.67 -0.62
CA THR E 411 11.53 -39.14 -1.02
C THR E 411 11.79 -38.90 -2.52
N TYR E 412 10.96 -39.47 -3.39
CA TYR E 412 11.17 -39.41 -4.87
C TYR E 412 10.00 -38.73 -5.55
N ALA E 413 10.26 -38.13 -6.71
CA ALA E 413 9.31 -37.38 -7.54
C ALA E 413 8.63 -38.31 -8.55
N VAL E 414 8.39 -39.57 -8.20
CA VAL E 414 7.91 -40.61 -9.17
C VAL E 414 6.51 -40.24 -9.66
N ARG E 415 5.63 -39.75 -8.79
CA ARG E 415 4.23 -39.37 -9.15
C ARG E 415 4.26 -38.31 -10.26
N GLN E 416 5.32 -37.50 -10.34
CA GLN E 416 5.43 -36.38 -11.33
C GLN E 416 5.92 -36.96 -12.66
N GLU E 417 6.91 -37.87 -12.61
CA GLU E 417 7.44 -38.57 -13.81
C GLU E 417 6.29 -39.35 -14.49
N LEU E 418 5.48 -40.06 -13.70
CA LEU E 418 4.32 -40.83 -14.22
C LEU E 418 3.37 -39.89 -14.95
N ARG E 419 3.08 -38.73 -14.36
CA ARG E 419 2.18 -37.71 -14.95
C ARG E 419 2.74 -37.27 -16.31
N ALA E 420 4.06 -37.04 -16.39
CA ALA E 420 4.76 -36.58 -17.60
C ALA E 420 4.49 -37.56 -18.74
N ILE E 421 4.65 -38.86 -18.44
CA ILE E 421 4.62 -40.00 -19.39
C ILE E 421 3.18 -40.22 -19.88
N ILE E 422 2.27 -40.28 -18.91
CA ILE E 422 0.82 -40.53 -19.10
C ILE E 422 0.21 -39.41 -19.94
N ASN E 423 0.38 -38.15 -19.53
CA ASN E 423 -0.14 -36.98 -20.31
C ASN E 423 0.59 -37.01 -21.67
N GLY E 424 1.81 -37.53 -21.70
CA GLY E 424 2.60 -37.72 -22.93
C GLY E 424 1.91 -38.64 -23.93
N ALA E 425 1.13 -39.60 -23.43
CA ALA E 425 0.51 -40.70 -24.22
C ALA E 425 -0.86 -40.29 -24.76
N LEU E 426 -1.35 -39.09 -24.45
CA LEU E 426 -2.57 -38.54 -25.10
C LEU E 426 -2.24 -38.17 -26.55
N VAL E 427 -3.01 -38.70 -27.51
CA VAL E 427 -2.73 -38.58 -28.97
C VAL E 427 -4.01 -38.25 -29.78
N ASP E 428 -5.07 -37.71 -29.19
CA ASP E 428 -6.20 -37.09 -29.94
C ASP E 428 -6.04 -35.56 -29.92
N SER F 27 -38.21 -46.28 -13.69
CA SER F 27 -37.76 -44.85 -13.75
C SER F 27 -37.98 -44.18 -12.38
N ASN F 28 -37.08 -44.44 -11.44
CA ASN F 28 -37.02 -43.79 -10.10
C ASN F 28 -36.24 -42.47 -10.26
N ILE F 29 -36.01 -42.07 -11.51
CA ILE F 29 -35.30 -40.82 -11.90
C ILE F 29 -36.21 -40.00 -12.81
N ILE F 30 -36.52 -38.76 -12.43
CA ILE F 30 -37.23 -37.79 -13.30
C ILE F 30 -36.30 -36.59 -13.48
N ALA F 31 -36.09 -36.17 -14.72
CA ALA F 31 -35.29 -34.97 -15.06
C ALA F 31 -33.93 -35.05 -14.36
N GLY F 32 -33.28 -36.21 -14.37
CA GLY F 32 -31.90 -36.38 -13.86
C GLY F 32 -31.81 -36.26 -12.35
N MET F 33 -32.94 -36.41 -11.65
CA MET F 33 -33.05 -36.33 -10.18
C MET F 33 -33.52 -37.69 -9.63
N ASP F 34 -32.78 -38.30 -8.71
CA ASP F 34 -33.20 -39.56 -8.04
C ASP F 34 -34.27 -39.20 -6.99
N LEU F 35 -35.51 -39.65 -7.20
CA LEU F 35 -36.66 -39.38 -6.29
C LEU F 35 -36.44 -40.07 -4.93
N ASN F 36 -35.69 -41.19 -4.91
CA ASN F 36 -35.36 -41.92 -3.66
C ASN F 36 -34.50 -40.99 -2.79
N ARG F 37 -33.56 -40.27 -3.41
CA ARG F 37 -32.68 -39.31 -2.71
C ARG F 37 -33.52 -38.11 -2.24
N LEU F 38 -34.45 -37.63 -3.07
CA LEU F 38 -35.35 -36.51 -2.68
C LEU F 38 -36.21 -36.88 -1.48
N ASP F 39 -36.43 -38.17 -1.22
CA ASP F 39 -37.33 -38.60 -0.10
C ASP F 39 -36.67 -38.25 1.23
N ARG F 40 -35.35 -37.99 1.23
CA ARG F 40 -34.58 -37.61 2.45
C ARG F 40 -35.07 -36.25 2.97
N ILE F 41 -35.69 -35.44 2.11
CA ILE F 41 -36.29 -34.14 2.50
C ILE F 41 -37.30 -34.37 3.63
N ALA F 42 -38.32 -35.17 3.37
CA ALA F 42 -39.39 -35.49 4.35
C ALA F 42 -38.76 -36.16 5.58
N GLU F 43 -37.85 -37.13 5.36
CA GLU F 43 -37.17 -37.87 6.45
C GLU F 43 -36.46 -36.85 7.34
N HIS F 44 -35.80 -35.87 6.72
CA HIS F 44 -34.99 -34.84 7.42
C HIS F 44 -35.91 -33.87 8.18
N LEU F 45 -36.91 -33.28 7.54
CA LEU F 45 -37.84 -32.31 8.18
C LEU F 45 -38.57 -32.98 9.36
N ASP F 46 -38.97 -34.26 9.21
CA ASP F 46 -39.55 -35.07 10.31
C ASP F 46 -38.55 -35.16 11.46
N ARG F 47 -37.36 -35.73 11.21
CA ARG F 47 -36.35 -36.12 12.23
C ARG F 47 -35.84 -34.87 12.97
N ALA F 48 -35.62 -33.77 12.26
CA ALA F 48 -34.84 -32.60 12.72
C ALA F 48 -35.73 -31.46 13.22
N TYR F 49 -36.96 -31.33 12.73
CA TYR F 49 -37.81 -30.13 12.96
C TYR F 49 -39.21 -30.50 13.48
N LEU F 50 -39.93 -31.41 12.83
CA LEU F 50 -41.37 -31.69 13.12
C LEU F 50 -41.52 -32.54 14.38
N HIS F 51 -40.94 -33.75 14.40
CA HIS F 51 -41.01 -34.71 15.55
C HIS F 51 -40.50 -34.02 16.82
N PRO F 52 -39.38 -33.27 16.79
CA PRO F 52 -38.91 -32.53 17.96
C PRO F 52 -39.60 -31.18 18.25
N GLY F 53 -40.62 -30.79 17.46
CA GLY F 53 -41.48 -29.61 17.74
C GLY F 53 -40.75 -28.28 17.63
N LYS F 54 -39.90 -28.11 16.61
CA LYS F 54 -39.18 -26.85 16.27
C LYS F 54 -39.97 -26.04 15.23
N LEU F 55 -40.62 -26.77 14.31
CA LEU F 55 -41.60 -26.26 13.30
C LEU F 55 -42.94 -26.99 13.48
N ALA F 56 -44.04 -26.32 13.17
CA ALA F 56 -45.41 -26.86 13.18
C ALA F 56 -45.63 -27.75 11.94
N GLY F 57 -45.24 -27.26 10.76
CA GLY F 57 -45.51 -27.94 9.48
C GLY F 57 -44.73 -27.32 8.34
N THR F 58 -44.53 -28.10 7.28
CA THR F 58 -43.74 -27.71 6.08
C THR F 58 -44.52 -28.09 4.83
N MET F 59 -44.38 -27.29 3.78
CA MET F 59 -44.76 -27.60 2.39
C MET F 59 -43.51 -27.40 1.54
N THR F 60 -43.06 -28.43 0.85
CA THR F 60 -41.76 -28.44 0.13
C THR F 60 -41.98 -28.88 -1.32
N LEU F 61 -41.65 -28.03 -2.28
CA LEU F 61 -41.76 -28.35 -3.73
C LEU F 61 -40.38 -28.20 -4.39
N VAL F 62 -40.03 -29.16 -5.25
CA VAL F 62 -38.79 -29.16 -6.05
C VAL F 62 -39.18 -29.44 -7.50
N ALA F 63 -38.57 -28.73 -8.45
CA ALA F 63 -38.83 -28.85 -9.89
C ALA F 63 -37.49 -28.80 -10.61
N ARG F 64 -37.42 -29.43 -11.78
CA ARG F 64 -36.22 -29.35 -12.66
C ARG F 64 -36.66 -29.56 -14.11
N ARG F 65 -36.14 -28.74 -15.02
CA ARG F 65 -36.46 -28.81 -16.47
C ARG F 65 -37.99 -28.79 -16.62
N GLY F 66 -38.67 -27.90 -15.91
CA GLY F 66 -40.12 -27.67 -16.04
C GLY F 66 -40.96 -28.72 -15.34
N GLU F 67 -40.37 -29.78 -14.79
CA GLU F 67 -41.11 -30.92 -14.17
C GLU F 67 -41.00 -30.90 -12.64
N VAL F 68 -42.14 -30.82 -11.95
CA VAL F 68 -42.20 -30.94 -10.46
C VAL F 68 -41.83 -32.38 -10.09
N VAL F 69 -40.77 -32.57 -9.31
CA VAL F 69 -40.22 -33.92 -8.96
C VAL F 69 -40.41 -34.19 -7.46
N TYR F 70 -40.85 -33.22 -6.69
CA TYR F 70 -41.11 -33.38 -5.23
C TYR F 70 -42.16 -32.36 -4.79
N CYS F 71 -43.15 -32.82 -4.04
CA CYS F 71 -44.23 -32.02 -3.45
C CYS F 71 -44.71 -32.75 -2.20
N GLN F 72 -44.55 -32.16 -1.01
CA GLN F 72 -44.76 -32.87 0.28
C GLN F 72 -45.15 -31.88 1.38
N ALA F 73 -46.44 -31.92 1.72
CA ALA F 73 -46.99 -31.35 2.98
C ALA F 73 -46.59 -32.30 4.11
N GLN F 74 -46.33 -31.74 5.30
CA GLN F 74 -45.93 -32.50 6.52
C GLN F 74 -46.39 -31.70 7.74
N GLY F 75 -46.79 -32.39 8.80
CA GLY F 75 -47.23 -31.77 10.06
C GLY F 75 -48.42 -30.87 9.88
N LEU F 76 -48.53 -29.84 10.72
CA LEU F 76 -49.80 -29.10 10.97
C LEU F 76 -49.63 -27.64 10.53
N ARG F 77 -50.66 -27.08 9.92
CA ARG F 77 -50.74 -25.65 9.56
C ARG F 77 -51.23 -24.85 10.78
N ASP F 78 -52.01 -25.51 11.65
CA ASP F 78 -52.63 -24.95 12.89
C ASP F 78 -52.52 -26.01 14.00
N VAL F 79 -51.61 -25.83 14.95
CA VAL F 79 -51.37 -26.81 16.05
C VAL F 79 -52.61 -26.81 16.95
N GLU F 80 -53.08 -25.62 17.35
CA GLU F 80 -54.17 -25.41 18.32
C GLU F 80 -55.44 -26.14 17.83
N ARG F 81 -55.72 -26.08 16.53
CA ARG F 81 -56.94 -26.68 15.90
C ARG F 81 -56.60 -28.02 15.23
N GLN F 82 -55.37 -28.52 15.42
CA GLN F 82 -54.96 -29.88 14.99
C GLN F 82 -55.25 -30.07 13.49
N LEU F 83 -55.09 -29.02 12.67
CA LEU F 83 -55.33 -29.05 11.19
C LEU F 83 -54.01 -29.31 10.46
N PRO F 84 -53.96 -30.27 9.49
CA PRO F 84 -52.72 -30.58 8.79
C PRO F 84 -52.37 -29.55 7.70
N VAL F 85 -51.10 -29.53 7.31
CA VAL F 85 -50.64 -28.79 6.10
C VAL F 85 -51.13 -29.61 4.90
N GLU F 86 -51.82 -28.97 3.96
CA GLU F 86 -52.20 -29.54 2.64
C GLU F 86 -51.48 -28.72 1.55
N ARG F 87 -51.40 -29.26 0.33
CA ARG F 87 -50.78 -28.58 -0.84
C ARG F 87 -51.38 -27.18 -1.02
N ASP F 88 -52.68 -27.03 -0.77
CA ASP F 88 -53.47 -25.79 -1.00
C ASP F 88 -53.38 -24.87 0.22
N THR F 89 -52.59 -25.20 1.24
CA THR F 89 -52.43 -24.36 2.45
C THR F 89 -51.80 -23.01 2.06
N LEU F 90 -52.35 -21.94 2.61
CA LEU F 90 -51.92 -20.54 2.41
C LEU F 90 -50.93 -20.15 3.50
N PHE F 91 -49.88 -19.42 3.13
CA PHE F 91 -48.74 -19.02 4.00
C PHE F 91 -48.46 -17.52 3.87
N ARG F 92 -48.02 -16.90 4.96
CA ARG F 92 -47.39 -15.56 4.96
C ARG F 92 -46.00 -15.72 4.33
N ILE F 93 -45.84 -15.31 3.08
CA ILE F 93 -44.53 -15.45 2.37
C ILE F 93 -43.63 -14.26 2.75
N TYR F 94 -44.20 -13.24 3.40
CA TYR F 94 -43.45 -12.06 3.89
C TYR F 94 -42.52 -11.56 2.77
N SER F 95 -41.22 -11.46 3.04
CA SER F 95 -40.30 -10.85 2.11
C SER F 95 -40.11 -11.52 0.74
N MET F 96 -40.74 -12.69 0.51
CA MET F 96 -40.78 -13.30 -0.85
C MET F 96 -41.73 -12.50 -1.75
N THR F 97 -42.41 -11.49 -1.19
CA THR F 97 -43.12 -10.44 -1.95
C THR F 97 -42.12 -9.62 -2.79
N LYS F 98 -40.89 -9.45 -2.29
CA LYS F 98 -39.93 -8.44 -2.81
C LYS F 98 -39.61 -8.75 -4.28
N PRO F 99 -39.34 -10.02 -4.66
CA PRO F 99 -39.14 -10.38 -6.06
C PRO F 99 -40.35 -10.04 -6.94
N ILE F 100 -41.56 -10.21 -6.42
CA ILE F 100 -42.80 -9.92 -7.20
C ILE F 100 -42.87 -8.41 -7.44
N THR F 101 -42.63 -7.59 -6.40
CA THR F 101 -42.65 -6.10 -6.48
C THR F 101 -41.55 -5.66 -7.45
N SER F 102 -40.40 -6.31 -7.38
CA SER F 102 -39.23 -6.04 -8.25
C SER F 102 -39.63 -6.25 -9.72
N ILE F 103 -40.30 -7.36 -10.02
CA ILE F 103 -40.76 -7.73 -11.40
C ILE F 103 -41.79 -6.68 -11.86
N ALA F 104 -42.76 -6.38 -11.01
CA ALA F 104 -43.80 -5.36 -11.28
C ALA F 104 -43.11 -4.07 -11.77
N LEU F 105 -42.14 -3.57 -11.01
CA LEU F 105 -41.48 -2.28 -11.34
C LEU F 105 -40.70 -2.44 -12.65
N MET F 106 -40.00 -3.56 -12.82
CA MET F 106 -39.15 -3.81 -14.00
C MET F 106 -40.03 -3.99 -15.25
N GLN F 107 -41.29 -4.41 -15.10
CA GLN F 107 -42.27 -4.45 -16.22
C GLN F 107 -42.40 -3.03 -16.80
N LEU F 108 -42.37 -2.03 -15.92
CA LEU F 108 -42.52 -0.60 -16.28
C LEU F 108 -41.18 -0.08 -16.84
N TYR F 109 -40.02 -0.59 -16.39
CA TYR F 109 -38.70 -0.28 -16.97
C TYR F 109 -38.72 -0.59 -18.48
N GLU F 110 -39.34 -1.72 -18.82
CA GLU F 110 -39.47 -2.31 -20.18
C GLU F 110 -40.43 -1.51 -21.07
N GLN F 111 -41.26 -0.64 -20.48
CA GLN F 111 -42.16 0.31 -21.19
C GLN F 111 -41.52 1.71 -21.22
N GLY F 112 -40.29 1.86 -20.71
CA GLY F 112 -39.48 3.10 -20.74
C GLY F 112 -40.02 4.15 -19.79
N ARG F 113 -40.71 3.73 -18.74
CA ARG F 113 -41.45 4.60 -17.79
C ARG F 113 -40.46 5.28 -16.82
N PHE F 114 -39.27 4.69 -16.66
CA PHE F 114 -38.12 5.25 -15.90
C PHE F 114 -36.83 4.53 -16.30
N LEU F 115 -35.73 5.05 -15.75
CA LEU F 115 -34.36 4.50 -15.88
C LEU F 115 -33.79 4.26 -14.48
N LEU F 116 -32.95 3.25 -14.33
CA LEU F 116 -32.46 2.84 -12.99
C LEU F 116 -31.56 3.93 -12.37
N ASP F 117 -30.82 4.69 -13.18
CA ASP F 117 -29.84 5.69 -12.68
C ASP F 117 -30.53 7.04 -12.44
N GLU F 118 -31.85 7.13 -12.63
CA GLU F 118 -32.62 8.36 -12.33
C GLU F 118 -32.71 8.56 -10.82
N PRO F 119 -32.60 9.82 -10.34
CA PRO F 119 -32.92 10.12 -8.94
C PRO F 119 -34.37 9.74 -8.60
N VAL F 120 -34.56 9.15 -7.43
CA VAL F 120 -35.92 8.85 -6.87
C VAL F 120 -36.71 10.16 -6.79
N HIS F 121 -36.07 11.28 -6.49
CA HIS F 121 -36.77 12.57 -6.21
C HIS F 121 -37.39 13.14 -7.50
N LYS F 122 -37.02 12.57 -8.66
CA LYS F 122 -37.73 12.83 -9.94
C LYS F 122 -39.18 12.40 -9.80
N TYR F 123 -39.46 11.26 -9.17
CA TYR F 123 -40.82 10.66 -9.01
C TYR F 123 -41.41 11.01 -7.65
N ILE F 124 -40.56 11.37 -6.68
CA ILE F 124 -40.98 11.71 -5.28
C ILE F 124 -40.32 13.03 -4.91
N PRO F 125 -40.84 14.18 -5.41
CA PRO F 125 -40.09 15.44 -5.31
C PRO F 125 -39.75 15.85 -3.86
N THR F 126 -40.56 15.43 -2.89
CA THR F 126 -40.40 15.78 -1.46
C THR F 126 -39.14 15.11 -0.89
N TRP F 127 -38.51 14.21 -1.63
CA TRP F 127 -37.28 13.47 -1.21
C TRP F 127 -36.02 14.14 -1.76
N LYS F 128 -36.13 15.29 -2.44
CA LYS F 128 -34.97 15.96 -3.08
C LYS F 128 -33.88 16.20 -2.01
N ASN F 129 -34.27 16.58 -0.79
CA ASN F 129 -33.32 17.07 0.26
C ASN F 129 -33.13 16.04 1.36
N LEU F 130 -33.26 14.75 1.08
CA LEU F 130 -32.94 13.69 2.06
C LEU F 130 -31.47 13.85 2.42
N ARG F 131 -31.15 13.62 3.70
CA ARG F 131 -29.76 13.80 4.21
C ARG F 131 -29.35 12.56 5.00
N VAL F 132 -28.06 12.46 5.33
CA VAL F 132 -27.45 11.25 5.97
C VAL F 132 -27.33 11.51 7.48
N TYR F 133 -27.73 10.54 8.29
CA TYR F 133 -27.67 10.60 9.77
C TYR F 133 -26.24 10.89 10.23
N LYS F 134 -26.03 11.93 11.04
CA LYS F 134 -24.73 12.17 11.73
C LYS F 134 -24.84 11.77 13.21
N THR F 135 -25.87 12.24 13.92
CA THR F 135 -26.05 12.01 15.37
C THR F 135 -27.38 12.59 15.83
N GLY F 136 -27.79 12.29 17.07
CA GLY F 136 -29.04 12.79 17.68
C GLY F 136 -30.08 11.71 17.76
N SER F 137 -31.18 11.96 18.48
CA SER F 137 -32.36 11.06 18.58
C SER F 137 -33.57 11.76 17.94
N HIS F 138 -34.46 10.99 17.31
CA HIS F 138 -35.74 11.52 16.79
C HIS F 138 -36.39 12.29 17.95
N PRO F 139 -36.96 13.50 17.74
CA PRO F 139 -36.98 14.21 16.46
C PRO F 139 -35.86 15.21 16.16
N GLN F 140 -34.81 15.29 16.97
CA GLN F 140 -33.69 16.25 16.75
C GLN F 140 -32.44 15.49 16.25
N MET F 141 -32.50 14.97 15.04
CA MET F 141 -31.36 14.27 14.38
C MET F 141 -30.59 15.26 13.52
N LEU F 142 -29.29 15.40 13.74
CA LEU F 142 -28.38 16.15 12.84
C LEU F 142 -27.96 15.26 11.67
N THR F 143 -27.70 15.85 10.51
CA THR F 143 -27.48 15.12 9.23
C THR F 143 -26.37 15.79 8.43
N THR F 144 -25.83 15.11 7.42
CA THR F 144 -24.84 15.66 6.45
C THR F 144 -25.38 15.46 5.03
N ALA F 145 -24.90 16.28 4.08
CA ALA F 145 -25.22 16.18 2.65
C ALA F 145 -24.76 14.81 2.13
N PRO F 146 -25.58 14.10 1.31
CA PRO F 146 -25.11 12.90 0.61
C PRO F 146 -24.24 13.26 -0.59
N GLN F 147 -23.26 12.42 -0.95
CA GLN F 147 -22.42 12.61 -2.18
C GLN F 147 -23.31 12.71 -3.42
N ARG F 148 -24.41 11.98 -3.47
CA ARG F 148 -25.34 12.02 -4.62
C ARG F 148 -26.74 11.65 -4.17
N PRO F 149 -27.78 12.06 -4.93
CA PRO F 149 -29.16 11.67 -4.61
C PRO F 149 -29.36 10.17 -4.80
N MET F 150 -30.25 9.62 -4.00
CA MET F 150 -30.78 8.23 -4.10
C MET F 150 -31.36 7.97 -5.50
N THR F 151 -31.01 6.84 -6.12
CA THR F 151 -31.52 6.38 -7.44
C THR F 151 -32.51 5.21 -7.29
N ILE F 152 -33.30 4.95 -8.33
CA ILE F 152 -34.25 3.80 -8.38
C ILE F 152 -33.42 2.52 -8.17
N ARG F 153 -32.25 2.44 -8.79
CA ARG F 153 -31.43 1.21 -8.66
C ARG F 153 -31.08 0.99 -7.19
N ASP F 154 -30.78 2.07 -6.46
CA ASP F 154 -30.51 2.00 -5.00
C ASP F 154 -31.69 1.32 -4.29
N LEU F 155 -32.94 1.72 -4.58
CA LEU F 155 -34.14 1.10 -3.96
C LEU F 155 -34.19 -0.40 -4.29
N LEU F 156 -33.97 -0.76 -5.55
CA LEU F 156 -34.18 -2.16 -6.01
C LEU F 156 -33.11 -3.09 -5.43
N THR F 157 -32.00 -2.51 -4.92
CA THR F 157 -30.80 -3.26 -4.45
C THR F 157 -30.52 -3.00 -2.96
N HIS F 158 -31.37 -2.25 -2.26
CA HIS F 158 -31.23 -1.94 -0.81
C HIS F 158 -29.93 -1.18 -0.52
N GLN F 159 -29.45 -0.38 -1.48
CA GLN F 159 -28.31 0.56 -1.34
C GLN F 159 -28.84 2.00 -1.17
N SER F 160 -30.15 2.19 -1.06
CA SER F 160 -30.89 3.44 -0.72
C SER F 160 -30.23 4.18 0.45
N GLY F 161 -29.87 3.46 1.51
CA GLY F 161 -29.56 4.06 2.81
C GLY F 161 -30.80 4.15 3.69
N LEU F 162 -31.95 3.72 3.17
CA LEU F 162 -33.15 3.43 4.00
C LEU F 162 -32.83 2.21 4.88
N THR F 163 -33.68 1.93 5.85
CA THR F 163 -33.55 0.81 6.81
C THR F 163 -34.95 0.23 7.13
N TYR F 164 -35.02 -0.65 8.12
CA TYR F 164 -36.25 -1.33 8.59
C TYR F 164 -36.36 -1.08 10.09
N GLY F 165 -37.55 -0.79 10.60
CA GLY F 165 -37.81 -0.67 12.04
C GLY F 165 -37.16 -1.82 12.81
N PHE F 166 -37.34 -3.06 12.37
CA PHE F 166 -36.99 -4.27 13.16
C PHE F 166 -35.47 -4.47 13.20
N MET F 167 -34.66 -3.70 12.47
CA MET F 167 -33.18 -3.87 12.43
C MET F 167 -32.59 -3.73 13.84
N ASN F 168 -33.15 -2.82 14.66
CA ASN F 168 -32.78 -2.59 16.09
C ASN F 168 -31.25 -2.42 16.23
N ARG F 169 -30.65 -1.52 15.46
CA ARG F 169 -29.18 -1.27 15.53
C ARG F 169 -28.87 0.21 15.75
N THR F 170 -29.70 1.13 15.23
CA THR F 170 -29.34 2.57 15.10
C THR F 170 -30.50 3.45 15.58
N ASN F 171 -30.17 4.72 15.90
CA ASN F 171 -31.15 5.74 16.30
C ASN F 171 -32.17 5.91 15.16
N VAL F 172 -31.77 5.63 13.92
CA VAL F 172 -32.63 5.83 12.72
C VAL F 172 -33.76 4.79 12.75
N ASP F 173 -33.45 3.52 12.97
CA ASP F 173 -34.49 2.46 13.01
C ASP F 173 -35.34 2.64 14.28
N ALA F 174 -34.79 3.21 15.36
CA ALA F 174 -35.58 3.60 16.56
C ALA F 174 -36.70 4.59 16.13
N ALA F 175 -36.37 5.53 15.25
CA ALA F 175 -37.34 6.47 14.66
C ALA F 175 -38.40 5.71 13.84
N TYR F 176 -37.97 4.77 13.00
CA TYR F 176 -38.88 3.93 12.18
C TYR F 176 -39.89 3.25 13.11
N ARG F 177 -39.43 2.73 14.25
CA ARG F 177 -40.30 1.98 15.21
C ARG F 177 -41.29 2.94 15.86
N SER F 178 -40.83 4.10 16.35
CA SER F 178 -41.74 5.07 17.03
C SER F 178 -42.79 5.57 16.04
N LEU F 179 -42.49 5.62 14.73
CA LEU F 179 -43.44 6.04 13.66
C LEU F 179 -44.14 4.82 13.02
N LYS F 180 -43.83 3.60 13.47
CA LYS F 180 -44.46 2.32 12.99
C LYS F 180 -44.42 2.26 11.45
N LEU F 181 -43.23 2.40 10.86
CA LEU F 181 -43.05 2.45 9.38
C LEU F 181 -42.94 1.04 8.79
N ASP F 182 -42.93 0.02 9.64
CA ASP F 182 -42.96 -1.42 9.23
C ASP F 182 -44.41 -1.90 9.10
N GLY F 183 -45.35 -1.17 9.72
CA GLY F 183 -46.78 -1.53 9.76
C GLY F 183 -47.38 -1.16 11.10
N GLY F 184 -48.71 -1.14 11.17
CA GLY F 184 -49.45 -0.74 12.37
C GLY F 184 -50.67 0.07 11.99
N PRO F 185 -51.57 0.37 12.95
CA PRO F 185 -52.83 1.02 12.64
C PRO F 185 -52.64 2.28 11.78
N GLY F 186 -53.49 2.44 10.75
CA GLY F 186 -53.57 3.63 9.87
C GLY F 186 -52.30 3.82 9.06
N HIS F 187 -51.51 2.77 8.88
CA HIS F 187 -50.31 2.79 8.03
C HIS F 187 -50.76 2.58 6.58
N THR F 188 -50.35 3.49 5.69
CA THR F 188 -50.53 3.40 4.23
C THR F 188 -49.15 3.59 3.59
N LEU F 189 -48.98 3.27 2.30
CA LEU F 189 -47.74 3.61 1.57
C LEU F 189 -47.61 5.14 1.55
N ASP F 190 -48.72 5.87 1.40
CA ASP F 190 -48.72 7.36 1.30
C ASP F 190 -48.05 7.91 2.55
N ARG F 191 -48.30 7.28 3.69
CA ARG F 191 -47.76 7.68 5.01
C ARG F 191 -46.25 7.36 5.10
N LEU F 192 -45.86 6.15 4.71
CA LEU F 192 -44.42 5.74 4.63
C LEU F 192 -43.64 6.79 3.85
N ILE F 193 -44.10 7.16 2.66
CA ILE F 193 -43.37 8.10 1.76
C ILE F 193 -43.31 9.47 2.44
N ASP F 194 -44.41 9.91 3.01
CA ASP F 194 -44.52 11.23 3.67
C ASP F 194 -43.56 11.28 4.87
N GLU F 195 -43.48 10.21 5.65
CA GLU F 195 -42.67 10.18 6.91
C GLU F 195 -41.18 10.08 6.59
N LEU F 196 -40.81 9.28 5.59
CA LEU F 196 -39.39 9.06 5.17
C LEU F 196 -38.79 10.35 4.62
N ALA F 197 -39.61 11.26 4.10
CA ALA F 197 -39.18 12.57 3.55
C ALA F 197 -38.51 13.39 4.66
N ARG F 198 -38.89 13.16 5.91
CA ARG F 198 -38.43 13.95 7.09
C ARG F 198 -37.40 13.16 7.90
N LEU F 199 -36.96 11.99 7.43
CA LEU F 199 -36.00 11.14 8.18
C LEU F 199 -34.66 11.10 7.47
N PRO F 200 -33.58 10.91 8.24
CA PRO F 200 -32.26 10.73 7.68
C PRO F 200 -32.02 9.30 7.18
N LEU F 201 -31.07 9.16 6.26
CA LEU F 201 -30.57 7.87 5.73
C LEU F 201 -29.42 7.38 6.60
N GLU F 202 -29.18 6.07 6.62
CA GLU F 202 -28.06 5.46 7.40
C GLU F 202 -26.73 5.80 6.72
N PHE F 203 -26.72 6.11 5.43
CA PHE F 203 -25.44 6.37 4.70
C PHE F 203 -25.73 7.03 3.36
N SER F 204 -24.72 7.69 2.77
CA SER F 204 -24.84 8.29 1.42
C SER F 204 -25.26 7.20 0.47
N PRO F 205 -26.37 7.38 -0.29
CA PRO F 205 -26.87 6.34 -1.21
C PRO F 205 -25.77 5.77 -2.11
N GLY F 206 -25.74 4.44 -2.21
CA GLY F 206 -24.84 3.67 -3.10
C GLY F 206 -23.61 3.14 -2.39
N THR F 207 -23.23 3.75 -1.27
CA THR F 207 -21.94 3.54 -0.57
C THR F 207 -21.98 2.29 0.31
N ALA F 208 -23.16 1.70 0.53
CA ALA F 208 -23.32 0.52 1.41
C ALA F 208 -24.63 -0.20 1.07
N TRP F 209 -24.91 -1.29 1.78
CA TRP F 209 -26.16 -2.09 1.64
C TRP F 209 -26.81 -2.23 3.02
N ASN F 210 -28.12 -2.03 3.09
CA ASN F 210 -28.88 -2.25 4.33
C ASN F 210 -30.33 -2.58 3.94
N TYR F 211 -30.77 -3.77 4.29
CA TYR F 211 -32.15 -4.29 4.09
C TYR F 211 -33.12 -3.24 4.62
N SER F 212 -34.18 -2.95 3.87
CA SER F 212 -34.95 -1.70 4.01
C SER F 212 -36.39 -1.86 3.53
N VAL F 213 -37.19 -0.86 3.87
CA VAL F 213 -38.54 -0.59 3.32
C VAL F 213 -38.44 -0.17 1.84
N ALA F 214 -37.24 -0.08 1.27
CA ALA F 214 -36.98 0.38 -0.11
C ALA F 214 -37.93 -0.33 -1.09
N THR F 215 -38.23 -1.60 -0.83
CA THR F 215 -39.08 -2.42 -1.73
C THR F 215 -40.55 -2.01 -1.56
N ASP F 216 -40.96 -1.63 -0.35
CA ASP F 216 -42.31 -1.07 -0.08
C ASP F 216 -42.48 0.23 -0.88
N VAL F 217 -41.40 1.01 -0.99
CA VAL F 217 -41.29 2.26 -1.80
C VAL F 217 -41.39 1.93 -3.30
N CYS F 218 -40.71 0.87 -3.74
CA CYS F 218 -40.84 0.35 -5.14
C CYS F 218 -42.33 0.10 -5.42
N GLY F 219 -43.03 -0.56 -4.50
CA GLY F 219 -44.49 -0.72 -4.50
C GLY F 219 -45.20 0.60 -4.76
N TYR F 220 -44.83 1.64 -4.02
CA TYR F 220 -45.41 3.00 -4.17
C TYR F 220 -45.14 3.51 -5.59
N LEU F 221 -43.96 3.24 -6.14
CA LEU F 221 -43.55 3.70 -7.48
C LEU F 221 -44.33 2.93 -8.56
N VAL F 222 -44.68 1.66 -8.31
CA VAL F 222 -45.54 0.88 -9.24
C VAL F 222 -46.87 1.62 -9.34
N GLN F 223 -47.46 1.93 -8.18
CA GLN F 223 -48.72 2.71 -8.08
C GLN F 223 -48.56 4.03 -8.84
N LEU F 224 -47.56 4.82 -8.48
CA LEU F 224 -47.29 6.17 -9.05
C LEU F 224 -47.31 6.07 -10.58
N LEU F 225 -46.54 5.14 -11.16
CA LEU F 225 -46.32 5.08 -12.63
C LEU F 225 -47.47 4.37 -13.34
N SER F 226 -48.17 3.44 -12.70
CA SER F 226 -49.18 2.57 -13.38
C SER F 226 -50.56 3.19 -13.28
N GLY F 227 -50.78 4.09 -12.32
CA GLY F 227 -52.11 4.62 -11.98
C GLY F 227 -52.92 3.63 -11.16
N MET F 228 -52.48 2.38 -11.00
CA MET F 228 -53.25 1.34 -10.29
C MET F 228 -52.74 1.19 -8.85
N SER F 229 -53.61 0.77 -7.95
CA SER F 229 -53.30 0.26 -6.60
C SER F 229 -52.46 -1.02 -6.75
N LEU F 230 -51.56 -1.31 -5.82
CA LEU F 230 -50.54 -2.38 -6.00
C LEU F 230 -51.21 -3.76 -6.15
N ASP F 231 -52.27 -4.03 -5.38
CA ASP F 231 -53.02 -5.32 -5.41
C ASP F 231 -53.60 -5.55 -6.82
N ASP F 232 -54.09 -4.48 -7.45
CA ASP F 232 -54.64 -4.49 -8.83
C ASP F 232 -53.49 -4.71 -9.83
N TYR F 233 -52.38 -3.97 -9.76
CA TYR F 233 -51.23 -4.14 -10.71
C TYR F 233 -50.79 -5.62 -10.65
N PHE F 234 -50.63 -6.15 -9.45
CA PHE F 234 -50.15 -7.54 -9.23
C PHE F 234 -51.12 -8.50 -9.90
N SER F 235 -52.40 -8.31 -9.59
CA SER F 235 -53.47 -9.23 -10.04
C SER F 235 -53.54 -9.21 -11.57
N LYS F 236 -53.57 -8.01 -12.15
CA LYS F 236 -53.72 -7.82 -13.62
C LYS F 236 -52.48 -8.33 -14.35
N HIS F 237 -51.29 -7.90 -13.92
CA HIS F 237 -50.03 -8.00 -14.72
C HIS F 237 -49.13 -9.16 -14.27
N ILE F 238 -49.46 -9.87 -13.18
CA ILE F 238 -48.64 -11.03 -12.70
C ILE F 238 -49.55 -12.23 -12.37
N PHE F 239 -50.50 -12.10 -11.44
CA PHE F 239 -51.22 -13.27 -10.85
C PHE F 239 -52.19 -13.89 -11.84
N GLN F 240 -52.98 -13.09 -12.56
CA GLN F 240 -53.96 -13.63 -13.54
C GLN F 240 -53.20 -14.28 -14.70
N PRO F 241 -52.26 -13.58 -15.38
CA PRO F 241 -51.48 -14.21 -16.44
C PRO F 241 -50.86 -15.55 -16.06
N LEU F 242 -50.37 -15.69 -14.83
CA LEU F 242 -49.59 -16.88 -14.40
C LEU F 242 -50.50 -17.94 -13.76
N GLY F 243 -51.77 -17.64 -13.53
CA GLY F 243 -52.70 -18.60 -12.92
C GLY F 243 -52.38 -18.80 -11.46
N MET F 244 -52.31 -17.69 -10.72
CA MET F 244 -52.03 -17.61 -9.27
C MET F 244 -53.27 -17.02 -8.60
N PRO F 245 -54.34 -17.84 -8.46
CA PRO F 245 -55.60 -17.35 -7.90
C PRO F 245 -55.60 -17.24 -6.37
N ASP F 246 -54.58 -17.79 -5.72
CA ASP F 246 -54.47 -17.90 -4.24
C ASP F 246 -53.30 -17.06 -3.71
N THR F 247 -53.07 -15.88 -4.28
CA THR F 247 -52.03 -14.91 -3.87
C THR F 247 -52.69 -13.54 -3.77
N PHE F 248 -52.58 -12.91 -2.61
CA PHE F 248 -53.32 -11.66 -2.28
C PHE F 248 -52.75 -11.05 -1.00
N PHE F 249 -52.92 -9.74 -0.86
CA PHE F 249 -52.56 -8.97 0.37
C PHE F 249 -53.55 -9.27 1.50
N THR F 250 -54.81 -9.53 1.15
CA THR F 250 -55.91 -9.81 2.11
C THR F 250 -56.51 -11.17 1.77
N VAL F 251 -56.62 -12.06 2.76
CA VAL F 251 -57.13 -13.46 2.55
C VAL F 251 -58.65 -13.41 2.47
N PRO F 252 -59.27 -13.76 1.32
CA PRO F 252 -60.73 -13.76 1.21
C PRO F 252 -61.34 -14.67 2.29
N ALA F 253 -62.47 -14.23 2.85
CA ALA F 253 -63.21 -14.94 3.92
C ALA F 253 -63.36 -16.43 3.57
N GLU F 254 -63.76 -16.77 2.34
CA GLU F 254 -64.08 -18.18 1.96
C GLU F 254 -62.80 -19.04 1.95
N LYS F 255 -61.60 -18.44 1.93
CA LYS F 255 -60.32 -19.21 1.87
C LYS F 255 -59.59 -19.23 3.22
N LEU F 256 -60.12 -18.52 4.21
CA LEU F 256 -59.49 -18.32 5.54
C LEU F 256 -59.35 -19.66 6.29
N SER F 257 -60.10 -20.70 5.91
CA SER F 257 -59.95 -22.05 6.53
C SER F 257 -58.58 -22.64 6.13
N ARG F 258 -58.07 -22.28 4.95
CA ARG F 258 -56.81 -22.85 4.40
C ARG F 258 -55.58 -22.12 4.96
N PHE F 259 -55.78 -20.98 5.61
CA PHE F 259 -54.69 -20.08 6.10
C PHE F 259 -54.01 -20.71 7.30
N ALA F 260 -52.69 -20.88 7.23
CA ALA F 260 -51.86 -21.46 8.31
C ALA F 260 -51.75 -20.45 9.45
N ALA F 261 -51.56 -20.95 10.66
CA ALA F 261 -51.10 -20.14 11.81
C ALA F 261 -49.63 -19.84 11.61
N CYS F 262 -49.20 -18.67 12.09
CA CYS F 262 -47.78 -18.28 12.19
C CYS F 262 -47.29 -18.50 13.61
N TYR F 263 -46.08 -19.05 13.76
CA TYR F 263 -45.42 -19.33 15.05
C TYR F 263 -44.10 -18.55 15.11
N GLU F 264 -43.66 -18.21 16.32
CA GLU F 264 -42.36 -17.54 16.58
C GLU F 264 -41.53 -18.46 17.47
N TYR F 265 -40.20 -18.30 17.38
CA TYR F 265 -39.20 -19.13 18.10
C TYR F 265 -39.35 -18.86 19.60
N GLN F 266 -39.24 -19.94 20.41
CA GLN F 266 -39.09 -19.88 21.89
C GLN F 266 -37.83 -20.66 22.26
N PRO F 267 -37.05 -20.20 23.25
CA PRO F 267 -35.83 -20.90 23.67
C PRO F 267 -36.12 -22.36 23.99
N GLY F 268 -35.10 -23.22 23.89
CA GLY F 268 -35.24 -24.69 23.98
C GLY F 268 -35.67 -25.31 22.68
N ASP F 269 -35.51 -24.57 21.56
CA ASP F 269 -35.86 -24.98 20.19
C ASP F 269 -37.34 -25.40 20.17
N SER F 270 -38.19 -24.49 20.62
CA SER F 270 -39.66 -24.64 20.67
C SER F 270 -40.28 -23.43 19.97
N PHE F 271 -41.62 -23.35 19.92
CA PHE F 271 -42.33 -22.23 19.27
C PHE F 271 -43.66 -21.96 19.98
N SER F 272 -44.15 -20.73 19.86
CA SER F 272 -45.44 -20.24 20.43
C SER F 272 -46.30 -19.65 19.30
N LEU F 273 -47.62 -19.57 19.51
CA LEU F 273 -48.58 -18.93 18.56
C LEU F 273 -48.18 -17.45 18.42
N GLN F 274 -48.09 -16.96 17.18
CA GLN F 274 -47.71 -15.55 16.85
C GLN F 274 -48.87 -14.86 16.14
N ASP F 275 -49.57 -15.58 15.27
CA ASP F 275 -50.75 -15.06 14.51
C ASP F 275 -51.77 -16.17 14.38
N ASP F 276 -52.96 -15.98 14.97
CA ASP F 276 -54.14 -16.86 14.78
C ASP F 276 -54.73 -16.51 13.41
N PRO F 277 -54.89 -17.49 12.49
CA PRO F 277 -55.46 -17.23 11.16
C PRO F 277 -56.88 -16.63 11.22
N GLN F 278 -57.68 -17.05 12.19
CA GLN F 278 -58.96 -16.37 12.53
C GLN F 278 -58.57 -15.12 13.33
N GLY F 279 -59.09 -13.94 12.98
CA GLY F 279 -58.68 -12.66 13.59
C GLY F 279 -57.21 -12.36 13.32
N SER F 280 -56.77 -12.49 12.06
CA SER F 280 -55.42 -12.09 11.60
C SER F 280 -55.55 -10.78 10.82
N ALA F 281 -54.63 -9.84 11.00
CA ALA F 281 -54.60 -8.59 10.22
C ALA F 281 -54.52 -8.91 8.72
N PHE F 282 -54.02 -10.08 8.33
CA PHE F 282 -53.94 -10.55 6.91
C PHE F 282 -55.34 -10.87 6.37
N ALA F 283 -56.32 -11.04 7.26
CA ALA F 283 -57.74 -11.32 6.93
C ALA F 283 -58.53 -10.02 6.73
N LYS F 284 -58.04 -8.89 7.25
CA LYS F 284 -58.65 -7.54 7.09
C LYS F 284 -57.95 -6.80 5.96
N ALA F 285 -58.66 -5.89 5.29
CA ALA F 285 -58.10 -4.92 4.34
C ALA F 285 -57.90 -3.59 5.06
N HIS F 286 -56.95 -3.53 6.01
CA HIS F 286 -56.26 -2.27 6.45
C HIS F 286 -55.66 -1.62 5.21
N GLY F 287 -55.22 -0.37 5.30
CA GLY F 287 -54.86 0.41 4.09
C GLY F 287 -53.41 0.26 3.62
N TYR F 288 -52.69 -0.78 4.05
CA TYR F 288 -51.22 -0.92 3.82
C TYR F 288 -50.92 -2.06 2.86
N LEU F 289 -50.62 -1.71 1.60
CA LEU F 289 -50.15 -2.69 0.60
C LEU F 289 -48.62 -2.75 0.60
N SER F 290 -48.07 -3.74 1.32
CA SER F 290 -46.62 -3.89 1.60
C SER F 290 -45.92 -4.59 0.43
N GLY F 291 -45.34 -3.82 -0.50
CA GLY F 291 -44.41 -4.38 -1.51
C GLY F 291 -43.29 -5.23 -0.89
N GLY F 292 -42.99 -5.00 0.39
CA GLY F 292 -41.89 -5.65 1.11
C GLY F 292 -42.28 -6.95 1.78
N GLY F 293 -43.49 -7.10 2.35
CA GLY F 293 -43.83 -8.31 3.13
C GLY F 293 -45.31 -8.67 3.16
N GLY F 294 -46.13 -8.06 2.31
CA GLY F 294 -47.60 -8.04 2.50
C GLY F 294 -48.29 -9.34 2.09
N LEU F 295 -47.71 -10.11 1.17
CA LEU F 295 -48.45 -11.15 0.41
C LEU F 295 -48.62 -12.43 1.25
N VAL F 296 -49.78 -13.04 1.02
CA VAL F 296 -50.10 -14.45 1.36
C VAL F 296 -50.22 -15.20 0.03
N SER F 297 -49.69 -16.42 -0.01
CA SER F 297 -49.62 -17.27 -1.21
C SER F 297 -49.62 -18.73 -0.77
N CYS F 298 -49.63 -19.65 -1.73
CA CYS F 298 -49.50 -21.11 -1.48
C CYS F 298 -48.32 -21.60 -2.30
N VAL F 299 -47.92 -22.86 -2.10
CA VAL F 299 -46.71 -23.41 -2.78
C VAL F 299 -46.96 -23.39 -4.30
N ASP F 300 -48.17 -23.77 -4.74
CA ASP F 300 -48.47 -23.91 -6.19
C ASP F 300 -48.31 -22.57 -6.89
N ASP F 301 -48.89 -21.50 -6.31
CA ASP F 301 -48.83 -20.14 -6.89
C ASP F 301 -47.36 -19.69 -6.98
N TYR F 302 -46.58 -19.83 -5.91
CA TYR F 302 -45.19 -19.34 -5.90
C TYR F 302 -44.34 -20.18 -6.86
N TYR F 303 -44.64 -21.48 -6.98
CA TYR F 303 -44.00 -22.37 -7.97
C TYR F 303 -44.20 -21.80 -9.38
N ARG F 304 -45.42 -21.38 -9.71
CA ARG F 304 -45.74 -20.87 -11.07
C ARG F 304 -44.91 -19.60 -11.30
N PHE F 305 -44.84 -18.71 -10.31
CA PHE F 305 -43.99 -17.49 -10.37
C PHE F 305 -42.52 -17.89 -10.56
N ALA F 306 -42.01 -18.82 -9.76
CA ALA F 306 -40.61 -19.28 -9.82
C ALA F 306 -40.32 -19.92 -11.18
N GLN F 307 -41.20 -20.82 -11.63
CA GLN F 307 -41.04 -21.59 -12.89
C GLN F 307 -41.05 -20.62 -14.08
N ALA F 308 -41.89 -19.58 -14.01
CA ALA F 308 -41.93 -18.49 -15.01
C ALA F 308 -40.54 -17.86 -15.14
N LEU F 309 -39.93 -17.52 -14.00
CA LEU F 309 -38.57 -16.90 -13.95
C LEU F 309 -37.55 -17.90 -14.50
N ALA F 310 -37.63 -19.17 -14.08
CA ALA F 310 -36.73 -20.25 -14.53
C ALA F 310 -36.82 -20.40 -16.05
N ASN F 311 -37.96 -20.07 -16.65
CA ASN F 311 -38.20 -20.21 -18.12
C ASN F 311 -37.82 -18.91 -18.84
N GLY F 312 -37.30 -17.90 -18.15
CA GLY F 312 -36.93 -16.61 -18.77
C GLY F 312 -38.13 -15.66 -18.86
N GLY F 313 -39.14 -15.85 -18.02
CA GLY F 313 -40.21 -14.86 -17.78
C GLY F 313 -41.58 -15.26 -18.33
N GLU F 314 -41.66 -16.46 -18.93
CA GLU F 314 -42.85 -16.97 -19.67
C GLU F 314 -43.26 -18.29 -19.02
N LEU F 315 -44.57 -18.51 -18.83
CA LEU F 315 -45.12 -19.83 -18.44
C LEU F 315 -46.44 -20.09 -19.16
N ASP F 316 -46.54 -21.23 -19.86
CA ASP F 316 -47.76 -21.68 -20.60
C ASP F 316 -48.26 -20.50 -21.44
N GLY F 317 -47.38 -19.81 -22.17
CA GLY F 317 -47.71 -18.74 -23.13
C GLY F 317 -48.04 -17.40 -22.48
N ALA F 318 -48.00 -17.26 -21.16
CA ALA F 318 -48.09 -15.96 -20.46
C ALA F 318 -46.68 -15.45 -20.13
N ARG F 319 -46.39 -14.18 -20.42
CA ARG F 319 -45.07 -13.56 -20.13
C ARG F 319 -45.27 -12.42 -19.13
N ILE F 320 -44.53 -12.42 -18.02
CA ILE F 320 -44.60 -11.33 -16.99
C ILE F 320 -43.38 -10.41 -17.11
N ILE F 321 -42.30 -10.85 -17.78
CA ILE F 321 -41.05 -10.06 -17.92
C ILE F 321 -40.25 -10.59 -19.12
N GLY F 322 -39.56 -9.71 -19.83
CA GLY F 322 -38.60 -10.07 -20.89
C GLY F 322 -37.47 -10.93 -20.37
N ARG F 323 -37.02 -11.89 -21.17
CA ARG F 323 -35.93 -12.84 -20.84
C ARG F 323 -34.69 -12.04 -20.47
N LYS F 324 -34.41 -10.98 -21.22
CA LYS F 324 -33.16 -10.17 -21.07
C LYS F 324 -33.27 -9.31 -19.81
N THR F 325 -34.42 -8.67 -19.63
CA THR F 325 -34.72 -7.84 -18.45
C THR F 325 -34.47 -8.68 -17.19
N LEU F 326 -34.93 -9.93 -17.18
CA LEU F 326 -34.78 -10.82 -16.00
C LEU F 326 -33.29 -11.17 -15.80
N GLU F 327 -32.56 -11.41 -16.88
CA GLU F 327 -31.12 -11.78 -16.84
C GLU F 327 -30.37 -10.62 -16.18
N PHE F 328 -30.84 -9.39 -16.41
CA PHE F 328 -30.30 -8.13 -15.83
C PHE F 328 -30.56 -8.07 -14.32
N MET F 329 -31.76 -8.48 -13.89
CA MET F 329 -32.18 -8.49 -12.47
C MET F 329 -31.38 -9.53 -11.68
N ARG F 330 -30.91 -10.60 -12.33
CA ARG F 330 -30.22 -11.74 -11.66
C ARG F 330 -28.71 -11.49 -11.58
N MET F 331 -28.22 -10.45 -12.24
CA MET F 331 -26.80 -10.04 -12.14
C MET F 331 -26.56 -9.51 -10.73
N ASN F 332 -25.32 -9.62 -10.26
CA ASN F 332 -24.86 -8.92 -9.04
C ASN F 332 -24.78 -7.43 -9.36
N HIS F 333 -25.54 -6.60 -8.64
CA HIS F 333 -25.60 -5.12 -8.84
C HIS F 333 -24.81 -4.42 -7.73
N LEU F 334 -24.03 -5.17 -6.97
CA LEU F 334 -23.18 -4.56 -5.94
C LEU F 334 -21.88 -4.09 -6.57
N PRO F 335 -21.28 -3.02 -6.01
CA PRO F 335 -20.07 -2.43 -6.55
C PRO F 335 -18.98 -3.50 -6.68
N ASP F 336 -18.25 -3.52 -7.80
CA ASP F 336 -16.99 -4.31 -7.99
C ASP F 336 -17.26 -5.80 -7.75
N ASN F 337 -18.41 -6.30 -8.22
CA ASN F 337 -18.85 -7.70 -8.03
C ASN F 337 -18.53 -8.18 -6.60
N LYS F 338 -18.77 -7.33 -5.60
CA LYS F 338 -18.58 -7.69 -4.17
C LYS F 338 -19.76 -8.52 -3.68
N GLY F 339 -19.54 -9.30 -2.61
CA GLY F 339 -20.61 -10.02 -1.90
C GLY F 339 -21.28 -9.12 -0.86
N LEU F 340 -22.41 -9.57 -0.33
CA LEU F 340 -23.18 -8.79 0.67
C LEU F 340 -22.29 -8.42 1.86
N PRO F 341 -21.49 -9.32 2.47
CA PRO F 341 -20.65 -8.95 3.61
C PRO F 341 -19.58 -7.88 3.34
N ASP F 342 -19.22 -7.67 2.09
CA ASP F 342 -18.26 -6.60 1.71
C ASP F 342 -18.93 -5.23 1.78
N VAL F 343 -20.26 -5.13 1.85
CA VAL F 343 -20.97 -3.80 1.77
C VAL F 343 -22.10 -3.70 2.80
N ALA F 344 -22.57 -4.82 3.33
CA ALA F 344 -23.73 -4.85 4.25
C ALA F 344 -23.26 -4.30 5.60
N ILE F 345 -24.11 -3.52 6.27
CA ILE F 345 -23.84 -2.97 7.64
C ILE F 345 -24.58 -3.85 8.66
N GLY F 346 -25.52 -4.70 8.22
CA GLY F 346 -26.52 -5.40 9.06
C GLY F 346 -26.09 -6.80 9.48
N SER F 347 -27.05 -7.71 9.68
CA SER F 347 -26.82 -9.15 10.03
C SER F 347 -26.62 -9.97 8.75
N PHE F 348 -26.72 -9.29 7.59
CA PHE F 348 -26.38 -9.81 6.24
C PHE F 348 -24.86 -9.68 6.01
N SER F 349 -24.12 -9.16 7.00
CA SER F 349 -22.64 -9.13 7.11
C SER F 349 -22.11 -10.54 7.36
N GLU F 350 -22.92 -11.40 7.97
CA GLU F 350 -22.49 -12.63 8.69
C GLU F 350 -22.18 -13.73 7.67
N THR F 351 -21.54 -14.80 8.15
CA THR F 351 -20.88 -15.87 7.35
C THR F 351 -21.84 -16.54 6.36
N PRO F 352 -23.13 -16.78 6.68
CA PRO F 352 -24.04 -17.41 5.71
C PRO F 352 -24.19 -16.71 4.36
N TYR F 353 -23.91 -15.40 4.27
CA TYR F 353 -24.10 -14.60 3.03
C TYR F 353 -22.76 -14.40 2.31
N ASP F 354 -21.67 -15.03 2.79
CA ASP F 354 -20.37 -15.07 2.09
C ASP F 354 -20.56 -15.70 0.71
N GLY F 355 -19.94 -15.08 -0.30
CA GLY F 355 -20.02 -15.51 -1.71
C GLY F 355 -21.41 -15.33 -2.31
N THR F 356 -22.26 -14.50 -1.70
CA THR F 356 -23.59 -14.15 -2.26
C THR F 356 -23.67 -12.64 -2.48
N GLY F 357 -24.09 -12.23 -3.67
CA GLY F 357 -24.31 -10.82 -4.05
C GLY F 357 -25.80 -10.50 -4.04
N PHE F 358 -26.19 -9.48 -4.78
CA PHE F 358 -27.59 -9.00 -4.80
C PHE F 358 -27.85 -8.23 -6.09
N GLY F 359 -28.94 -8.59 -6.78
CA GLY F 359 -29.41 -7.93 -7.99
C GLY F 359 -30.62 -7.06 -7.70
N LEU F 360 -31.55 -6.99 -8.65
CA LEU F 360 -32.75 -6.14 -8.52
C LEU F 360 -33.85 -7.00 -7.89
N GLY F 361 -33.69 -7.36 -6.61
CA GLY F 361 -34.74 -8.03 -5.82
C GLY F 361 -34.44 -9.51 -5.56
N PHE F 362 -33.33 -10.03 -6.08
CA PHE F 362 -32.83 -11.40 -5.77
C PHE F 362 -31.40 -11.33 -5.22
N SER F 363 -31.07 -12.26 -4.33
CA SER F 363 -29.68 -12.65 -4.00
C SER F 363 -29.13 -13.47 -5.17
N VAL F 364 -27.81 -13.49 -5.32
CA VAL F 364 -27.11 -14.14 -6.45
C VAL F 364 -25.88 -14.84 -5.87
N LYS F 365 -25.74 -16.16 -6.04
CA LYS F 365 -24.54 -16.87 -5.56
C LYS F 365 -23.37 -16.54 -6.50
N LEU F 366 -22.26 -16.04 -5.95
CA LEU F 366 -21.05 -15.62 -6.70
C LEU F 366 -19.97 -16.71 -6.63
N ASP F 367 -19.69 -17.23 -5.43
CA ASP F 367 -18.58 -18.19 -5.13
C ASP F 367 -19.13 -19.33 -4.27
N VAL F 368 -19.25 -20.53 -4.86
CA VAL F 368 -19.92 -21.68 -4.20
C VAL F 368 -19.10 -22.08 -2.98
N ALA F 369 -17.81 -22.33 -3.15
CA ALA F 369 -16.88 -22.75 -2.09
C ALA F 369 -16.94 -21.78 -0.91
N LYS F 370 -16.98 -20.47 -1.20
CA LYS F 370 -16.94 -19.39 -0.17
C LYS F 370 -18.22 -19.46 0.68
N SER F 371 -19.36 -19.81 0.06
CA SER F 371 -20.68 -19.91 0.71
C SER F 371 -20.75 -21.15 1.62
N GLN F 372 -19.81 -22.09 1.48
CA GLN F 372 -19.76 -23.35 2.29
C GLN F 372 -21.04 -24.18 2.09
N THR F 373 -21.87 -23.85 1.10
CA THR F 373 -23.11 -24.60 0.74
C THR F 373 -23.06 -25.02 -0.73
N VAL F 374 -23.32 -26.30 -1.00
CA VAL F 374 -23.48 -26.84 -2.38
C VAL F 374 -24.56 -26.04 -3.12
N GLY F 375 -24.36 -25.90 -4.43
CA GLY F 375 -25.18 -25.02 -5.29
C GLY F 375 -24.37 -24.58 -6.49
N SER F 376 -24.90 -23.66 -7.28
CA SER F 376 -24.25 -23.21 -8.54
C SER F 376 -24.08 -21.70 -8.52
N VAL F 377 -23.06 -21.20 -9.20
CA VAL F 377 -22.91 -19.75 -9.46
C VAL F 377 -24.17 -19.32 -10.21
N GLY F 378 -24.79 -18.21 -9.80
CA GLY F 378 -25.99 -17.65 -10.42
C GLY F 378 -27.26 -18.00 -9.67
N GLU F 379 -27.22 -19.01 -8.79
CA GLU F 379 -28.36 -19.41 -7.93
C GLU F 379 -28.97 -18.12 -7.38
N TYR F 380 -30.24 -17.87 -7.67
CA TYR F 380 -30.94 -16.63 -7.23
C TYR F 380 -32.24 -16.97 -6.51
N GLY F 381 -32.69 -16.04 -5.68
CA GLY F 381 -33.94 -16.16 -4.92
C GLY F 381 -33.96 -15.22 -3.74
N TRP F 382 -34.84 -15.48 -2.78
CA TRP F 382 -34.97 -14.73 -1.52
C TRP F 382 -35.85 -15.53 -0.57
N GLY F 383 -36.06 -15.01 0.63
CA GLY F 383 -36.82 -15.69 1.68
C GLY F 383 -37.74 -14.71 2.37
N GLY F 384 -38.57 -15.22 3.27
CA GLY F 384 -39.44 -14.42 4.13
C GLY F 384 -39.06 -14.62 5.57
N MET F 385 -39.34 -13.64 6.42
CA MET F 385 -38.92 -13.62 7.84
C MET F 385 -39.59 -14.79 8.57
N ALA F 386 -40.60 -15.44 7.98
CA ALA F 386 -41.30 -16.58 8.61
C ALA F 386 -40.70 -17.93 8.17
N SER F 387 -39.51 -17.92 7.56
CA SER F 387 -38.66 -19.09 7.23
C SER F 387 -39.06 -19.72 5.89
N THR F 388 -40.01 -19.10 5.18
CA THR F 388 -40.28 -19.28 3.73
C THR F 388 -39.00 -19.03 2.96
N ASN F 389 -38.75 -19.81 1.91
CA ASN F 389 -37.52 -19.71 1.07
C ASN F 389 -37.82 -20.24 -0.33
N PHE F 390 -37.19 -19.66 -1.35
CA PHE F 390 -37.16 -20.21 -2.72
C PHE F 390 -35.84 -19.87 -3.39
N PHE F 391 -35.43 -20.72 -4.32
CA PHE F 391 -34.22 -20.52 -5.15
C PHE F 391 -34.43 -21.12 -6.53
N ILE F 392 -33.70 -20.57 -7.50
CA ILE F 392 -33.65 -21.00 -8.93
C ILE F 392 -32.18 -21.10 -9.31
N ASP F 393 -31.71 -22.32 -9.54
CA ASP F 393 -30.32 -22.63 -9.94
C ASP F 393 -30.32 -22.64 -11.45
N PRO F 394 -29.92 -21.54 -12.14
CA PRO F 394 -30.09 -21.47 -13.59
C PRO F 394 -29.09 -22.36 -14.33
N GLU F 395 -28.01 -22.76 -13.68
CA GLU F 395 -27.00 -23.70 -14.26
C GLU F 395 -27.59 -25.11 -14.33
N GLU F 396 -28.44 -25.51 -13.38
CA GLU F 396 -29.01 -26.88 -13.30
C GLU F 396 -30.49 -26.93 -13.72
N ASP F 397 -31.11 -25.80 -14.09
CA ASP F 397 -32.57 -25.65 -14.43
C ASP F 397 -33.40 -26.24 -13.29
N LEU F 398 -33.01 -25.98 -12.05
CA LEU F 398 -33.53 -26.62 -10.83
C LEU F 398 -34.11 -25.52 -9.95
N LEU F 399 -35.19 -25.77 -9.22
CA LEU F 399 -35.74 -24.75 -8.29
C LEU F 399 -36.44 -25.44 -7.12
N MET F 400 -36.53 -24.74 -6.00
CA MET F 400 -37.19 -25.20 -4.75
C MET F 400 -38.12 -24.10 -4.25
N VAL F 401 -39.28 -24.45 -3.74
CA VAL F 401 -40.14 -23.57 -2.91
C VAL F 401 -40.37 -24.28 -1.57
N PHE F 402 -40.03 -23.62 -0.47
CA PHE F 402 -40.17 -24.12 0.92
C PHE F 402 -41.04 -23.15 1.70
N MET F 403 -42.14 -23.69 2.25
CA MET F 403 -43.11 -22.94 3.09
C MET F 403 -43.11 -23.55 4.49
N THR F 404 -43.06 -22.69 5.50
CA THR F 404 -43.29 -23.00 6.94
C THR F 404 -43.65 -21.66 7.58
N GLN F 405 -44.05 -21.63 8.84
CA GLN F 405 -44.37 -20.33 9.49
C GLN F 405 -43.70 -20.29 10.87
N LEU F 406 -42.42 -19.94 10.87
CA LEU F 406 -41.57 -19.80 12.08
C LEU F 406 -40.76 -18.51 11.95
N ILE F 407 -41.10 -17.50 12.74
CA ILE F 407 -40.35 -16.21 12.82
C ILE F 407 -39.31 -16.33 13.92
N PRO F 408 -38.03 -15.87 13.76
CA PRO F 408 -37.50 -15.40 12.48
C PRO F 408 -36.75 -16.44 11.63
N SER F 409 -36.58 -16.16 10.32
CA SER F 409 -35.94 -17.03 9.30
C SER F 409 -34.49 -17.37 9.71
N SER F 410 -33.84 -16.46 10.45
CA SER F 410 -32.46 -16.60 10.93
C SER F 410 -32.34 -17.79 11.91
N THR F 411 -33.46 -18.27 12.48
CA THR F 411 -33.44 -19.25 13.59
C THR F 411 -32.68 -20.52 13.20
N TYR F 412 -33.09 -21.21 12.14
CA TYR F 412 -32.54 -22.52 11.73
C TYR F 412 -31.94 -22.42 10.32
N ALA F 413 -30.99 -23.28 10.03
CA ALA F 413 -30.29 -23.38 8.73
C ALA F 413 -31.03 -24.38 7.83
N VAL F 414 -32.35 -24.46 7.89
CA VAL F 414 -33.13 -25.51 7.16
C VAL F 414 -32.97 -25.31 5.64
N ARG F 415 -32.99 -24.06 5.16
CA ARG F 415 -32.86 -23.75 3.71
C ARG F 415 -31.53 -24.32 3.17
N GLN F 416 -30.51 -24.45 4.02
CA GLN F 416 -29.15 -24.92 3.62
C GLN F 416 -29.15 -26.45 3.58
N GLU F 417 -29.78 -27.09 4.56
CA GLU F 417 -29.94 -28.56 4.63
C GLU F 417 -30.71 -29.04 3.39
N LEU F 418 -31.79 -28.36 3.04
CA LEU F 418 -32.62 -28.71 1.85
C LEU F 418 -31.73 -28.64 0.60
N ARG F 419 -30.91 -27.59 0.47
CA ARG F 419 -30.00 -27.41 -0.68
C ARG F 419 -29.04 -28.60 -0.76
N ALA F 420 -28.51 -29.04 0.38
CA ALA F 420 -27.52 -30.14 0.48
C ALA F 420 -28.13 -31.41 -0.13
N ILE F 421 -29.38 -31.69 0.25
CA ILE F 421 -30.13 -32.94 -0.06
C ILE F 421 -30.52 -32.94 -1.54
N ILE F 422 -31.11 -31.82 -1.98
CA ILE F 422 -31.62 -31.57 -3.34
C ILE F 422 -30.46 -31.66 -4.34
N ASN F 423 -29.39 -30.89 -4.14
CA ASN F 423 -28.19 -30.93 -5.03
C ASN F 423 -27.61 -32.36 -4.93
N GLY F 424 -27.80 -33.01 -3.77
CA GLY F 424 -27.39 -34.41 -3.54
C GLY F 424 -28.09 -35.39 -4.46
N ALA F 425 -29.30 -35.05 -4.90
CA ALA F 425 -30.20 -35.92 -5.68
C ALA F 425 -29.97 -35.78 -7.18
N LEU F 426 -29.08 -34.88 -7.61
CA LEU F 426 -28.66 -34.80 -9.03
C LEU F 426 -27.79 -36.00 -9.36
N VAL F 427 -28.14 -36.76 -10.42
CA VAL F 427 -27.50 -38.05 -10.78
C VAL F 427 -27.22 -38.15 -12.29
N ASP F 428 -27.14 -37.06 -13.05
CA ASP F 428 -26.62 -37.09 -14.45
C ASP F 428 -25.19 -36.54 -14.46
N SER G 27 -14.37 -14.34 -56.12
CA SER G 27 -13.86 -14.50 -54.73
C SER G 27 -13.35 -15.94 -54.55
N ASN G 28 -12.04 -16.18 -54.77
CA ASN G 28 -11.35 -17.39 -54.28
C ASN G 28 -11.36 -17.36 -52.75
N ILE G 29 -12.05 -18.31 -52.11
CA ILE G 29 -12.02 -18.52 -50.63
C ILE G 29 -11.59 -19.97 -50.38
N ILE G 30 -10.47 -20.17 -49.67
CA ILE G 30 -10.07 -21.51 -49.16
C ILE G 30 -10.01 -21.40 -47.64
N ALA G 31 -10.65 -22.34 -46.93
CA ALA G 31 -10.60 -22.44 -45.46
C ALA G 31 -10.96 -21.10 -44.84
N GLY G 32 -12.00 -20.43 -45.34
CA GLY G 32 -12.54 -19.20 -44.74
C GLY G 32 -11.60 -18.00 -44.89
N MET G 33 -10.66 -18.08 -45.82
CA MET G 33 -9.66 -17.03 -46.11
C MET G 33 -9.86 -16.52 -47.54
N ASP G 34 -10.04 -15.22 -47.74
CA ASP G 34 -10.12 -14.61 -49.10
C ASP G 34 -8.68 -14.54 -49.66
N LEU G 35 -8.39 -15.31 -50.71
CA LEU G 35 -7.05 -15.36 -51.36
C LEU G 35 -6.72 -14.03 -52.03
N ASN G 36 -7.75 -13.28 -52.47
CA ASN G 36 -7.59 -11.94 -53.09
C ASN G 36 -7.02 -10.99 -52.02
N ARG G 37 -7.51 -11.10 -50.79
CA ARG G 37 -7.03 -10.29 -49.64
C ARG G 37 -5.60 -10.73 -49.29
N LEU G 38 -5.31 -12.02 -49.31
CA LEU G 38 -3.94 -12.54 -49.03
C LEU G 38 -2.95 -12.02 -50.08
N ASP G 39 -3.40 -11.62 -51.28
CA ASP G 39 -2.49 -11.15 -52.36
C ASP G 39 -1.86 -9.82 -51.94
N ARG G 40 -2.43 -9.13 -50.94
CA ARG G 40 -1.90 -7.85 -50.40
C ARG G 40 -0.53 -8.09 -49.74
N ILE G 41 -0.23 -9.33 -49.34
CA ILE G 41 1.09 -9.71 -48.79
C ILE G 41 2.18 -9.34 -49.79
N ALA G 42 2.12 -9.93 -50.99
CA ALA G 42 3.09 -9.71 -52.08
C ALA G 42 3.10 -8.21 -52.44
N GLU G 43 1.91 -7.61 -52.59
CA GLU G 43 1.76 -6.18 -52.95
C GLU G 43 2.50 -5.35 -51.91
N HIS G 44 2.35 -5.70 -50.63
CA HIS G 44 2.93 -4.96 -49.48
C HIS G 44 4.45 -5.14 -49.44
N LEU G 45 4.95 -6.37 -49.47
CA LEU G 45 6.43 -6.66 -49.44
C LEU G 45 7.11 -5.98 -50.63
N ASP G 46 6.51 -6.00 -51.82
CA ASP G 46 7.01 -5.28 -53.02
C ASP G 46 7.09 -3.78 -52.70
N ARG G 47 5.96 -3.15 -52.37
CA ARG G 47 5.80 -1.66 -52.25
C ARG G 47 6.69 -1.13 -51.11
N ALA G 48 6.79 -1.85 -50.00
CA ALA G 48 7.33 -1.33 -48.71
C ALA G 48 8.77 -1.77 -48.46
N TYR G 49 9.22 -2.90 -49.04
CA TYR G 49 10.53 -3.52 -48.68
C TYR G 49 11.39 -3.81 -49.92
N LEU G 50 10.86 -4.50 -50.93
CA LEU G 50 11.66 -5.02 -52.08
C LEU G 50 11.98 -3.90 -53.07
N HIS G 51 10.97 -3.23 -53.65
CA HIS G 51 11.13 -2.13 -54.64
C HIS G 51 12.00 -1.02 -54.05
N PRO G 52 11.83 -0.60 -52.77
CA PRO G 52 12.73 0.35 -52.14
C PRO G 52 14.08 -0.18 -51.59
N GLY G 53 14.38 -1.47 -51.78
CA GLY G 53 15.70 -2.06 -51.47
C GLY G 53 16.04 -2.12 -49.99
N LYS G 54 15.06 -2.45 -49.13
CA LYS G 54 15.21 -2.62 -47.65
C LYS G 54 15.47 -4.10 -47.32
N LEU G 55 14.84 -4.99 -48.08
CA LEU G 55 15.03 -6.46 -48.10
C LEU G 55 15.44 -6.92 -49.49
N ALA G 56 16.26 -7.98 -49.56
CA ALA G 56 16.68 -8.65 -50.80
C ALA G 56 15.54 -9.50 -51.37
N GLY G 57 14.89 -10.29 -50.53
CA GLY G 57 13.89 -11.27 -50.96
C GLY G 57 13.15 -11.89 -49.79
N THR G 58 11.94 -12.36 -50.06
CA THR G 58 11.01 -12.94 -49.06
C THR G 58 10.44 -14.25 -49.59
N MET G 59 10.22 -15.19 -48.67
CA MET G 59 9.39 -16.39 -48.89
C MET G 59 8.32 -16.38 -47.81
N THR G 60 7.05 -16.38 -48.20
CA THR G 60 5.89 -16.19 -47.28
C THR G 60 4.90 -17.33 -47.49
N LEU G 61 4.63 -18.12 -46.44
CA LEU G 61 3.62 -19.19 -46.47
C LEU G 61 2.56 -18.94 -45.40
N VAL G 62 1.30 -19.17 -45.75
CA VAL G 62 0.14 -19.07 -44.83
C VAL G 62 -0.69 -20.34 -45.01
N ALA G 63 -1.15 -20.91 -43.90
CA ALA G 63 -1.96 -22.14 -43.88
C ALA G 63 -3.09 -21.94 -42.88
N ARG G 64 -4.21 -22.64 -43.08
CA ARG G 64 -5.36 -22.62 -42.14
C ARG G 64 -6.12 -23.93 -42.29
N ARG G 65 -6.48 -24.55 -41.16
CA ARG G 65 -7.22 -25.83 -41.11
C ARG G 65 -6.48 -26.83 -42.00
N GLY G 66 -5.16 -26.92 -41.86
CA GLY G 66 -4.33 -27.93 -42.55
C GLY G 66 -4.05 -27.60 -44.00
N GLU G 67 -4.65 -26.55 -44.58
CA GLU G 67 -4.55 -26.21 -46.02
C GLU G 67 -3.66 -24.97 -46.23
N VAL G 68 -2.58 -25.11 -47.00
CA VAL G 68 -1.72 -23.97 -47.43
C VAL G 68 -2.53 -23.10 -48.39
N VAL G 69 -2.73 -21.82 -48.05
CA VAL G 69 -3.61 -20.88 -48.82
C VAL G 69 -2.76 -19.77 -49.44
N TYR G 70 -1.48 -19.69 -49.10
CA TYR G 70 -0.56 -18.67 -49.67
C TYR G 70 0.87 -19.20 -49.60
N CYS G 71 1.58 -19.06 -50.72
CA CYS G 71 3.00 -19.45 -50.87
C CYS G 71 3.59 -18.55 -51.96
N GLN G 72 4.56 -17.70 -51.63
CA GLN G 72 5.06 -16.64 -52.55
C GLN G 72 6.50 -16.28 -52.23
N ALA G 73 7.40 -16.74 -53.10
CA ALA G 73 8.78 -16.23 -53.25
C ALA G 73 8.71 -14.88 -53.95
N GLN G 74 9.61 -13.96 -53.59
CA GLN G 74 9.69 -12.58 -54.15
C GLN G 74 11.13 -12.10 -54.05
N GLY G 75 11.59 -11.33 -55.04
CA GLY G 75 12.96 -10.79 -55.10
C GLY G 75 14.02 -11.87 -55.08
N LEU G 76 15.19 -11.57 -54.51
CA LEU G 76 16.45 -12.30 -54.75
C LEU G 76 16.93 -12.93 -53.44
N ARG G 77 17.45 -14.15 -53.51
CA ARG G 77 18.11 -14.84 -52.38
C ARG G 77 19.57 -14.40 -52.31
N ASP G 78 20.14 -14.02 -53.46
CA ASP G 78 21.55 -13.58 -53.66
C ASP G 78 21.58 -12.40 -54.62
N VAL G 79 21.77 -11.17 -54.12
CA VAL G 79 21.75 -9.93 -54.95
C VAL G 79 22.97 -9.98 -55.86
N GLU G 80 24.15 -10.25 -55.29
CA GLU G 80 25.47 -10.22 -55.98
C GLU G 80 25.42 -11.14 -57.21
N ARG G 81 24.82 -12.32 -57.09
CA ARG G 81 24.74 -13.37 -58.15
C ARG G 81 23.37 -13.33 -58.84
N GLN G 82 22.54 -12.32 -58.54
CA GLN G 82 21.29 -12.05 -59.27
C GLN G 82 20.40 -13.33 -59.30
N LEU G 83 20.41 -14.13 -58.22
CA LEU G 83 19.61 -15.39 -58.10
C LEU G 83 18.30 -15.10 -57.37
N PRO G 84 17.14 -15.55 -57.90
CA PRO G 84 15.85 -15.28 -57.24
C PRO G 84 15.59 -16.19 -56.03
N VAL G 85 14.68 -15.77 -55.17
CA VAL G 85 14.13 -16.63 -54.09
C VAL G 85 13.20 -17.62 -54.78
N GLU G 86 13.38 -18.92 -54.52
CA GLU G 86 12.45 -20.01 -54.95
C GLU G 86 11.86 -20.64 -53.68
N ARG G 87 10.77 -21.38 -53.82
CA ARG G 87 10.10 -22.11 -52.69
C ARG G 87 11.12 -22.97 -51.94
N ASP G 88 12.06 -23.57 -52.65
CA ASP G 88 13.06 -24.53 -52.11
C ASP G 88 14.29 -23.80 -51.56
N THR G 89 14.28 -22.46 -51.55
CA THR G 89 15.43 -21.66 -51.03
C THR G 89 15.63 -21.95 -49.53
N LEU G 90 16.89 -22.13 -49.15
CA LEU G 90 17.35 -22.40 -47.77
C LEU G 90 17.70 -21.08 -47.09
N PHE G 91 17.35 -20.94 -45.82
CA PHE G 91 17.50 -19.71 -44.99
C PHE G 91 18.13 -20.05 -43.65
N ARG G 92 18.92 -19.12 -43.11
CA ARG G 92 19.35 -19.11 -41.69
C ARG G 92 18.12 -18.75 -40.85
N ILE G 93 17.51 -19.73 -40.19
CA ILE G 93 16.29 -19.48 -39.36
C ILE G 93 16.73 -18.99 -37.99
N TYR G 94 18.03 -19.09 -37.68
CA TYR G 94 18.62 -18.59 -36.41
C TYR G 94 17.72 -19.05 -35.25
N SER G 95 17.24 -18.11 -34.43
CA SER G 95 16.54 -18.46 -33.21
C SER G 95 15.21 -19.23 -33.35
N MET G 96 14.73 -19.47 -34.57
CA MET G 96 13.57 -20.36 -34.81
C MET G 96 13.99 -21.82 -34.61
N THR G 97 15.28 -22.06 -34.36
CA THR G 97 15.82 -23.33 -33.83
C THR G 97 15.26 -23.62 -32.43
N LYS G 98 14.99 -22.58 -31.64
CA LYS G 98 14.74 -22.70 -30.18
C LYS G 98 13.49 -23.55 -29.93
N PRO G 99 12.38 -23.34 -30.68
CA PRO G 99 11.20 -24.21 -30.56
C PRO G 99 11.52 -25.68 -30.88
N ILE G 100 12.39 -25.95 -31.85
CA ILE G 100 12.76 -27.34 -32.23
C ILE G 100 13.53 -27.97 -31.06
N THR G 101 14.51 -27.24 -30.49
CA THR G 101 15.32 -27.72 -29.35
C THR G 101 14.40 -27.95 -28.15
N SER G 102 13.43 -27.06 -27.96
CA SER G 102 12.42 -27.13 -26.88
C SER G 102 11.64 -28.45 -27.00
N ILE G 103 11.16 -28.76 -28.21
CA ILE G 103 10.37 -29.99 -28.50
C ILE G 103 11.25 -31.21 -28.24
N ALA G 104 12.47 -31.20 -28.77
CA ALA G 104 13.46 -32.29 -28.54
C ALA G 104 13.52 -32.61 -27.04
N LEU G 105 13.75 -31.60 -26.21
CA LEU G 105 13.93 -31.83 -24.76
C LEU G 105 12.62 -32.33 -24.16
N MET G 106 11.49 -31.76 -24.57
CA MET G 106 10.17 -32.12 -24.01
C MET G 106 9.77 -33.54 -24.45
N GLN G 107 10.30 -34.04 -25.57
CA GLN G 107 10.13 -35.47 -25.97
C GLN G 107 10.67 -36.35 -24.85
N LEU G 108 11.77 -35.93 -24.24
CA LEU G 108 12.46 -36.66 -23.15
C LEU G 108 11.71 -36.47 -21.83
N TYR G 109 11.05 -35.33 -21.62
CA TYR G 109 10.16 -35.09 -20.44
C TYR G 109 9.09 -36.18 -20.41
N GLU G 110 8.56 -36.51 -21.60
CA GLU G 110 7.46 -37.48 -21.86
C GLU G 110 7.90 -38.92 -21.65
N GLN G 111 9.22 -39.18 -21.62
CA GLN G 111 9.84 -40.49 -21.30
C GLN G 111 10.29 -40.52 -19.83
N GLY G 112 10.02 -39.45 -19.07
CA GLY G 112 10.27 -39.36 -17.62
C GLY G 112 11.75 -39.18 -17.30
N ARG G 113 12.52 -38.67 -18.26
CA ARG G 113 14.01 -38.60 -18.22
C ARG G 113 14.44 -37.46 -17.28
N PHE G 114 13.54 -36.49 -17.04
CA PHE G 114 13.70 -35.40 -16.04
C PHE G 114 12.34 -34.77 -15.73
N LEU G 115 12.36 -33.85 -14.77
CA LEU G 115 11.22 -33.00 -14.34
C LEU G 115 11.63 -31.55 -14.42
N LEU G 116 10.69 -30.66 -14.71
CA LEU G 116 10.99 -29.23 -14.97
C LEU G 116 11.54 -28.55 -13.70
N ASP G 117 11.10 -28.94 -12.51
CA ASP G 117 11.46 -28.27 -11.23
C ASP G 117 12.78 -28.83 -10.69
N GLU G 118 13.42 -29.77 -11.40
CA GLU G 118 14.73 -30.33 -10.98
C GLU G 118 15.81 -29.28 -11.17
N PRO G 119 16.79 -29.18 -10.24
CA PRO G 119 17.96 -28.37 -10.46
C PRO G 119 18.73 -28.84 -11.71
N VAL G 120 19.21 -27.89 -12.52
CA VAL G 120 20.11 -28.18 -13.67
C VAL G 120 21.35 -28.91 -13.17
N HIS G 121 21.84 -28.60 -11.96
CA HIS G 121 23.14 -29.13 -11.45
C HIS G 121 23.01 -30.63 -11.15
N LYS G 122 21.78 -31.16 -11.12
CA LYS G 122 21.54 -32.62 -11.09
C LYS G 122 22.16 -33.25 -12.34
N TYR G 123 22.02 -32.63 -13.52
CA TYR G 123 22.51 -33.14 -14.83
C TYR G 123 23.87 -32.52 -15.18
N ILE G 124 24.21 -31.38 -14.58
CA ILE G 124 25.47 -30.63 -14.84
C ILE G 124 26.12 -30.31 -13.50
N PRO G 125 26.76 -31.29 -12.83
CA PRO G 125 27.16 -31.12 -11.43
C PRO G 125 28.09 -29.92 -11.19
N THR G 126 28.87 -29.52 -12.19
CA THR G 126 29.86 -28.41 -12.08
C THR G 126 29.14 -27.06 -11.93
N TRP G 127 27.81 -27.04 -12.11
CA TRP G 127 26.97 -25.81 -12.01
C TRP G 127 26.33 -25.69 -10.62
N LYS G 128 26.65 -26.59 -9.68
CA LYS G 128 26.01 -26.58 -8.33
C LYS G 128 26.22 -25.20 -7.68
N ASN G 129 27.40 -24.59 -7.86
CA ASN G 129 27.83 -23.38 -7.11
C ASN G 129 27.83 -22.14 -8.01
N LEU G 130 26.95 -22.10 -9.02
CA LEU G 130 26.76 -20.86 -9.82
C LEU G 130 26.31 -19.77 -8.87
N ARG G 131 26.79 -18.55 -9.10
CA ARG G 131 26.47 -17.40 -8.23
C ARG G 131 26.02 -16.22 -9.10
N VAL G 132 25.48 -15.18 -8.46
CA VAL G 132 24.84 -14.01 -9.13
C VAL G 132 25.85 -12.87 -9.15
N TYR G 133 25.99 -12.21 -10.31
CA TYR G 133 26.92 -11.06 -10.49
C TYR G 133 26.61 -9.96 -9.48
N LYS G 134 27.60 -9.50 -8.72
CA LYS G 134 27.46 -8.29 -7.87
C LYS G 134 28.19 -7.11 -8.53
N THR G 135 29.45 -7.28 -8.92
CA THR G 135 30.31 -6.20 -9.47
C THR G 135 31.66 -6.79 -9.92
N GLY G 136 32.46 -5.99 -10.63
CA GLY G 136 33.79 -6.40 -11.12
C GLY G 136 33.77 -6.66 -12.61
N SER G 137 34.95 -6.81 -13.22
CA SER G 137 35.13 -7.15 -14.65
C SER G 137 35.75 -8.54 -14.76
N HIS G 138 35.39 -9.30 -15.78
CA HIS G 138 36.06 -10.59 -16.08
C HIS G 138 37.57 -10.33 -16.09
N PRO G 139 38.43 -11.17 -15.47
CA PRO G 139 38.04 -12.36 -14.72
C PRO G 139 37.82 -12.23 -13.20
N GLN G 140 37.81 -11.02 -12.64
CA GLN G 140 37.66 -10.83 -11.16
C GLN G 140 36.27 -10.27 -10.88
N MET G 141 35.23 -11.07 -11.09
CA MET G 141 33.83 -10.69 -10.81
C MET G 141 33.47 -11.19 -9.42
N LEU G 142 32.99 -10.30 -8.55
CA LEU G 142 32.40 -10.68 -7.24
C LEU G 142 30.94 -11.06 -7.44
N THR G 143 30.43 -11.97 -6.61
CA THR G 143 29.11 -12.61 -6.80
C THR G 143 28.41 -12.76 -5.44
N THR G 144 27.10 -13.04 -5.46
CA THR G 144 26.30 -13.33 -4.25
C THR G 144 25.59 -14.68 -4.46
N ALA G 145 25.23 -15.34 -3.36
CA ALA G 145 24.44 -16.61 -3.37
C ALA G 145 23.09 -16.36 -4.04
N PRO G 146 22.61 -17.26 -4.93
CA PRO G 146 21.23 -17.18 -5.42
C PRO G 146 20.24 -17.70 -4.37
N GLN G 147 19.00 -17.20 -4.34
CA GLN G 147 17.91 -17.71 -3.46
C GLN G 147 17.71 -19.21 -3.67
N ARG G 148 17.84 -19.69 -4.89
CA ARG G 148 17.67 -21.13 -5.20
C ARG G 148 18.47 -21.51 -6.43
N PRO G 149 18.81 -22.80 -6.59
CA PRO G 149 19.50 -23.25 -7.79
C PRO G 149 18.60 -23.13 -9.02
N MET G 150 19.25 -22.87 -10.16
CA MET G 150 18.68 -22.88 -11.53
C MET G 150 17.98 -24.23 -11.82
N THR G 151 16.75 -24.20 -12.36
CA THR G 151 15.97 -25.39 -12.76
C THR G 151 15.91 -25.53 -14.29
N ILE G 152 15.53 -26.72 -14.77
CA ILE G 152 15.36 -27.00 -16.22
C ILE G 152 14.31 -26.02 -16.74
N ARG G 153 13.25 -25.78 -15.98
CA ARG G 153 12.17 -24.87 -16.45
C ARG G 153 12.76 -23.48 -16.68
N ASP G 154 13.67 -23.04 -15.81
CA ASP G 154 14.38 -21.75 -15.99
C ASP G 154 15.05 -21.70 -17.37
N LEU G 155 15.77 -22.77 -17.77
CA LEU G 155 16.45 -22.81 -19.10
C LEU G 155 15.40 -22.68 -20.22
N LEU G 156 14.30 -23.43 -20.13
CA LEU G 156 13.32 -23.52 -21.23
C LEU G 156 12.56 -22.20 -21.41
N THR G 157 12.61 -21.32 -20.39
CA THR G 157 11.82 -20.07 -20.32
C THR G 157 12.73 -18.82 -20.23
N HIS G 158 14.05 -18.98 -20.31
CA HIS G 158 15.05 -17.87 -20.27
C HIS G 158 14.96 -17.10 -18.94
N GLN G 159 14.59 -17.77 -17.86
CA GLN G 159 14.60 -17.24 -16.47
C GLN G 159 15.82 -17.81 -15.71
N SER G 160 16.70 -18.55 -16.40
CA SER G 160 18.03 -19.06 -15.94
C SER G 160 18.83 -17.98 -15.20
N GLY G 161 18.86 -16.76 -15.75
CA GLY G 161 19.84 -15.74 -15.34
C GLY G 161 21.09 -15.82 -16.19
N LEU G 162 21.15 -16.76 -17.13
CA LEU G 162 22.12 -16.74 -18.24
C LEU G 162 21.78 -15.54 -19.14
N THR G 163 22.68 -15.22 -20.07
CA THR G 163 22.53 -14.11 -21.05
C THR G 163 23.16 -14.53 -22.39
N TYR G 164 23.30 -13.58 -23.30
CA TYR G 164 23.86 -13.74 -24.66
C TYR G 164 24.99 -12.71 -24.82
N GLY G 165 26.11 -13.11 -25.42
CA GLY G 165 27.20 -12.18 -25.77
C GLY G 165 26.66 -10.90 -26.38
N PHE G 166 25.77 -11.00 -27.36
CA PHE G 166 25.37 -9.86 -28.23
C PHE G 166 24.47 -8.88 -27.47
N MET G 167 24.04 -9.17 -26.24
CA MET G 167 23.11 -8.29 -25.46
C MET G 167 23.75 -6.90 -25.27
N ASN G 168 25.07 -6.85 -25.08
CA ASN G 168 25.88 -5.61 -24.94
C ASN G 168 25.26 -4.66 -23.91
N ARG G 169 24.97 -5.15 -22.70
CA ARG G 169 24.36 -4.32 -21.63
C ARG G 169 25.17 -4.38 -20.34
N THR G 170 25.81 -5.51 -20.04
CA THR G 170 26.39 -5.79 -18.70
C THR G 170 27.81 -6.34 -18.80
N ASN G 171 28.56 -6.24 -17.71
CA ASN G 171 29.94 -6.78 -17.59
C ASN G 171 29.90 -8.30 -17.87
N VAL G 172 28.76 -8.95 -17.61
CA VAL G 172 28.61 -10.43 -17.76
C VAL G 172 28.61 -10.78 -19.24
N ASP G 173 27.83 -10.08 -20.07
CA ASP G 173 27.82 -10.36 -21.53
C ASP G 173 29.16 -9.92 -22.15
N ALA G 174 29.85 -8.93 -21.58
CA ALA G 174 31.23 -8.58 -21.98
C ALA G 174 32.14 -9.81 -21.84
N ALA G 175 31.97 -10.56 -20.76
CA ALA G 175 32.68 -11.83 -20.51
C ALA G 175 32.31 -12.86 -21.58
N TYR G 176 31.01 -13.00 -21.89
CA TYR G 176 30.52 -13.96 -22.93
C TYR G 176 31.23 -13.62 -24.26
N ARG G 177 31.39 -12.34 -24.58
CA ARG G 177 32.00 -11.90 -25.86
C ARG G 177 33.50 -12.23 -25.85
N SER G 178 34.23 -11.91 -24.78
CA SER G 178 35.69 -12.16 -24.71
C SER G 178 35.95 -13.68 -24.77
N LEU G 179 35.01 -14.52 -24.31
CA LEU G 179 35.12 -16.00 -24.35
C LEU G 179 34.41 -16.59 -25.59
N LYS G 180 33.81 -15.74 -26.43
CA LYS G 180 33.14 -16.12 -27.71
C LYS G 180 32.15 -17.28 -27.44
N LEU G 181 31.21 -17.09 -26.51
CA LEU G 181 30.23 -18.13 -26.07
C LEU G 181 29.02 -18.13 -27.01
N ASP G 182 28.94 -17.18 -27.94
CA ASP G 182 27.88 -17.12 -28.98
C ASP G 182 28.34 -17.91 -30.21
N GLY G 183 29.65 -18.20 -30.34
CA GLY G 183 30.25 -18.91 -31.49
C GLY G 183 31.63 -18.37 -31.79
N GLY G 184 32.44 -19.11 -32.58
CA GLY G 184 33.82 -18.72 -32.92
C GLY G 184 34.74 -19.93 -32.90
N PRO G 185 36.01 -19.78 -33.32
CA PRO G 185 36.86 -20.94 -33.57
C PRO G 185 36.90 -21.91 -32.38
N GLY G 186 36.77 -23.22 -32.64
CA GLY G 186 36.90 -24.33 -31.67
C GLY G 186 35.84 -24.27 -30.59
N HIS G 187 34.71 -23.61 -30.87
CA HIS G 187 33.57 -23.54 -29.93
C HIS G 187 32.74 -24.82 -30.11
N THR G 188 32.49 -25.51 -29.00
CA THR G 188 31.62 -26.70 -28.89
C THR G 188 30.60 -26.42 -27.78
N LEU G 189 29.52 -27.19 -27.68
CA LEU G 189 28.60 -27.11 -26.52
C LEU G 189 29.41 -27.48 -25.26
N ASP G 190 30.33 -28.46 -25.35
CA ASP G 190 31.12 -28.93 -24.18
C ASP G 190 31.87 -27.75 -23.59
N ARG G 191 32.33 -26.84 -24.45
CA ARG G 191 33.09 -25.63 -24.05
C ARG G 191 32.16 -24.61 -23.40
N LEU G 192 31.01 -24.32 -24.02
CA LEU G 192 29.95 -23.43 -23.46
C LEU G 192 29.65 -23.86 -22.02
N ILE G 193 29.38 -25.14 -21.79
CA ILE G 193 28.97 -25.66 -20.44
C ILE G 193 30.14 -25.48 -19.48
N ASP G 194 31.35 -25.80 -19.92
CA ASP G 194 32.57 -25.73 -19.09
C ASP G 194 32.81 -24.26 -18.70
N GLU G 195 32.64 -23.31 -19.63
CA GLU G 195 32.95 -21.87 -19.41
C GLU G 195 31.89 -21.22 -18.52
N LEU G 196 30.61 -21.57 -18.70
CA LEU G 196 29.46 -21.00 -17.94
C LEU G 196 29.56 -21.40 -16.47
N ALA G 197 30.21 -22.53 -16.16
CA ALA G 197 30.40 -23.04 -14.78
C ALA G 197 31.20 -22.02 -13.97
N ARG G 198 32.03 -21.21 -14.62
CA ARG G 198 32.98 -20.27 -13.97
C ARG G 198 32.46 -18.83 -14.12
N LEU G 199 31.26 -18.62 -14.65
CA LEU G 199 30.71 -17.26 -14.86
C LEU G 199 29.53 -17.03 -13.93
N PRO G 200 29.30 -15.75 -13.59
CA PRO G 200 28.14 -15.36 -12.80
C PRO G 200 26.87 -15.24 -13.66
N LEU G 201 25.72 -15.35 -13.01
CA LEU G 201 24.38 -15.12 -13.58
C LEU G 201 24.01 -13.64 -13.42
N GLU G 202 23.14 -13.14 -14.28
CA GLU G 202 22.67 -11.74 -14.24
C GLU G 202 21.74 -11.55 -13.02
N PHE G 203 21.11 -12.61 -12.53
CA PHE G 203 20.14 -12.50 -11.41
C PHE G 203 19.86 -13.89 -10.83
N SER G 204 19.34 -13.94 -9.61
CA SER G 204 18.93 -15.21 -8.95
C SER G 204 17.92 -15.88 -9.88
N PRO G 205 18.14 -17.16 -10.26
CA PRO G 205 17.25 -17.86 -11.17
C PRO G 205 15.78 -17.76 -10.77
N GLY G 206 14.93 -17.46 -11.76
CA GLY G 206 13.45 -17.40 -11.62
C GLY G 206 12.93 -15.98 -11.45
N THR G 207 13.79 -15.07 -10.96
CA THR G 207 13.39 -13.72 -10.45
C THR G 207 13.25 -12.72 -11.61
N ALA G 208 13.66 -13.08 -12.82
CA ALA G 208 13.59 -12.20 -14.00
C ALA G 208 13.67 -13.04 -15.27
N TRP G 209 13.60 -12.37 -16.43
CA TRP G 209 13.72 -12.99 -17.77
C TRP G 209 14.83 -12.28 -18.55
N ASN G 210 15.70 -13.04 -19.21
CA ASN G 210 16.75 -12.47 -20.08
C ASN G 210 17.10 -13.51 -21.13
N TYR G 211 16.86 -13.16 -22.41
CA TYR G 211 17.17 -13.98 -23.60
C TYR G 211 18.62 -14.43 -23.49
N SER G 212 18.90 -15.72 -23.76
CA SER G 212 20.12 -16.39 -23.29
C SER G 212 20.51 -17.56 -24.20
N VAL G 213 21.74 -18.03 -23.98
CA VAL G 213 22.28 -19.31 -24.49
C VAL G 213 21.56 -20.50 -23.83
N ALA G 214 20.62 -20.26 -22.92
CA ALA G 214 19.92 -21.29 -22.14
C ALA G 214 19.41 -22.39 -23.08
N THR G 215 19.00 -22.03 -24.29
CA THR G 215 18.42 -23.00 -25.26
C THR G 215 19.55 -23.83 -25.89
N ASP G 216 20.72 -23.23 -26.07
CA ASP G 216 21.95 -23.97 -26.51
C ASP G 216 22.30 -25.04 -25.47
N VAL G 217 22.10 -24.70 -24.18
CA VAL G 217 22.27 -25.61 -23.00
C VAL G 217 21.22 -26.71 -23.03
N CYS G 218 19.97 -26.37 -23.34
CA CYS G 218 18.89 -27.38 -23.55
C CYS G 218 19.37 -28.40 -24.58
N GLY G 219 19.93 -27.91 -25.70
CA GLY G 219 20.62 -28.73 -26.71
C GLY G 219 21.60 -29.70 -26.08
N TYR G 220 22.48 -29.19 -25.21
CA TYR G 220 23.49 -30.00 -24.49
C TYR G 220 22.79 -31.08 -23.65
N LEU G 221 21.65 -30.74 -23.04
CA LEU G 221 20.88 -31.67 -22.17
C LEU G 221 20.19 -32.74 -23.02
N VAL G 222 19.80 -32.41 -24.25
CA VAL G 222 19.25 -33.42 -25.20
C VAL G 222 20.34 -34.46 -25.44
N GLN G 223 21.55 -34.01 -25.77
CA GLN G 223 22.76 -34.85 -25.96
C GLN G 223 22.97 -35.70 -24.69
N LEU G 224 23.09 -35.05 -23.54
CA LEU G 224 23.37 -35.70 -22.23
C LEU G 224 22.38 -36.86 -22.03
N LEU G 225 21.08 -36.62 -22.17
CA LEU G 225 20.03 -37.60 -21.82
C LEU G 225 19.81 -38.63 -22.94
N SER G 226 20.05 -38.29 -24.20
CA SER G 226 19.70 -39.15 -25.36
C SER G 226 20.88 -40.05 -25.73
N GLY G 227 22.10 -39.68 -25.32
CA GLY G 227 23.34 -40.32 -25.79
C GLY G 227 23.73 -39.89 -27.19
N MET G 228 22.86 -39.17 -27.92
CA MET G 228 23.11 -38.78 -29.33
C MET G 228 23.63 -37.35 -29.40
N SER G 229 24.40 -37.04 -30.44
CA SER G 229 24.74 -35.67 -30.90
C SER G 229 23.44 -34.98 -31.35
N LEU G 230 23.34 -33.66 -31.19
CA LEU G 230 22.05 -32.94 -31.37
C LEU G 230 21.53 -33.08 -32.80
N ASP G 231 22.41 -33.03 -33.81
CA ASP G 231 22.05 -33.13 -35.27
C ASP G 231 21.38 -34.50 -35.52
N ASP G 232 21.88 -35.55 -34.87
CA ASP G 232 21.33 -36.93 -34.95
C ASP G 232 19.97 -36.97 -34.22
N TYR G 233 19.84 -36.46 -32.98
CA TYR G 233 18.54 -36.47 -32.25
C TYR G 233 17.49 -35.80 -33.13
N PHE G 234 17.82 -34.62 -33.66
CA PHE G 234 16.88 -33.81 -34.47
C PHE G 234 16.44 -34.63 -35.69
N SER G 235 17.43 -35.19 -36.38
CA SER G 235 17.21 -35.91 -37.65
C SER G 235 16.32 -37.12 -37.37
N LYS G 236 16.68 -37.91 -36.36
CA LYS G 236 15.98 -39.19 -36.03
C LYS G 236 14.56 -38.88 -35.53
N HIS G 237 14.42 -37.98 -34.55
CA HIS G 237 13.21 -37.84 -33.70
C HIS G 237 12.32 -36.66 -34.13
N ILE G 238 12.75 -35.83 -35.08
CA ILE G 238 11.92 -34.68 -35.58
C ILE G 238 11.91 -34.63 -37.12
N PHE G 239 13.07 -34.50 -37.77
CA PHE G 239 13.14 -34.15 -39.21
C PHE G 239 12.69 -35.32 -40.09
N GLN G 240 13.14 -36.55 -39.82
CA GLN G 240 12.76 -37.73 -40.64
C GLN G 240 11.27 -38.00 -40.46
N PRO G 241 10.75 -38.17 -39.22
CA PRO G 241 9.31 -38.37 -39.02
C PRO G 241 8.42 -37.35 -39.74
N LEU G 242 8.84 -36.09 -39.80
CA LEU G 242 7.99 -34.99 -40.33
C LEU G 242 8.25 -34.75 -41.81
N GLY G 243 9.26 -35.38 -42.40
CA GLY G 243 9.58 -35.18 -43.83
C GLY G 243 10.18 -33.80 -44.05
N MET G 244 11.23 -33.50 -43.28
CA MET G 244 12.02 -32.24 -43.32
C MET G 244 13.44 -32.60 -43.76
N PRO G 245 13.64 -32.90 -45.05
CA PRO G 245 14.94 -33.33 -45.56
C PRO G 245 15.94 -32.19 -45.75
N ASP G 246 15.46 -30.93 -45.69
CA ASP G 246 16.24 -29.71 -46.00
C ASP G 246 16.41 -28.83 -44.74
N THR G 247 16.64 -29.46 -43.59
CA THR G 247 16.88 -28.79 -42.29
C THR G 247 18.09 -29.45 -41.65
N PHE G 248 19.11 -28.66 -41.32
CA PHE G 248 20.43 -29.15 -40.87
C PHE G 248 21.26 -28.00 -40.31
N PHE G 249 22.21 -28.33 -39.45
CA PHE G 249 23.20 -27.38 -38.87
C PHE G 249 24.25 -27.01 -39.91
N THR G 250 24.58 -27.94 -40.80
CA THR G 250 25.59 -27.79 -41.88
C THR G 250 24.91 -28.05 -43.22
N VAL G 251 25.05 -27.12 -44.16
CA VAL G 251 24.38 -27.21 -45.50
C VAL G 251 25.20 -28.17 -46.36
N PRO G 252 24.64 -29.33 -46.79
CA PRO G 252 25.37 -30.25 -47.66
C PRO G 252 25.82 -29.51 -48.94
N ALA G 253 27.03 -29.82 -49.40
CA ALA G 253 27.66 -29.24 -50.61
C ALA G 253 26.64 -29.23 -51.78
N GLU G 254 25.92 -30.33 -52.03
CA GLU G 254 25.01 -30.46 -53.20
C GLU G 254 23.81 -29.52 -53.08
N LYS G 255 23.51 -28.96 -51.90
CA LYS G 255 22.32 -28.08 -51.70
C LYS G 255 22.74 -26.60 -51.55
N LEU G 256 24.04 -26.33 -51.52
CA LEU G 256 24.61 -24.97 -51.23
C LEU G 256 24.20 -23.98 -52.33
N SER G 257 23.78 -24.44 -53.50
CA SER G 257 23.28 -23.56 -54.60
C SER G 257 21.97 -22.90 -54.14
N ARG G 258 21.19 -23.58 -53.31
CA ARG G 258 19.84 -23.11 -52.89
C ARG G 258 19.95 -22.15 -51.70
N PHE G 259 21.12 -22.05 -51.07
CA PHE G 259 21.36 -21.27 -49.82
C PHE G 259 21.35 -19.78 -50.14
N ALA G 260 20.48 -19.03 -49.45
CA ALA G 260 20.36 -17.56 -49.60
C ALA G 260 21.58 -16.88 -48.98
N ALA G 261 21.93 -15.70 -49.48
CA ALA G 261 22.85 -14.76 -48.80
C ALA G 261 22.11 -14.13 -47.64
N CYS G 262 22.84 -13.83 -46.57
CA CYS G 262 22.37 -13.03 -45.42
C CYS G 262 22.85 -11.58 -45.59
N TYR G 263 21.95 -10.63 -45.32
CA TYR G 263 22.21 -9.17 -45.39
C TYR G 263 21.99 -8.55 -44.01
N GLU G 264 22.71 -7.46 -43.73
CA GLU G 264 22.54 -6.66 -42.49
C GLU G 264 22.09 -5.26 -42.87
N TYR G 265 21.42 -4.58 -41.95
CA TYR G 265 20.85 -3.22 -42.12
C TYR G 265 22.01 -2.23 -42.33
N GLN G 266 21.82 -1.28 -43.24
CA GLN G 266 22.68 -0.07 -43.42
C GLN G 266 21.78 1.17 -43.36
N PRO G 267 22.25 2.28 -42.74
CA PRO G 267 21.45 3.49 -42.63
C PRO G 267 20.93 3.94 -44.01
N GLY G 268 19.84 4.69 -44.02
CA GLY G 268 19.08 5.07 -45.24
C GLY G 268 18.13 3.96 -45.68
N ASP G 269 17.81 3.03 -44.79
CA ASP G 269 16.92 1.86 -45.04
C ASP G 269 17.44 1.08 -46.24
N SER G 270 18.71 0.68 -46.15
CA SER G 270 19.43 -0.12 -47.17
C SER G 270 20.05 -1.32 -46.46
N PHE G 271 20.79 -2.16 -47.19
CA PHE G 271 21.44 -3.37 -46.64
C PHE G 271 22.75 -3.68 -47.38
N SER G 272 23.66 -4.38 -46.71
CA SER G 272 24.97 -4.82 -47.22
C SER G 272 25.10 -6.35 -47.05
N LEU G 273 25.98 -7.00 -47.81
CA LEU G 273 26.32 -8.44 -47.69
C LEU G 273 26.86 -8.70 -46.28
N GLN G 274 26.34 -9.72 -45.59
CA GLN G 274 26.75 -10.11 -44.21
C GLN G 274 27.35 -11.52 -44.22
N ASP G 275 26.78 -12.42 -45.02
CA ASP G 275 27.26 -13.82 -45.16
C ASP G 275 27.10 -14.23 -46.63
N ASP G 276 28.21 -14.52 -47.30
CA ASP G 276 28.23 -15.12 -48.65
C ASP G 276 27.90 -16.60 -48.48
N PRO G 277 26.86 -17.14 -49.17
CA PRO G 277 26.51 -18.56 -49.06
C PRO G 277 27.65 -19.51 -49.46
N GLN G 278 28.44 -19.13 -50.46
CA GLN G 278 29.73 -19.79 -50.79
C GLN G 278 30.74 -19.29 -49.74
N GLY G 279 31.47 -20.19 -49.09
CA GLY G 279 32.36 -19.84 -47.96
C GLY G 279 31.60 -19.25 -46.79
N SER G 280 30.52 -19.92 -46.37
CA SER G 280 29.75 -19.58 -45.15
C SER G 280 30.10 -20.61 -44.08
N ALA G 281 30.26 -20.18 -42.83
CA ALA G 281 30.51 -21.12 -41.71
C ALA G 281 29.37 -22.14 -41.60
N PHE G 282 28.17 -21.84 -42.14
CA PHE G 282 27.00 -22.76 -42.17
C PHE G 282 27.25 -23.92 -43.16
N ALA G 283 28.23 -23.75 -44.06
CA ALA G 283 28.63 -24.75 -45.08
C ALA G 283 29.72 -25.69 -44.53
N LYS G 284 30.41 -25.30 -43.46
CA LYS G 284 31.43 -26.14 -42.77
C LYS G 284 30.79 -26.83 -41.56
N ALA G 285 31.30 -28.01 -41.20
CA ALA G 285 30.97 -28.69 -39.92
C ALA G 285 32.09 -28.39 -38.92
N HIS G 286 32.20 -27.14 -38.46
CA HIS G 286 32.83 -26.76 -37.17
C HIS G 286 32.11 -27.54 -36.06
N GLY G 287 32.65 -27.57 -34.84
CA GLY G 287 32.16 -28.50 -33.80
C GLY G 287 31.00 -27.97 -32.96
N TYR G 288 30.29 -26.93 -33.40
CA TYR G 288 29.27 -26.20 -32.59
C TYR G 288 27.86 -26.44 -33.10
N LEU G 289 27.12 -27.30 -32.41
CA LEU G 289 25.67 -27.53 -32.68
C LEU G 289 24.84 -26.59 -31.79
N SER G 290 24.43 -25.45 -32.34
CA SER G 290 23.71 -24.36 -31.62
C SER G 290 22.21 -24.66 -31.52
N GLY G 291 21.76 -25.27 -30.40
CA GLY G 291 20.32 -25.38 -30.07
C GLY G 291 19.60 -24.02 -30.13
N GLY G 292 20.36 -22.92 -30.04
CA GLY G 292 19.82 -21.55 -29.98
C GLY G 292 19.68 -20.90 -31.35
N GLY G 293 20.59 -21.12 -32.31
CA GLY G 293 20.54 -20.39 -33.60
C GLY G 293 21.15 -21.12 -34.80
N GLY G 294 21.44 -22.42 -34.66
CA GLY G 294 22.35 -23.14 -35.58
C GLY G 294 21.72 -23.51 -36.91
N LEU G 295 20.39 -23.67 -36.96
CA LEU G 295 19.71 -24.40 -38.06
C LEU G 295 19.57 -23.53 -39.30
N VAL G 296 19.69 -24.20 -40.44
CA VAL G 296 19.26 -23.74 -41.79
C VAL G 296 18.09 -24.64 -42.18
N SER G 297 17.06 -24.05 -42.78
CA SER G 297 15.82 -24.73 -43.17
C SER G 297 15.24 -23.99 -44.38
N CYS G 298 14.14 -24.49 -44.92
CA CYS G 298 13.36 -23.85 -46.00
C CYS G 298 11.94 -23.66 -45.51
N VAL G 299 11.11 -22.95 -46.25
CA VAL G 299 9.74 -22.61 -45.82
C VAL G 299 8.96 -23.93 -45.67
N ASP G 300 9.11 -24.87 -46.61
CA ASP G 300 8.31 -26.13 -46.63
C ASP G 300 8.59 -26.94 -45.35
N ASP G 301 9.87 -27.10 -44.99
CA ASP G 301 10.28 -27.88 -43.80
C ASP G 301 9.69 -27.22 -42.54
N TYR G 302 9.83 -25.90 -42.40
CA TYR G 302 9.38 -25.21 -41.16
C TYR G 302 7.85 -25.24 -41.11
N TYR G 303 7.19 -25.17 -42.27
CA TYR G 303 5.71 -25.32 -42.37
C TYR G 303 5.30 -26.68 -41.78
N ARG G 304 6.02 -27.75 -42.14
CA ARG G 304 5.65 -29.12 -41.68
C ARG G 304 5.80 -29.15 -40.16
N PHE G 305 6.88 -28.58 -39.61
CA PHE G 305 7.10 -28.46 -38.15
C PHE G 305 5.95 -27.65 -37.52
N ALA G 306 5.62 -26.49 -38.08
CA ALA G 306 4.55 -25.60 -37.57
C ALA G 306 3.21 -26.34 -37.62
N GLN G 307 2.88 -26.94 -38.76
CA GLN G 307 1.59 -27.61 -39.02
C GLN G 307 1.44 -28.80 -38.05
N ALA G 308 2.54 -29.51 -37.76
CA ALA G 308 2.58 -30.60 -36.77
C ALA G 308 2.11 -30.06 -35.41
N LEU G 309 2.68 -28.92 -34.99
CA LEU G 309 2.32 -28.25 -33.71
C LEU G 309 0.84 -27.82 -33.76
N ALA G 310 0.41 -27.21 -34.86
CA ALA G 310 -0.98 -26.73 -35.06
C ALA G 310 -1.95 -27.93 -34.95
N ASN G 311 -1.49 -29.15 -35.27
CA ASN G 311 -2.34 -30.37 -35.24
C ASN G 311 -2.25 -31.05 -33.87
N GLY G 312 -1.52 -30.49 -32.91
CA GLY G 312 -1.35 -31.11 -31.57
C GLY G 312 -0.22 -32.14 -31.57
N GLY G 313 0.73 -32.03 -32.49
CA GLY G 313 2.04 -32.74 -32.41
C GLY G 313 2.21 -33.84 -33.45
N GLU G 314 1.20 -34.03 -34.31
CA GLU G 314 1.10 -35.14 -35.28
C GLU G 314 0.95 -34.50 -36.68
N LEU G 315 1.65 -35.06 -37.67
CA LEU G 315 1.43 -34.71 -39.10
C LEU G 315 1.55 -35.97 -39.96
N ASP G 316 0.52 -36.24 -40.77
CA ASP G 316 0.47 -37.39 -41.71
C ASP G 316 0.91 -38.66 -40.95
N GLY G 317 0.36 -38.88 -39.75
CA GLY G 317 0.56 -40.10 -38.95
C GLY G 317 1.90 -40.17 -38.22
N ALA G 318 2.77 -39.16 -38.34
CA ALA G 318 4.02 -39.04 -37.53
C ALA G 318 3.76 -38.11 -36.35
N ARG G 319 4.18 -38.50 -35.15
CA ARG G 319 4.00 -37.68 -33.92
C ARG G 319 5.38 -37.32 -33.37
N ILE G 320 5.65 -36.03 -33.13
CA ILE G 320 6.94 -35.55 -32.52
C ILE G 320 6.74 -35.21 -31.04
N ILE G 321 5.50 -34.99 -30.59
CA ILE G 321 5.19 -34.58 -29.20
C ILE G 321 3.71 -34.91 -28.91
N GLY G 322 3.41 -35.29 -27.66
CA GLY G 322 2.04 -35.46 -27.15
C GLY G 322 1.25 -34.17 -27.23
N ARG G 323 -0.03 -34.28 -27.55
CA ARG G 323 -0.99 -33.14 -27.68
C ARG G 323 -0.97 -32.34 -26.38
N LYS G 324 -0.97 -33.03 -25.25
CA LYS G 324 -1.10 -32.39 -23.90
C LYS G 324 0.23 -31.73 -23.54
N THR G 325 1.33 -32.42 -23.78
CA THR G 325 2.69 -31.91 -23.53
C THR G 325 2.85 -30.58 -24.29
N LEU G 326 2.38 -30.50 -25.53
CA LEU G 326 2.49 -29.28 -26.35
C LEU G 326 1.62 -28.16 -25.77
N GLU G 327 0.42 -28.49 -25.30
CA GLU G 327 -0.54 -27.52 -24.74
C GLU G 327 0.12 -26.89 -23.50
N PHE G 328 0.93 -27.66 -22.78
CA PHE G 328 1.73 -27.26 -21.60
C PHE G 328 2.84 -26.26 -22.00
N MET G 329 3.50 -26.51 -23.12
CA MET G 329 4.60 -25.66 -23.65
C MET G 329 4.04 -24.31 -24.12
N ARG G 330 2.78 -24.24 -24.54
CA ARG G 330 2.16 -23.02 -25.12
C ARG G 330 1.53 -22.16 -24.03
N MET G 331 1.47 -22.66 -22.80
CA MET G 331 1.00 -21.86 -21.64
C MET G 331 2.04 -20.78 -21.36
N ASN G 332 1.60 -19.67 -20.78
CA ASN G 332 2.49 -18.64 -20.19
C ASN G 332 3.11 -19.26 -18.94
N HIS G 333 4.44 -19.36 -18.88
CA HIS G 333 5.21 -19.94 -17.74
C HIS G 333 5.88 -18.82 -16.93
N LEU G 334 5.48 -17.57 -17.17
CA LEU G 334 6.02 -16.44 -16.40
C LEU G 334 5.22 -16.31 -15.12
N PRO G 335 5.87 -15.82 -14.04
CA PRO G 335 5.23 -15.70 -12.74
C PRO G 335 3.95 -14.87 -12.87
N ASP G 336 2.86 -15.28 -12.21
CA ASP G 336 1.60 -14.50 -12.01
C ASP G 336 1.03 -14.07 -13.36
N ASN G 337 1.07 -14.96 -14.35
CA ASN G 337 0.60 -14.72 -15.75
C ASN G 337 1.00 -13.31 -16.20
N LYS G 338 2.23 -12.89 -15.90
CA LYS G 338 2.79 -11.59 -16.33
C LYS G 338 3.25 -11.69 -17.79
N GLY G 339 3.34 -10.54 -18.46
CA GLY G 339 3.92 -10.42 -19.80
C GLY G 339 5.44 -10.25 -19.72
N LEU G 340 6.11 -10.37 -20.86
CA LEU G 340 7.58 -10.24 -20.92
C LEU G 340 8.05 -8.92 -20.32
N PRO G 341 7.44 -7.74 -20.64
CA PRO G 341 7.91 -6.47 -20.07
C PRO G 341 7.83 -6.35 -18.55
N ASP G 342 6.99 -7.16 -17.92
CA ASP G 342 6.87 -7.16 -16.44
C ASP G 342 8.07 -7.86 -15.81
N VAL G 343 8.89 -8.60 -16.56
CA VAL G 343 9.98 -9.44 -15.97
C VAL G 343 11.28 -9.32 -16.77
N ALA G 344 11.20 -8.89 -18.03
CA ALA G 344 12.37 -8.85 -18.93
C ALA G 344 13.25 -7.69 -18.49
N ILE G 345 14.58 -7.87 -18.54
CA ILE G 345 15.58 -6.80 -18.24
C ILE G 345 16.09 -6.22 -19.56
N GLY G 346 15.82 -6.88 -20.71
CA GLY G 346 16.46 -6.62 -22.02
C GLY G 346 15.66 -5.66 -22.90
N SER G 347 15.76 -5.81 -24.23
CA SER G 347 15.01 -5.03 -25.25
C SER G 347 13.64 -5.68 -25.50
N PHE G 348 13.39 -6.81 -24.81
CA PHE G 348 12.09 -7.52 -24.74
C PHE G 348 11.21 -6.86 -23.66
N SER G 349 11.73 -5.81 -23.00
CA SER G 349 11.01 -4.88 -22.08
C SER G 349 10.05 -3.99 -22.88
N GLU G 350 10.35 -3.77 -24.15
CA GLU G 350 9.83 -2.62 -24.96
C GLU G 350 8.39 -2.94 -25.41
N THR G 351 7.72 -1.93 -25.92
CA THR G 351 6.25 -1.87 -26.21
C THR G 351 5.79 -3.01 -27.12
N PRO G 352 6.56 -3.43 -28.15
CA PRO G 352 6.10 -4.53 -29.02
C PRO G 352 5.75 -5.85 -28.31
N TYR G 353 6.32 -6.11 -27.12
CA TYR G 353 6.14 -7.40 -26.39
C TYR G 353 5.07 -7.24 -25.28
N ASP G 354 4.42 -6.08 -25.19
CA ASP G 354 3.25 -5.85 -24.30
C ASP G 354 2.17 -6.86 -24.65
N GLY G 355 1.57 -7.45 -23.61
CA GLY G 355 0.49 -8.46 -23.74
C GLY G 355 0.99 -9.77 -24.32
N THR G 356 2.30 -10.02 -24.31
CA THR G 356 2.89 -11.31 -24.74
C THR G 356 3.67 -11.91 -23.57
N GLY G 357 3.40 -13.19 -23.28
CA GLY G 357 4.12 -13.98 -22.26
C GLY G 357 5.12 -14.92 -22.92
N PHE G 358 5.47 -16.00 -22.24
CA PHE G 358 6.50 -16.94 -22.71
C PHE G 358 6.30 -18.28 -22.03
N GLY G 359 6.25 -19.34 -22.83
CA GLY G 359 6.16 -20.73 -22.39
C GLY G 359 7.49 -21.44 -22.50
N LEU G 360 7.45 -22.73 -22.85
CA LEU G 360 8.69 -23.55 -22.96
C LEU G 360 9.17 -23.46 -24.41
N GLY G 361 9.67 -22.28 -24.81
CA GLY G 361 10.32 -22.10 -26.12
C GLY G 361 9.48 -21.34 -27.14
N PHE G 362 8.25 -20.95 -26.77
CA PHE G 362 7.37 -20.07 -27.57
C PHE G 362 6.97 -18.84 -26.75
N SER G 363 6.79 -17.71 -27.44
CA SER G 363 6.01 -16.55 -26.96
C SER G 363 4.53 -16.91 -27.03
N VAL G 364 3.70 -16.26 -26.22
CA VAL G 364 2.25 -16.56 -26.09
C VAL G 364 1.53 -15.23 -25.99
N LYS G 365 0.58 -14.93 -26.87
CA LYS G 365 -0.20 -13.68 -26.77
C LYS G 365 -1.20 -13.82 -25.63
N LEU G 366 -1.17 -12.88 -24.67
CA LEU G 366 -2.04 -12.87 -23.47
C LEU G 366 -3.22 -11.91 -23.68
N ASP G 367 -2.94 -10.69 -24.16
CA ASP G 367 -3.92 -9.58 -24.29
C ASP G 367 -3.77 -8.94 -25.67
N VAL G 368 -4.75 -9.14 -26.55
CA VAL G 368 -4.63 -8.70 -27.97
C VAL G 368 -4.57 -7.18 -28.02
N ALA G 369 -5.53 -6.51 -27.39
CA ALA G 369 -5.63 -5.03 -27.36
C ALA G 369 -4.31 -4.42 -26.85
N LYS G 370 -3.71 -5.01 -25.81
CA LYS G 370 -2.48 -4.49 -25.16
C LYS G 370 -1.31 -4.54 -26.15
N SER G 371 -1.27 -5.59 -26.98
CA SER G 371 -0.19 -5.81 -27.99
C SER G 371 -0.34 -4.81 -29.16
N GLN G 372 -1.48 -4.14 -29.28
CA GLN G 372 -1.78 -3.16 -30.38
C GLN G 372 -1.67 -3.83 -31.76
N THR G 373 -1.61 -5.16 -31.82
CA THR G 373 -1.58 -5.95 -33.08
C THR G 373 -2.72 -6.96 -33.09
N VAL G 374 -3.49 -6.97 -34.18
CA VAL G 374 -4.56 -7.98 -34.43
C VAL G 374 -3.97 -9.39 -34.33
N GLY G 375 -4.80 -10.31 -33.86
CA GLY G 375 -4.39 -11.68 -33.50
C GLY G 375 -5.33 -12.24 -32.47
N SER G 376 -4.99 -13.41 -31.93
CA SER G 376 -5.85 -14.13 -30.96
C SER G 376 -5.04 -14.40 -29.69
N VAL G 377 -5.72 -14.45 -28.55
CA VAL G 377 -5.11 -14.95 -27.29
C VAL G 377 -4.64 -16.37 -27.59
N GLY G 378 -3.41 -16.71 -27.20
CA GLY G 378 -2.82 -18.05 -27.37
C GLY G 378 -1.87 -18.10 -28.55
N GLU G 379 -1.93 -17.13 -29.47
CA GLU G 379 -1.01 -17.01 -30.63
C GLU G 379 0.40 -17.29 -30.11
N TYR G 380 1.06 -18.31 -30.63
CA TYR G 380 2.43 -18.71 -30.18
C TYR G 380 3.37 -18.81 -31.37
N GLY G 381 4.66 -18.68 -31.08
CA GLY G 381 5.72 -18.73 -32.09
C GLY G 381 6.99 -18.09 -31.60
N TRP G 382 7.89 -17.79 -32.53
CA TRP G 382 9.18 -17.12 -32.25
C TRP G 382 9.78 -16.66 -33.58
N GLY G 383 10.93 -16.01 -33.53
CA GLY G 383 11.59 -15.47 -34.72
C GLY G 383 13.07 -15.74 -34.67
N GLY G 384 13.77 -15.38 -35.75
CA GLY G 384 15.24 -15.44 -35.82
C GLY G 384 15.79 -14.06 -36.05
N MET G 385 17.04 -13.84 -35.62
CA MET G 385 17.67 -12.49 -35.62
C MET G 385 17.80 -11.99 -37.07
N ALA G 386 17.59 -12.85 -38.08
CA ALA G 386 17.70 -12.45 -39.51
C ALA G 386 16.32 -12.11 -40.09
N SER G 387 15.32 -11.89 -39.23
CA SER G 387 13.97 -11.35 -39.56
C SER G 387 13.01 -12.45 -40.02
N THR G 388 13.46 -13.71 -39.96
CA THR G 388 12.62 -14.94 -40.01
C THR G 388 11.60 -14.86 -38.88
N ASN G 389 10.38 -15.33 -39.13
CA ASN G 389 9.26 -15.29 -38.16
C ASN G 389 8.25 -16.40 -38.47
N PHE G 390 7.62 -16.97 -37.44
CA PHE G 390 6.45 -17.86 -37.60
C PHE G 390 5.52 -17.70 -36.40
N PHE G 391 4.23 -17.98 -36.64
CA PHE G 391 3.20 -17.97 -35.57
C PHE G 391 2.13 -19.00 -35.90
N ILE G 392 1.46 -19.46 -34.85
CA ILE G 392 0.34 -20.43 -34.87
C ILE G 392 -0.76 -19.85 -33.98
N ASP G 393 -1.86 -19.43 -34.59
CA ASP G 393 -3.05 -18.85 -33.92
C ASP G 393 -3.97 -20.02 -33.63
N PRO G 394 -3.97 -20.61 -32.41
CA PRO G 394 -4.70 -21.86 -32.18
C PRO G 394 -6.21 -21.62 -32.13
N GLU G 395 -6.65 -20.37 -31.90
CA GLU G 395 -8.09 -20.00 -31.89
C GLU G 395 -8.63 -20.02 -33.32
N GLU G 396 -7.81 -19.69 -34.34
CA GLU G 396 -8.25 -19.59 -35.75
C GLU G 396 -7.72 -20.76 -36.62
N ASP G 397 -6.96 -21.70 -36.04
CA ASP G 397 -6.27 -22.83 -36.75
C ASP G 397 -5.48 -22.28 -37.93
N LEU G 398 -4.79 -21.17 -37.71
CA LEU G 398 -4.13 -20.35 -38.76
C LEU G 398 -2.64 -20.31 -38.43
N LEU G 399 -1.76 -20.32 -39.42
CA LEU G 399 -0.31 -20.17 -39.15
C LEU G 399 0.38 -19.50 -40.34
N MET G 400 1.53 -18.88 -40.07
CA MET G 400 2.35 -18.16 -41.07
C MET G 400 3.80 -18.62 -40.88
N VAL G 401 4.53 -18.80 -41.97
CA VAL G 401 6.02 -18.88 -41.96
C VAL G 401 6.53 -17.79 -42.91
N PHE G 402 7.39 -16.91 -42.38
CA PHE G 402 8.01 -15.80 -43.13
C PHE G 402 9.52 -15.96 -43.07
N MET G 403 10.14 -16.03 -44.24
CA MET G 403 11.62 -16.13 -44.41
C MET G 403 12.11 -14.89 -45.16
N THR G 404 13.19 -14.30 -44.65
CA THR G 404 14.00 -13.24 -45.32
C THR G 404 15.36 -13.30 -44.63
N GLN G 405 16.37 -12.56 -45.10
CA GLN G 405 17.69 -12.60 -44.43
C GLN G 405 18.18 -11.15 -44.27
N LEU G 406 17.69 -10.49 -43.22
CA LEU G 406 18.05 -9.09 -42.84
C LEU G 406 18.29 -9.07 -41.33
N ILE G 407 19.55 -8.91 -40.92
CA ILE G 407 19.94 -8.74 -39.49
C ILE G 407 19.96 -7.24 -39.18
N PRO G 408 19.45 -6.76 -38.02
CA PRO G 408 18.67 -7.57 -37.07
C PRO G 408 17.15 -7.53 -37.25
N SER G 409 16.44 -8.52 -36.66
CA SER G 409 14.96 -8.70 -36.73
C SER G 409 14.22 -7.46 -36.20
N SER G 410 14.83 -6.75 -35.27
CA SER G 410 14.30 -5.51 -34.65
C SER G 410 14.14 -4.39 -35.70
N THR G 411 14.81 -4.47 -36.85
CA THR G 411 14.91 -3.34 -37.81
C THR G 411 13.52 -2.89 -38.28
N TYR G 412 12.73 -3.80 -38.87
CA TYR G 412 11.41 -3.46 -39.45
C TYR G 412 10.31 -4.25 -38.75
N ALA G 413 9.11 -3.69 -38.75
CA ALA G 413 7.90 -4.25 -38.10
C ALA G 413 7.13 -5.12 -39.12
N VAL G 414 7.83 -5.82 -40.01
CA VAL G 414 7.18 -6.55 -41.15
C VAL G 414 6.30 -7.68 -40.60
N ARG G 415 6.75 -8.39 -39.56
CA ARG G 415 5.99 -9.51 -38.95
C ARG G 415 4.61 -9.02 -38.47
N GLN G 416 4.48 -7.74 -38.11
CA GLN G 416 3.23 -7.14 -37.56
C GLN G 416 2.32 -6.77 -38.73
N GLU G 417 2.88 -6.20 -39.80
CA GLU G 417 2.14 -5.84 -41.04
C GLU G 417 1.53 -7.12 -41.63
N LEU G 418 2.31 -8.20 -41.71
CA LEU G 418 1.83 -9.50 -42.25
C LEU G 418 0.64 -9.99 -41.42
N ARG G 419 0.75 -9.90 -40.09
CA ARG G 419 -0.36 -10.30 -39.17
C ARG G 419 -1.63 -9.50 -39.50
N ALA G 420 -1.48 -8.19 -39.73
CA ALA G 420 -2.59 -7.25 -39.99
C ALA G 420 -3.37 -7.73 -41.21
N ILE G 421 -2.63 -8.08 -42.26
CA ILE G 421 -3.12 -8.43 -43.63
C ILE G 421 -3.81 -9.79 -43.58
N ILE G 422 -3.10 -10.76 -42.99
CA ILE G 422 -3.52 -12.18 -42.85
C ILE G 422 -4.80 -12.26 -42.02
N ASN G 423 -4.82 -11.68 -40.81
CA ASN G 423 -6.04 -11.65 -39.95
C ASN G 423 -7.11 -10.87 -40.73
N GLY G 424 -6.68 -9.92 -41.57
CA GLY G 424 -7.57 -9.13 -42.45
C GLY G 424 -8.32 -10.00 -43.44
N ALA G 425 -7.73 -11.12 -43.84
CA ALA G 425 -8.22 -12.01 -44.92
C ALA G 425 -9.17 -13.07 -44.38
N LEU G 426 -9.40 -13.12 -43.07
CA LEU G 426 -10.45 -14.01 -42.48
C LEU G 426 -11.82 -13.43 -42.83
N VAL G 427 -12.70 -14.26 -43.42
CA VAL G 427 -14.03 -13.82 -43.96
C VAL G 427 -15.15 -14.80 -43.58
N ASP G 428 -15.04 -15.62 -42.54
CA ASP G 428 -16.18 -16.40 -41.98
C ASP G 428 -16.66 -15.72 -40.70
N SER H 27 -49.73 -12.39 -30.73
CA SER H 27 -48.29 -12.81 -30.70
C SER H 27 -47.68 -12.70 -32.10
N ASN H 28 -47.34 -11.49 -32.55
CA ASN H 28 -46.41 -11.28 -33.70
C ASN H 28 -44.99 -11.36 -33.15
N ILE H 29 -44.22 -12.36 -33.56
CA ILE H 29 -42.79 -12.55 -33.17
C ILE H 29 -41.96 -12.69 -34.44
N ILE H 30 -40.98 -11.82 -34.66
CA ILE H 30 -39.96 -12.01 -35.72
C ILE H 30 -38.60 -12.08 -35.02
N ALA H 31 -37.79 -13.09 -35.36
CA ALA H 31 -36.41 -13.25 -34.86
C ALA H 31 -36.38 -13.13 -33.33
N GLY H 32 -37.31 -13.78 -32.65
CA GLY H 32 -37.33 -13.87 -31.17
C GLY H 32 -37.67 -12.55 -30.50
N MET H 33 -38.27 -11.61 -31.24
CA MET H 33 -38.65 -10.26 -30.77
C MET H 33 -40.18 -10.10 -30.85
N ASP H 34 -40.85 -9.78 -29.75
CA ASP H 34 -42.31 -9.49 -29.75
C ASP H 34 -42.51 -8.09 -30.34
N LEU H 35 -43.14 -8.00 -31.54
CA LEU H 35 -43.40 -6.72 -32.24
C LEU H 35 -44.39 -5.85 -31.45
N ASN H 36 -45.28 -6.47 -30.68
CA ASN H 36 -46.26 -5.76 -29.82
C ASN H 36 -45.51 -4.99 -28.74
N ARG H 37 -44.46 -5.60 -28.19
CA ARG H 37 -43.57 -4.97 -27.18
C ARG H 37 -42.79 -3.84 -27.85
N LEU H 38 -42.27 -4.06 -29.06
CA LEU H 38 -41.53 -3.00 -29.81
C LEU H 38 -42.43 -1.80 -30.10
N ASP H 39 -43.76 -1.96 -30.11
CA ASP H 39 -44.69 -0.84 -30.44
C ASP H 39 -44.63 0.21 -29.33
N ARG H 40 -44.11 -0.16 -28.14
CA ARG H 40 -43.95 0.76 -26.97
C ARG H 40 -42.96 1.87 -27.32
N ILE H 41 -42.07 1.64 -28.29
CA ILE H 41 -41.10 2.66 -28.79
C ILE H 41 -41.87 3.90 -29.23
N ALA H 42 -42.77 3.76 -30.21
CA ALA H 42 -43.59 4.87 -30.76
C ALA H 42 -44.44 5.46 -29.64
N GLU H 43 -45.08 4.61 -28.82
CA GLU H 43 -45.96 5.05 -27.70
C GLU H 43 -45.12 5.93 -26.78
N HIS H 44 -43.88 5.51 -26.50
CA HIS H 44 -42.96 6.19 -25.55
C HIS H 44 -42.49 7.54 -26.15
N LEU H 45 -41.95 7.54 -27.38
CA LEU H 45 -41.46 8.77 -28.04
C LEU H 45 -42.59 9.80 -28.16
N ASP H 46 -43.81 9.36 -28.49
CA ASP H 46 -45.02 10.23 -28.53
C ASP H 46 -45.25 10.84 -27.14
N ARG H 47 -45.46 9.99 -26.12
CA ARG H 47 -45.90 10.41 -24.76
C ARG H 47 -44.85 11.30 -24.09
N ALA H 48 -43.56 11.00 -24.26
CA ALA H 48 -42.45 11.55 -23.44
C ALA H 48 -41.72 12.70 -24.14
N TYR H 49 -41.72 12.76 -25.48
CA TYR H 49 -40.83 13.67 -26.25
C TYR H 49 -41.63 14.50 -27.29
N LEU H 50 -42.44 13.85 -28.14
CA LEU H 50 -43.08 14.52 -29.31
C LEU H 50 -44.29 15.37 -28.86
N HIS H 51 -45.30 14.75 -28.23
CA HIS H 51 -46.55 15.42 -27.77
C HIS H 51 -46.19 16.59 -26.83
N PRO H 52 -45.24 16.44 -25.88
CA PRO H 52 -44.81 17.57 -25.06
C PRO H 52 -43.77 18.53 -25.67
N GLY H 53 -43.39 18.33 -26.94
CA GLY H 53 -42.56 19.28 -27.71
C GLY H 53 -41.13 19.42 -27.21
N LYS H 54 -40.48 18.31 -26.85
CA LYS H 54 -39.05 18.22 -26.43
C LYS H 54 -38.17 17.88 -27.64
N LEU H 55 -38.70 17.04 -28.54
CA LEU H 55 -38.14 16.69 -29.87
C LEU H 55 -39.14 17.04 -30.98
N ALA H 56 -38.65 17.39 -32.16
CA ALA H 56 -39.45 17.68 -33.36
C ALA H 56 -39.94 16.37 -33.99
N GLY H 57 -39.04 15.39 -34.14
CA GLY H 57 -39.35 14.14 -34.87
C GLY H 57 -38.25 13.11 -34.70
N THR H 58 -38.61 11.84 -34.87
CA THR H 58 -37.75 10.66 -34.66
C THR H 58 -37.89 9.71 -35.85
N MET H 59 -36.81 9.05 -36.20
CA MET H 59 -36.79 7.85 -37.08
C MET H 59 -36.08 6.75 -36.30
N THR H 60 -36.74 5.62 -36.07
CA THR H 60 -36.26 4.54 -35.17
C THR H 60 -36.29 3.22 -35.94
N LEU H 61 -35.13 2.56 -36.08
CA LEU H 61 -35.03 1.23 -36.72
C LEU H 61 -34.41 0.23 -35.74
N VAL H 62 -34.97 -0.97 -35.70
CA VAL H 62 -34.46 -2.11 -34.89
C VAL H 62 -34.36 -3.32 -35.81
N ALA H 63 -33.28 -4.08 -35.71
CA ALA H 63 -33.03 -5.29 -36.51
C ALA H 63 -32.46 -6.38 -35.59
N ARG H 64 -32.66 -7.64 -35.94
CA ARG H 64 -32.08 -8.77 -35.20
C ARG H 64 -31.93 -9.96 -36.16
N ARG H 65 -30.78 -10.62 -36.12
CA ARG H 65 -30.46 -11.78 -36.99
C ARG H 65 -30.74 -11.40 -38.44
N GLY H 66 -30.28 -10.21 -38.85
CA GLY H 66 -30.36 -9.75 -40.25
C GLY H 66 -31.73 -9.22 -40.63
N GLU H 67 -32.75 -9.34 -39.78
CA GLU H 67 -34.16 -8.97 -40.10
C GLU H 67 -34.58 -7.68 -39.40
N VAL H 68 -34.96 -6.66 -40.16
CA VAL H 68 -35.54 -5.39 -39.63
C VAL H 68 -36.91 -5.71 -39.02
N VAL H 69 -37.09 -5.44 -37.73
CA VAL H 69 -38.33 -5.81 -36.99
C VAL H 69 -39.08 -4.54 -36.54
N TYR H 70 -38.48 -3.37 -36.71
CA TYR H 70 -39.12 -2.08 -36.36
C TYR H 70 -38.53 -0.97 -37.23
N CYS H 71 -39.41 -0.14 -37.77
CA CYS H 71 -39.08 1.04 -38.59
C CYS H 71 -40.24 2.03 -38.42
N GLN H 72 -39.99 3.21 -37.87
CA GLN H 72 -41.06 4.16 -37.48
C GLN H 72 -40.54 5.60 -37.48
N ALA H 73 -40.95 6.34 -38.51
CA ALA H 73 -40.92 7.82 -38.55
C ALA H 73 -42.05 8.34 -37.65
N GLN H 74 -41.83 9.47 -36.98
CA GLN H 74 -42.81 10.11 -36.07
C GLN H 74 -42.53 11.61 -36.05
N GLY H 75 -43.58 12.42 -35.93
CA GLY H 75 -43.49 13.88 -35.88
C GLY H 75 -42.83 14.48 -37.12
N LEU H 76 -42.15 15.61 -36.97
CA LEU H 76 -41.79 16.52 -38.08
C LEU H 76 -40.27 16.60 -38.22
N ARG H 77 -39.79 16.62 -39.46
CA ARG H 77 -38.36 16.85 -39.80
C ARG H 77 -38.09 18.36 -39.83
N ASP H 78 -39.13 19.15 -40.13
CA ASP H 78 -39.11 20.64 -40.25
C ASP H 78 -40.40 21.20 -39.61
N VAL H 79 -40.31 21.77 -38.42
CA VAL H 79 -41.50 22.31 -37.69
C VAL H 79 -42.03 23.51 -38.46
N GLU H 80 -41.14 24.44 -38.82
CA GLU H 80 -41.46 25.74 -39.46
C GLU H 80 -42.26 25.48 -40.74
N ARG H 81 -41.88 24.48 -41.53
CA ARG H 81 -42.49 24.15 -42.84
C ARG H 81 -43.47 22.97 -42.70
N GLN H 82 -43.74 22.54 -41.46
CA GLN H 82 -44.81 21.55 -41.16
C GLN H 82 -44.59 20.27 -42.00
N LEU H 83 -43.34 19.87 -42.27
CA LEU H 83 -42.98 18.65 -43.07
C LEU H 83 -42.73 17.47 -42.13
N PRO H 84 -43.33 16.28 -42.39
CA PRO H 84 -43.15 15.13 -41.50
C PRO H 84 -41.81 14.42 -41.71
N VAL H 85 -41.39 13.65 -40.71
CA VAL H 85 -40.25 12.70 -40.85
C VAL H 85 -40.76 11.55 -41.71
N GLU H 86 -40.03 11.20 -42.78
CA GLU H 86 -40.25 9.99 -43.60
C GLU H 86 -39.03 9.08 -43.46
N ARG H 87 -39.16 7.81 -43.85
CA ARG H 87 -38.06 6.81 -43.80
C ARG H 87 -36.81 7.36 -44.51
N ASP H 88 -37.02 8.08 -45.61
CA ASP H 88 -35.95 8.58 -46.51
C ASP H 88 -35.41 9.93 -46.02
N THR H 89 -35.87 10.43 -44.86
CA THR H 89 -35.40 11.72 -44.30
C THR H 89 -33.91 11.63 -43.98
N LEU H 90 -33.18 12.69 -44.36
CA LEU H 90 -31.72 12.86 -44.15
C LEU H 90 -31.49 13.60 -42.84
N PHE H 91 -30.47 13.19 -42.08
CA PHE H 91 -30.12 13.69 -40.73
C PHE H 91 -28.63 14.00 -40.64
N ARG H 92 -28.28 15.02 -39.85
CA ARG H 92 -26.90 15.27 -39.40
C ARG H 92 -26.56 14.18 -38.37
N ILE H 93 -25.77 13.19 -38.76
CA ILE H 93 -25.41 12.08 -37.84
C ILE H 93 -24.23 12.50 -36.97
N TYR H 94 -23.58 13.63 -37.31
CA TYR H 94 -22.48 14.23 -36.54
C TYR H 94 -21.49 13.10 -36.18
N SER H 95 -21.20 12.93 -34.89
CA SER H 95 -20.13 12.02 -34.49
C SER H 95 -20.32 10.52 -34.81
N MET H 96 -21.46 10.12 -35.37
CA MET H 96 -21.65 8.75 -35.90
C MET H 96 -20.85 8.57 -37.20
N THR H 97 -20.22 9.65 -37.67
CA THR H 97 -19.17 9.61 -38.72
C THR H 97 -17.95 8.83 -38.21
N LYS H 98 -17.66 8.89 -36.91
CA LYS H 98 -16.36 8.45 -36.33
C LYS H 98 -16.13 6.96 -36.59
N PRO H 99 -17.16 6.10 -36.40
CA PRO H 99 -17.04 4.68 -36.74
C PRO H 99 -16.73 4.45 -38.23
N ILE H 100 -17.31 5.25 -39.11
CA ILE H 100 -17.07 5.12 -40.58
C ILE H 100 -15.60 5.47 -40.87
N THR H 101 -15.10 6.57 -40.29
CA THR H 101 -13.70 7.03 -40.48
C THR H 101 -12.76 5.97 -39.92
N SER H 102 -13.14 5.39 -38.77
CA SER H 102 -12.38 4.32 -38.08
C SER H 102 -12.23 3.13 -39.03
N ILE H 103 -13.33 2.70 -39.65
CA ILE H 103 -13.36 1.55 -40.60
C ILE H 103 -12.48 1.86 -41.81
N ALA H 104 -12.65 3.04 -42.39
CA ALA H 104 -11.84 3.52 -43.52
C ALA H 104 -10.35 3.31 -43.19
N LEU H 105 -9.90 3.81 -42.04
CA LEU H 105 -8.46 3.76 -41.70
C LEU H 105 -8.06 2.30 -41.49
N MET H 106 -8.90 1.51 -40.84
CA MET H 106 -8.58 0.10 -40.51
C MET H 106 -8.59 -0.75 -41.79
N GLN H 107 -9.30 -0.33 -42.85
CA GLN H 107 -9.20 -0.98 -44.19
C GLN H 107 -7.74 -0.94 -44.64
N LEU H 108 -7.06 0.17 -44.36
CA LEU H 108 -5.66 0.41 -44.76
C LEU H 108 -4.72 -0.34 -43.82
N TYR H 109 -5.08 -0.53 -42.55
CA TYR H 109 -4.32 -1.39 -41.60
C TYR H 109 -4.17 -2.80 -42.19
N GLU H 110 -5.26 -3.27 -42.81
CA GLU H 110 -5.42 -4.62 -43.42
C GLU H 110 -4.61 -4.78 -44.72
N GLN H 111 -4.17 -3.66 -45.30
CA GLN H 111 -3.29 -3.62 -46.49
C GLN H 111 -1.82 -3.37 -46.04
N GLY H 112 -1.58 -3.30 -44.72
CA GLY H 112 -0.23 -3.18 -44.12
C GLY H 112 0.35 -1.79 -44.29
N ARG H 113 -0.51 -0.78 -44.48
CA ARG H 113 -0.13 0.61 -44.85
C ARG H 113 0.40 1.33 -43.61
N PHE H 114 0.05 0.85 -42.41
CA PHE H 114 0.61 1.30 -41.12
C PHE H 114 0.35 0.25 -40.03
N LEU H 115 0.91 0.52 -38.86
CA LEU H 115 0.73 -0.27 -37.61
C LEU H 115 0.24 0.68 -36.51
N LEU H 116 -0.56 0.16 -35.59
CA LEU H 116 -1.23 0.99 -34.56
C LEU H 116 -0.19 1.61 -33.61
N ASP H 117 0.91 0.92 -33.33
CA ASP H 117 1.92 1.36 -32.32
C ASP H 117 2.94 2.31 -32.97
N GLU H 118 2.78 2.63 -34.26
CA GLU H 118 3.69 3.60 -34.96
C GLU H 118 3.40 5.01 -34.45
N PRO H 119 4.45 5.83 -34.26
CA PRO H 119 4.23 7.26 -34.00
C PRO H 119 3.48 7.93 -35.15
N VAL H 120 2.53 8.80 -34.82
CA VAL H 120 1.81 9.66 -35.81
C VAL H 120 2.83 10.47 -36.61
N HIS H 121 3.93 10.90 -35.97
CA HIS H 121 4.92 11.83 -36.61
C HIS H 121 5.69 11.11 -37.72
N LYS H 122 5.60 9.79 -37.81
CA LYS H 122 6.06 9.02 -38.98
C LYS H 122 5.31 9.48 -40.23
N TYR H 123 4.00 9.72 -40.13
CA TYR H 123 3.11 10.12 -41.27
C TYR H 123 2.93 11.65 -41.30
N ILE H 124 3.16 12.32 -40.18
CA ILE H 124 2.99 13.80 -40.04
C ILE H 124 4.25 14.35 -39.37
N PRO H 125 5.37 14.48 -40.10
CA PRO H 125 6.67 14.76 -39.47
C PRO H 125 6.69 16.05 -38.62
N THR H 126 5.85 17.04 -38.94
CA THR H 126 5.80 18.35 -38.24
C THR H 126 5.26 18.16 -36.81
N TRP H 127 4.75 16.98 -36.47
CA TRP H 127 4.18 16.66 -35.13
C TRP H 127 5.24 15.97 -34.25
N LYS H 128 6.49 15.82 -34.71
CA LYS H 128 7.53 15.10 -33.95
C LYS H 128 7.67 15.72 -32.55
N ASN H 129 7.58 17.04 -32.43
CA ASN H 129 7.94 17.80 -31.21
C ASN H 129 6.70 18.32 -30.50
N LEU H 130 5.56 17.64 -30.62
CA LEU H 130 4.34 18.02 -29.85
C LEU H 130 4.70 17.88 -28.37
N ARG H 131 4.19 18.78 -27.55
CA ARG H 131 4.52 18.83 -26.10
C ARG H 131 3.21 18.97 -25.33
N VAL H 132 3.29 18.78 -24.00
CA VAL H 132 2.10 18.73 -23.10
C VAL H 132 1.93 20.08 -22.42
N TYR H 133 0.71 20.60 -22.41
CA TYR H 133 0.36 21.91 -21.79
C TYR H 133 0.79 21.93 -20.32
N LYS H 134 1.56 22.94 -19.89
CA LYS H 134 1.84 23.19 -18.45
C LYS H 134 1.02 24.38 -17.96
N THR H 135 1.06 25.51 -18.66
CA THR H 135 0.39 26.77 -18.24
C THR H 135 0.54 27.83 -19.32
N GLY H 136 -0.17 28.94 -19.20
CA GLY H 136 -0.13 30.07 -20.15
C GLY H 136 -1.39 30.11 -21.00
N SER H 137 -1.59 31.21 -21.72
CA SER H 137 -2.72 31.41 -22.67
C SER H 137 -2.17 31.48 -24.08
N HIS H 138 -2.92 30.96 -25.07
CA HIS H 138 -2.57 31.14 -26.50
C HIS H 138 -2.30 32.63 -26.72
N PRO H 139 -1.23 33.05 -27.42
CA PRO H 139 -0.23 32.17 -28.03
C PRO H 139 1.03 31.83 -27.23
N GLN H 140 1.13 32.21 -25.95
CA GLN H 140 2.35 31.97 -25.12
C GLN H 140 2.08 30.88 -24.10
N MET H 141 1.91 29.64 -24.57
CA MET H 141 1.69 28.46 -23.70
C MET H 141 3.02 27.78 -23.42
N LEU H 142 3.37 27.59 -22.15
CA LEU H 142 4.53 26.75 -21.73
C LEU H 142 4.11 25.28 -21.70
N THR H 143 5.05 24.38 -21.97
CA THR H 143 4.77 22.93 -22.18
C THR H 143 5.86 22.08 -21.53
N THR H 144 5.62 20.78 -21.38
CA THR H 144 6.62 19.79 -20.89
C THR H 144 6.73 18.65 -21.90
N ALA H 145 7.85 17.94 -21.91
CA ALA H 145 8.11 16.77 -22.78
C ALA H 145 7.08 15.68 -22.46
N PRO H 146 6.50 15.00 -23.48
CA PRO H 146 5.68 13.81 -23.23
C PRO H 146 6.57 12.59 -22.95
N GLN H 147 6.09 11.63 -22.14
CA GLN H 147 6.80 10.34 -21.88
C GLN H 147 7.10 9.62 -23.18
N ARG H 148 6.20 9.70 -24.16
CA ARG H 148 6.40 9.07 -25.50
C ARG H 148 5.61 9.81 -26.56
N PRO H 149 6.00 9.69 -27.84
CA PRO H 149 5.25 10.31 -28.93
C PRO H 149 3.87 9.66 -29.09
N MET H 150 2.91 10.46 -29.54
CA MET H 150 1.54 10.07 -29.94
C MET H 150 1.59 8.97 -31.01
N THR H 151 0.79 7.90 -30.85
CA THR H 151 0.65 6.77 -31.82
C THR H 151 -0.69 6.83 -32.55
N ILE H 152 -0.81 6.11 -33.66
CA ILE H 152 -2.07 5.99 -34.45
C ILE H 152 -3.14 5.44 -33.51
N ARG H 153 -2.78 4.45 -32.67
CA ARG H 153 -3.79 3.84 -31.77
C ARG H 153 -4.34 4.92 -30.85
N ASP H 154 -3.49 5.84 -30.38
CA ASP H 154 -3.93 6.99 -29.54
C ASP H 154 -5.03 7.77 -30.28
N LEU H 155 -4.85 8.09 -31.56
CA LEU H 155 -5.86 8.84 -32.35
C LEU H 155 -7.17 8.04 -32.40
N LEU H 156 -7.10 6.74 -32.68
CA LEU H 156 -8.31 5.92 -32.92
C LEU H 156 -9.11 5.73 -31.64
N THR H 157 -8.48 5.99 -30.48
CA THR H 157 -9.04 5.71 -29.13
C THR H 157 -9.17 6.99 -28.28
N HIS H 158 -8.88 8.17 -28.85
CA HIS H 158 -8.99 9.49 -28.18
C HIS H 158 -8.07 9.55 -26.94
N GLN H 159 -6.96 8.83 -26.96
CA GLN H 159 -5.87 8.90 -25.93
C GLN H 159 -4.68 9.73 -26.48
N SER H 160 -4.84 10.35 -27.65
CA SER H 160 -3.92 11.34 -28.28
C SER H 160 -3.44 12.39 -27.28
N GLY H 161 -4.36 12.93 -26.48
CA GLY H 161 -4.11 14.18 -25.72
C GLY H 161 -4.55 15.39 -26.52
N LEU H 162 -5.04 15.19 -27.74
CA LEU H 162 -5.82 16.22 -28.47
C LEU H 162 -7.13 16.44 -27.72
N THR H 163 -7.86 17.49 -28.10
CA THR H 163 -9.17 17.88 -27.51
C THR H 163 -10.08 18.45 -28.61
N TYR H 164 -11.20 19.02 -28.21
CA TYR H 164 -12.23 19.62 -29.08
C TYR H 164 -12.45 21.06 -28.60
N GLY H 165 -12.60 22.00 -29.53
CA GLY H 165 -12.96 23.39 -29.19
C GLY H 165 -14.09 23.44 -28.18
N PHE H 166 -15.16 22.70 -28.41
CA PHE H 166 -16.44 22.85 -27.67
C PHE H 166 -16.32 22.30 -26.24
N MET H 167 -15.20 21.67 -25.85
CA MET H 167 -15.03 21.06 -24.50
C MET H 167 -15.18 22.13 -23.42
N ASN H 168 -14.69 23.36 -23.69
CA ASN H 168 -14.81 24.55 -22.81
C ASN H 168 -14.35 24.22 -21.37
N ARG H 169 -13.17 23.62 -21.19
CA ARG H 169 -12.63 23.26 -19.85
C ARG H 169 -11.24 23.89 -19.62
N THR H 170 -10.42 24.02 -20.66
CA THR H 170 -8.97 24.31 -20.53
C THR H 170 -8.53 25.43 -21.47
N ASN H 171 -7.39 26.04 -21.17
CA ASN H 171 -6.76 27.08 -22.03
C ASN H 171 -6.48 26.48 -23.42
N VAL H 172 -6.30 25.17 -23.51
CA VAL H 172 -5.97 24.48 -24.80
C VAL H 172 -7.19 24.53 -25.72
N ASP H 173 -8.37 24.16 -25.22
CA ASP H 173 -9.60 24.19 -26.06
C ASP H 173 -9.98 25.65 -26.34
N ALA H 174 -9.63 26.61 -25.48
CA ALA H 174 -9.79 28.05 -25.76
C ALA H 174 -9.01 28.40 -27.02
N ALA H 175 -7.80 27.85 -27.17
CA ALA H 175 -6.95 28.01 -28.38
C ALA H 175 -7.67 27.39 -29.59
N TYR H 176 -8.20 26.18 -29.45
CA TYR H 176 -8.95 25.48 -30.54
C TYR H 176 -10.08 26.41 -31.02
N ARG H 177 -10.79 27.06 -30.10
CA ARG H 177 -11.95 27.93 -30.44
C ARG H 177 -11.46 29.19 -31.16
N SER H 178 -10.42 29.86 -30.66
CA SER H 178 -9.93 31.11 -31.28
C SER H 178 -9.39 30.79 -32.70
N LEU H 179 -8.91 29.57 -32.95
CA LEU H 179 -8.40 29.12 -34.28
C LEU H 179 -9.50 28.37 -35.06
N LYS H 180 -10.70 28.22 -34.50
CA LYS H 180 -11.89 27.59 -35.16
C LYS H 180 -11.49 26.22 -35.74
N LEU H 181 -10.95 25.33 -34.91
CA LEU H 181 -10.44 23.99 -35.33
C LEU H 181 -11.58 22.96 -35.35
N ASP H 182 -12.77 23.35 -34.90
CA ASP H 182 -14.00 22.53 -34.98
C ASP H 182 -14.73 22.80 -36.29
N GLY H 183 -14.41 23.90 -36.97
CA GLY H 183 -15.04 24.32 -38.24
C GLY H 183 -15.17 25.83 -38.33
N GLY H 184 -15.44 26.38 -39.52
CA GLY H 184 -15.53 27.83 -39.75
C GLY H 184 -14.89 28.19 -41.09
N PRO H 185 -15.02 29.46 -41.53
CA PRO H 185 -14.65 29.81 -42.91
C PRO H 185 -13.23 29.36 -43.26
N GLY H 186 -13.06 28.75 -44.45
CA GLY H 186 -11.76 28.36 -45.05
C GLY H 186 -11.03 27.33 -44.19
N HIS H 187 -11.76 26.57 -43.38
CA HIS H 187 -11.22 25.44 -42.59
C HIS H 187 -11.14 24.23 -43.51
N THR H 188 -9.96 23.63 -43.58
CA THR H 188 -9.66 22.36 -44.30
C THR H 188 -9.00 21.42 -43.29
N LEU H 189 -8.90 20.12 -43.60
CA LEU H 189 -8.09 19.19 -42.77
C LEU H 189 -6.63 19.66 -42.83
N ASP H 190 -6.15 20.15 -43.97
CA ASP H 190 -4.73 20.59 -44.13
C ASP H 190 -4.43 21.66 -43.07
N ARG H 191 -5.42 22.51 -42.80
CA ARG H 191 -5.30 23.62 -41.82
C ARG H 191 -5.30 23.06 -40.38
N LEU H 192 -6.24 22.18 -40.06
CA LEU H 192 -6.29 21.48 -38.75
C LEU H 192 -4.91 20.89 -38.43
N ILE H 193 -4.33 20.13 -39.35
CA ILE H 193 -3.04 19.42 -39.10
C ILE H 193 -1.94 20.46 -38.91
N ASP H 194 -1.93 21.51 -39.72
CA ASP H 194 -0.91 22.57 -39.69
C ASP H 194 -1.00 23.30 -38.33
N GLU H 195 -2.22 23.58 -37.85
CA GLU H 195 -2.45 24.38 -36.60
C GLU H 195 -2.12 23.54 -35.36
N LEU H 196 -2.48 22.26 -35.36
CA LEU H 196 -2.27 21.33 -34.22
C LEU H 196 -0.78 21.10 -33.98
N ALA H 197 0.04 21.25 -35.03
CA ALA H 197 1.52 21.08 -34.95
C ALA H 197 2.10 22.10 -33.96
N ARG H 198 1.43 23.24 -33.78
CA ARG H 198 1.92 24.39 -33.00
C ARG H 198 1.18 24.47 -31.66
N LEU H 199 0.32 23.50 -31.35
CA LEU H 199 -0.48 23.54 -30.10
C LEU H 199 -0.02 22.45 -29.14
N PRO H 200 -0.20 22.69 -27.83
CA PRO H 200 0.10 21.69 -26.82
C PRO H 200 -1.05 20.67 -26.65
N LEU H 201 -0.69 19.49 -26.13
CA LEU H 201 -1.63 18.40 -25.78
C LEU H 201 -2.09 18.58 -24.34
N GLU H 202 -3.27 18.04 -24.01
CA GLU H 202 -3.85 18.11 -22.65
C GLU H 202 -3.05 17.20 -21.71
N PHE H 203 -2.38 16.18 -22.24
CA PHE H 203 -1.64 15.20 -21.40
C PHE H 203 -0.70 14.38 -22.27
N SER H 204 0.31 13.74 -21.64
CA SER H 204 1.24 12.82 -22.32
C SER H 204 0.40 11.74 -22.99
N PRO H 205 0.56 11.53 -24.32
CA PRO H 205 -0.22 10.53 -25.05
C PRO H 205 -0.26 9.16 -24.35
N GLY H 206 -1.46 8.59 -24.27
CA GLY H 206 -1.72 7.25 -23.71
C GLY H 206 -2.20 7.28 -22.28
N THR H 207 -1.89 8.34 -21.54
CA THR H 207 -1.99 8.41 -20.06
C THR H 207 -3.42 8.77 -19.63
N ALA H 208 -4.29 9.16 -20.57
CA ALA H 208 -5.69 9.56 -20.27
C ALA H 208 -6.51 9.46 -21.55
N TRP H 209 -7.80 9.79 -21.43
CA TRP H 209 -8.77 9.82 -22.56
C TRP H 209 -9.45 11.18 -22.59
N ASN H 210 -9.56 11.76 -23.77
CA ASN H 210 -10.29 13.03 -23.98
C ASN H 210 -10.80 13.07 -25.41
N TYR H 211 -12.13 13.12 -25.56
CA TYR H 211 -12.84 13.24 -26.87
C TYR H 211 -12.22 14.40 -27.64
N SER H 212 -11.95 14.21 -28.93
CA SER H 212 -10.98 15.05 -29.68
C SER H 212 -11.30 15.06 -31.17
N VAL H 213 -10.64 15.99 -31.84
CA VAL H 213 -10.52 16.07 -33.33
C VAL H 213 -9.69 14.90 -33.86
N ALA H 214 -9.18 14.02 -32.99
CA ALA H 214 -8.30 12.89 -33.35
C ALA H 214 -8.89 12.12 -34.54
N THR H 215 -10.21 12.01 -34.60
CA THR H 215 -10.89 11.22 -35.66
C THR H 215 -10.89 12.01 -36.96
N ASP H 216 -10.97 13.34 -36.88
CA ASP H 216 -10.82 14.25 -38.07
C ASP H 216 -9.42 14.05 -38.67
N VAL H 217 -8.41 13.86 -37.79
CA VAL H 217 -6.99 13.56 -38.13
C VAL H 217 -6.90 12.18 -38.78
N CYS H 218 -7.60 11.18 -38.25
CA CYS H 218 -7.70 9.84 -38.87
C CYS H 218 -8.17 10.01 -40.32
N GLY H 219 -9.21 10.82 -40.52
CA GLY H 219 -9.68 11.26 -41.86
C GLY H 219 -8.52 11.74 -42.72
N TYR H 220 -7.69 12.64 -42.19
CA TYR H 220 -6.52 13.20 -42.89
C TYR H 220 -5.56 12.05 -43.25
N LEU H 221 -5.40 11.08 -42.36
CA LEU H 221 -4.47 9.93 -42.57
C LEU H 221 -5.04 8.98 -43.64
N VAL H 222 -6.36 8.86 -43.74
CA VAL H 222 -7.01 8.08 -44.84
C VAL H 222 -6.57 8.73 -46.16
N GLN H 223 -6.75 10.06 -46.26
CA GLN H 223 -6.33 10.87 -47.44
C GLN H 223 -4.84 10.60 -47.71
N LEU H 224 -3.99 10.85 -46.71
CA LEU H 224 -2.51 10.74 -46.81
C LEU H 224 -2.16 9.37 -47.44
N LEU H 225 -2.69 8.28 -46.89
CA LEU H 225 -2.27 6.90 -47.26
C LEU H 225 -2.99 6.43 -48.53
N SER H 226 -4.20 6.90 -48.84
CA SER H 226 -5.02 6.36 -49.95
C SER H 226 -4.75 7.15 -51.24
N GLY H 227 -4.23 8.38 -51.12
CA GLY H 227 -4.14 9.33 -52.23
C GLY H 227 -5.49 9.97 -52.57
N MET H 228 -6.59 9.53 -51.98
CA MET H 228 -7.95 10.04 -52.30
C MET H 228 -8.39 11.06 -51.27
N SER H 229 -9.25 12.00 -51.67
CA SER H 229 -10.04 12.88 -50.78
C SER H 229 -11.01 12.01 -49.97
N LEU H 230 -11.36 12.39 -48.74
CA LEU H 230 -12.08 11.51 -47.80
C LEU H 230 -13.46 11.12 -48.35
N ASP H 231 -14.17 12.06 -48.98
CA ASP H 231 -15.54 11.84 -49.57
C ASP H 231 -15.46 10.75 -50.65
N ASP H 232 -14.37 10.75 -51.44
CA ASP H 232 -14.09 9.74 -52.50
C ASP H 232 -13.76 8.39 -51.84
N TYR H 233 -12.84 8.32 -50.85
CA TYR H 233 -12.48 7.04 -50.17
C TYR H 233 -13.77 6.42 -49.63
N PHE H 234 -14.58 7.22 -48.94
CA PHE H 234 -15.84 6.74 -48.30
C PHE H 234 -16.75 6.17 -49.37
N SER H 235 -16.94 6.94 -50.43
CA SER H 235 -17.90 6.61 -51.51
C SER H 235 -17.43 5.30 -52.19
N LYS H 236 -16.15 5.23 -52.56
CA LYS H 236 -15.58 4.08 -53.30
C LYS H 236 -15.57 2.83 -52.41
N HIS H 237 -15.04 2.94 -51.19
CA HIS H 237 -14.62 1.77 -50.36
C HIS H 237 -15.64 1.44 -49.26
N ILE H 238 -16.69 2.26 -49.06
CA ILE H 238 -17.74 1.98 -48.02
C ILE H 238 -19.15 2.15 -48.62
N PHE H 239 -19.51 3.35 -49.12
CA PHE H 239 -20.92 3.69 -49.43
C PHE H 239 -21.41 2.94 -50.67
N GLN H 240 -20.63 2.87 -51.75
CA GLN H 240 -21.05 2.17 -52.99
C GLN H 240 -21.16 0.68 -52.70
N PRO H 241 -20.11 0.01 -52.17
CA PRO H 241 -20.20 -1.42 -51.82
C PRO H 241 -21.45 -1.77 -51.00
N LEU H 242 -21.83 -0.91 -50.06
CA LEU H 242 -22.90 -1.22 -49.07
C LEU H 242 -24.25 -0.73 -49.55
N GLY H 243 -24.33 0.00 -50.65
CA GLY H 243 -25.61 0.52 -51.16
C GLY H 243 -26.14 1.62 -50.26
N MET H 244 -25.30 2.62 -50.00
CA MET H 244 -25.59 3.81 -49.17
C MET H 244 -25.50 5.03 -50.09
N PRO H 245 -26.52 5.24 -50.94
CA PRO H 245 -26.50 6.33 -51.92
C PRO H 245 -26.83 7.69 -51.31
N ASP H 246 -27.33 7.71 -50.07
CA ASP H 246 -27.86 8.91 -49.37
C ASP H 246 -26.99 9.27 -48.15
N THR H 247 -25.66 9.11 -48.28
CA THR H 247 -24.67 9.44 -47.24
C THR H 247 -23.55 10.25 -47.91
N PHE H 248 -23.29 11.45 -47.39
CA PHE H 248 -22.39 12.43 -48.02
C PHE H 248 -22.08 13.56 -47.04
N PHE H 249 -20.95 14.22 -47.25
CA PHE H 249 -20.52 15.42 -46.49
C PHE H 249 -21.35 16.64 -46.92
N THR H 250 -21.74 16.69 -48.20
CA THR H 250 -22.52 17.80 -48.81
C THR H 250 -23.81 17.23 -49.38
N VAL H 251 -24.96 17.80 -49.02
CA VAL H 251 -26.30 17.29 -49.44
C VAL H 251 -26.55 17.77 -50.86
N PRO H 252 -26.67 16.88 -51.86
CA PRO H 252 -26.95 17.29 -53.23
C PRO H 252 -28.25 18.12 -53.28
N ALA H 253 -28.25 19.17 -54.12
CA ALA H 253 -29.38 20.09 -54.35
C ALA H 253 -30.70 19.31 -54.49
N GLU H 254 -30.71 18.25 -55.32
CA GLU H 254 -31.95 17.49 -55.65
C GLU H 254 -32.49 16.74 -54.42
N LYS H 255 -31.69 16.54 -53.36
CA LYS H 255 -32.12 15.77 -52.16
C LYS H 255 -32.39 16.70 -50.96
N LEU H 256 -32.14 17.99 -51.11
CA LEU H 256 -32.22 18.99 -50.00
C LEU H 256 -33.65 19.10 -49.45
N SER H 257 -34.66 18.66 -50.21
CA SER H 257 -36.08 18.64 -49.75
C SER H 257 -36.21 17.62 -48.60
N ARG H 258 -35.41 16.56 -48.61
CA ARG H 258 -35.51 15.44 -47.64
C ARG H 258 -34.74 15.76 -46.36
N PHE H 259 -33.92 16.82 -46.35
CA PHE H 259 -33.00 17.19 -45.24
C PHE H 259 -33.80 17.77 -44.08
N ALA H 260 -33.66 17.17 -42.90
CA ALA H 260 -34.34 17.63 -41.66
C ALA H 260 -33.71 18.93 -41.19
N ALA H 261 -34.49 19.74 -40.47
CA ALA H 261 -33.98 20.86 -39.67
C ALA H 261 -33.34 20.28 -38.42
N CYS H 262 -32.30 20.95 -37.93
CA CYS H 262 -31.66 20.70 -36.61
C CYS H 262 -32.20 21.69 -35.58
N TYR H 263 -32.50 21.20 -34.38
CA TYR H 263 -33.00 21.98 -33.23
C TYR H 263 -32.02 21.88 -32.07
N GLU H 264 -31.96 22.90 -31.23
CA GLU H 264 -31.13 22.91 -29.99
C GLU H 264 -32.09 23.07 -28.79
N TYR H 265 -31.64 22.59 -27.63
CA TYR H 265 -32.43 22.60 -26.37
C TYR H 265 -32.67 24.04 -25.93
N GLN H 266 -33.87 24.32 -25.43
CA GLN H 266 -34.24 25.57 -24.71
C GLN H 266 -34.83 25.19 -23.35
N PRO H 267 -34.53 25.97 -22.28
CA PRO H 267 -35.05 25.67 -20.94
C PRO H 267 -36.58 25.50 -20.96
N GLY H 268 -37.12 24.77 -19.98
CA GLY H 268 -38.53 24.34 -19.93
C GLY H 268 -38.80 23.13 -20.81
N ASP H 269 -37.75 22.39 -21.16
CA ASP H 269 -37.79 21.16 -22.00
C ASP H 269 -38.49 21.50 -23.32
N SER H 270 -37.96 22.50 -24.00
CA SER H 270 -38.41 22.99 -25.32
C SER H 270 -37.21 23.03 -26.26
N PHE H 271 -37.41 23.47 -27.50
CA PHE H 271 -36.31 23.56 -28.51
C PHE H 271 -36.55 24.75 -29.46
N SER H 272 -35.46 25.25 -30.06
CA SER H 272 -35.46 26.36 -31.05
C SER H 272 -34.75 25.88 -32.33
N LEU H 273 -35.02 26.54 -33.46
CA LEU H 273 -34.34 26.28 -34.77
C LEU H 273 -32.83 26.53 -34.58
N GLN H 274 -31.98 25.60 -35.02
CA GLN H 274 -30.49 25.68 -34.91
C GLN H 274 -29.88 25.71 -36.31
N ASP H 275 -30.43 24.93 -37.25
CA ASP H 275 -29.96 24.88 -38.66
C ASP H 275 -31.18 24.73 -39.56
N ASP H 276 -31.42 25.71 -40.42
CA ASP H 276 -32.44 25.65 -41.50
C ASP H 276 -31.84 24.80 -42.61
N PRO H 277 -32.52 23.70 -43.07
CA PRO H 277 -32.00 22.86 -44.14
C PRO H 277 -31.75 23.61 -45.47
N GLN H 278 -32.61 24.60 -45.77
CA GLN H 278 -32.34 25.59 -46.84
C GLN H 278 -31.33 26.59 -46.26
N GLY H 279 -30.24 26.87 -46.97
CA GLY H 279 -29.13 27.71 -46.45
C GLY H 279 -28.47 27.07 -45.24
N SER H 280 -28.12 25.79 -45.33
CA SER H 280 -27.33 25.05 -44.32
C SER H 280 -25.91 24.89 -44.88
N ALA H 281 -24.89 25.05 -44.04
CA ALA H 281 -23.49 24.80 -44.44
C ALA H 281 -23.33 23.36 -44.96
N PHE H 282 -24.21 22.43 -44.56
CA PHE H 282 -24.20 21.02 -45.03
C PHE H 282 -24.64 20.93 -46.49
N ALA H 283 -25.28 21.99 -47.01
CA ALA H 283 -25.76 22.11 -48.41
C ALA H 283 -24.65 22.67 -49.32
N LYS H 284 -23.65 23.35 -48.75
CA LYS H 284 -22.47 23.90 -49.49
C LYS H 284 -21.29 22.92 -49.38
N ALA H 285 -20.41 22.91 -50.38
CA ALA H 285 -19.11 22.23 -50.33
C ALA H 285 -18.04 23.27 -49.99
N HIS H 286 -18.04 23.79 -48.75
CA HIS H 286 -16.85 24.37 -48.07
C HIS H 286 -15.75 23.30 -48.07
N GLY H 287 -14.50 23.64 -47.75
CA GLY H 287 -13.36 22.73 -48.00
C GLY H 287 -13.07 21.75 -46.86
N TYR H 288 -14.01 21.54 -45.92
CA TYR H 288 -13.77 20.80 -44.66
C TYR H 288 -14.51 19.45 -44.66
N LEU H 289 -13.77 18.38 -44.90
CA LEU H 289 -14.30 17.00 -44.77
C LEU H 289 -13.99 16.48 -43.36
N SER H 290 -15.00 16.58 -42.48
CA SER H 290 -14.89 16.26 -41.03
C SER H 290 -15.05 14.75 -40.80
N GLY H 291 -13.94 14.00 -40.72
CA GLY H 291 -13.95 12.59 -40.25
C GLY H 291 -14.65 12.44 -38.90
N GLY H 292 -14.78 13.52 -38.13
CA GLY H 292 -15.34 13.55 -36.77
C GLY H 292 -16.84 13.80 -36.74
N GLY H 293 -17.41 14.66 -37.60
CA GLY H 293 -18.84 15.03 -37.49
C GLY H 293 -19.51 15.44 -38.80
N GLY H 294 -18.86 15.21 -39.94
CA GLY H 294 -19.22 15.88 -41.21
C GLY H 294 -20.45 15.31 -41.89
N LEU H 295 -20.76 14.02 -41.66
CA LEU H 295 -21.68 13.25 -42.55
C LEU H 295 -23.14 13.57 -42.27
N VAL H 296 -23.90 13.56 -43.36
CA VAL H 296 -25.37 13.47 -43.39
C VAL H 296 -25.70 12.09 -43.98
N SER H 297 -26.70 11.44 -43.40
CA SER H 297 -27.14 10.07 -43.77
C SER H 297 -28.63 9.95 -43.47
N CYS H 298 -29.21 8.81 -43.79
CA CYS H 298 -30.60 8.45 -43.45
C CYS H 298 -30.57 7.16 -42.65
N VAL H 299 -31.70 6.74 -42.10
CA VAL H 299 -31.76 5.54 -41.23
C VAL H 299 -31.35 4.31 -42.07
N ASP H 300 -31.82 4.21 -43.30
CA ASP H 300 -31.59 3.01 -44.17
C ASP H 300 -30.10 2.84 -44.40
N ASP H 301 -29.40 3.91 -44.78
CA ASP H 301 -27.94 3.88 -45.08
C ASP H 301 -27.18 3.46 -43.82
N TYR H 302 -27.48 4.06 -42.66
CA TYR H 302 -26.72 3.76 -41.42
C TYR H 302 -27.03 2.33 -40.98
N TYR H 303 -28.26 1.87 -41.19
CA TYR H 303 -28.66 0.46 -40.93
C TYR H 303 -27.75 -0.48 -41.73
N ARG H 304 -27.52 -0.18 -43.01
CA ARG H 304 -26.72 -1.06 -43.89
C ARG H 304 -25.29 -1.11 -43.34
N PHE H 305 -24.74 0.04 -42.95
CA PHE H 305 -23.40 0.14 -42.31
C PHE H 305 -23.39 -0.70 -41.02
N ALA H 306 -24.39 -0.50 -40.15
CA ALA H 306 -24.50 -1.22 -38.86
C ALA H 306 -24.61 -2.73 -39.10
N GLN H 307 -25.52 -3.13 -39.99
CA GLN H 307 -25.82 -4.55 -40.30
C GLN H 307 -24.56 -5.22 -40.87
N ALA H 308 -23.79 -4.51 -41.69
CA ALA H 308 -22.51 -4.98 -42.23
C ALA H 308 -21.58 -5.36 -41.07
N LEU H 309 -21.47 -4.48 -40.08
CA LEU H 309 -20.61 -4.70 -38.87
C LEU H 309 -21.17 -5.88 -38.08
N ALA H 310 -22.49 -5.92 -37.87
CA ALA H 310 -23.18 -7.01 -37.15
C ALA H 310 -22.89 -8.36 -37.84
N ASN H 311 -22.65 -8.36 -39.16
CA ASN H 311 -22.40 -9.60 -39.95
C ASN H 311 -20.90 -9.89 -40.02
N GLY H 312 -20.04 -9.13 -39.33
CA GLY H 312 -18.59 -9.34 -39.35
C GLY H 312 -17.93 -8.69 -40.53
N GLY H 313 -18.56 -7.66 -41.11
CA GLY H 313 -17.94 -6.75 -42.08
C GLY H 313 -18.45 -6.91 -43.51
N GLU H 314 -19.40 -7.82 -43.72
CA GLU H 314 -19.92 -8.22 -45.05
C GLU H 314 -21.44 -7.97 -45.06
N LEU H 315 -21.98 -7.41 -46.14
CA LEU H 315 -23.45 -7.32 -46.39
C LEU H 315 -23.75 -7.55 -47.86
N ASP H 316 -24.65 -8.50 -48.16
CA ASP H 316 -25.10 -8.85 -49.52
C ASP H 316 -23.88 -9.00 -50.42
N GLY H 317 -22.85 -9.73 -49.96
CA GLY H 317 -21.64 -10.08 -50.74
C GLY H 317 -20.63 -8.95 -50.88
N ALA H 318 -20.87 -7.78 -50.31
CA ALA H 318 -19.87 -6.68 -50.22
C ALA H 318 -19.19 -6.73 -48.84
N ARG H 319 -17.87 -6.62 -48.80
CA ARG H 319 -17.08 -6.61 -47.54
C ARG H 319 -16.38 -5.26 -47.40
N ILE H 320 -16.55 -4.56 -46.28
CA ILE H 320 -15.87 -3.27 -45.98
C ILE H 320 -14.71 -3.47 -45.00
N ILE H 321 -14.68 -4.58 -44.27
CA ILE H 321 -13.63 -4.87 -43.25
C ILE H 321 -13.60 -6.38 -42.97
N GLY H 322 -12.41 -6.93 -42.71
CA GLY H 322 -12.22 -8.32 -42.24
C GLY H 322 -12.93 -8.58 -40.92
N ARG H 323 -13.50 -9.76 -40.76
CA ARG H 323 -14.24 -10.19 -39.55
C ARG H 323 -13.34 -10.00 -38.32
N LYS H 324 -12.08 -10.38 -38.43
CA LYS H 324 -11.11 -10.40 -37.31
C LYS H 324 -10.70 -8.96 -36.99
N THR H 325 -10.41 -8.17 -38.02
CA THR H 325 -10.02 -6.75 -37.88
C THR H 325 -11.15 -6.04 -37.09
N LEU H 326 -12.41 -6.31 -37.40
CA LEU H 326 -13.56 -5.68 -36.72
C LEU H 326 -13.63 -6.13 -35.25
N GLU H 327 -13.37 -7.40 -34.98
CA GLU H 327 -13.42 -7.98 -33.63
C GLU H 327 -12.36 -7.27 -32.77
N PHE H 328 -11.25 -6.88 -33.40
CA PHE H 328 -10.13 -6.10 -32.79
C PHE H 328 -10.57 -4.68 -32.43
N MET H 329 -11.35 -4.05 -33.31
CA MET H 329 -11.86 -2.66 -33.13
C MET H 329 -12.89 -2.62 -32.00
N ARG H 330 -13.60 -3.73 -31.74
CA ARG H 330 -14.70 -3.78 -30.74
C ARG H 330 -14.16 -4.16 -29.36
N MET H 331 -12.89 -4.53 -29.27
CA MET H 331 -12.22 -4.78 -27.98
C MET H 331 -12.09 -3.43 -27.24
N ASN H 332 -12.06 -3.49 -25.91
CA ASN H 332 -11.66 -2.35 -25.06
C ASN H 332 -10.16 -2.13 -25.25
N HIS H 333 -9.75 -0.94 -25.71
CA HIS H 333 -8.34 -0.57 -25.99
C HIS H 333 -7.85 0.38 -24.89
N LEU H 334 -8.60 0.50 -23.80
CA LEU H 334 -8.16 1.34 -22.66
C LEU H 334 -7.25 0.51 -21.77
N PRO H 335 -6.30 1.17 -21.09
CA PRO H 335 -5.32 0.48 -20.27
C PRO H 335 -6.03 -0.39 -19.23
N ASP H 336 -5.54 -1.62 -19.01
CA ASP H 336 -5.93 -2.51 -17.87
C ASP H 336 -7.46 -2.74 -17.89
N ASN H 337 -8.04 -2.93 -19.07
CA ASN H 337 -9.50 -3.12 -19.29
C ASN H 337 -10.31 -2.16 -18.39
N LYS H 338 -9.87 -0.91 -18.29
CA LYS H 338 -10.59 0.15 -17.52
C LYS H 338 -11.75 0.70 -18.36
N GLY H 339 -12.75 1.26 -17.67
CA GLY H 339 -13.87 1.99 -18.27
C GLY H 339 -13.51 3.44 -18.54
N LEU H 340 -14.34 4.13 -19.31
CA LEU H 340 -14.07 5.55 -19.68
C LEU H 340 -13.88 6.41 -18.43
N PRO H 341 -14.73 6.32 -17.37
CA PRO H 341 -14.54 7.16 -16.18
C PRO H 341 -13.25 6.94 -15.40
N ASP H 342 -12.60 5.79 -15.60
CA ASP H 342 -11.30 5.51 -14.94
C ASP H 342 -10.18 6.30 -15.63
N VAL H 343 -10.39 6.86 -16.83
CA VAL H 343 -9.29 7.51 -17.61
C VAL H 343 -9.74 8.83 -18.23
N ALA H 344 -11.03 9.06 -18.38
CA ALA H 344 -11.59 10.26 -19.06
C ALA H 344 -11.36 11.45 -18.15
N ILE H 345 -11.01 12.60 -18.72
CA ILE H 345 -10.86 13.89 -17.99
C ILE H 345 -12.14 14.73 -18.18
N GLY H 346 -13.01 14.36 -19.15
CA GLY H 346 -14.13 15.18 -19.67
C GLY H 346 -15.45 14.92 -18.96
N SER H 347 -16.58 15.10 -19.67
CA SER H 347 -17.97 14.81 -19.17
C SER H 347 -18.32 13.34 -19.45
N PHE H 348 -17.37 12.61 -20.08
CA PHE H 348 -17.38 11.14 -20.26
C PHE H 348 -16.85 10.45 -18.99
N SER H 349 -16.49 11.24 -17.96
CA SER H 349 -16.17 10.83 -16.57
C SER H 349 -17.44 10.35 -15.85
N GLU H 350 -18.60 10.85 -16.28
CA GLU H 350 -19.86 10.87 -15.49
C GLU H 350 -20.50 9.49 -15.53
N THR H 351 -21.52 9.30 -14.67
CA THR H 351 -22.12 7.99 -14.30
C THR H 351 -22.65 7.22 -15.51
N PRO H 352 -23.25 7.86 -16.55
CA PRO H 352 -23.76 7.12 -17.70
C PRO H 352 -22.74 6.22 -18.43
N TYR H 353 -21.44 6.53 -18.33
CA TYR H 353 -20.35 5.82 -19.07
C TYR H 353 -19.67 4.79 -18.16
N ASP H 354 -20.16 4.61 -16.93
CA ASP H 354 -19.70 3.53 -16.01
C ASP H 354 -19.90 2.18 -16.69
N GLY H 355 -18.89 1.32 -16.59
CA GLY H 355 -18.88 -0.04 -17.18
C GLY H 355 -18.85 -0.02 -18.70
N THR H 356 -18.45 1.10 -19.30
CA THR H 356 -18.26 1.21 -20.76
C THR H 356 -16.81 1.59 -21.05
N GLY H 357 -16.17 0.85 -21.94
CA GLY H 357 -14.79 1.10 -22.41
C GLY H 357 -14.80 1.73 -23.79
N PHE H 358 -13.73 1.57 -24.53
CA PHE H 358 -13.57 2.24 -25.85
C PHE H 358 -12.53 1.49 -26.66
N GLY H 359 -12.91 1.14 -27.89
CA GLY H 359 -12.03 0.47 -28.87
C GLY H 359 -11.58 1.45 -29.93
N LEU H 360 -11.45 0.97 -31.17
CA LEU H 360 -10.98 1.80 -32.29
C LEU H 360 -12.20 2.43 -32.95
N GLY H 361 -12.88 3.35 -32.25
CA GLY H 361 -13.94 4.18 -32.82
C GLY H 361 -15.33 3.81 -32.33
N PHE H 362 -15.42 2.79 -31.48
CA PHE H 362 -16.68 2.39 -30.79
C PHE H 362 -16.47 2.39 -29.28
N SER H 363 -17.54 2.72 -28.55
CA SER H 363 -17.69 2.38 -27.11
C SER H 363 -17.98 0.88 -27.02
N VAL H 364 -17.68 0.27 -25.88
CA VAL H 364 -17.82 -1.19 -25.64
C VAL H 364 -18.37 -1.37 -24.24
N LYS H 365 -19.50 -2.05 -24.07
CA LYS H 365 -20.02 -2.32 -22.71
C LYS H 365 -19.18 -3.42 -22.06
N LEU H 366 -18.62 -3.14 -20.88
CA LEU H 366 -17.74 -4.07 -20.11
C LEU H 366 -18.53 -4.76 -19.00
N ASP H 367 -19.34 -4.01 -18.24
CA ASP H 367 -20.09 -4.48 -17.06
C ASP H 367 -21.53 -3.95 -17.14
N VAL H 368 -22.49 -4.84 -17.38
CA VAL H 368 -23.90 -4.42 -17.63
C VAL H 368 -24.47 -3.78 -16.36
N ALA H 369 -24.36 -4.49 -15.23
CA ALA H 369 -24.88 -4.02 -13.92
C ALA H 369 -24.33 -2.64 -13.59
N LYS H 370 -23.04 -2.42 -13.84
CA LYS H 370 -22.33 -1.16 -13.48
C LYS H 370 -22.92 0.00 -14.30
N SER H 371 -23.28 -0.26 -15.56
CA SER H 371 -23.87 0.74 -16.49
C SER H 371 -25.29 1.11 -16.08
N GLN H 372 -25.93 0.33 -15.21
CA GLN H 372 -27.32 0.59 -14.72
C GLN H 372 -28.33 0.55 -15.90
N THR H 373 -27.90 0.07 -17.07
CA THR H 373 -28.76 -0.06 -18.27
C THR H 373 -28.73 -1.50 -18.78
N VAL H 374 -29.90 -2.10 -19.02
CA VAL H 374 -30.05 -3.44 -19.67
C VAL H 374 -29.31 -3.43 -21.02
N GLY H 375 -28.76 -4.57 -21.37
CA GLY H 375 -27.86 -4.73 -22.53
C GLY H 375 -26.93 -5.89 -22.31
N SER H 376 -25.94 -6.06 -23.19
CA SER H 376 -25.02 -7.23 -23.15
C SER H 376 -23.59 -6.74 -23.11
N VAL H 377 -22.71 -7.52 -22.48
CA VAL H 377 -21.24 -7.27 -22.57
C VAL H 377 -20.89 -7.32 -24.05
N GLY H 378 -20.12 -6.35 -24.54
CA GLY H 378 -19.66 -6.26 -25.94
C GLY H 378 -20.49 -5.29 -26.75
N GLU H 379 -21.69 -4.92 -26.29
CA GLU H 379 -22.55 -3.89 -26.94
C GLU H 379 -21.65 -2.74 -27.38
N TYR H 380 -21.59 -2.45 -28.67
CA TYR H 380 -20.73 -1.39 -29.24
C TYR H 380 -21.53 -0.43 -30.10
N GLY H 381 -21.01 0.77 -30.26
CA GLY H 381 -21.64 1.83 -31.05
C GLY H 381 -21.11 3.20 -30.67
N TRP H 382 -21.85 4.23 -31.05
CA TRP H 382 -21.53 5.64 -30.74
C TRP H 382 -22.74 6.49 -31.09
N GLY H 383 -22.65 7.79 -30.84
CA GLY H 383 -23.77 8.72 -31.06
C GLY H 383 -23.26 9.99 -31.71
N GLY H 384 -24.19 10.88 -32.05
CA GLY H 384 -23.88 12.21 -32.58
C GLY H 384 -24.42 13.27 -31.65
N MET H 385 -23.80 14.45 -31.66
CA MET H 385 -24.12 15.53 -30.69
C MET H 385 -25.58 15.98 -30.91
N ALA H 386 -26.24 15.59 -31.99
CA ALA H 386 -27.65 15.99 -32.28
C ALA H 386 -28.63 14.92 -31.81
N SER H 387 -28.19 13.97 -30.98
CA SER H 387 -29.00 12.96 -30.25
C SER H 387 -29.28 11.72 -31.11
N THR H 388 -28.68 11.66 -32.29
CA THR H 388 -28.49 10.43 -33.11
C THR H 388 -27.73 9.40 -32.26
N ASN H 389 -28.10 8.13 -32.39
CA ASN H 389 -27.49 7.01 -31.64
C ASN H 389 -27.62 5.69 -32.41
N PHE H 390 -26.64 4.80 -32.29
CA PHE H 390 -26.76 3.41 -32.77
C PHE H 390 -25.96 2.49 -31.85
N PHE H 391 -26.37 1.22 -31.80
CA PHE H 391 -25.67 0.15 -31.05
C PHE H 391 -25.86 -1.18 -31.78
N ILE H 392 -24.91 -2.07 -31.54
CA ILE H 392 -24.86 -3.47 -32.05
C ILE H 392 -24.53 -4.35 -30.85
N ASP H 393 -25.49 -5.15 -30.40
CA ASP H 393 -25.36 -6.11 -29.28
C ASP H 393 -24.90 -7.42 -29.90
N PRO H 394 -23.60 -7.76 -29.90
CA PRO H 394 -23.13 -8.92 -30.65
C PRO H 394 -23.52 -10.23 -29.97
N GLU H 395 -23.87 -10.20 -28.67
CA GLU H 395 -24.34 -11.38 -27.92
C GLU H 395 -25.76 -11.74 -28.39
N GLU H 396 -26.59 -10.77 -28.77
CA GLU H 396 -28.02 -10.98 -29.13
C GLU H 396 -28.25 -10.85 -30.65
N ASP H 397 -27.22 -10.54 -31.45
CA ASP H 397 -27.32 -10.22 -32.92
C ASP H 397 -28.40 -9.18 -33.15
N LEU H 398 -28.44 -8.16 -32.30
CA LEU H 398 -29.53 -7.15 -32.23
C LEU H 398 -28.89 -5.79 -32.49
N LEU H 399 -29.57 -4.88 -33.16
CA LEU H 399 -29.02 -3.51 -33.35
C LEU H 399 -30.17 -2.51 -33.46
N MET H 400 -29.85 -1.25 -33.13
CA MET H 400 -30.82 -0.12 -33.20
C MET H 400 -30.13 1.03 -33.94
N VAL H 401 -30.88 1.74 -34.78
CA VAL H 401 -30.48 3.09 -35.30
C VAL H 401 -31.59 4.06 -34.92
N PHE H 402 -31.21 5.14 -34.21
CA PHE H 402 -32.13 6.20 -33.74
C PHE H 402 -31.64 7.54 -34.29
N MET H 403 -32.54 8.21 -35.03
CA MET H 403 -32.30 9.53 -35.64
C MET H 403 -33.28 10.53 -35.02
N THR H 404 -32.78 11.70 -34.64
CA THR H 404 -33.54 12.91 -34.26
C THR H 404 -32.57 14.07 -34.43
N GLN H 405 -33.00 15.32 -34.29
CA GLN H 405 -32.06 16.46 -34.42
C GLN H 405 -32.31 17.42 -33.26
N LEU H 406 -31.70 17.11 -32.12
CA LEU H 406 -31.73 17.92 -30.87
C LEU H 406 -30.32 17.99 -30.30
N ILE H 407 -29.68 19.15 -30.38
CA ILE H 407 -28.36 19.42 -29.76
C ILE H 407 -28.57 19.97 -28.36
N PRO H 408 -27.81 19.56 -27.31
CA PRO H 408 -26.88 18.42 -27.38
C PRO H 408 -27.44 17.05 -26.96
N SER H 409 -26.76 15.96 -27.35
CA SER H 409 -27.12 14.54 -27.09
C SER H 409 -27.24 14.27 -25.59
N SER H 410 -26.48 15.02 -24.77
CA SER H 410 -26.48 14.92 -23.29
C SER H 410 -27.85 15.30 -22.71
N THR H 411 -28.70 16.00 -23.46
CA THR H 411 -29.95 16.61 -22.92
C THR H 411 -30.86 15.54 -22.31
N TYR H 412 -31.27 14.53 -23.08
CA TYR H 412 -32.27 13.51 -22.62
C TYR H 412 -31.64 12.11 -22.68
N ALA H 413 -32.17 11.22 -21.83
CA ALA H 413 -31.70 9.83 -21.70
C ALA H 413 -32.50 8.91 -22.63
N VAL H 414 -32.89 9.39 -23.81
CA VAL H 414 -33.81 8.64 -24.72
C VAL H 414 -33.13 7.35 -25.21
N ARG H 415 -31.83 7.39 -25.52
CA ARG H 415 -31.08 6.21 -26.01
C ARG H 415 -31.14 5.07 -24.96
N GLN H 416 -31.31 5.40 -23.68
CA GLN H 416 -31.32 4.41 -22.57
C GLN H 416 -32.74 3.82 -22.46
N GLU H 417 -33.76 4.66 -22.57
CA GLU H 417 -35.19 4.24 -22.56
C GLU H 417 -35.42 3.26 -23.73
N LEU H 418 -34.91 3.59 -24.92
CA LEU H 418 -35.05 2.73 -26.12
C LEU H 418 -34.41 1.36 -25.83
N ARG H 419 -33.23 1.34 -25.23
CA ARG H 419 -32.52 0.09 -24.86
C ARG H 419 -33.41 -0.75 -23.93
N ALA H 420 -34.03 -0.10 -22.95
CA ALA H 420 -34.88 -0.75 -21.92
C ALA H 420 -36.01 -1.52 -22.62
N ILE H 421 -36.65 -0.86 -23.58
CA ILE H 421 -37.88 -1.30 -24.31
C ILE H 421 -37.51 -2.45 -25.26
N ILE H 422 -36.46 -2.22 -26.05
CA ILE H 422 -35.92 -3.13 -27.08
C ILE H 422 -35.46 -4.43 -26.42
N ASN H 423 -34.58 -4.36 -25.43
CA ASN H 423 -34.09 -5.56 -24.69
C ASN H 423 -35.34 -6.18 -24.01
N GLY H 424 -36.33 -5.35 -23.67
CA GLY H 424 -37.61 -5.80 -23.09
C GLY H 424 -38.38 -6.71 -24.04
N ALA H 425 -38.20 -6.53 -25.34
CA ALA H 425 -38.97 -7.21 -26.41
C ALA H 425 -38.33 -8.52 -26.82
N LEU H 426 -37.18 -8.89 -26.25
CA LEU H 426 -36.58 -10.24 -26.45
C LEU H 426 -37.43 -11.25 -25.67
N VAL H 427 -37.90 -12.31 -26.34
CA VAL H 427 -38.86 -13.31 -25.79
C VAL H 427 -38.46 -14.76 -26.13
N ASP H 428 -37.20 -15.06 -26.47
CA ASP H 428 -36.69 -16.45 -26.55
C ASP H 428 -35.87 -16.77 -25.29
C10 P8K I . 39.47 5.08 4.32
C13 P8K I . 41.58 7.29 -9.78
P01 P8K I . 39.38 8.20 -3.97
C01 P8K I . 37.34 5.70 -1.55
O01 P8K I . 40.68 8.01 -3.28
C02 P8K I . 39.61 7.88 -5.79
O02 P8K I . 38.19 7.24 -3.34
C03 P8K I . 40.68 8.82 -6.32
C04 P8K I . 37.63 5.94 -0.06
C05 P8K I . 38.54 6.20 -2.42
C06 P8K I . 36.43 6.63 0.65
C07 P8K I . 36.44 6.32 2.18
C08 P8K I . 37.55 5.27 2.56
C09 P8K I . 37.90 5.25 4.07
C11 P8K I . 40.74 8.74 -7.84
C12 P8K I . 41.50 7.46 -8.26
C14 P8K I . 42.29 5.95 -10.10
C1 GOL J . 25.89 51.87 6.75
O1 GOL J . 24.59 52.18 7.26
C2 GOL J . 26.62 50.83 7.61
O2 GOL J . 27.95 50.68 7.12
C3 GOL J . 26.70 51.13 9.09
O3 GOL J . 27.74 50.38 9.73
C10 P8K K . 11.51 38.02 -5.31
C13 P8K K . -1.53 42.01 -9.92
P01 P8K K . 2.85 39.84 -6.10
C01 P8K K . 5.46 36.83 -6.64
O01 P8K K . 3.86 40.92 -6.35
C02 P8K K . 1.38 40.12 -7.22
O02 P8K K . 3.51 38.34 -6.32
C03 P8K K . 0.82 41.53 -6.89
C04 P8K K . 6.80 37.04 -5.90
C05 P8K K . 4.78 38.22 -6.94
C06 P8K K . 6.91 36.10 -4.65
C07 P8K K . 8.40 35.84 -4.28
C08 P8K K . 9.38 36.49 -5.35
C09 P8K K . 10.84 36.65 -4.82
C11 P8K K . -0.53 41.74 -7.59
C12 P8K K . -0.28 42.16 -9.03
C14 P8K K . -1.17 42.31 -11.40
C10 P8K L . 12.53 -8.20 36.76
C13 P8K L . 19.29 -20.40 32.85
P01 P8K L . 17.84 -14.27 33.04
C01 P8K L . 14.35 -12.35 32.39
O01 P8K L . 17.74 -14.21 34.52
C02 P8K L . 18.13 -16.05 32.56
O02 P8K L . 16.50 -13.65 32.31
C03 P8K L . 19.40 -16.55 33.22
C04 P8K L . 14.22 -11.08 33.23
C05 P8K L . 15.35 -13.36 33.08
C06 P8K L . 14.39 -9.80 32.37
C07 P8K L . 13.66 -8.58 33.02
C08 P8K L . 12.82 -9.01 34.28
C09 P8K L . 12.44 -7.83 35.22
C11 P8K L . 19.80 -17.91 32.68
C12 P8K L . 18.90 -18.99 33.29
C14 P8K L . 18.20 -21.37 33.43
C10 P8K M . -15.48 24.55 27.01
C13 P8K M . -24.06 14.34 32.74
P01 P8K M . -18.74 17.22 30.83
C01 P8K M . -17.66 18.64 27.21
O01 P8K M . -19.15 18.55 31.36
C02 P8K M . -20.17 16.05 31.05
O02 P8K M . -18.27 17.32 29.26
C03 P8K M . -20.52 15.98 32.54
C04 P8K M . -16.80 19.90 27.26
C05 P8K M . -18.50 18.52 28.51
C06 P8K M . -15.29 19.56 26.98
C07 P8K M . -14.51 20.79 26.48
C08 P8K M . -15.45 22.04 26.31
C09 P8K M . -14.70 23.41 26.23
C11 P8K M . -21.53 14.86 32.79
C12 P8K M . -22.94 15.32 32.33
C14 P8K M . -25.35 14.81 32.01
C10 P8K N . 2.58 -39.53 -3.11
C13 P8K N . 0.41 -41.58 11.01
P01 P8K N . -0.73 -39.79 5.11
C01 P8K N . 1.40 -37.36 2.68
O01 P8K N . -0.26 -41.04 4.48
C02 P8K N . -0.43 -39.88 6.94
O02 P8K N . 0.02 -38.45 4.47
C03 P8K N . -1.18 -41.09 7.50
C04 P8K N . 1.27 -37.75 1.20
C05 P8K N . 1.11 -38.63 3.58
C06 P8K N . 0.40 -36.74 0.42
C07 P8K N . 0.73 -36.73 -1.10
C08 P8K N . 1.98 -37.64 -1.42
C09 P8K N . 2.12 -38.03 -2.92
C11 P8K N . -1.11 -41.08 9.03
C12 P8K N . 0.27 -41.56 9.48
C14 P8K N . 1.88 -42.01 11.36
C10 P8K O . -35.29 -18.10 4.70
C13 P8K O . -41.87 -6.05 8.85
P01 P8K O . -38.81 -9.98 5.14
C01 P8K O . -35.35 -11.93 5.82
O01 P8K O . -39.66 -11.16 5.40
C02 P8K O . -39.41 -8.56 6.20
O02 P8K O . -37.21 -10.31 5.42
C03 P8K O . -40.88 -8.29 5.85
C04 P8K O . -35.28 -13.28 5.11
C05 P8K O . -36.84 -11.51 6.07
C06 P8K O . -34.32 -13.27 3.93
C07 P8K O . -33.75 -14.68 3.58
C08 P8K O . -34.19 -15.72 4.67
C09 P8K O . -34.08 -17.20 4.20
C11 P8K O . -41.33 -6.99 6.56
C12 P8K O . -41.72 -7.30 7.98
C14 P8K O . -42.08 -6.42 10.37
C10 P8K P . 11.18 -11.61 -36.23
C13 P8K P . 24.34 -15.62 -31.80
P01 P8K P . 18.10 -15.50 -32.23
C01 P8K P . 15.51 -12.44 -31.77
O01 P8K P . 18.04 -15.47 -33.71
C02 P8K P . 19.87 -15.41 -31.71
O02 P8K P . 17.20 -14.27 -31.57
C03 P8K P . 20.62 -16.60 -32.31
C04 P8K P . 14.24 -12.57 -32.63
C05 P8K P . 16.70 -13.23 -32.40
C06 P8K P . 13.02 -12.94 -31.77
C07 P8K P . 11.69 -12.49 -32.46
C08 P8K P . 11.97 -11.63 -33.74
C09 P8K P . 10.74 -11.52 -34.69
C11 P8K P . 22.04 -16.71 -31.72
C12 P8K P . 22.93 -15.62 -32.36
C14 P8K P . 25.13 -14.44 -32.44
C10 P8K Q . -26.58 9.94 -28.24
C13 P8K Q . -17.96 20.14 -33.79
P01 P8K Q . -19.90 14.44 -31.98
C01 P8K Q . -21.18 13.16 -28.40
O01 P8K Q . -21.27 14.57 -32.57
C02 P8K Q . -19.00 16.06 -32.20
O02 P8K Q . -19.94 14.01 -30.39
C03 P8K Q . -18.95 16.38 -33.70
C04 P8K Q . -22.23 12.04 -28.49
C05 P8K Q . -21.19 14.03 -29.69
C06 P8K Q . -21.63 10.67 -28.09
C07 P8K Q . -22.73 9.69 -27.59
C08 P8K Q . -24.12 10.39 -27.48
C09 P8K Q . -25.33 9.41 -27.39
C11 P8K Q . -18.05 17.61 -33.92
C12 P8K Q . -18.80 18.88 -33.54
C14 P8K Q . -18.76 21.37 -33.26
#